data_8G4U
#
_entry.id   8G4U
#
_cell.length_a   71.210
_cell.length_b   167.940
_cell.length_c   184.230
_cell.angle_alpha   90.000
_cell.angle_beta   99.430
_cell.angle_gamma   90.000
#
_symmetry.space_group_name_H-M   'P 1 21 1'
#
loop_
_entity.id
_entity.type
_entity.pdbx_description
1 polymer EryAIII
2 water water
#
_entity_poly.entity_id   1
_entity_poly.type   'polypeptide(L)'
_entity_poly.pdbx_seq_one_letter_code
;GSHMADDPIAIVGMACRFPGGVHNPGELWEFIVGGGDAVTEMPTDRGWDLDALFDPDPQRHGTSYSRHGAFLDGAADFDA
AFFGISPREALAMDPQQRQVLETTWELFENAGIDPHSLRGSDTGVFLGAAYQGYGQDAVVPEDSEGYLLTGNSSAVVSGR
VAYVLGLEGPAVTVDTACSSSLVALHSACGSLRDGDCGLAVAGGVSVMAGPEVFTEFSRQGGLAVDGRCKAFSAEADGFG
FAEGVAVVLLQRLSDARRAGRQVLGVVAGSAINQDGASNGLAAPSGVAQQRVIRKAWARAGITGADVAVVEAHGTGTRLG
DPVEASALLATYGKSRGSSGPVLLGSVKSNIGHAQAAAGVAGVIKVVLGLNRGLVPPMLCRGERSPLIEWSSGGVELAEA
VSPWPPAADGVRRAGVSAFGVSGTNAHVIIAEPPEPEPLPEPGPVGVLAAANSVPVLLSARTETALAAQARLLESAVDDS
VPLTALASALATGRAHLPRRAALLAGDHEQLRGQLRAVAEGVAAPGATTGTASAGGVVFVFPGQGAQWEGMARGLLSVPV
FAESIAECDAVLSEVAGFSASEVLEQRPDAPSLERVDVVQPVLFSVMVSLARLWGACGVSPSAVIGHSQGEIAAAVVAGV
LSLEDGVRVVALRAKALRALAGKGGMVSLAAPGERARALIAPWEDRISVAAVNSPSSVVVSGDPEALAELVARCEDEGVR
AKTLPVDYASHSRHVEEIRETILADLDGISARRAAIPLYSTLHGERRDGADMGPRYWYDNLRSQVRFDEAVSAAVADGHA
TFVEMSPHPVLTAAVQEIAADAVAIGSLHRDTAEEHLIAELARAHVHGVAVDWRNVFPAAPPVALPNYPFEPQRYWLQPE
V
;
_entity_poly.pdbx_strand_id   A,B,C,D
#
# COMPACT_ATOMS: atom_id res chain seq x y z
N ASP A 7 -32.02 48.37 -74.85
CA ASP A 7 -30.89 48.26 -73.92
C ASP A 7 -29.85 47.26 -74.45
N PRO A 8 -28.76 47.77 -75.02
CA PRO A 8 -27.84 46.91 -75.76
C PRO A 8 -27.30 45.78 -74.89
N ILE A 9 -26.71 44.79 -75.52
CA ILE A 9 -26.12 43.65 -74.81
C ILE A 9 -24.61 43.76 -74.92
N ALA A 10 -23.96 43.86 -73.77
CA ALA A 10 -22.53 44.13 -73.68
C ALA A 10 -21.76 42.84 -73.43
N ILE A 11 -20.66 42.66 -74.15
CA ILE A 11 -19.72 41.60 -73.82
C ILE A 11 -18.83 42.15 -72.73
N VAL A 12 -18.80 41.45 -71.60
CA VAL A 12 -18.05 41.90 -70.44
C VAL A 12 -16.91 40.96 -70.09
N GLY A 13 -16.81 39.82 -70.75
CA GLY A 13 -15.64 38.99 -70.53
C GLY A 13 -15.49 37.99 -71.65
N MET A 14 -14.28 37.49 -71.80
CA MET A 14 -13.94 36.49 -72.80
C MET A 14 -13.00 35.48 -72.19
N ALA A 15 -13.07 34.26 -72.69
CA ALA A 15 -12.04 33.28 -72.37
C ALA A 15 -11.96 32.28 -73.50
N CYS A 16 -10.77 31.72 -73.72
CA CYS A 16 -10.65 30.66 -74.72
C CYS A 16 -9.45 29.78 -74.42
N ARG A 17 -9.31 28.73 -75.21
CA ARG A 17 -8.34 27.66 -74.99
C ARG A 17 -8.17 26.90 -76.30
N PHE A 18 -7.12 27.21 -77.05
CA PHE A 18 -6.95 26.64 -78.38
C PHE A 18 -5.59 25.97 -78.53
N PRO A 19 -5.48 25.03 -79.47
CA PRO A 19 -4.22 24.33 -79.71
C PRO A 19 -3.11 25.27 -80.14
N GLY A 20 -1.87 24.76 -80.10
CA GLY A 20 -0.75 25.67 -80.28
C GLY A 20 -0.57 26.61 -79.10
N GLY A 21 -0.86 26.15 -77.90
CA GLY A 21 -0.57 26.93 -76.70
C GLY A 21 -1.24 28.28 -76.63
N VAL A 22 -2.46 28.40 -77.11
CA VAL A 22 -3.23 29.62 -76.92
C VAL A 22 -4.08 29.40 -75.68
N HIS A 23 -3.71 30.06 -74.59
CA HIS A 23 -4.37 29.89 -73.30
C HIS A 23 -5.32 31.01 -72.96
N ASN A 24 -5.14 32.18 -73.52
CA ASN A 24 -6.11 33.24 -73.29
C ASN A 24 -6.41 34.00 -74.58
N PRO A 25 -7.44 34.84 -74.54
CA PRO A 25 -7.67 35.78 -75.65
C PRO A 25 -6.42 36.45 -76.15
N GLY A 26 -5.89 37.38 -75.39
CA GLY A 26 -4.68 38.09 -75.78
C GLY A 26 -3.60 37.17 -76.33
N GLU A 27 -3.67 35.88 -75.97
CA GLU A 27 -2.68 34.94 -76.48
C GLU A 27 -3.03 34.43 -77.87
N LEU A 28 -4.32 34.25 -78.16
CA LEU A 28 -4.75 34.01 -79.53
C LEU A 28 -4.39 35.19 -80.43
N TRP A 29 -4.78 36.40 -80.03
CA TRP A 29 -4.42 37.58 -80.81
C TRP A 29 -2.90 37.67 -81.04
N GLU A 30 -2.09 37.23 -80.09
CA GLU A 30 -0.67 37.13 -80.44
C GLU A 30 -0.45 36.04 -81.47
N PHE A 31 -1.29 35.00 -81.48
CA PHE A 31 -1.04 33.82 -82.31
C PHE A 31 -1.31 34.09 -83.79
N ILE A 32 -2.35 34.86 -84.09
CA ILE A 32 -2.67 35.02 -85.49
C ILE A 32 -1.83 36.12 -86.12
N VAL A 33 -1.58 37.21 -85.39
CA VAL A 33 -0.76 38.29 -85.94
C VAL A 33 0.64 37.82 -86.26
N GLY A 34 1.16 36.87 -85.48
CA GLY A 34 2.32 36.17 -85.96
C GLY A 34 2.01 35.13 -87.01
N GLY A 35 0.73 34.92 -87.33
CA GLY A 35 0.38 33.97 -88.38
C GLY A 35 0.60 32.52 -88.04
N GLY A 36 0.30 32.11 -86.82
CA GLY A 36 0.41 30.71 -86.50
C GLY A 36 -0.58 29.85 -87.27
N ASP A 37 -0.21 28.59 -87.39
CA ASP A 37 -1.02 27.56 -88.02
C ASP A 37 -0.99 26.40 -87.02
N ALA A 38 -2.05 26.25 -86.23
CA ALA A 38 -2.05 25.33 -85.09
C ALA A 38 -2.33 23.88 -85.47
N VAL A 39 -1.88 23.42 -86.63
CA VAL A 39 -2.16 22.08 -87.11
C VAL A 39 -0.96 21.20 -86.81
N THR A 40 -1.22 20.01 -86.30
CA THR A 40 -0.16 19.09 -85.87
C THR A 40 -0.41 17.72 -86.48
N GLU A 41 0.25 16.71 -85.92
CA GLU A 41 -0.05 15.36 -86.30
C GLU A 41 -1.06 14.78 -85.32
N MET A 42 -1.58 13.61 -85.62
CA MET A 42 -2.70 13.40 -84.71
C MET A 42 -2.21 12.64 -83.48
N PRO A 43 -2.76 12.90 -82.30
CA PRO A 43 -2.11 12.45 -81.05
C PRO A 43 -2.34 10.98 -80.78
N THR A 44 -1.30 10.32 -80.26
CA THR A 44 -1.39 8.90 -79.94
C THR A 44 -1.61 8.64 -78.46
N ASP A 45 -1.38 9.64 -77.60
CA ASP A 45 -1.60 9.46 -76.18
C ASP A 45 -3.08 9.28 -75.82
N ARG A 46 -3.99 9.36 -76.78
CA ARG A 46 -5.40 9.12 -76.53
C ARG A 46 -5.81 7.66 -76.77
N GLY A 47 -4.83 6.79 -77.02
CA GLY A 47 -5.09 5.37 -77.20
C GLY A 47 -5.93 5.07 -78.42
N TRP A 48 -5.59 5.70 -79.55
CA TRP A 48 -6.27 5.45 -80.81
C TRP A 48 -5.58 4.34 -81.59
N ASP A 49 -6.36 3.57 -82.34
CA ASP A 49 -5.81 2.57 -83.24
C ASP A 49 -5.28 3.26 -84.50
N LEU A 50 -4.34 4.17 -84.28
CA LEU A 50 -3.87 5.01 -85.38
C LEU A 50 -3.32 4.18 -86.53
N ASP A 51 -2.78 3.00 -86.22
CA ASP A 51 -2.30 2.12 -87.28
C ASP A 51 -3.38 1.86 -88.32
N ALA A 52 -4.52 1.27 -87.90
CA ALA A 52 -5.60 1.01 -88.85
C ALA A 52 -6.10 2.29 -89.48
N LEU A 53 -6.32 3.33 -88.68
CA LEU A 53 -6.82 4.60 -89.16
C LEU A 53 -5.83 5.31 -90.10
N THR A 63 -11.13 4.62 -91.20
CA THR A 63 -9.82 5.12 -91.57
C THR A 63 -9.98 6.56 -92.07
N SER A 64 -8.99 7.42 -91.84
CA SER A 64 -9.03 8.80 -92.32
C SER A 64 -7.81 9.05 -93.18
N TYR A 65 -7.98 9.87 -94.22
CA TYR A 65 -6.81 10.15 -95.06
C TYR A 65 -6.00 11.32 -94.57
N SER A 66 -6.60 12.26 -93.83
CA SER A 66 -5.85 13.33 -93.17
C SER A 66 -5.26 12.80 -91.85
N ARG A 67 -3.93 12.67 -91.79
CA ARG A 67 -3.24 12.29 -90.55
C ARG A 67 -2.97 13.48 -89.66
N HIS A 68 -3.74 14.55 -89.80
CA HIS A 68 -3.46 15.82 -89.18
C HIS A 68 -4.71 16.34 -88.49
N GLY A 69 -4.57 17.50 -87.87
CA GLY A 69 -5.60 18.09 -87.04
C GLY A 69 -4.98 19.10 -86.08
N ALA A 70 -5.85 19.77 -85.32
CA ALA A 70 -5.45 20.80 -84.34
C ALA A 70 -6.03 20.46 -82.96
N PHE A 71 -5.21 19.86 -82.09
CA PHE A 71 -5.67 19.27 -80.84
C PHE A 71 -5.26 20.08 -79.62
N LEU A 72 -6.08 20.05 -78.57
CA LEU A 72 -5.78 20.80 -77.35
C LEU A 72 -4.71 20.11 -76.51
N ASP A 73 -3.67 20.86 -76.14
CA ASP A 73 -2.63 20.35 -75.25
C ASP A 73 -3.26 19.87 -73.97
N GLY A 74 -3.03 18.60 -73.64
CA GLY A 74 -3.63 18.04 -72.46
C GLY A 74 -5.11 18.34 -72.38
N ALA A 75 -5.87 17.90 -73.39
CA ALA A 75 -7.31 17.95 -73.23
C ALA A 75 -7.73 17.06 -72.07
N ALA A 76 -6.94 16.02 -71.79
CA ALA A 76 -7.28 15.06 -70.75
C ALA A 76 -7.23 15.67 -69.36
N ASP A 77 -6.54 16.78 -69.17
CA ASP A 77 -6.24 17.24 -67.83
C ASP A 77 -7.45 17.96 -67.21
N PHE A 78 -7.43 18.07 -65.86
CA PHE A 78 -8.54 18.57 -65.04
C PHE A 78 -8.22 18.56 -63.54
N ASP A 79 -8.64 19.63 -62.85
CA ASP A 79 -8.37 19.86 -61.42
C ASP A 79 -9.67 19.62 -60.65
N ALA A 80 -10.09 18.35 -60.59
CA ALA A 80 -11.37 17.99 -59.97
C ALA A 80 -11.46 18.44 -58.52
N ALA A 81 -10.34 18.46 -57.82
CA ALA A 81 -10.29 19.00 -56.47
C ALA A 81 -10.93 20.39 -56.44
N PHE A 82 -10.37 21.30 -57.25
CA PHE A 82 -10.76 22.72 -57.21
C PHE A 82 -12.26 22.91 -57.33
N PHE A 83 -12.96 21.98 -57.99
CA PHE A 83 -14.39 22.10 -58.21
C PHE A 83 -15.19 21.17 -57.34
N GLY A 84 -14.53 20.43 -56.44
CA GLY A 84 -15.23 19.47 -55.59
C GLY A 84 -15.89 18.38 -56.39
N ILE A 85 -15.12 17.72 -57.26
CA ILE A 85 -15.59 16.59 -58.05
C ILE A 85 -14.66 15.41 -57.78
N SER A 86 -15.25 14.21 -57.56
CA SER A 86 -14.43 13.08 -57.18
C SER A 86 -13.65 12.52 -58.36
N PRO A 87 -12.46 11.96 -58.12
CA PRO A 87 -11.67 11.38 -59.24
C PRO A 87 -12.42 10.30 -60.01
N ARG A 88 -13.44 9.67 -59.40
CA ARG A 88 -14.25 8.69 -60.11
C ARG A 88 -15.33 9.37 -60.97
N GLU A 89 -15.83 10.52 -60.52
CA GLU A 89 -16.77 11.30 -61.32
C GLU A 89 -16.06 11.97 -62.49
N ALA A 90 -14.81 12.39 -62.26
CA ALA A 90 -14.09 13.14 -63.27
C ALA A 90 -13.87 12.30 -64.52
N LEU A 91 -13.37 11.06 -64.36
CA LEU A 91 -13.26 10.15 -65.50
C LEU A 91 -14.59 9.93 -66.19
N ALA A 92 -15.71 10.00 -65.44
CA ALA A 92 -17.05 9.88 -66.03
C ALA A 92 -17.53 11.18 -66.64
N MET A 93 -16.72 12.23 -66.59
CA MET A 93 -17.07 13.54 -67.10
C MET A 93 -16.49 13.71 -68.49
N ASP A 94 -17.35 14.05 -69.44
CA ASP A 94 -16.91 14.41 -70.77
C ASP A 94 -15.85 15.51 -70.65
N PRO A 95 -14.67 15.34 -71.28
CA PRO A 95 -13.68 16.42 -71.30
C PRO A 95 -14.26 17.75 -71.74
N GLN A 96 -15.18 17.71 -72.69
CA GLN A 96 -15.93 18.91 -73.04
C GLN A 96 -16.46 19.61 -71.79
N GLN A 97 -17.01 18.83 -70.86
CA GLN A 97 -17.61 19.43 -69.69
C GLN A 97 -16.55 19.96 -68.72
N ARG A 98 -15.36 19.33 -68.70
CA ARG A 98 -14.29 19.80 -67.82
C ARG A 98 -13.67 21.09 -68.36
N GLN A 99 -13.28 21.07 -69.64
CA GLN A 99 -12.60 22.21 -70.25
C GLN A 99 -13.46 23.45 -70.25
N VAL A 100 -14.79 23.29 -70.35
CA VAL A 100 -15.69 24.43 -70.24
C VAL A 100 -15.75 24.91 -68.80
N LEU A 101 -15.64 24.00 -67.83
CA LEU A 101 -15.66 24.41 -66.43
C LEU A 101 -14.40 25.19 -66.08
N GLU A 102 -13.23 24.67 -66.45
CA GLU A 102 -12.02 25.42 -66.18
C GLU A 102 -12.05 26.78 -66.87
N THR A 103 -12.57 26.84 -68.11
CA THR A 103 -12.57 28.09 -68.86
C THR A 103 -13.69 29.02 -68.47
N THR A 104 -14.81 28.51 -67.96
CA THR A 104 -15.84 29.40 -67.43
C THR A 104 -15.37 30.05 -66.14
N TRP A 105 -14.50 29.35 -65.39
CA TRP A 105 -13.79 29.98 -64.29
C TRP A 105 -12.90 31.12 -64.80
N GLU A 106 -12.04 30.83 -65.78
CA GLU A 106 -11.20 31.87 -66.36
C GLU A 106 -12.03 33.08 -66.81
N LEU A 107 -13.17 32.83 -67.49
CA LEU A 107 -14.03 33.91 -67.97
C LEU A 107 -14.42 34.84 -66.84
N PHE A 108 -14.84 34.26 -65.71
CA PHE A 108 -15.16 35.07 -64.54
C PHE A 108 -13.92 35.77 -64.01
N GLU A 109 -12.78 35.08 -64.01
CA GLU A 109 -11.55 35.75 -63.63
C GLU A 109 -11.32 36.96 -64.51
N ASN A 110 -11.33 36.75 -65.84
CA ASN A 110 -11.11 37.84 -66.78
C ASN A 110 -12.16 38.93 -66.61
N ALA A 111 -13.41 38.53 -66.43
CA ALA A 111 -14.47 39.50 -66.20
C ALA A 111 -14.28 40.26 -64.89
N GLY A 112 -13.43 39.75 -63.98
CA GLY A 112 -13.22 40.36 -62.68
C GLY A 112 -14.46 40.22 -61.82
N ILE A 113 -15.01 39.01 -61.82
CA ILE A 113 -16.19 38.68 -61.05
C ILE A 113 -15.84 37.49 -60.17
N ASP A 114 -16.11 37.64 -58.88
CA ASP A 114 -15.92 36.58 -57.92
C ASP A 114 -16.90 35.47 -58.28
N PRO A 115 -16.45 34.33 -58.78
CA PRO A 115 -17.39 33.23 -59.03
C PRO A 115 -18.26 32.90 -57.84
N HIS A 116 -17.69 32.86 -56.63
CA HIS A 116 -18.46 32.53 -55.43
C HIS A 116 -19.69 33.43 -55.32
N SER A 117 -19.55 34.72 -55.61
CA SER A 117 -20.66 35.66 -55.49
C SER A 117 -21.77 35.44 -56.50
N LEU A 118 -21.62 34.51 -57.45
CA LEU A 118 -22.64 34.28 -58.47
C LEU A 118 -23.51 33.08 -58.19
N ARG A 119 -23.23 32.39 -57.09
CA ARG A 119 -24.08 31.32 -56.62
C ARG A 119 -25.43 31.88 -56.19
N GLY A 120 -26.49 31.16 -56.53
CA GLY A 120 -27.80 31.70 -56.25
C GLY A 120 -28.13 32.92 -57.04
N SER A 121 -27.44 33.15 -58.16
CA SER A 121 -27.73 34.24 -59.07
C SER A 121 -28.45 33.71 -60.31
N ASP A 122 -29.29 34.56 -60.90
CA ASP A 122 -29.98 34.23 -62.15
C ASP A 122 -29.00 34.44 -63.31
N THR A 123 -28.00 33.58 -63.35
CA THR A 123 -26.99 33.66 -64.38
C THR A 123 -27.15 32.42 -65.26
N GLY A 124 -27.36 32.66 -66.60
CA GLY A 124 -27.66 31.59 -67.53
C GLY A 124 -26.43 31.06 -68.22
N VAL A 125 -26.51 29.83 -68.71
CA VAL A 125 -25.44 29.23 -69.50
C VAL A 125 -26.03 28.67 -70.80
N PHE A 126 -25.45 29.08 -71.94
CA PHE A 126 -25.92 28.76 -73.29
C PHE A 126 -24.72 28.25 -74.06
N LEU A 127 -24.61 26.95 -74.24
CA LEU A 127 -23.39 26.37 -74.76
C LEU A 127 -23.68 25.52 -75.98
N GLY A 128 -22.65 25.26 -76.78
CA GLY A 128 -22.80 24.33 -77.88
C GLY A 128 -21.77 23.22 -77.86
N ALA A 129 -22.20 21.97 -78.07
CA ALA A 129 -21.26 20.86 -78.23
C ALA A 129 -22.02 19.68 -78.78
N ALA A 130 -21.27 18.67 -79.20
CA ALA A 130 -21.79 17.44 -79.78
C ALA A 130 -20.90 16.28 -79.35
N TYR A 131 -21.47 15.06 -79.28
CA TYR A 131 -20.67 13.91 -78.85
C TYR A 131 -19.41 13.77 -79.69
N GLN A 132 -18.30 13.42 -79.03
CA GLN A 132 -17.05 13.15 -79.73
C GLN A 132 -16.37 11.99 -79.01
N VAL A 157 -24.82 19.49 -70.64
CA VAL A 157 -23.50 20.03 -70.28
C VAL A 157 -23.62 21.45 -69.80
N SER A 158 -24.68 22.15 -70.21
CA SER A 158 -24.87 23.48 -69.66
C SER A 158 -25.42 23.42 -68.25
N GLY A 159 -26.26 22.43 -67.94
CA GLY A 159 -26.82 22.33 -66.61
C GLY A 159 -25.81 21.85 -65.57
N ARG A 160 -24.81 21.09 -66.00
CA ARG A 160 -23.75 20.70 -65.08
C ARG A 160 -22.89 21.90 -64.69
N VAL A 161 -22.34 22.61 -65.68
CA VAL A 161 -21.64 23.86 -65.38
C VAL A 161 -22.52 24.75 -64.49
N ALA A 162 -23.82 24.77 -64.78
CA ALA A 162 -24.74 25.56 -63.94
C ALA A 162 -24.78 25.01 -62.52
N TYR A 163 -24.83 23.69 -62.38
CA TYR A 163 -24.94 23.09 -61.06
C TYR A 163 -23.67 23.30 -60.26
N VAL A 164 -22.52 22.98 -60.86
CA VAL A 164 -21.24 23.08 -60.16
C VAL A 164 -20.99 24.50 -59.68
N LEU A 165 -21.50 25.48 -60.39
CA LEU A 165 -21.20 26.86 -60.08
C LEU A 165 -22.33 27.54 -59.29
N GLY A 166 -23.42 26.82 -59.03
CA GLY A 166 -24.52 27.38 -58.26
C GLY A 166 -25.37 28.40 -58.96
N LEU A 167 -25.57 28.24 -60.28
CA LEU A 167 -26.24 29.23 -61.12
C LEU A 167 -27.71 28.88 -61.28
N GLU A 168 -28.58 29.84 -60.96
CA GLU A 168 -30.01 29.64 -60.89
C GLU A 168 -30.76 30.33 -62.03
N GLY A 169 -30.20 30.27 -63.24
CA GLY A 169 -30.81 30.92 -64.38
C GLY A 169 -31.25 29.87 -65.38
N PRO A 170 -31.38 30.25 -66.65
CA PRO A 170 -31.60 29.25 -67.69
C PRO A 170 -30.31 28.52 -67.99
N ALA A 171 -30.42 27.23 -68.22
CA ALA A 171 -29.30 26.48 -68.78
C ALA A 171 -29.80 25.74 -70.00
N VAL A 172 -29.09 25.90 -71.12
CA VAL A 172 -29.41 25.28 -72.39
C VAL A 172 -28.11 24.84 -73.05
N THR A 173 -28.16 23.68 -73.70
CA THR A 173 -27.06 23.13 -74.47
C THR A 173 -27.51 23.07 -75.92
N VAL A 174 -26.95 23.94 -76.77
CA VAL A 174 -27.37 23.94 -78.17
C VAL A 174 -26.94 22.63 -78.80
N ASP A 175 -27.94 21.84 -79.17
CA ASP A 175 -27.79 20.40 -79.21
C ASP A 175 -27.02 19.97 -80.43
N THR A 176 -26.14 18.98 -80.24
CA THR A 176 -25.24 18.45 -81.24
C THR A 176 -24.87 19.57 -82.21
N ALA A 177 -24.00 20.48 -81.76
CA ALA A 177 -23.66 21.69 -82.48
C ALA A 177 -23.57 21.45 -83.99
N CYS A 178 -24.73 21.13 -84.58
CA CYS A 178 -24.92 21.13 -86.03
C CYS A 178 -25.62 22.40 -86.50
N SER A 179 -26.06 23.25 -85.58
CA SER A 179 -25.92 24.68 -85.82
C SER A 179 -24.60 25.14 -85.22
N SER A 180 -24.60 26.19 -84.42
CA SER A 180 -23.34 26.85 -84.12
C SER A 180 -23.30 27.37 -82.68
N SER A 181 -22.07 27.65 -82.21
CA SER A 181 -21.88 28.42 -80.99
C SER A 181 -22.55 29.77 -81.10
N LEU A 182 -22.92 30.18 -82.32
CA LEU A 182 -23.57 31.47 -82.50
C LEU A 182 -25.06 31.39 -82.23
N VAL A 183 -25.68 30.22 -82.43
CA VAL A 183 -27.06 30.05 -81.98
C VAL A 183 -27.12 30.18 -80.46
N ALA A 184 -26.12 29.59 -79.77
CA ALA A 184 -25.96 29.75 -78.32
C ALA A 184 -25.88 31.21 -77.91
N LEU A 185 -25.06 32.00 -78.61
CA LEU A 185 -25.03 33.45 -78.36
C LEU A 185 -26.36 34.11 -78.69
N HIS A 186 -27.00 33.72 -79.80
CA HIS A 186 -28.25 34.37 -80.19
C HIS A 186 -29.33 34.16 -79.13
N SER A 187 -29.34 32.99 -78.47
CA SER A 187 -30.34 32.73 -77.43
C SER A 187 -29.97 33.41 -76.13
N ALA A 188 -28.68 33.40 -75.78
CA ALA A 188 -28.21 34.17 -74.65
C ALA A 188 -28.71 35.61 -74.74
N CYS A 189 -28.44 36.30 -75.86
CA CYS A 189 -28.82 37.70 -75.93
C CYS A 189 -30.33 37.88 -75.85
N GLY A 190 -31.09 36.81 -76.11
CA GLY A 190 -32.55 36.84 -76.09
C GLY A 190 -33.12 36.76 -74.70
N SER A 191 -32.62 35.82 -73.89
CA SER A 191 -32.88 35.82 -72.45
C SER A 191 -32.66 37.20 -71.85
N LEU A 192 -31.43 37.73 -72.01
CA LEU A 192 -31.14 39.01 -71.37
C LEU A 192 -32.10 40.07 -71.84
N ARG A 193 -32.45 40.04 -73.12
CA ARG A 193 -33.46 40.97 -73.58
C ARG A 193 -34.79 40.69 -72.90
N ASP A 194 -35.06 39.42 -72.62
CA ASP A 194 -36.35 39.02 -72.07
C ASP A 194 -36.42 39.14 -70.55
N GLY A 195 -35.38 39.69 -69.92
CA GLY A 195 -35.35 39.70 -68.47
C GLY A 195 -35.43 38.32 -67.84
N ASP A 196 -35.03 37.29 -68.58
CA ASP A 196 -34.97 35.93 -68.08
C ASP A 196 -33.67 35.61 -67.36
N CYS A 197 -32.77 36.61 -67.21
CA CYS A 197 -31.56 36.52 -66.41
C CYS A 197 -30.83 37.85 -66.52
N GLY A 198 -29.69 38.01 -65.82
CA GLY A 198 -29.00 39.29 -65.74
C GLY A 198 -27.52 39.17 -66.01
N LEU A 199 -27.10 37.94 -66.22
CA LEU A 199 -25.78 37.62 -66.72
C LEU A 199 -25.88 36.29 -67.44
N ALA A 200 -25.28 36.20 -68.62
CA ALA A 200 -25.36 34.99 -69.42
C ALA A 200 -23.96 34.58 -69.82
N VAL A 201 -23.71 33.28 -69.84
CA VAL A 201 -22.49 32.68 -70.36
C VAL A 201 -22.83 31.98 -71.66
N ALA A 202 -22.10 32.31 -72.74
CA ALA A 202 -22.39 31.74 -74.06
C ALA A 202 -21.08 31.32 -74.73
N GLY A 203 -21.16 30.27 -75.56
CA GLY A 203 -19.97 29.77 -76.23
C GLY A 203 -20.11 28.30 -76.62
N GLY A 204 -18.98 27.63 -76.67
CA GLY A 204 -18.97 26.26 -77.14
C GLY A 204 -17.62 25.63 -76.89
N VAL A 205 -17.63 24.31 -76.87
CA VAL A 205 -16.46 23.54 -76.49
C VAL A 205 -16.34 22.37 -77.46
N SER A 206 -15.10 21.98 -77.76
CA SER A 206 -14.87 20.86 -78.67
C SER A 206 -13.61 20.12 -78.27
N VAL A 207 -13.75 18.81 -78.05
CA VAL A 207 -12.62 17.95 -77.72
C VAL A 207 -12.84 16.63 -78.44
N MET A 208 -12.05 16.35 -79.47
CA MET A 208 -12.19 15.12 -80.26
C MET A 208 -11.60 13.97 -79.46
N ALA A 209 -12.41 13.42 -78.54
CA ALA A 209 -11.98 12.24 -77.82
C ALA A 209 -11.75 11.06 -78.75
N GLY A 210 -12.51 11.00 -79.86
CA GLY A 210 -12.38 9.95 -80.85
C GLY A 210 -12.23 10.50 -82.25
N PRO A 211 -11.72 9.66 -83.15
CA PRO A 211 -11.44 10.12 -84.51
C PRO A 211 -12.61 9.88 -85.48
N GLU A 212 -13.80 9.65 -84.94
CA GLU A 212 -14.92 9.20 -85.76
C GLU A 212 -15.49 10.30 -86.63
N VAL A 213 -15.11 11.55 -86.39
CA VAL A 213 -15.49 12.62 -87.31
C VAL A 213 -14.39 12.83 -88.34
N PHE A 214 -13.21 12.21 -88.13
CA PHE A 214 -12.22 12.06 -89.19
C PHE A 214 -12.59 10.93 -90.13
N THR A 215 -13.15 9.84 -89.60
CA THR A 215 -13.63 8.76 -90.47
C THR A 215 -14.87 9.19 -91.25
N GLU A 216 -15.81 9.89 -90.59
CA GLU A 216 -17.09 10.16 -91.22
C GLU A 216 -16.99 11.16 -92.36
N PHE A 217 -16.22 12.23 -92.19
CA PHE A 217 -15.98 13.18 -93.27
C PHE A 217 -14.84 12.75 -94.19
N SER A 218 -14.11 11.69 -93.84
CA SER A 218 -13.20 11.08 -94.80
C SER A 218 -13.98 10.35 -95.88
N ARG A 219 -15.06 9.65 -95.49
CA ARG A 219 -16.02 9.12 -96.46
C ARG A 219 -16.54 10.31 -97.28
N GLN A 220 -17.29 11.22 -96.64
CA GLN A 220 -18.00 12.28 -97.34
C GLN A 220 -17.10 13.12 -98.25
N GLY A 221 -15.77 12.94 -98.16
CA GLY A 221 -14.79 13.55 -99.05
C GLY A 221 -14.46 15.00 -98.77
N GLY A 222 -14.89 15.54 -97.64
CA GLY A 222 -14.80 16.97 -97.41
C GLY A 222 -13.71 17.35 -96.45
N LEU A 223 -12.72 16.47 -96.27
CA LEU A 223 -11.54 16.79 -95.48
C LEU A 223 -10.42 17.26 -96.39
N ALA A 224 -9.65 18.24 -95.90
CA ALA A 224 -8.33 18.50 -96.44
C ALA A 224 -7.36 17.42 -95.96
N VAL A 225 -6.44 17.02 -96.84
CA VAL A 225 -5.53 15.95 -96.51
C VAL A 225 -4.49 16.43 -95.49
N ASP A 226 -3.98 17.65 -95.67
CA ASP A 226 -3.08 18.30 -94.74
C ASP A 226 -3.79 18.87 -93.50
N GLY A 227 -5.10 18.67 -93.35
CA GLY A 227 -5.81 19.16 -92.19
C GLY A 227 -6.02 20.67 -92.09
N ARG A 228 -5.57 21.45 -93.07
CA ARG A 228 -5.75 22.91 -93.03
C ARG A 228 -7.04 23.34 -93.72
N CYS A 229 -7.77 24.25 -93.08
CA CYS A 229 -8.93 24.93 -93.69
C CYS A 229 -8.43 26.13 -94.47
N LYS A 230 -8.10 25.94 -95.76
CA LYS A 230 -7.51 27.04 -96.53
C LYS A 230 -8.63 27.92 -97.06
N ALA A 231 -9.05 28.86 -96.22
CA ALA A 231 -10.26 29.62 -96.51
C ALA A 231 -10.03 30.63 -97.61
N PHE A 232 -10.95 30.65 -98.56
CA PHE A 232 -10.91 31.58 -99.68
C PHE A 232 -9.64 31.44 -100.49
N SER A 233 -8.97 30.30 -100.39
CA SER A 233 -7.68 30.11 -101.03
C SER A 233 -7.87 29.29 -102.29
N ALA A 234 -6.98 29.51 -103.26
CA ALA A 234 -7.00 28.69 -104.47
C ALA A 234 -6.91 27.22 -104.14
N GLU A 235 -6.17 26.86 -103.08
CA GLU A 235 -5.95 25.47 -102.74
C GLU A 235 -7.00 24.91 -101.81
N ALA A 236 -8.02 25.70 -101.48
CA ALA A 236 -9.12 25.26 -100.66
C ALA A 236 -9.55 23.86 -101.09
N ASP A 237 -9.29 22.85 -100.25
CA ASP A 237 -9.56 21.46 -100.62
C ASP A 237 -10.30 20.71 -99.51
N GLY A 238 -10.97 21.42 -98.62
CA GLY A 238 -11.66 20.82 -97.50
C GLY A 238 -11.19 21.38 -96.18
N PHE A 239 -11.83 20.91 -95.11
CA PHE A 239 -11.56 21.44 -93.79
C PHE A 239 -10.80 20.45 -92.91
N GLY A 240 -10.20 21.01 -91.85
CA GLY A 240 -9.51 20.28 -90.81
C GLY A 240 -10.10 20.60 -89.45
N PHE A 241 -10.36 19.56 -88.67
CA PHE A 241 -11.14 19.70 -87.46
C PHE A 241 -10.28 20.15 -86.29
N ALA A 242 -10.88 20.91 -85.38
CA ALA A 242 -10.14 21.57 -84.32
C ALA A 242 -10.83 21.42 -82.97
N GLU A 243 -10.01 21.19 -81.94
CA GLU A 243 -10.45 21.23 -80.55
C GLU A 243 -10.38 22.65 -80.04
N GLY A 244 -11.31 22.99 -79.15
CA GLY A 244 -11.34 24.34 -78.63
C GLY A 244 -12.47 24.54 -77.64
N VAL A 245 -12.29 25.57 -76.84
CA VAL A 245 -13.27 26.04 -75.88
C VAL A 245 -13.35 27.55 -76.09
N ALA A 246 -14.55 28.09 -76.15
CA ALA A 246 -14.64 29.54 -76.23
C ALA A 246 -15.93 30.00 -75.58
N VAL A 247 -15.84 31.13 -74.88
CA VAL A 247 -16.92 31.61 -74.04
C VAL A 247 -16.82 33.12 -73.94
N VAL A 248 -17.97 33.78 -73.83
CA VAL A 248 -18.02 35.19 -73.51
C VAL A 248 -19.12 35.42 -72.50
N LEU A 249 -18.96 36.44 -71.70
CA LEU A 249 -19.89 36.77 -70.63
C LEU A 249 -20.69 38.00 -71.07
N LEU A 250 -22.02 37.86 -71.10
CA LEU A 250 -22.91 38.87 -71.67
C LEU A 250 -23.78 39.48 -70.58
N GLN A 251 -24.02 40.79 -70.67
CA GLN A 251 -24.79 41.52 -69.67
C GLN A 251 -25.40 42.76 -70.29
N ARG A 252 -26.70 42.97 -70.09
CA ARG A 252 -27.35 44.23 -70.39
C ARG A 252 -26.45 45.40 -70.02
N LEU A 253 -26.22 46.27 -70.98
CA LEU A 253 -25.25 47.35 -70.81
C LEU A 253 -25.57 48.20 -69.60
N SER A 254 -26.85 48.56 -69.42
CA SER A 254 -27.26 49.26 -68.22
C SER A 254 -26.71 48.58 -66.95
N ASP A 255 -26.81 47.25 -66.89
CA ASP A 255 -26.34 46.55 -65.70
C ASP A 255 -24.82 46.51 -65.62
N ALA A 256 -24.14 46.14 -66.71
CA ALA A 256 -22.68 46.10 -66.71
C ALA A 256 -22.08 47.43 -66.27
N ARG A 257 -22.76 48.53 -66.55
CA ARG A 257 -22.29 49.82 -66.08
C ARG A 257 -22.67 50.05 -64.61
N ARG A 258 -23.87 49.63 -64.19
CA ARG A 258 -24.20 49.80 -62.76
C ARG A 258 -23.55 48.75 -61.90
N ALA A 259 -22.66 47.98 -62.53
CA ALA A 259 -21.76 47.07 -61.83
C ALA A 259 -20.31 47.38 -62.14
N GLY A 260 -20.03 48.53 -62.76
CA GLY A 260 -18.70 48.93 -63.20
C GLY A 260 -17.89 47.84 -63.86
N ARG A 261 -18.48 47.11 -64.81
CA ARG A 261 -17.77 46.05 -65.53
C ARG A 261 -17.04 46.60 -66.75
N GLN A 262 -16.13 45.79 -67.27
CA GLN A 262 -15.38 46.14 -68.47
C GLN A 262 -16.24 45.82 -69.67
N VAL A 263 -16.89 46.83 -70.25
CA VAL A 263 -17.63 46.58 -71.49
C VAL A 263 -16.61 46.36 -72.60
N LEU A 264 -16.56 45.15 -73.14
CA LEU A 264 -15.56 44.85 -74.15
C LEU A 264 -16.06 45.10 -75.56
N GLY A 265 -17.36 45.24 -75.74
CA GLY A 265 -17.96 45.21 -77.05
C GLY A 265 -19.42 44.92 -76.88
N VAL A 266 -20.16 45.06 -77.96
CA VAL A 266 -21.61 44.99 -77.90
C VAL A 266 -22.10 44.02 -78.97
N VAL A 267 -23.16 43.29 -78.63
CA VAL A 267 -23.89 42.54 -79.64
C VAL A 267 -25.01 43.49 -80.05
N ALA A 268 -24.81 44.14 -81.22
CA ALA A 268 -25.79 45.10 -81.73
C ALA A 268 -26.98 44.41 -82.38
N GLY A 269 -26.79 43.22 -82.93
CA GLY A 269 -27.89 42.44 -83.46
C GLY A 269 -27.40 41.07 -83.84
N SER A 270 -28.36 40.22 -84.24
CA SER A 270 -28.19 38.81 -84.60
C SER A 270 -29.44 38.28 -85.32
N ALA A 271 -29.28 37.12 -85.98
CA ALA A 271 -30.42 36.45 -86.60
C ALA A 271 -30.06 35.00 -86.93
N ILE A 272 -31.09 34.16 -87.03
CA ILE A 272 -30.98 32.76 -87.46
C ILE A 272 -31.97 32.50 -88.59
N ASN A 273 -31.72 31.40 -89.34
CA ASN A 273 -32.72 30.79 -90.23
C ASN A 273 -32.28 29.47 -90.87
N GLN A 274 -32.84 29.15 -92.04
CA GLN A 274 -32.72 27.79 -92.61
C GLN A 274 -32.01 27.65 -94.00
N SER A 285 -27.07 27.05 -99.21
CA SER A 285 -27.53 28.11 -100.11
C SER A 285 -27.06 29.54 -99.81
N GLY A 286 -26.62 30.22 -100.87
CA GLY A 286 -26.22 31.61 -100.73
C GLY A 286 -27.39 32.56 -100.53
N VAL A 287 -28.54 32.27 -101.12
CA VAL A 287 -29.68 33.17 -100.94
C VAL A 287 -30.13 33.17 -99.48
N ALA A 288 -30.00 32.00 -98.81
CA ALA A 288 -30.21 31.93 -97.35
C ALA A 288 -29.22 32.82 -96.62
N GLN A 289 -27.92 32.64 -96.90
CA GLN A 289 -26.88 33.43 -96.24
C GLN A 289 -27.11 34.93 -96.40
N GLN A 290 -27.72 35.36 -97.49
CA GLN A 290 -27.95 36.79 -97.65
C GLN A 290 -29.07 37.30 -96.74
N ARG A 291 -30.08 36.46 -96.46
CA ARG A 291 -31.20 36.86 -95.61
C ARG A 291 -30.77 37.00 -94.16
N VAL A 292 -30.08 35.98 -93.64
CA VAL A 292 -29.61 36.02 -92.27
C VAL A 292 -28.74 37.25 -92.08
N ILE A 293 -27.97 37.64 -93.11
CA ILE A 293 -27.12 38.83 -93.02
C ILE A 293 -27.96 40.08 -93.06
N ARG A 294 -28.90 40.17 -93.98
CA ARG A 294 -29.63 41.43 -94.08
C ARG A 294 -30.49 41.67 -92.85
N LYS A 295 -30.94 40.59 -92.19
CA LYS A 295 -31.76 40.69 -90.97
C LYS A 295 -30.92 41.04 -89.72
N ALA A 296 -29.73 40.44 -89.59
CA ALA A 296 -28.77 40.89 -88.58
C ALA A 296 -28.60 42.42 -88.62
N TRP A 297 -28.33 43.00 -89.82
CA TRP A 297 -28.22 44.47 -89.90
C TRP A 297 -29.54 45.12 -89.50
N ALA A 298 -30.64 44.41 -89.74
CA ALA A 298 -31.99 44.96 -89.60
C ALA A 298 -32.37 45.15 -88.13
N ARG A 299 -32.01 44.21 -87.29
CA ARG A 299 -32.17 44.48 -85.87
C ARG A 299 -30.95 45.17 -85.28
N ALA A 300 -29.81 45.22 -86.00
CA ALA A 300 -28.72 46.08 -85.60
C ALA A 300 -28.96 47.55 -85.93
N GLY A 301 -29.86 47.86 -86.87
CA GLY A 301 -30.02 49.25 -87.28
C GLY A 301 -28.83 49.82 -88.03
N ILE A 302 -28.22 49.03 -88.91
CA ILE A 302 -27.09 49.44 -89.71
C ILE A 302 -27.24 48.89 -91.12
N THR A 303 -26.38 49.38 -92.00
CA THR A 303 -26.18 48.81 -93.33
C THR A 303 -24.78 48.18 -93.36
N GLY A 304 -24.46 47.54 -94.47
CA GLY A 304 -23.20 46.81 -94.50
C GLY A 304 -21.96 47.66 -94.57
N ALA A 305 -22.08 48.97 -94.85
CA ALA A 305 -20.89 49.82 -94.85
C ALA A 305 -20.53 50.25 -93.44
N ASP A 306 -21.53 50.28 -92.55
CA ASP A 306 -21.27 50.46 -91.15
C ASP A 306 -20.37 49.37 -90.60
N VAL A 307 -20.24 48.25 -91.28
CA VAL A 307 -19.32 47.19 -90.90
C VAL A 307 -18.03 47.31 -91.69
N ALA A 308 -16.89 47.08 -91.03
CA ALA A 308 -15.61 47.14 -91.71
C ALA A 308 -14.92 45.79 -91.90
N VAL A 309 -15.31 44.78 -91.13
CA VAL A 309 -14.62 43.48 -91.06
C VAL A 309 -15.65 42.38 -91.11
N VAL A 310 -15.30 41.26 -91.71
CA VAL A 310 -16.18 40.10 -91.69
C VAL A 310 -15.37 38.89 -91.26
N GLU A 311 -15.77 38.32 -90.12
CA GLU A 311 -15.34 36.98 -89.73
C GLU A 311 -16.33 36.00 -90.34
N ALA A 312 -15.85 35.22 -91.29
CA ALA A 312 -16.67 34.33 -92.09
C ALA A 312 -16.55 32.91 -91.56
N HIS A 313 -17.62 32.14 -91.77
CA HIS A 313 -17.56 30.69 -91.58
C HIS A 313 -16.25 30.11 -92.13
N GLY A 314 -15.83 30.56 -93.32
CA GLY A 314 -14.59 30.16 -93.97
C GLY A 314 -14.02 28.77 -93.78
N THR A 315 -14.83 27.70 -93.93
CA THR A 315 -14.35 26.34 -93.67
C THR A 315 -13.29 25.88 -94.65
N GLY A 316 -13.09 26.56 -95.79
CA GLY A 316 -12.10 26.13 -96.76
C GLY A 316 -12.50 24.93 -97.59
N THR A 317 -13.79 24.73 -97.82
CA THR A 317 -14.29 23.72 -98.75
C THR A 317 -14.44 24.32 -100.15
N ARG A 318 -14.20 23.47 -101.17
CA ARG A 318 -14.27 23.91 -102.56
C ARG A 318 -15.61 24.59 -102.85
N LEU A 319 -16.71 23.89 -102.54
CA LEU A 319 -18.07 24.41 -102.75
C LEU A 319 -18.39 25.56 -101.80
N GLY A 320 -18.05 25.39 -100.51
CA GLY A 320 -18.53 26.30 -99.48
C GLY A 320 -18.04 27.71 -99.69
N ASP A 321 -16.73 27.88 -99.79
CA ASP A 321 -16.17 29.23 -99.88
C ASP A 321 -16.87 30.10 -100.92
N PRO A 322 -17.00 29.67 -102.19
CA PRO A 322 -17.62 30.56 -103.18
C PRO A 322 -19.05 30.96 -102.83
N VAL A 323 -19.85 30.02 -102.30
CA VAL A 323 -21.22 30.32 -101.89
C VAL A 323 -21.25 31.51 -100.93
N GLU A 324 -20.42 31.45 -99.88
CA GLU A 324 -20.39 32.52 -98.88
C GLU A 324 -19.68 33.78 -99.40
N ALA A 325 -18.58 33.60 -100.12
CA ALA A 325 -17.99 34.74 -100.82
C ALA A 325 -19.03 35.41 -101.72
N SER A 326 -19.83 34.60 -102.44
CA SER A 326 -20.87 35.14 -103.31
C SER A 326 -21.90 35.93 -102.53
N ALA A 327 -22.38 35.37 -101.42
CA ALA A 327 -23.37 36.08 -100.61
C ALA A 327 -22.78 37.34 -99.99
N LEU A 328 -21.49 37.32 -99.66
CA LEU A 328 -20.89 38.50 -99.07
C LEU A 328 -20.57 39.57 -100.11
N LEU A 329 -20.22 39.16 -101.33
CA LEU A 329 -20.17 40.11 -102.43
C LEU A 329 -21.54 40.75 -102.65
N ALA A 330 -22.61 39.96 -102.60
CA ALA A 330 -23.96 40.46 -102.82
C ALA A 330 -24.45 41.37 -101.69
N THR A 331 -23.77 41.37 -100.52
CA THR A 331 -24.23 42.12 -99.34
C THR A 331 -23.24 43.19 -98.95
N TYR A 332 -22.13 42.80 -98.32
CA TYR A 332 -21.16 43.82 -97.89
C TYR A 332 -20.31 44.34 -99.03
N GLY A 333 -20.26 43.61 -100.17
CA GLY A 333 -19.60 44.09 -101.37
C GLY A 333 -20.24 45.31 -101.99
N LYS A 334 -21.53 45.51 -101.79
CA LYS A 334 -22.26 46.52 -102.53
C LYS A 334 -22.51 47.75 -101.68
N SER A 335 -22.66 48.88 -102.35
CA SER A 335 -23.20 50.08 -101.75
C SER A 335 -22.37 50.55 -100.56
N ARG A 336 -21.04 50.62 -100.77
CA ARG A 336 -20.09 51.16 -99.78
C ARG A 336 -19.69 52.59 -100.11
N GLY A 337 -18.98 52.78 -101.23
CA GLY A 337 -18.51 54.08 -101.68
C GLY A 337 -17.21 54.52 -101.04
N SER A 338 -17.26 55.70 -100.39
CA SER A 338 -16.14 56.26 -99.63
C SER A 338 -16.08 55.59 -98.24
N SER A 339 -16.03 54.25 -98.25
CA SER A 339 -15.80 53.44 -97.06
C SER A 339 -14.74 52.36 -97.26
N GLY A 340 -14.32 52.08 -98.49
CA GLY A 340 -13.30 51.08 -98.72
C GLY A 340 -13.87 49.70 -98.63
N PRO A 341 -13.23 48.71 -99.25
CA PRO A 341 -13.78 47.34 -99.23
C PRO A 341 -13.86 46.76 -97.82
N VAL A 342 -14.74 45.78 -97.66
CA VAL A 342 -14.79 45.06 -96.39
C VAL A 342 -13.66 44.03 -96.38
N LEU A 343 -13.14 43.77 -95.19
CA LEU A 343 -12.03 42.86 -95.01
C LEU A 343 -12.50 41.55 -94.42
N LEU A 344 -11.92 40.46 -94.91
CA LEU A 344 -12.48 39.13 -94.74
C LEU A 344 -11.49 38.22 -94.06
N GLY A 345 -11.94 37.57 -92.99
CA GLY A 345 -11.15 36.58 -92.32
C GLY A 345 -11.99 35.39 -91.93
N SER A 346 -11.34 34.22 -91.93
CA SER A 346 -11.77 33.08 -91.14
C SER A 346 -10.63 32.66 -90.22
N VAL A 347 -10.86 32.76 -88.90
CA VAL A 347 -9.84 32.35 -87.93
C VAL A 347 -9.44 30.88 -88.10
N LYS A 348 -10.31 30.06 -88.74
CA LYS A 348 -9.96 28.68 -89.05
C LYS A 348 -8.69 28.58 -89.91
N SER A 349 -8.30 29.68 -90.57
CA SER A 349 -7.00 29.74 -91.25
C SER A 349 -5.87 29.43 -90.29
N ASN A 350 -6.00 29.92 -89.05
CA ASN A 350 -5.02 29.77 -88.00
C ASN A 350 -5.27 28.54 -87.14
N ILE A 351 -6.47 28.39 -86.59
CA ILE A 351 -6.70 27.38 -85.55
C ILE A 351 -7.48 26.18 -86.04
N GLY A 352 -8.10 26.23 -87.22
CA GLY A 352 -8.93 25.14 -87.69
C GLY A 352 -10.40 25.31 -87.35
N HIS A 353 -11.18 24.32 -87.78
CA HIS A 353 -12.63 24.37 -87.58
C HIS A 353 -12.92 23.95 -86.14
N ALA A 354 -13.04 24.93 -85.23
CA ALA A 354 -13.27 24.67 -83.80
C ALA A 354 -14.63 24.12 -83.50
N GLN A 355 -15.33 23.67 -84.55
CA GLN A 355 -16.57 22.90 -84.45
C GLN A 355 -17.52 23.60 -83.49
N ALA A 356 -18.05 22.91 -82.48
CA ALA A 356 -18.98 23.54 -81.55
C ALA A 356 -18.42 24.81 -80.95
N ALA A 357 -17.09 25.00 -80.99
CA ALA A 357 -16.44 26.17 -80.42
C ALA A 357 -16.12 27.24 -81.45
N ALA A 358 -16.27 26.94 -82.74
CA ALA A 358 -15.84 27.89 -83.77
C ALA A 358 -16.67 29.17 -83.77
N GLY A 359 -17.97 29.08 -83.52
CA GLY A 359 -18.82 30.24 -83.64
C GLY A 359 -18.40 31.40 -82.75
N VAL A 360 -18.02 31.12 -81.52
CA VAL A 360 -17.65 32.23 -80.64
C VAL A 360 -16.14 32.50 -80.63
N ALA A 361 -15.33 31.50 -80.98
CA ALA A 361 -13.94 31.76 -81.35
C ALA A 361 -13.87 33.01 -82.25
N GLY A 362 -14.58 32.95 -83.38
CA GLY A 362 -14.59 34.04 -84.31
C GLY A 362 -15.17 35.31 -83.73
N VAL A 363 -16.11 35.19 -82.79
CA VAL A 363 -16.55 36.41 -82.12
C VAL A 363 -15.45 36.97 -81.25
N ILE A 364 -14.67 36.10 -80.59
CA ILE A 364 -13.58 36.63 -79.75
C ILE A 364 -12.61 37.40 -80.61
N LYS A 365 -12.22 36.80 -81.76
CA LYS A 365 -11.29 37.43 -82.70
C LYS A 365 -11.73 38.85 -83.06
N VAL A 366 -13.00 39.05 -83.38
CA VAL A 366 -13.37 40.41 -83.74
C VAL A 366 -13.39 41.31 -82.51
N VAL A 367 -13.69 40.76 -81.31
CA VAL A 367 -13.64 41.59 -80.11
C VAL A 367 -12.19 41.97 -79.80
N LEU A 368 -11.26 41.05 -80.01
CA LEU A 368 -9.86 41.40 -79.90
C LEU A 368 -9.53 42.60 -80.77
N GLY A 369 -9.83 42.52 -82.07
CA GLY A 369 -9.44 43.61 -82.95
C GLY A 369 -10.13 44.91 -82.61
N LEU A 370 -11.42 44.85 -82.27
CA LEU A 370 -12.19 46.07 -82.06
C LEU A 370 -11.55 46.96 -81.01
N ASN A 371 -11.06 46.35 -79.91
CA ASN A 371 -10.50 47.12 -78.81
C ASN A 371 -9.06 47.53 -79.09
N ARG A 372 -8.30 46.71 -79.84
CA ARG A 372 -7.03 47.19 -80.35
C ARG A 372 -7.19 48.21 -81.45
N GLY A 373 -8.39 48.35 -82.00
CA GLY A 373 -8.61 49.19 -83.17
C GLY A 373 -7.85 48.71 -84.37
N LEU A 374 -7.70 47.39 -84.51
CA LEU A 374 -6.91 46.81 -85.59
C LEU A 374 -7.59 45.59 -86.17
N VAL A 375 -7.68 45.60 -87.49
CA VAL A 375 -8.29 44.53 -88.25
C VAL A 375 -7.43 43.28 -88.08
N PRO A 376 -7.96 42.24 -87.46
CA PRO A 376 -7.22 40.98 -87.38
C PRO A 376 -6.90 40.46 -88.76
N PRO A 377 -5.74 39.86 -88.95
CA PRO A 377 -5.45 39.16 -90.20
C PRO A 377 -5.83 37.69 -90.23
N MET A 378 -6.06 37.22 -91.45
CA MET A 378 -6.12 35.82 -91.82
C MET A 378 -4.74 35.20 -91.81
N LEU A 379 -4.69 33.88 -91.93
CA LEU A 379 -3.54 33.21 -92.52
C LEU A 379 -3.93 32.79 -93.94
N CYS A 380 -3.36 33.45 -94.94
CA CYS A 380 -3.67 33.16 -96.32
C CYS A 380 -2.68 32.15 -96.90
N ARG A 381 -3.12 31.43 -97.93
CA ARG A 381 -2.28 30.48 -98.62
C ARG A 381 -2.56 30.54 -100.11
N GLY A 382 -1.50 30.55 -100.92
CA GLY A 382 -1.67 30.67 -102.36
C GLY A 382 -2.31 32.01 -102.69
N GLU A 383 -2.82 32.10 -103.92
CA GLU A 383 -3.61 33.26 -104.29
C GLU A 383 -5.10 32.93 -104.17
N ARG A 384 -5.93 33.98 -104.17
CA ARG A 384 -7.37 33.86 -103.98
C ARG A 384 -7.93 32.68 -104.74
N SER A 385 -8.96 32.06 -104.21
CA SER A 385 -9.75 31.16 -105.00
C SER A 385 -10.23 31.92 -106.24
N PRO A 386 -9.98 31.40 -107.43
CA PRO A 386 -10.52 32.03 -108.64
C PRO A 386 -11.96 31.62 -108.95
N LEU A 387 -12.58 30.73 -108.15
CA LEU A 387 -14.00 30.41 -108.25
C LEU A 387 -14.86 31.46 -107.59
N ILE A 388 -14.35 32.68 -107.46
CA ILE A 388 -14.95 33.71 -106.62
C ILE A 388 -14.90 35.02 -107.40
N GLU A 389 -16.05 35.60 -107.69
CA GLU A 389 -16.09 36.78 -108.55
C GLU A 389 -15.64 38.00 -107.73
N TRP A 390 -14.33 38.07 -107.48
CA TRP A 390 -13.76 39.20 -106.75
C TRP A 390 -14.12 40.54 -107.38
N SER A 391 -14.37 40.55 -108.69
CA SER A 391 -14.57 41.79 -109.42
C SER A 391 -15.86 42.50 -109.03
N SER A 392 -16.79 41.80 -108.37
CA SER A 392 -18.20 42.19 -108.23
C SER A 392 -18.45 43.24 -107.16
N GLY A 393 -17.41 43.95 -106.72
CA GLY A 393 -17.54 44.94 -105.66
C GLY A 393 -16.75 44.57 -104.41
N GLY A 394 -16.69 45.54 -103.51
CA GLY A 394 -15.60 45.68 -102.56
C GLY A 394 -15.56 44.75 -101.36
N VAL A 395 -14.98 43.56 -101.54
CA VAL A 395 -14.56 42.71 -100.44
C VAL A 395 -13.16 42.21 -100.78
N GLU A 396 -12.18 42.59 -99.97
CA GLU A 396 -10.87 41.98 -100.09
C GLU A 396 -10.55 41.23 -98.81
N LEU A 397 -9.65 40.25 -98.92
CA LEU A 397 -9.18 39.49 -97.76
C LEU A 397 -8.35 40.37 -96.82
N ALA A 398 -8.34 40.02 -95.53
CA ALA A 398 -7.49 40.73 -94.55
C ALA A 398 -6.17 39.97 -94.43
N GLU A 399 -5.16 40.44 -95.16
CA GLU A 399 -3.94 39.66 -95.24
C GLU A 399 -3.00 39.94 -94.09
N ALA A 400 -2.97 41.19 -93.61
CA ALA A 400 -2.23 41.54 -92.42
C ALA A 400 -2.97 42.68 -91.71
N VAL A 401 -2.45 43.07 -90.53
CA VAL A 401 -3.11 44.09 -89.74
C VAL A 401 -3.29 45.36 -90.55
N SER A 402 -4.36 46.09 -90.25
CA SER A 402 -4.65 47.39 -90.83
C SER A 402 -5.47 48.16 -89.80
N PRO A 403 -5.57 49.48 -89.92
CA PRO A 403 -6.45 50.21 -89.00
C PRO A 403 -7.91 49.86 -89.26
N TRP A 404 -8.67 49.70 -88.18
CA TRP A 404 -10.08 49.33 -88.26
C TRP A 404 -10.92 50.59 -88.40
N PRO A 405 -11.58 50.83 -89.53
CA PRO A 405 -12.26 52.10 -89.75
C PRO A 405 -13.57 52.15 -89.00
N PRO A 406 -13.94 53.28 -88.42
CA PRO A 406 -15.29 53.43 -87.89
C PRO A 406 -16.33 53.70 -88.96
N ALA A 407 -17.58 53.43 -88.59
CA ALA A 407 -18.67 53.73 -89.48
C ALA A 407 -18.90 55.24 -89.53
N ALA A 408 -19.80 55.64 -90.42
CA ALA A 408 -20.19 57.04 -90.50
C ALA A 408 -20.52 57.60 -89.11
N ASP A 409 -21.13 56.76 -88.26
CA ASP A 409 -21.58 57.20 -86.96
C ASP A 409 -20.48 57.10 -85.90
N GLY A 410 -19.27 56.71 -86.29
CA GLY A 410 -18.13 56.69 -85.40
C GLY A 410 -17.81 55.34 -84.79
N VAL A 411 -18.61 54.32 -85.07
CA VAL A 411 -18.52 53.06 -84.35
C VAL A 411 -17.95 52.02 -85.28
N ARG A 412 -16.77 51.52 -84.98
CA ARG A 412 -16.33 50.31 -85.65
C ARG A 412 -17.33 49.20 -85.41
N ARG A 413 -17.61 48.43 -86.47
CA ARG A 413 -18.48 47.26 -86.37
C ARG A 413 -17.82 46.09 -87.06
N ALA A 414 -18.48 44.94 -86.96
CA ALA A 414 -18.04 43.75 -87.67
C ALA A 414 -19.20 42.75 -87.72
N GLY A 415 -18.96 41.67 -88.43
CA GLY A 415 -19.98 40.67 -88.59
C GLY A 415 -19.31 39.32 -88.51
N VAL A 416 -19.97 38.38 -87.85
CA VAL A 416 -19.46 37.01 -87.74
C VAL A 416 -20.59 36.09 -88.17
N SER A 417 -20.26 35.17 -89.07
CA SER A 417 -21.18 34.18 -89.57
C SER A 417 -20.79 32.81 -89.03
N ALA A 418 -21.74 31.90 -89.08
CA ALA A 418 -21.46 30.52 -88.76
C ALA A 418 -22.65 29.72 -89.25
N PHE A 419 -22.39 28.72 -90.08
CA PHE A 419 -23.44 27.95 -90.72
C PHE A 419 -23.27 26.49 -90.34
N GLY A 420 -24.35 25.88 -89.86
CA GLY A 420 -24.29 24.50 -89.45
C GLY A 420 -24.51 23.55 -90.61
N VAL A 421 -24.07 22.30 -90.41
CA VAL A 421 -24.47 21.25 -91.35
C VAL A 421 -25.98 21.00 -91.24
N SER A 422 -26.56 21.22 -90.05
CA SER A 422 -28.00 21.14 -89.90
C SER A 422 -28.72 21.92 -90.99
N GLY A 423 -28.13 23.03 -91.42
CA GLY A 423 -28.81 24.03 -92.21
C GLY A 423 -29.17 25.26 -91.40
N THR A 424 -28.95 25.25 -90.09
CA THR A 424 -29.21 26.40 -89.22
C THR A 424 -28.11 27.44 -89.37
N ASN A 425 -28.43 28.57 -89.98
CA ASN A 425 -27.47 29.63 -90.20
C ASN A 425 -27.71 30.74 -89.21
N ALA A 426 -26.70 31.60 -89.09
CA ALA A 426 -26.59 32.61 -88.05
C ALA A 426 -25.58 33.66 -88.48
N HIS A 427 -25.89 34.93 -88.22
CA HIS A 427 -24.99 36.02 -88.53
C HIS A 427 -25.18 37.12 -87.49
N VAL A 428 -24.08 37.52 -86.80
CA VAL A 428 -24.10 38.45 -85.67
C VAL A 428 -23.34 39.72 -86.05
N ILE A 429 -23.80 40.87 -85.54
CA ILE A 429 -23.07 42.12 -85.63
C ILE A 429 -22.49 42.48 -84.25
N ILE A 430 -21.17 42.65 -84.20
CA ILE A 430 -20.46 43.00 -82.98
C ILE A 430 -20.04 44.46 -83.11
N ALA A 431 -20.54 45.31 -82.22
CA ALA A 431 -20.18 46.72 -82.23
C ALA A 431 -19.14 47.00 -81.16
N GLU A 432 -18.20 47.89 -81.47
CA GLU A 432 -17.33 48.38 -80.42
C GLU A 432 -18.19 49.07 -79.35
N PRO A 433 -17.69 49.14 -78.13
CA PRO A 433 -18.52 49.58 -77.02
C PRO A 433 -18.36 51.06 -76.78
N PRO A 434 -19.44 51.76 -76.39
CA PRO A 434 -19.44 53.24 -76.32
C PRO A 434 -18.46 53.87 -75.32
N GLU A 435 -18.96 54.42 -74.21
CA GLU A 435 -18.11 55.16 -73.28
C GLU A 435 -18.36 54.90 -71.78
N GLY A 446 -11.71 56.06 -46.36
CA GLY A 446 -10.42 56.70 -46.54
C GLY A 446 -9.23 55.73 -46.62
N VAL A 447 -8.38 55.72 -45.57
CA VAL A 447 -7.38 54.69 -45.28
C VAL A 447 -6.42 54.69 -46.45
N LEU A 448 -5.64 53.61 -46.66
CA LEU A 448 -4.86 53.37 -47.88
C LEU A 448 -3.97 54.52 -48.35
N ALA A 449 -4.55 55.72 -48.43
CA ALA A 449 -3.78 56.95 -48.47
C ALA A 449 -2.90 57.07 -47.22
N ALA A 450 -3.52 57.01 -46.05
CA ALA A 450 -2.78 57.13 -44.81
C ALA A 450 -1.62 56.14 -44.70
N ALA A 451 -1.66 55.02 -45.39
CA ALA A 451 -0.48 54.17 -45.43
C ALA A 451 0.26 54.43 -46.73
N ASN A 452 1.46 53.87 -46.82
CA ASN A 452 2.25 53.94 -48.04
C ASN A 452 2.69 52.56 -48.49
N SER A 453 1.86 51.55 -48.23
CA SER A 453 1.88 50.30 -48.98
C SER A 453 0.46 50.01 -49.47
N VAL A 454 0.26 48.84 -50.07
CA VAL A 454 -1.05 48.45 -50.54
C VAL A 454 -1.08 46.93 -50.52
N PRO A 455 -2.17 46.34 -50.14
CA PRO A 455 -2.18 44.87 -50.02
C PRO A 455 -2.57 44.19 -51.30
N VAL A 456 -1.68 43.39 -51.87
CA VAL A 456 -2.02 42.63 -53.05
C VAL A 456 -2.21 41.20 -52.59
N LEU A 457 -3.41 40.68 -52.83
CA LEU A 457 -3.88 39.43 -52.29
C LEU A 457 -3.64 38.29 -53.27
N LEU A 458 -3.44 37.09 -52.74
CA LEU A 458 -3.56 35.88 -53.54
C LEU A 458 -4.27 34.79 -52.73
N SER A 459 -4.95 33.88 -53.44
CA SER A 459 -5.79 32.87 -52.83
C SER A 459 -5.78 31.64 -53.72
N ALA A 460 -6.07 30.48 -53.16
CA ALA A 460 -5.95 29.25 -53.93
C ALA A 460 -6.67 28.13 -53.20
N ARG A 461 -6.89 27.02 -53.92
CA ARG A 461 -7.47 25.84 -53.31
C ARG A 461 -6.38 24.99 -52.65
N THR A 462 -5.15 25.01 -53.17
CA THR A 462 -4.07 24.30 -52.51
C THR A 462 -2.81 25.14 -52.38
N GLU A 463 -1.94 24.67 -51.48
CA GLU A 463 -0.66 25.31 -51.27
C GLU A 463 0.13 25.37 -52.56
N THR A 464 0.16 24.24 -53.29
CA THR A 464 0.83 24.19 -54.58
C THR A 464 0.48 25.41 -55.42
N ALA A 465 -0.82 25.56 -55.71
CA ALA A 465 -1.34 26.64 -56.53
C ALA A 465 -0.81 28.02 -56.07
N LEU A 466 -0.79 28.26 -54.77
CA LEU A 466 -0.40 29.58 -54.27
C LEU A 466 1.04 29.91 -54.60
N ALA A 467 1.92 28.91 -54.67
CA ALA A 467 3.27 29.17 -55.17
C ALA A 467 3.25 29.46 -56.65
N ALA A 468 2.44 28.70 -57.41
CA ALA A 468 2.28 28.89 -58.85
C ALA A 468 1.66 30.24 -59.16
N GLN A 469 0.52 30.55 -58.53
CA GLN A 469 -0.05 31.88 -58.60
C GLN A 469 0.98 32.98 -58.34
N ALA A 470 1.99 32.73 -57.51
CA ALA A 470 2.93 33.78 -57.15
C ALA A 470 3.92 34.03 -58.26
N ARG A 471 4.41 32.94 -58.87
CA ARG A 471 5.29 33.03 -60.03
C ARG A 471 4.65 33.85 -61.13
N LEU A 472 3.51 33.35 -61.59
CA LEU A 472 2.63 34.01 -62.55
C LEU A 472 2.60 35.49 -62.22
N LEU A 473 2.05 35.83 -61.06
CA LEU A 473 1.81 37.23 -60.80
C LEU A 473 3.09 38.07 -60.81
N GLU A 474 4.28 37.47 -60.71
CA GLU A 474 5.47 38.31 -60.57
C GLU A 474 5.83 38.94 -61.90
N SER A 475 5.94 38.13 -62.94
CA SER A 475 6.02 38.67 -64.28
C SER A 475 4.79 39.52 -64.56
N ALA A 476 3.64 39.01 -64.13
CA ALA A 476 2.37 39.22 -64.81
C ALA A 476 1.98 40.67 -64.94
N VAL A 477 2.51 41.58 -64.12
CA VAL A 477 1.94 42.93 -64.06
C VAL A 477 2.86 43.96 -63.44
N ASP A 478 4.02 44.19 -63.98
CA ASP A 478 4.80 45.12 -63.22
C ASP A 478 5.34 46.27 -64.04
N ASP A 479 5.54 47.38 -63.31
CA ASP A 479 6.17 48.64 -63.68
C ASP A 479 5.15 49.48 -64.41
N SER A 480 4.47 48.82 -65.36
CA SER A 480 3.60 49.53 -66.29
C SER A 480 2.46 50.19 -65.54
N VAL A 481 1.88 49.47 -64.58
CA VAL A 481 0.54 49.70 -64.07
C VAL A 481 0.55 49.82 -62.53
N PRO A 482 -0.20 50.78 -61.97
CA PRO A 482 -0.12 51.04 -60.52
C PRO A 482 -0.55 49.84 -59.70
N LEU A 483 0.11 49.65 -58.55
CA LEU A 483 -0.26 48.52 -57.70
C LEU A 483 -1.60 48.72 -57.01
N THR A 484 -2.07 49.95 -56.85
CA THR A 484 -3.47 50.14 -56.45
C THR A 484 -4.40 49.60 -57.51
N ALA A 485 -4.06 49.79 -58.79
CA ALA A 485 -4.88 49.21 -59.83
C ALA A 485 -4.76 47.69 -59.80
N LEU A 486 -3.57 47.18 -59.56
CA LEU A 486 -3.42 45.74 -59.52
C LEU A 486 -3.92 45.16 -58.20
N ALA A 487 -3.64 45.80 -57.06
CA ALA A 487 -4.14 45.26 -55.80
C ALA A 487 -5.65 45.38 -55.72
N SER A 488 -6.22 46.37 -56.40
CA SER A 488 -7.66 46.54 -56.38
C SER A 488 -8.35 45.54 -57.28
N ALA A 489 -7.64 45.03 -58.28
CA ALA A 489 -8.22 44.05 -59.17
C ALA A 489 -8.03 42.63 -58.64
N LEU A 490 -7.04 42.40 -57.77
CA LEU A 490 -6.84 41.10 -57.15
C LEU A 490 -7.65 40.92 -55.87
N ALA A 491 -8.07 42.05 -55.30
CA ALA A 491 -8.90 42.15 -54.11
C ALA A 491 -10.38 42.05 -54.42
N THR A 492 -10.89 42.85 -55.38
CA THR A 492 -12.31 42.85 -55.70
C THR A 492 -12.68 41.82 -56.75
N GLY A 493 -11.73 41.48 -57.61
CA GLY A 493 -12.03 40.69 -58.78
C GLY A 493 -11.94 39.20 -58.63
N ARG A 494 -11.58 38.69 -57.46
CA ARG A 494 -11.36 37.26 -57.34
C ARG A 494 -12.17 36.65 -56.21
N ALA A 495 -12.46 35.36 -56.38
CA ALA A 495 -12.90 34.49 -55.31
C ALA A 495 -11.73 34.35 -54.34
N HIS A 496 -11.89 34.89 -53.12
CA HIS A 496 -10.97 34.60 -52.04
C HIS A 496 -11.12 33.14 -51.63
N LEU A 497 -10.02 32.41 -51.64
CA LEU A 497 -10.16 30.97 -51.43
C LEU A 497 -9.62 30.58 -50.05
N PRO A 498 -9.55 29.28 -49.65
CA PRO A 498 -9.00 28.94 -48.33
C PRO A 498 -7.54 29.35 -48.12
N ARG A 499 -6.61 28.67 -48.81
CA ARG A 499 -5.18 28.95 -48.70
C ARG A 499 -4.90 30.33 -49.29
N ARG A 500 -4.74 31.34 -48.44
CA ARG A 500 -4.58 32.72 -48.86
C ARG A 500 -3.16 33.20 -48.59
N ALA A 501 -2.88 34.44 -49.02
CA ALA A 501 -1.58 35.11 -48.88
C ALA A 501 -1.68 36.58 -49.28
N ALA A 502 -1.33 37.48 -48.38
CA ALA A 502 -1.31 38.90 -48.67
C ALA A 502 0.14 39.35 -48.70
N LEU A 503 0.46 40.27 -49.59
CA LEU A 503 1.83 40.76 -49.77
C LEU A 503 1.77 42.26 -49.75
N LEU A 504 2.43 42.87 -48.79
CA LEU A 504 2.38 44.31 -48.67
C LEU A 504 3.62 44.93 -49.30
N ALA A 505 3.41 46.05 -49.98
CA ALA A 505 4.39 46.57 -50.92
C ALA A 505 3.96 47.98 -51.30
N GLY A 506 4.96 48.84 -51.53
CA GLY A 506 4.73 50.21 -51.91
C GLY A 506 5.54 50.64 -53.12
N ASP A 507 6.06 49.63 -53.83
CA ASP A 507 6.80 49.80 -55.06
C ASP A 507 6.84 48.45 -55.78
N HIS A 508 7.15 48.49 -57.08
CA HIS A 508 6.92 47.32 -57.93
C HIS A 508 8.00 46.25 -57.75
N GLU A 509 9.26 46.63 -57.52
CA GLU A 509 10.32 45.63 -57.43
C GLU A 509 10.36 44.93 -56.07
N GLN A 510 9.84 45.58 -55.02
CA GLN A 510 9.56 44.87 -53.77
C GLN A 510 8.51 43.79 -54.01
N LEU A 511 7.38 44.16 -54.63
CA LEU A 511 6.30 43.19 -54.81
C LEU A 511 6.78 41.97 -55.58
N ARG A 512 7.74 42.15 -56.48
CA ARG A 512 8.29 40.99 -57.17
C ARG A 512 9.13 40.15 -56.22
N GLY A 513 9.87 40.79 -55.32
CA GLY A 513 10.69 40.06 -54.38
C GLY A 513 9.84 39.22 -53.42
N GLN A 514 8.88 39.86 -52.77
CA GLN A 514 7.90 39.11 -51.97
C GLN A 514 7.29 38.00 -52.80
N LEU A 515 6.78 38.36 -53.99
CA LEU A 515 6.10 37.41 -54.85
C LEU A 515 7.00 36.24 -55.20
N ARG A 516 8.25 36.51 -55.54
CA ARG A 516 9.14 35.40 -55.82
C ARG A 516 9.41 34.62 -54.54
N ALA A 517 9.39 35.29 -53.38
CA ALA A 517 9.62 34.61 -52.11
C ALA A 517 8.55 33.54 -51.85
N VAL A 518 7.27 33.92 -51.89
CA VAL A 518 6.24 32.91 -51.68
C VAL A 518 6.19 31.87 -52.79
N ALA A 519 6.80 32.16 -53.95
CA ALA A 519 6.90 31.14 -54.99
C ALA A 519 7.67 29.91 -54.52
N GLU A 520 8.56 30.05 -53.52
CA GLU A 520 9.19 28.88 -52.88
C GLU A 520 8.83 28.73 -51.42
N GLY A 521 7.80 29.44 -50.93
CA GLY A 521 7.38 29.21 -49.57
C GLY A 521 8.42 29.57 -48.53
N VAL A 522 9.32 30.48 -48.87
CA VAL A 522 10.22 31.05 -47.91
C VAL A 522 9.71 32.44 -47.53
N ALA A 523 10.28 33.01 -46.48
CA ALA A 523 9.69 34.17 -45.84
C ALA A 523 10.22 35.44 -46.47
N ALA A 524 9.56 36.56 -46.18
CA ALA A 524 10.07 37.86 -46.64
C ALA A 524 9.27 39.03 -46.10
N PRO A 525 9.95 40.14 -45.83
CA PRO A 525 9.30 41.32 -45.24
C PRO A 525 8.09 41.81 -46.03
N GLY A 526 6.94 41.79 -45.37
CA GLY A 526 5.69 42.23 -45.95
C GLY A 526 4.78 41.11 -46.43
N ALA A 527 5.16 39.85 -46.25
CA ALA A 527 4.58 38.75 -46.99
C ALA A 527 3.90 37.73 -46.05
N THR A 528 2.62 37.96 -45.75
CA THR A 528 1.83 37.01 -44.96
C THR A 528 1.28 35.90 -45.83
N THR A 529 1.42 34.66 -45.39
CA THR A 529 0.59 33.59 -45.93
C THR A 529 -0.27 33.05 -44.80
N GLY A 530 -1.26 32.20 -45.15
CA GLY A 530 -2.17 31.65 -44.16
C GLY A 530 -3.16 30.60 -44.66
N THR A 531 -4.37 30.63 -44.09
CA THR A 531 -5.42 29.66 -44.37
C THR A 531 -6.75 30.14 -43.77
N ALA A 532 -7.81 30.10 -44.54
CA ALA A 532 -8.99 30.88 -44.17
C ALA A 532 -9.81 30.13 -43.15
N SER A 533 -10.33 30.87 -42.18
CA SER A 533 -11.06 30.32 -41.05
C SER A 533 -12.35 31.10 -40.93
N ALA A 534 -13.47 30.40 -41.11
CA ALA A 534 -14.77 31.04 -41.17
C ALA A 534 -15.09 31.71 -39.84
N GLY A 535 -16.19 32.45 -39.82
CA GLY A 535 -16.77 32.96 -38.60
C GLY A 535 -16.42 34.41 -38.36
N GLY A 536 -17.04 34.93 -37.29
CA GLY A 536 -16.91 36.31 -36.89
C GLY A 536 -15.68 36.64 -36.06
N VAL A 537 -15.80 37.72 -35.31
CA VAL A 537 -14.63 38.44 -34.82
C VAL A 537 -14.98 39.16 -33.52
N VAL A 538 -14.08 39.07 -32.52
CA VAL A 538 -14.21 39.78 -31.24
C VAL A 538 -13.27 40.97 -31.24
N PHE A 539 -13.78 42.14 -30.85
CA PHE A 539 -13.00 43.36 -30.69
C PHE A 539 -12.51 43.48 -29.24
N VAL A 540 -11.20 43.28 -29.03
CA VAL A 540 -10.52 43.52 -27.75
C VAL A 540 -10.26 45.02 -27.57
N PHE A 541 -10.55 45.55 -26.40
CA PHE A 541 -10.28 46.97 -26.14
C PHE A 541 -9.37 47.09 -24.92
N PRO A 542 -8.03 47.16 -25.08
CA PRO A 542 -7.15 47.33 -23.91
C PRO A 542 -7.18 48.75 -23.35
N GLY A 543 -6.38 49.02 -22.34
CA GLY A 543 -6.41 50.37 -21.81
C GLY A 543 -5.01 50.91 -21.57
N GLN A 544 -4.66 51.13 -20.30
CA GLN A 544 -3.39 51.75 -19.92
C GLN A 544 -2.20 51.01 -20.52
N GLY A 545 -1.18 51.78 -20.91
CA GLY A 545 0.07 51.26 -21.42
C GLY A 545 0.24 51.44 -22.91
N ALA A 546 -0.87 51.48 -23.65
CA ALA A 546 -0.86 51.48 -25.11
C ALA A 546 -0.22 52.76 -25.66
N GLN A 547 -0.94 53.88 -25.52
CA GLN A 547 -0.57 55.24 -25.94
C GLN A 547 0.89 55.48 -26.27
N TRP A 548 1.14 56.26 -27.34
CA TRP A 548 2.43 56.89 -27.60
C TRP A 548 2.16 58.30 -28.11
N GLU A 549 3.20 59.12 -28.22
CA GLU A 549 2.94 60.50 -28.61
C GLU A 549 2.82 60.60 -30.12
N GLY A 550 1.77 61.31 -30.59
CA GLY A 550 1.44 61.35 -32.00
C GLY A 550 0.63 60.19 -32.50
N MET A 551 0.19 59.29 -31.64
CA MET A 551 -0.55 58.11 -32.07
C MET A 551 -1.75 58.48 -32.91
N ALA A 552 -1.88 57.80 -34.07
CA ALA A 552 -3.00 57.90 -35.00
C ALA A 552 -3.09 59.24 -35.70
N ARG A 553 -1.98 59.98 -35.77
CA ARG A 553 -2.02 61.26 -36.46
C ARG A 553 -2.35 61.04 -37.93
N GLY A 554 -1.87 59.93 -38.51
CA GLY A 554 -2.17 59.66 -39.90
C GLY A 554 -3.65 59.54 -40.20
N LEU A 555 -4.39 58.85 -39.35
CA LEU A 555 -5.79 58.59 -39.66
C LEU A 555 -6.68 59.80 -39.43
N LEU A 556 -6.14 60.92 -38.96
CA LEU A 556 -7.02 62.02 -38.58
C LEU A 556 -7.76 62.59 -39.78
N SER A 557 -7.24 62.38 -40.99
CA SER A 557 -7.91 62.91 -42.16
C SER A 557 -8.76 61.86 -42.84
N VAL A 558 -8.90 60.68 -42.23
CA VAL A 558 -9.63 59.58 -42.83
C VAL A 558 -11.12 59.77 -42.47
N PRO A 559 -12.00 60.00 -43.45
CA PRO A 559 -13.22 60.76 -43.14
C PRO A 559 -14.13 60.04 -42.15
N VAL A 560 -14.20 58.71 -42.19
CA VAL A 560 -14.90 57.98 -41.14
C VAL A 560 -14.24 58.23 -39.80
N PHE A 561 -12.93 57.92 -39.69
CA PHE A 561 -12.21 58.08 -38.43
C PHE A 561 -12.33 59.50 -37.93
N ALA A 562 -12.17 60.47 -38.82
CA ALA A 562 -12.24 61.86 -38.39
C ALA A 562 -13.59 62.22 -37.80
N GLU A 563 -14.65 61.54 -38.24
CA GLU A 563 -16.00 61.95 -37.84
C GLU A 563 -16.30 61.51 -36.43
N SER A 564 -15.83 60.33 -36.02
CA SER A 564 -16.03 59.95 -34.62
C SER A 564 -15.19 60.80 -33.70
N ILE A 565 -13.91 61.04 -34.05
CA ILE A 565 -13.07 61.89 -33.21
C ILE A 565 -13.71 63.25 -33.07
N ALA A 566 -14.43 63.69 -34.08
CA ALA A 566 -15.15 64.93 -33.94
C ALA A 566 -16.36 64.74 -33.04
N GLU A 567 -16.90 63.51 -32.98
CA GLU A 567 -18.05 63.24 -32.12
C GLU A 567 -17.63 63.25 -30.67
N CYS A 568 -16.66 62.39 -30.33
CA CYS A 568 -15.89 62.50 -29.08
C CYS A 568 -15.55 63.96 -28.74
N ASP A 569 -14.79 64.64 -29.60
CA ASP A 569 -14.47 66.06 -29.41
C ASP A 569 -15.64 66.87 -28.84
N ALA A 570 -16.81 66.75 -29.44
CA ALA A 570 -17.94 67.58 -29.05
C ALA A 570 -18.21 67.51 -27.55
N VAL A 571 -18.47 66.30 -27.05
CA VAL A 571 -18.86 66.17 -25.65
C VAL A 571 -17.63 66.21 -24.75
N LEU A 572 -16.51 65.61 -25.17
CA LEU A 572 -15.31 65.64 -24.34
C LEU A 572 -14.90 67.08 -24.06
N SER A 573 -14.99 67.94 -25.06
CA SER A 573 -14.83 69.36 -24.82
C SER A 573 -15.92 69.90 -23.89
N GLU A 574 -17.08 69.28 -23.84
CA GLU A 574 -18.15 69.91 -23.07
C GLU A 574 -18.04 69.61 -21.58
N VAL A 575 -17.47 68.45 -21.22
CA VAL A 575 -17.32 68.07 -19.83
C VAL A 575 -15.88 68.22 -19.32
N ALA A 576 -14.86 68.23 -20.20
CA ALA A 576 -13.47 68.23 -19.76
C ALA A 576 -12.66 69.42 -20.23
N GLY A 577 -13.24 70.34 -21.00
CA GLY A 577 -12.49 71.50 -21.48
C GLY A 577 -11.34 71.20 -22.42
N PHE A 578 -11.36 70.08 -23.15
CA PHE A 578 -10.35 69.89 -24.19
C PHE A 578 -10.84 68.89 -25.25
N SER A 579 -10.31 69.04 -26.47
CA SER A 579 -10.65 68.17 -27.60
C SER A 579 -9.71 66.97 -27.64
N ALA A 580 -10.25 65.80 -27.93
CA ALA A 580 -9.33 64.71 -28.23
C ALA A 580 -8.42 65.07 -29.39
N SER A 581 -8.82 66.02 -30.25
CA SER A 581 -8.10 66.35 -31.49
C SER A 581 -6.85 67.18 -31.20
N GLU A 582 -7.01 68.30 -30.47
CA GLU A 582 -5.94 68.93 -29.70
C GLU A 582 -4.80 67.97 -29.36
N VAL A 583 -5.05 67.06 -28.43
CA VAL A 583 -3.99 66.16 -28.00
C VAL A 583 -3.45 65.35 -29.16
N LEU A 584 -4.30 64.98 -30.11
CA LEU A 584 -3.88 64.05 -31.14
C LEU A 584 -3.16 64.77 -32.28
N GLU A 585 -3.60 65.98 -32.59
CA GLU A 585 -2.89 66.88 -33.50
C GLU A 585 -1.56 67.35 -32.95
N GLN A 586 -1.25 67.02 -31.69
CA GLN A 586 -0.01 67.42 -31.04
C GLN A 586 0.11 68.95 -30.98
N ARG A 587 -1.02 69.61 -30.75
CA ARG A 587 -1.02 71.05 -30.65
C ARG A 587 -0.23 71.49 -29.42
N PRO A 588 0.40 72.67 -29.46
CA PRO A 588 1.20 73.10 -28.30
C PRO A 588 0.35 73.36 -27.08
N ASP A 589 -0.83 73.96 -27.30
CA ASP A 589 -1.84 74.16 -26.27
C ASP A 589 -2.35 72.87 -25.63
N ALA A 590 -2.23 71.73 -26.32
CA ALA A 590 -2.95 70.54 -25.89
C ALA A 590 -2.47 70.12 -24.50
N PRO A 591 -3.40 69.70 -23.62
CA PRO A 591 -2.99 69.09 -22.36
C PRO A 591 -2.11 67.88 -22.64
N SER A 592 -1.45 67.40 -21.58
CA SER A 592 -0.34 66.48 -21.73
C SER A 592 -0.78 65.04 -21.56
N LEU A 593 -0.31 64.19 -22.45
CA LEU A 593 -0.62 62.78 -22.32
C LEU A 593 0.03 62.15 -21.11
N GLU A 594 0.85 62.88 -20.35
CA GLU A 594 1.31 62.30 -19.09
C GLU A 594 0.19 62.26 -18.05
N ARG A 595 -0.72 63.23 -18.09
CA ARG A 595 -1.85 63.26 -17.17
C ARG A 595 -2.74 62.03 -17.35
N VAL A 596 -3.27 61.52 -16.22
CA VAL A 596 -4.21 60.41 -16.29
C VAL A 596 -5.56 60.90 -16.80
N ASP A 597 -6.00 62.07 -16.34
CA ASP A 597 -7.31 62.54 -16.73
C ASP A 597 -7.35 63.05 -18.16
N VAL A 598 -6.26 62.94 -18.92
CA VAL A 598 -6.25 63.20 -20.33
C VAL A 598 -5.96 61.93 -21.12
N VAL A 599 -4.95 61.16 -20.70
CA VAL A 599 -4.56 60.02 -21.50
C VAL A 599 -5.72 59.06 -21.69
N GLN A 600 -6.72 59.09 -20.82
CA GLN A 600 -7.72 58.02 -20.87
C GLN A 600 -8.86 58.43 -21.78
N PRO A 601 -9.55 59.56 -21.56
CA PRO A 601 -10.48 60.02 -22.60
C PRO A 601 -9.88 60.00 -23.99
N VAL A 602 -8.68 60.56 -24.16
CA VAL A 602 -8.07 60.59 -25.47
C VAL A 602 -7.84 59.16 -25.98
N LEU A 603 -7.51 58.23 -25.10
CA LEU A 603 -7.32 56.88 -25.60
C LEU A 603 -8.66 56.27 -25.99
N PHE A 604 -9.71 56.62 -25.24
CA PHE A 604 -11.04 56.12 -25.56
C PHE A 604 -11.43 56.51 -26.97
N SER A 605 -11.18 57.78 -27.32
CA SER A 605 -11.57 58.31 -28.64
C SER A 605 -10.84 57.59 -29.76
N VAL A 606 -9.53 57.37 -29.60
CA VAL A 606 -8.78 56.55 -30.55
C VAL A 606 -9.34 55.14 -30.67
N MET A 607 -10.04 54.67 -29.64
CA MET A 607 -10.43 53.27 -29.60
C MET A 607 -11.79 53.05 -30.27
N VAL A 608 -12.74 53.95 -30.00
CA VAL A 608 -14.04 53.97 -30.67
C VAL A 608 -13.87 54.19 -32.17
N SER A 609 -12.96 55.10 -32.53
CA SER A 609 -12.72 55.45 -33.93
C SER A 609 -12.08 54.30 -34.66
N LEU A 610 -10.99 53.75 -34.12
CA LEU A 610 -10.42 52.56 -34.74
C LEU A 610 -11.51 51.58 -35.09
N ALA A 611 -12.50 51.46 -34.21
CA ALA A 611 -13.55 50.49 -34.42
C ALA A 611 -14.52 50.91 -35.53
N ARG A 612 -14.96 52.19 -35.54
CA ARG A 612 -15.79 52.65 -36.65
C ARG A 612 -15.05 52.52 -37.98
N LEU A 613 -13.73 52.63 -37.96
CA LEU A 613 -12.94 52.48 -39.18
C LEU A 613 -13.00 51.04 -39.67
N TRP A 614 -12.66 50.10 -38.81
CA TRP A 614 -12.84 48.69 -39.18
C TRP A 614 -14.27 48.41 -39.66
N GLY A 615 -15.24 49.22 -39.23
CA GLY A 615 -16.62 49.03 -39.61
C GLY A 615 -16.69 49.28 -41.09
N ALA A 616 -16.41 50.54 -41.42
CA ALA A 616 -16.23 50.97 -42.82
C ALA A 616 -15.39 49.98 -43.64
N CYS A 617 -14.27 49.48 -43.09
CA CYS A 617 -13.53 48.53 -43.93
C CYS A 617 -14.21 47.23 -44.08
N GLY A 618 -15.45 47.15 -43.63
CA GLY A 618 -16.21 45.93 -43.72
C GLY A 618 -16.42 45.22 -42.40
N VAL A 619 -15.49 45.36 -41.46
CA VAL A 619 -15.36 44.43 -40.34
C VAL A 619 -16.11 44.94 -39.13
N SER A 620 -17.16 44.22 -38.76
CA SER A 620 -17.87 44.63 -37.58
C SER A 620 -17.81 43.54 -36.53
N PRO A 621 -17.73 43.92 -35.26
CA PRO A 621 -17.43 42.96 -34.20
C PRO A 621 -18.61 42.03 -33.92
N SER A 622 -18.33 40.74 -33.82
CA SER A 622 -19.33 39.83 -33.24
C SER A 622 -19.45 39.97 -31.72
N ALA A 623 -18.41 40.45 -31.03
CA ALA A 623 -18.43 40.47 -29.57
C ALA A 623 -17.26 41.33 -29.09
N VAL A 624 -17.39 41.87 -27.89
CA VAL A 624 -16.39 42.81 -27.47
C VAL A 624 -15.82 42.34 -26.15
N ILE A 625 -14.63 42.85 -25.82
CA ILE A 625 -13.92 42.56 -24.59
C ILE A 625 -13.04 43.78 -24.32
N GLY A 626 -13.52 44.73 -23.49
CA GLY A 626 -12.65 45.77 -22.95
C GLY A 626 -11.77 45.28 -21.78
N HIS A 627 -10.87 46.15 -21.34
CA HIS A 627 -9.93 45.83 -20.26
C HIS A 627 -9.82 47.10 -19.44
N SER A 628 -10.15 47.00 -18.14
CA SER A 628 -10.20 48.19 -17.31
C SER A 628 -10.96 49.24 -18.11
N GLN A 629 -10.40 50.44 -18.25
CA GLN A 629 -11.06 51.50 -19.02
C GLN A 629 -11.52 51.03 -20.38
N GLY A 630 -10.81 50.05 -20.95
CA GLY A 630 -11.21 49.49 -22.23
C GLY A 630 -12.67 49.08 -22.26
N GLU A 631 -13.21 48.63 -21.14
CA GLU A 631 -14.62 48.34 -21.03
C GLU A 631 -15.50 49.55 -21.28
N ILE A 632 -15.01 50.78 -21.15
CA ILE A 632 -15.89 51.91 -21.48
C ILE A 632 -16.05 52.01 -22.99
N ALA A 633 -14.95 51.84 -23.72
CA ALA A 633 -15.03 51.80 -25.16
C ALA A 633 -15.95 50.69 -25.62
N ALA A 634 -15.73 49.46 -25.14
CA ALA A 634 -16.58 48.33 -25.54
C ALA A 634 -18.04 48.60 -25.21
N ALA A 635 -18.31 49.30 -24.09
CA ALA A 635 -19.67 49.69 -23.74
C ALA A 635 -20.38 50.46 -24.86
N VAL A 636 -19.68 51.37 -25.56
CA VAL A 636 -20.40 52.14 -26.57
C VAL A 636 -20.38 51.41 -27.91
N VAL A 637 -19.24 50.80 -28.25
CA VAL A 637 -19.18 49.97 -29.44
C VAL A 637 -20.24 48.88 -29.41
N ALA A 638 -20.68 48.47 -28.21
CA ALA A 638 -21.60 47.34 -28.06
C ALA A 638 -23.03 47.77 -27.87
N GLY A 639 -23.28 49.05 -27.62
CA GLY A 639 -24.63 49.56 -27.54
C GLY A 639 -25.03 50.01 -26.15
N VAL A 640 -24.30 49.53 -25.14
CA VAL A 640 -24.61 49.74 -23.71
C VAL A 640 -24.73 51.22 -23.38
N LEU A 641 -23.77 52.02 -23.84
CA LEU A 641 -23.75 53.45 -23.57
C LEU A 641 -23.80 54.27 -24.85
N SER A 642 -24.50 55.41 -24.80
CA SER A 642 -24.33 56.38 -25.86
C SER A 642 -22.87 56.79 -25.90
N LEU A 643 -22.43 57.31 -27.05
CA LEU A 643 -21.08 57.87 -27.07
C LEU A 643 -20.96 58.99 -26.05
N GLU A 644 -22.03 59.74 -25.82
CA GLU A 644 -21.91 60.86 -24.90
C GLU A 644 -21.72 60.38 -23.45
N ASP A 645 -22.48 59.38 -23.03
CA ASP A 645 -22.29 58.82 -21.70
C ASP A 645 -20.94 58.10 -21.61
N GLY A 646 -20.54 57.40 -22.67
CA GLY A 646 -19.23 56.75 -22.65
C GLY A 646 -18.10 57.74 -22.40
N VAL A 647 -18.18 58.90 -23.02
CA VAL A 647 -17.18 59.93 -22.74
C VAL A 647 -17.33 60.41 -21.30
N ARG A 648 -18.55 60.84 -20.91
CA ARG A 648 -18.79 61.27 -19.53
C ARG A 648 -18.22 60.28 -18.53
N VAL A 649 -18.33 59.00 -18.82
CA VAL A 649 -17.82 58.03 -17.87
C VAL A 649 -16.29 58.05 -17.86
N VAL A 650 -15.68 57.98 -19.05
CA VAL A 650 -14.21 57.92 -19.11
C VAL A 650 -13.60 59.26 -18.75
N ALA A 651 -14.22 60.37 -19.14
CA ALA A 651 -13.79 61.66 -18.65
C ALA A 651 -13.79 61.72 -17.12
N LEU A 652 -14.98 61.55 -16.50
CA LEU A 652 -15.13 61.84 -15.08
C LEU A 652 -14.45 60.80 -14.20
N ARG A 653 -14.42 59.55 -14.64
CA ARG A 653 -13.70 58.56 -13.86
C ARG A 653 -12.23 58.94 -13.78
N ALA A 654 -11.62 59.25 -14.93
CA ALA A 654 -10.18 59.56 -14.95
C ALA A 654 -9.86 60.86 -14.24
N LYS A 655 -10.74 61.86 -14.33
CA LYS A 655 -10.63 63.02 -13.44
C LYS A 655 -10.63 62.59 -11.98
N ALA A 656 -11.58 61.74 -11.58
CA ALA A 656 -11.59 61.24 -10.21
C ALA A 656 -10.31 60.51 -9.89
N LEU A 657 -9.86 59.63 -10.80
CA LEU A 657 -8.70 58.82 -10.53
C LEU A 657 -7.46 59.65 -10.25
N ARG A 658 -7.53 60.95 -10.49
CA ARG A 658 -6.39 61.84 -10.32
C ARG A 658 -5.92 61.91 -8.87
N ALA A 659 -6.83 61.94 -7.91
CA ALA A 659 -6.31 61.94 -6.54
C ALA A 659 -5.68 60.66 -6.14
N LEU A 660 -5.37 59.67 -6.97
CA LEU A 660 -4.54 58.57 -6.53
C LEU A 660 -3.18 58.65 -7.18
N ALA A 661 -2.98 59.67 -8.04
CA ALA A 661 -1.72 59.86 -8.73
C ALA A 661 -0.64 60.23 -7.72
N GLY A 662 0.49 59.53 -7.79
CA GLY A 662 1.59 59.77 -6.89
C GLY A 662 1.46 59.12 -5.53
N LYS A 663 0.54 58.16 -5.38
CA LYS A 663 0.39 57.46 -4.12
C LYS A 663 0.52 55.96 -4.26
N GLY A 664 0.38 55.40 -5.48
CA GLY A 664 0.48 53.98 -5.67
C GLY A 664 1.26 53.67 -6.93
N GLY A 665 1.41 52.35 -7.17
CA GLY A 665 2.04 51.85 -8.38
C GLY A 665 1.62 50.44 -8.68
N MET A 666 1.88 50.01 -9.92
CA MET A 666 1.54 48.66 -10.39
C MET A 666 2.77 47.99 -10.97
N VAL A 667 2.70 46.67 -11.10
CA VAL A 667 3.89 45.85 -11.33
C VAL A 667 3.49 44.61 -12.09
N SER A 668 4.19 44.30 -13.16
CA SER A 668 3.88 43.12 -13.96
C SER A 668 4.69 41.92 -13.52
N LEU A 669 4.03 40.76 -13.41
CA LEU A 669 4.74 39.52 -13.10
C LEU A 669 4.51 38.49 -14.19
N ALA A 670 5.60 37.81 -14.57
CA ALA A 670 5.55 36.77 -15.58
C ALA A 670 5.29 35.45 -14.88
N ALA A 671 4.03 35.25 -14.50
CA ALA A 671 3.71 34.14 -13.60
C ALA A 671 2.21 33.99 -13.45
N PRO A 672 1.72 32.77 -13.24
CA PRO A 672 0.28 32.54 -13.13
C PRO A 672 -0.35 33.34 -11.99
N GLY A 673 -1.66 33.50 -12.08
CA GLY A 673 -2.37 34.18 -11.01
C GLY A 673 -2.23 33.51 -9.66
N GLU A 674 -2.28 32.18 -9.62
CA GLU A 674 -2.12 31.51 -8.34
C GLU A 674 -0.73 31.71 -7.77
N ARG A 675 0.30 31.81 -8.61
CA ARG A 675 1.61 32.15 -8.07
C ARG A 675 1.61 33.56 -7.51
N ALA A 676 1.19 34.54 -8.31
CA ALA A 676 1.26 35.93 -7.84
C ALA A 676 0.46 36.14 -6.56
N ARG A 677 -0.63 35.39 -6.38
CA ARG A 677 -1.35 35.48 -5.13
C ARG A 677 -0.48 35.05 -3.96
N ALA A 678 0.26 33.96 -4.13
CA ALA A 678 1.18 33.49 -3.12
C ALA A 678 2.34 34.46 -2.96
N LEU A 679 2.81 35.02 -4.06
CA LEU A 679 3.99 35.86 -4.01
C LEU A 679 3.71 37.12 -3.20
N ILE A 680 2.54 37.72 -3.38
CA ILE A 680 2.22 38.94 -2.66
C ILE A 680 1.69 38.65 -1.28
N ALA A 681 1.58 37.37 -0.91
CA ALA A 681 1.08 36.99 0.43
C ALA A 681 1.68 37.86 1.54
N PRO A 682 3.04 37.99 1.70
CA PRO A 682 3.61 38.85 2.75
C PRO A 682 3.12 40.29 2.75
N TRP A 683 2.52 40.72 1.66
CA TRP A 683 1.93 42.04 1.60
C TRP A 683 0.47 41.93 1.18
N GLU A 684 -0.26 40.97 1.76
CA GLU A 684 -1.69 40.82 1.46
C GLU A 684 -2.46 42.16 1.49
N ASP A 685 -2.11 43.04 2.41
CA ASP A 685 -2.56 44.43 2.33
C ASP A 685 -1.50 45.29 1.66
N ARG A 686 -1.91 46.48 1.23
CA ARG A 686 -1.09 47.36 0.40
C ARG A 686 -0.87 46.84 -1.03
N ILE A 687 -1.18 45.58 -1.32
CA ILE A 687 -0.97 45.02 -2.66
C ILE A 687 -2.18 44.19 -3.07
N SER A 688 -2.77 44.54 -4.20
CA SER A 688 -3.89 43.81 -4.79
C SER A 688 -3.46 43.11 -6.08
N VAL A 689 -4.08 42.00 -6.42
CA VAL A 689 -3.95 41.48 -7.79
C VAL A 689 -4.92 42.27 -8.67
N ALA A 690 -4.38 43.10 -9.57
CA ALA A 690 -5.17 44.02 -10.34
C ALA A 690 -5.56 43.47 -11.71
N ALA A 691 -4.94 42.38 -12.15
CA ALA A 691 -5.23 41.91 -13.49
C ALA A 691 -4.69 40.50 -13.65
N VAL A 692 -5.49 39.61 -14.25
CA VAL A 692 -5.00 38.31 -14.72
C VAL A 692 -5.15 38.29 -16.22
N ASN A 693 -4.06 38.50 -16.94
CA ASN A 693 -4.12 38.65 -18.38
C ASN A 693 -3.81 37.37 -19.13
N SER A 694 -3.25 36.36 -18.48
CA SER A 694 -2.87 35.16 -19.22
C SER A 694 -2.33 34.13 -18.25
N PRO A 695 -2.16 32.85 -18.67
CA PRO A 695 -1.54 31.84 -17.79
C PRO A 695 -0.11 32.15 -17.37
N SER A 696 0.33 33.39 -17.58
CA SER A 696 1.71 33.81 -17.37
C SER A 696 1.80 35.31 -17.53
N SER A 697 0.82 36.03 -17.01
CA SER A 697 0.96 37.47 -16.91
C SER A 697 -0.05 37.97 -15.88
N VAL A 698 0.45 38.54 -14.80
CA VAL A 698 -0.38 39.22 -13.81
C VAL A 698 0.10 40.66 -13.67
N VAL A 699 -0.81 41.52 -13.23
CA VAL A 699 -0.47 42.88 -12.83
C VAL A 699 -1.05 43.06 -11.44
N VAL A 700 -0.17 43.45 -10.50
CA VAL A 700 -0.50 43.74 -9.12
C VAL A 700 -0.24 45.21 -8.88
N SER A 701 -1.05 45.80 -8.02
CA SER A 701 -0.97 47.23 -7.80
C SER A 701 -1.24 47.52 -6.34
N GLY A 702 -0.64 48.60 -5.84
CA GLY A 702 -0.82 48.99 -4.45
C GLY A 702 0.14 50.04 -3.91
N ASP A 703 0.58 49.86 -2.68
CA ASP A 703 1.60 50.75 -2.09
C ASP A 703 2.95 50.55 -2.78
N PRO A 704 3.65 51.63 -3.15
CA PRO A 704 4.92 51.45 -3.86
C PRO A 704 5.93 50.66 -3.06
N GLU A 705 6.20 51.08 -1.81
CA GLU A 705 7.16 50.41 -0.96
C GLU A 705 6.87 48.92 -0.89
N ALA A 706 5.61 48.58 -0.62
CA ALA A 706 5.16 47.20 -0.68
C ALA A 706 5.61 46.55 -1.98
N LEU A 707 5.50 47.27 -3.11
CA LEU A 707 5.81 46.67 -4.40
C LEU A 707 7.30 46.45 -4.56
N ALA A 708 8.12 47.44 -4.18
CA ALA A 708 9.56 47.29 -4.30
C ALA A 708 10.05 46.05 -3.54
N GLU A 709 9.53 45.84 -2.32
CA GLU A 709 9.81 44.62 -1.57
C GLU A 709 9.38 43.37 -2.33
N LEU A 710 8.16 43.40 -2.90
CA LEU A 710 7.72 42.32 -3.79
C LEU A 710 8.63 42.15 -4.99
N VAL A 711 9.01 43.26 -5.67
CA VAL A 711 9.93 43.13 -6.79
C VAL A 711 11.21 42.44 -6.35
N ALA A 712 11.72 42.83 -5.17
CA ALA A 712 12.88 42.17 -4.57
C ALA A 712 12.62 40.70 -4.34
N ARG A 713 11.44 40.36 -3.80
CA ARG A 713 11.09 38.96 -3.62
C ARG A 713 11.19 38.20 -4.94
N CYS A 714 10.59 38.76 -6.01
CA CYS A 714 10.54 38.03 -7.29
C CYS A 714 11.93 37.85 -7.90
N GLU A 715 12.80 38.85 -7.75
CA GLU A 715 14.19 38.70 -8.18
C GLU A 715 14.83 37.49 -7.49
N ASP A 716 14.51 37.26 -6.21
CA ASP A 716 15.09 36.12 -5.49
C ASP A 716 14.64 34.79 -6.09
N GLU A 717 13.39 34.70 -6.52
CA GLU A 717 12.84 33.44 -6.98
C GLU A 717 12.83 33.29 -8.50
N GLY A 718 13.48 34.22 -9.22
CA GLY A 718 13.61 34.13 -10.66
C GLY A 718 12.28 34.22 -11.38
N VAL A 719 11.57 35.31 -11.13
CA VAL A 719 10.21 35.52 -11.61
C VAL A 719 10.21 36.91 -12.24
N ARG A 720 10.33 36.96 -13.55
CA ARG A 720 10.46 38.24 -14.23
C ARG A 720 9.34 39.18 -13.79
N ALA A 721 9.71 40.36 -13.31
CA ALA A 721 8.73 41.38 -12.93
C ALA A 721 9.18 42.72 -13.52
N LYS A 722 8.34 43.75 -13.37
CA LYS A 722 8.61 45.06 -13.97
C LYS A 722 7.66 46.14 -13.46
N THR A 723 8.19 47.30 -13.09
CA THR A 723 7.40 48.37 -12.48
C THR A 723 6.85 49.26 -13.57
N LEU A 724 5.52 49.29 -13.70
CA LEU A 724 4.87 49.98 -14.81
C LEU A 724 5.03 51.49 -14.70
N PRO A 725 5.09 52.18 -15.82
CA PRO A 725 5.15 53.65 -15.80
C PRO A 725 3.96 54.36 -15.18
N VAL A 726 3.46 53.89 -14.03
CA VAL A 726 2.24 54.40 -13.45
C VAL A 726 2.48 54.80 -12.00
N ASP A 727 1.93 55.94 -11.60
CA ASP A 727 2.06 56.46 -10.24
C ASP A 727 0.72 56.47 -9.48
N TYR A 728 -0.29 55.70 -9.94
CA TYR A 728 -1.55 55.46 -9.24
C TYR A 728 -1.84 53.97 -9.26
N ALA A 729 -2.47 53.48 -8.21
CA ALA A 729 -2.60 52.04 -8.01
C ALA A 729 -4.06 51.66 -8.16
N SER A 730 -4.49 51.44 -9.40
CA SER A 730 -5.89 51.15 -9.65
C SER A 730 -6.12 49.64 -9.59
N HIS A 731 -7.40 49.26 -9.45
CA HIS A 731 -7.81 47.89 -9.14
C HIS A 731 -7.14 47.40 -7.88
N SER A 732 -7.14 48.27 -6.86
CA SER A 732 -6.52 48.05 -5.57
C SER A 732 -7.37 48.71 -4.51
N ARG A 733 -7.10 48.37 -3.24
CA ARG A 733 -7.76 49.06 -2.13
C ARG A 733 -7.71 50.57 -2.31
N HIS A 734 -6.72 51.09 -3.06
CA HIS A 734 -6.46 52.51 -3.18
C HIS A 734 -7.67 53.26 -3.74
N VAL A 735 -8.50 52.58 -4.54
CA VAL A 735 -9.58 53.25 -5.27
C VAL A 735 -10.74 53.58 -4.34
N GLU A 736 -10.91 52.81 -3.25
CA GLU A 736 -12.09 52.99 -2.40
C GLU A 736 -12.21 54.42 -1.93
N GLU A 737 -11.09 55.16 -2.02
CA GLU A 737 -11.00 56.56 -1.59
C GLU A 737 -11.93 57.45 -2.37
N ILE A 738 -12.18 57.13 -3.64
CA ILE A 738 -12.91 57.98 -4.58
C ILE A 738 -14.23 57.36 -5.02
N ARG A 739 -14.63 56.22 -4.43
CA ARG A 739 -15.84 55.55 -4.84
C ARG A 739 -17.04 56.49 -4.72
N GLU A 740 -17.27 57.07 -3.54
CA GLU A 740 -18.44 57.93 -3.42
C GLU A 740 -18.40 59.09 -4.39
N THR A 741 -17.22 59.45 -4.92
CA THR A 741 -17.19 60.55 -5.88
C THR A 741 -17.54 60.04 -7.27
N ILE A 742 -16.95 58.92 -7.70
CA ILE A 742 -17.32 58.34 -8.97
C ILE A 742 -18.83 58.15 -9.04
N LEU A 743 -19.40 57.37 -8.11
CA LEU A 743 -20.85 57.16 -8.06
C LEU A 743 -21.64 58.46 -8.05
N ALA A 744 -21.10 59.54 -7.52
CA ALA A 744 -21.85 60.79 -7.63
C ALA A 744 -21.63 61.44 -8.98
N ASP A 745 -20.44 61.30 -9.54
CA ASP A 745 -20.16 61.96 -10.82
C ASP A 745 -20.95 61.31 -11.93
N LEU A 746 -20.87 59.98 -12.04
CA LEU A 746 -21.47 59.16 -13.09
C LEU A 746 -22.98 59.00 -12.97
N ASP A 747 -23.58 59.47 -11.89
CA ASP A 747 -25.02 59.32 -11.71
C ASP A 747 -25.75 60.11 -12.81
N GLY A 748 -26.70 59.43 -13.48
CA GLY A 748 -27.40 59.97 -14.62
C GLY A 748 -27.09 59.29 -15.95
N ILE A 749 -26.04 58.48 -16.05
CA ILE A 749 -25.77 57.81 -17.32
C ILE A 749 -26.81 56.71 -17.50
N SER A 750 -26.75 55.98 -18.63
CA SER A 750 -27.92 55.28 -19.12
C SER A 750 -27.47 54.01 -19.84
N ALA A 751 -27.40 52.90 -19.10
CA ALA A 751 -27.09 51.61 -19.69
C ALA A 751 -28.33 51.01 -20.35
N ARG A 752 -28.08 50.14 -21.32
CA ARG A 752 -29.11 49.63 -22.21
C ARG A 752 -28.63 48.28 -22.73
N ARG A 753 -29.57 47.38 -23.01
CA ARG A 753 -29.16 46.03 -23.37
C ARG A 753 -28.18 46.10 -24.53
N ALA A 754 -27.01 45.51 -24.33
CA ALA A 754 -25.97 45.48 -25.35
C ALA A 754 -26.54 44.97 -26.66
N ALA A 755 -26.38 45.77 -27.72
CA ALA A 755 -26.69 45.35 -29.08
C ALA A 755 -25.71 44.31 -29.63
N ILE A 756 -24.55 44.16 -29.01
CA ILE A 756 -23.58 43.14 -29.41
C ILE A 756 -23.22 42.43 -28.11
N PRO A 757 -22.89 41.14 -28.14
CA PRO A 757 -22.52 40.46 -26.90
C PRO A 757 -21.26 41.06 -26.27
N LEU A 758 -21.39 41.44 -25.00
CA LEU A 758 -20.32 42.03 -24.21
C LEU A 758 -19.87 41.00 -23.19
N TYR A 759 -18.64 40.53 -23.29
CA TYR A 759 -18.04 39.76 -22.22
C TYR A 759 -17.42 40.74 -21.23
N SER A 760 -17.91 40.75 -20.00
CA SER A 760 -17.38 41.67 -18.99
C SER A 760 -16.09 41.13 -18.38
N THR A 761 -15.12 42.03 -18.19
CA THR A 761 -13.86 41.67 -17.55
C THR A 761 -13.93 41.73 -16.02
N LEU A 762 -14.83 42.56 -15.47
CA LEU A 762 -15.15 42.49 -14.06
C LEU A 762 -15.52 41.08 -13.64
N HIS A 763 -16.40 40.44 -14.43
CA HIS A 763 -17.02 39.16 -14.09
C HIS A 763 -16.48 37.98 -14.87
N GLY A 764 -15.62 38.18 -15.86
CA GLY A 764 -15.15 37.06 -16.67
C GLY A 764 -16.24 36.39 -17.46
N GLU A 765 -17.27 37.13 -17.85
CA GLU A 765 -18.46 36.50 -18.40
C GLU A 765 -19.32 37.55 -19.07
N ARG A 766 -20.16 37.07 -20.01
CA ARG A 766 -21.05 37.94 -20.75
C ARG A 766 -22.05 38.54 -19.79
N ARG A 767 -22.31 39.83 -19.95
CA ARG A 767 -23.29 40.54 -19.14
C ARG A 767 -24.22 41.30 -20.07
N ASP A 768 -25.51 41.13 -19.84
CA ASP A 768 -26.55 41.68 -20.73
C ASP A 768 -26.30 43.16 -21.00
N GLY A 769 -25.80 43.89 -20.03
CA GLY A 769 -25.33 45.24 -20.25
C GLY A 769 -26.24 46.31 -19.72
N ALA A 770 -27.49 45.97 -19.40
CA ALA A 770 -28.44 46.97 -18.91
C ALA A 770 -28.21 47.34 -17.46
N ASP A 771 -27.23 46.71 -16.80
CA ASP A 771 -26.89 47.02 -15.42
C ASP A 771 -25.45 47.53 -15.31
N MET A 772 -24.94 48.13 -16.38
CA MET A 772 -23.63 48.77 -16.42
C MET A 772 -23.77 50.27 -16.25
N GLY A 773 -24.51 50.71 -15.24
CA GLY A 773 -24.53 52.10 -14.87
C GLY A 773 -23.46 52.41 -13.86
N PRO A 774 -23.63 53.52 -13.11
CA PRO A 774 -22.49 54.05 -12.31
C PRO A 774 -21.78 53.03 -11.46
N ARG A 775 -22.51 52.26 -10.67
CA ARG A 775 -21.87 51.29 -9.78
C ARG A 775 -20.91 50.40 -10.55
N TYR A 776 -21.30 49.97 -11.75
CA TYR A 776 -20.42 49.12 -12.54
C TYR A 776 -19.09 49.83 -12.80
N TRP A 777 -19.13 51.15 -12.96
CA TRP A 777 -17.89 51.79 -13.40
C TRP A 777 -16.98 52.08 -12.22
N TYR A 778 -17.50 52.07 -10.98
CA TYR A 778 -16.65 51.93 -9.80
C TYR A 778 -16.08 50.52 -9.70
N ASP A 779 -16.94 49.51 -9.65
CA ASP A 779 -16.49 48.14 -9.47
C ASP A 779 -15.59 47.63 -10.59
N ASN A 780 -15.61 48.22 -11.78
CA ASN A 780 -14.62 47.83 -12.80
C ASN A 780 -13.24 48.31 -12.38
N LEU A 781 -13.19 49.55 -11.88
CA LEU A 781 -11.95 50.19 -11.49
C LEU A 781 -11.39 49.60 -10.19
N ARG A 782 -12.26 49.29 -9.23
CA ARG A 782 -11.81 48.85 -7.91
C ARG A 782 -11.42 47.37 -7.92
N SER A 783 -12.08 46.56 -8.73
CA SER A 783 -12.00 45.11 -8.60
C SER A 783 -11.10 44.54 -9.71
N GLN A 784 -10.85 43.25 -9.66
CA GLN A 784 -9.87 42.65 -10.57
C GLN A 784 -10.29 42.76 -12.04
N VAL A 785 -9.29 42.81 -12.93
CA VAL A 785 -9.51 42.69 -14.38
C VAL A 785 -9.31 41.21 -14.70
N ARG A 786 -10.42 40.51 -14.94
CA ARG A 786 -10.40 39.08 -15.22
C ARG A 786 -10.39 38.83 -16.73
N PHE A 787 -9.29 39.24 -17.37
CA PHE A 787 -9.22 39.19 -18.83
C PHE A 787 -9.22 37.75 -19.31
N ASP A 788 -8.23 36.96 -18.92
CA ASP A 788 -8.15 35.69 -19.61
C ASP A 788 -9.31 34.77 -19.22
N GLU A 789 -10.13 35.20 -18.25
CA GLU A 789 -11.42 34.59 -18.01
C GLU A 789 -12.38 34.92 -19.15
N ALA A 790 -12.56 36.21 -19.42
CA ALA A 790 -13.50 36.62 -20.46
C ALA A 790 -13.09 36.03 -21.80
N VAL A 791 -11.82 36.14 -22.16
CA VAL A 791 -11.33 35.55 -23.42
C VAL A 791 -11.69 34.07 -23.48
N SER A 792 -11.44 33.34 -22.40
CA SER A 792 -11.62 31.91 -22.49
C SER A 792 -13.09 31.56 -22.41
N ALA A 793 -13.92 32.50 -21.97
CA ALA A 793 -15.36 32.34 -22.08
C ALA A 793 -15.79 32.43 -23.53
N ALA A 794 -15.27 33.45 -24.25
CA ALA A 794 -15.55 33.61 -25.68
C ALA A 794 -14.89 32.49 -26.49
N VAL A 795 -13.64 32.13 -26.17
CA VAL A 795 -13.07 30.94 -26.79
C VAL A 795 -13.97 29.73 -26.51
N ALA A 796 -14.52 29.64 -25.29
CA ALA A 796 -15.47 28.57 -24.97
C ALA A 796 -16.70 28.62 -25.87
N ASP A 797 -17.04 29.81 -26.32
CA ASP A 797 -18.20 30.05 -27.16
C ASP A 797 -17.86 30.07 -28.63
N GLY A 798 -16.75 29.41 -29.02
CA GLY A 798 -16.43 29.19 -30.42
C GLY A 798 -15.61 30.26 -31.12
N HIS A 799 -15.50 31.46 -30.55
CA HIS A 799 -14.63 32.47 -31.11
C HIS A 799 -13.17 32.02 -31.20
N ALA A 800 -12.50 32.47 -32.25
CA ALA A 800 -11.08 32.19 -32.49
C ALA A 800 -10.37 33.36 -33.15
N THR A 801 -11.04 34.48 -33.35
CA THR A 801 -10.41 35.60 -34.01
C THR A 801 -10.67 36.84 -33.19
N PHE A 802 -9.58 37.48 -32.79
CA PHE A 802 -9.62 38.66 -31.95
C PHE A 802 -8.82 39.71 -32.69
N VAL A 803 -9.43 40.87 -32.88
CA VAL A 803 -8.73 42.02 -33.42
C VAL A 803 -8.96 43.16 -32.43
N GLU A 804 -7.91 43.97 -32.20
CA GLU A 804 -7.80 44.81 -31.02
C GLU A 804 -7.73 46.28 -31.38
N MET A 805 -8.75 47.04 -30.98
CA MET A 805 -8.80 48.46 -31.30
C MET A 805 -7.86 49.31 -30.45
N SER A 806 -6.55 49.06 -30.57
CA SER A 806 -5.54 49.73 -29.75
C SER A 806 -4.47 50.43 -30.59
N PRO A 807 -3.88 51.52 -30.07
CA PRO A 807 -2.78 52.20 -30.77
C PRO A 807 -1.44 51.47 -30.75
N HIS A 808 -1.34 50.33 -30.09
CA HIS A 808 -0.13 49.52 -30.15
C HIS A 808 -0.50 48.14 -29.59
N PRO A 809 -0.07 47.06 -30.24
CA PRO A 809 -0.52 45.74 -29.81
C PRO A 809 0.01 45.41 -28.43
N VAL A 810 -0.91 45.16 -27.49
CA VAL A 810 -0.56 44.87 -26.10
C VAL A 810 -1.16 43.54 -25.65
N LEU A 811 -2.42 43.29 -26.02
CA LEU A 811 -3.07 42.08 -25.57
C LEU A 811 -3.14 41.03 -26.66
N THR A 812 -2.57 41.29 -27.82
CA THR A 812 -2.53 40.24 -28.82
C THR A 812 -1.71 39.05 -28.31
N ALA A 813 -0.71 39.33 -27.47
CA ALA A 813 0.18 38.30 -26.97
C ALA A 813 -0.51 37.44 -25.90
N ALA A 814 -1.18 38.09 -24.94
CA ALA A 814 -2.07 37.40 -23.99
C ALA A 814 -3.00 36.44 -24.71
N VAL A 815 -3.80 36.99 -25.64
CA VAL A 815 -4.84 36.25 -26.34
C VAL A 815 -4.31 34.93 -26.87
N GLN A 816 -3.13 34.99 -27.47
CA GLN A 816 -2.55 33.74 -27.95
C GLN A 816 -2.17 32.83 -26.81
N GLU A 817 -1.66 33.38 -25.70
CA GLU A 817 -1.34 32.54 -24.55
C GLU A 817 -2.61 31.80 -24.07
N ILE A 818 -3.71 32.53 -23.88
CA ILE A 818 -4.98 31.94 -23.48
C ILE A 818 -5.40 30.83 -24.45
N ALA A 819 -5.50 31.15 -25.75
CA ALA A 819 -5.84 30.17 -26.77
C ALA A 819 -4.68 30.07 -27.75
N ALA A 820 -3.98 28.92 -27.73
CA ALA A 820 -2.80 28.74 -28.58
C ALA A 820 -3.15 28.76 -30.06
N ASP A 821 -4.34 28.27 -30.40
CA ASP A 821 -4.79 28.23 -31.77
C ASP A 821 -5.53 29.49 -32.19
N ALA A 822 -5.88 30.38 -31.28
CA ALA A 822 -6.57 31.59 -31.68
C ALA A 822 -5.68 32.44 -32.60
N VAL A 823 -6.28 33.51 -33.14
CA VAL A 823 -5.61 34.46 -34.01
C VAL A 823 -5.91 35.85 -33.49
N ALA A 824 -4.87 36.64 -33.23
CA ALA A 824 -5.03 37.98 -32.68
C ALA A 824 -4.47 38.99 -33.66
N ILE A 825 -5.25 40.02 -33.93
CA ILE A 825 -4.88 41.07 -34.87
C ILE A 825 -4.86 42.35 -34.05
N GLY A 826 -3.89 43.22 -34.33
CA GLY A 826 -3.92 44.59 -33.86
C GLY A 826 -4.17 45.59 -34.97
N SER A 827 -4.49 46.82 -34.57
CA SER A 827 -4.63 47.95 -35.49
C SER A 827 -3.31 48.68 -35.72
N LEU A 828 -3.13 49.82 -35.07
CA LEU A 828 -1.91 50.61 -35.25
C LEU A 828 -0.66 49.93 -34.64
N HIS A 829 0.40 50.70 -34.57
CA HIS A 829 1.66 50.31 -33.96
C HIS A 829 2.56 51.52 -33.98
N ARG A 830 2.97 52.01 -32.80
CA ARG A 830 4.10 52.92 -32.73
C ARG A 830 5.31 52.26 -33.38
N ASP A 831 6.13 53.05 -34.09
CA ASP A 831 7.08 52.60 -35.12
C ASP A 831 6.46 52.73 -36.51
N THR A 832 5.55 51.81 -36.85
CA THR A 832 4.99 51.67 -38.20
C THR A 832 3.53 52.11 -38.30
N ALA A 833 3.19 53.26 -37.71
CA ALA A 833 1.83 53.79 -37.53
C ALA A 833 0.76 53.22 -38.45
N GLU A 834 0.32 54.02 -39.42
CA GLU A 834 -0.75 53.56 -40.27
C GLU A 834 -0.32 52.41 -41.17
N GLU A 835 0.97 52.24 -41.38
CA GLU A 835 1.43 51.11 -42.17
C GLU A 835 0.99 49.81 -41.54
N HIS A 836 1.02 49.76 -40.20
CA HIS A 836 0.74 48.52 -39.48
C HIS A 836 -0.71 48.08 -39.67
N LEU A 837 -1.62 49.07 -39.70
CA LEU A 837 -3.04 48.82 -39.80
C LEU A 837 -3.41 48.14 -41.12
N ILE A 838 -2.88 48.65 -42.25
CA ILE A 838 -3.15 48.02 -43.54
C ILE A 838 -2.55 46.62 -43.56
N ALA A 839 -1.33 46.48 -43.04
CA ALA A 839 -0.70 45.17 -42.98
C ALA A 839 -1.55 44.19 -42.20
N GLU A 840 -2.23 44.68 -41.16
CA GLU A 840 -3.04 43.81 -40.33
C GLU A 840 -4.42 43.60 -40.92
N LEU A 841 -4.98 44.62 -41.59
CA LEU A 841 -6.24 44.45 -42.30
C LEU A 841 -6.10 43.38 -43.37
N ALA A 842 -4.95 43.33 -44.03
CA ALA A 842 -4.68 42.21 -44.90
C ALA A 842 -4.60 40.91 -44.10
N ARG A 843 -3.92 40.96 -42.94
CA ARG A 843 -3.67 39.77 -42.12
C ARG A 843 -4.96 39.18 -41.56
N ALA A 844 -5.89 40.06 -41.17
CA ALA A 844 -7.23 39.64 -40.84
C ALA A 844 -7.89 38.90 -42.01
N HIS A 845 -7.77 39.48 -43.23
CA HIS A 845 -8.33 38.81 -44.41
C HIS A 845 -7.70 37.45 -44.62
N VAL A 846 -6.36 37.37 -44.50
CA VAL A 846 -5.68 36.10 -44.79
C VAL A 846 -6.24 34.97 -43.92
N HIS A 847 -6.83 35.31 -42.78
CA HIS A 847 -7.27 34.31 -41.81
C HIS A 847 -8.76 34.09 -41.85
N GLY A 848 -9.44 34.62 -42.85
CA GLY A 848 -10.85 34.39 -43.04
C GLY A 848 -11.71 35.57 -42.67
N VAL A 849 -11.13 36.66 -42.17
CA VAL A 849 -11.96 37.82 -41.87
C VAL A 849 -12.47 38.39 -43.17
N ALA A 850 -13.69 38.89 -43.15
CA ALA A 850 -14.36 39.35 -44.36
C ALA A 850 -14.17 40.85 -44.46
N VAL A 851 -13.31 41.29 -45.39
CA VAL A 851 -13.06 42.72 -45.60
C VAL A 851 -13.86 43.25 -46.78
N ASP A 852 -14.35 44.49 -46.67
CA ASP A 852 -15.11 45.13 -47.75
C ASP A 852 -14.19 45.87 -48.71
N TRP A 853 -13.31 45.08 -49.35
CA TRP A 853 -12.27 45.61 -50.22
C TRP A 853 -12.76 46.67 -51.20
N ARG A 854 -13.98 46.51 -51.73
CA ARG A 854 -14.54 47.48 -52.66
C ARG A 854 -14.49 48.89 -52.09
N ASN A 855 -14.75 49.04 -50.81
CA ASN A 855 -14.65 50.35 -50.19
C ASN A 855 -13.24 50.69 -49.72
N VAL A 856 -12.33 49.71 -49.65
CA VAL A 856 -10.97 50.01 -49.24
C VAL A 856 -10.22 50.70 -50.37
N PHE A 857 -10.27 50.10 -51.56
CA PHE A 857 -9.59 50.51 -52.76
C PHE A 857 -10.44 51.53 -53.52
N PRO A 858 -9.82 52.58 -54.04
CA PRO A 858 -10.54 53.50 -54.91
C PRO A 858 -10.68 52.93 -56.31
N ALA A 859 -11.49 53.62 -57.11
CA ALA A 859 -11.93 53.18 -58.43
C ALA A 859 -10.76 53.01 -59.41
N ALA A 860 -10.58 51.78 -59.93
CA ALA A 860 -9.38 51.43 -60.69
C ALA A 860 -9.70 51.11 -62.15
N PRO A 861 -8.76 51.40 -63.05
CA PRO A 861 -8.87 50.86 -64.38
C PRO A 861 -8.67 49.36 -64.38
N PRO A 862 -9.24 48.65 -65.36
CA PRO A 862 -9.01 47.21 -65.49
C PRO A 862 -7.52 46.86 -65.58
N VAL A 863 -7.22 45.60 -65.24
CA VAL A 863 -5.86 45.08 -65.27
C VAL A 863 -5.90 43.63 -65.73
N ALA A 864 -4.80 43.18 -66.33
CA ALA A 864 -4.68 41.83 -66.87
C ALA A 864 -4.10 40.94 -65.79
N LEU A 865 -4.94 40.11 -65.19
CA LEU A 865 -4.47 39.23 -64.13
C LEU A 865 -4.38 37.81 -64.66
N PRO A 866 -3.28 37.13 -64.42
CA PRO A 866 -3.13 35.74 -64.89
C PRO A 866 -4.26 34.83 -64.44
N ASN A 867 -4.39 33.66 -65.05
CA ASN A 867 -5.53 32.84 -64.68
C ASN A 867 -5.07 31.87 -63.58
N TYR A 868 -6.03 31.46 -62.74
CA TYR A 868 -5.73 30.51 -61.68
C TYR A 868 -4.99 29.31 -62.25
N PRO A 869 -3.89 28.89 -61.67
CA PRO A 869 -3.20 27.70 -62.18
C PRO A 869 -3.84 26.40 -61.72
N PHE A 870 -4.87 25.94 -62.44
CA PHE A 870 -5.45 24.64 -62.16
C PHE A 870 -4.36 23.57 -62.13
N GLU A 871 -4.55 22.60 -61.26
CA GLU A 871 -3.51 21.59 -61.08
C GLU A 871 -4.00 20.31 -61.73
N PRO A 872 -3.32 19.87 -62.80
CA PRO A 872 -3.89 18.87 -63.71
C PRO A 872 -3.73 17.45 -63.20
N GLN A 873 -4.85 16.75 -63.09
CA GLN A 873 -4.89 15.30 -63.18
C GLN A 873 -5.38 14.94 -64.57
N ARG A 874 -4.87 13.83 -65.10
CA ARG A 874 -5.38 13.32 -66.37
C ARG A 874 -6.53 12.38 -66.10
N TYR A 875 -7.59 12.53 -66.88
CA TYR A 875 -8.69 11.60 -66.87
C TYR A 875 -9.06 11.23 -68.31
N TRP A 876 -8.88 9.95 -68.64
CA TRP A 876 -9.14 9.43 -69.99
C TRP A 876 -9.49 7.95 -69.88
N LEU A 877 -10.53 7.54 -70.61
CA LEU A 877 -10.95 6.13 -70.63
C LEU A 877 -10.34 5.34 -71.79
N ASP B 7 -5.97 29.23 57.50
CA ASP B 7 -6.11 28.71 56.16
C ASP B 7 -5.18 27.55 55.88
N PRO B 8 -5.64 26.33 56.10
CA PRO B 8 -4.70 25.20 56.17
C PRO B 8 -3.92 25.01 54.89
N ILE B 9 -2.80 24.30 55.01
CA ILE B 9 -2.04 23.86 53.86
C ILE B 9 -2.52 22.47 53.47
N ALA B 10 -2.93 22.33 52.21
CA ALA B 10 -3.53 21.11 51.70
C ALA B 10 -2.55 20.38 50.80
N ILE B 11 -2.37 19.10 51.06
CA ILE B 11 -1.75 18.23 50.08
C ILE B 11 -2.76 17.94 48.97
N VAL B 12 -2.30 18.00 47.70
CA VAL B 12 -3.15 17.89 46.51
C VAL B 12 -2.51 16.99 45.47
N GLY B 13 -1.26 16.62 45.68
CA GLY B 13 -0.65 15.63 44.82
C GLY B 13 0.40 14.86 45.60
N MET B 14 0.76 13.71 45.09
CA MET B 14 1.87 12.91 45.62
C MET B 14 2.50 12.14 44.47
N ALA B 15 3.81 11.90 44.60
CA ALA B 15 4.50 11.07 43.63
C ALA B 15 5.77 10.53 44.27
N CYS B 16 6.25 9.39 43.76
CA CYS B 16 7.39 8.74 44.41
C CYS B 16 7.98 7.63 43.54
N ARG B 17 9.24 7.32 43.80
CA ARG B 17 9.99 6.23 43.16
C ARG B 17 10.99 5.64 44.16
N PHE B 18 10.94 4.32 44.35
CA PHE B 18 11.74 3.63 45.35
C PHE B 18 12.17 2.27 44.84
N PRO B 19 13.32 1.76 45.30
CA PRO B 19 13.82 0.47 44.78
C PRO B 19 12.82 -0.66 45.02
N GLY B 20 13.04 -1.76 44.31
CA GLY B 20 12.06 -2.82 44.28
C GLY B 20 10.83 -2.55 43.44
N GLY B 21 10.91 -1.63 42.48
CA GLY B 21 9.81 -1.35 41.58
C GLY B 21 8.57 -0.70 42.22
N VAL B 22 8.76 0.46 42.82
CA VAL B 22 7.67 1.25 43.38
C VAL B 22 7.55 2.50 42.52
N HIS B 23 6.57 2.54 41.64
CA HIS B 23 6.54 3.61 40.67
C HIS B 23 5.63 4.76 41.07
N ASN B 24 4.77 4.56 42.07
CA ASN B 24 3.76 5.55 42.40
C ASN B 24 3.33 5.35 43.86
N PRO B 25 2.77 6.39 44.49
CA PRO B 25 2.13 6.21 45.80
C PRO B 25 1.24 4.98 45.93
N GLY B 26 0.43 4.66 44.92
CA GLY B 26 -0.41 3.48 45.05
C GLY B 26 0.41 2.21 45.19
N GLU B 27 1.50 2.13 44.43
CA GLU B 27 2.35 0.96 44.39
C GLU B 27 3.26 0.85 45.61
N LEU B 28 3.42 1.94 46.36
CA LEU B 28 4.11 1.85 47.63
C LEU B 28 3.23 1.25 48.71
N TRP B 29 1.93 1.48 48.64
CA TRP B 29 1.06 0.93 49.67
C TRP B 29 0.92 -0.59 49.53
N GLU B 30 0.76 -1.08 48.31
CA GLU B 30 0.71 -2.52 48.14
C GLU B 30 2.09 -3.15 48.32
N PHE B 31 3.17 -2.35 48.25
CA PHE B 31 4.55 -2.73 48.57
C PHE B 31 4.90 -2.48 50.03
N ILE B 32 3.90 -2.27 50.89
CA ILE B 32 4.15 -2.08 52.30
C ILE B 32 3.23 -3.04 53.03
N VAL B 33 1.94 -2.92 52.77
CA VAL B 33 0.98 -3.90 53.28
C VAL B 33 1.35 -5.20 52.60
N GLY B 34 2.18 -6.00 53.26
CA GLY B 34 2.50 -7.30 52.74
C GLY B 34 3.60 -7.37 51.71
N GLY B 35 4.27 -6.27 51.41
CA GLY B 35 5.32 -6.29 50.41
C GLY B 35 6.49 -5.43 50.81
N GLY B 36 7.67 -5.78 50.29
CA GLY B 36 8.83 -4.89 50.37
C GLY B 36 9.94 -5.05 51.39
N ASP B 37 11.06 -5.65 50.95
CA ASP B 37 12.39 -5.51 51.58
C ASP B 37 13.39 -5.33 50.44
N ALA B 38 13.32 -4.17 49.81
CA ALA B 38 13.89 -3.92 48.49
C ALA B 38 15.41 -3.76 48.45
N VAL B 39 16.12 -4.38 49.39
CA VAL B 39 17.57 -4.28 49.43
C VAL B 39 18.17 -5.57 48.91
N THR B 40 19.20 -5.43 48.07
CA THR B 40 20.16 -6.48 47.79
C THR B 40 21.41 -5.82 47.22
N GLU B 41 22.10 -6.47 46.28
CA GLU B 41 23.49 -6.13 45.95
C GLU B 41 23.63 -4.78 45.24
N MET B 42 24.80 -4.56 44.64
CA MET B 42 25.16 -3.27 44.07
C MET B 42 24.68 -3.19 42.61
N PRO B 43 24.88 -2.03 41.92
CA PRO B 43 24.51 -2.11 40.50
C PRO B 43 25.60 -2.69 39.59
N ALA B 70 19.71 -1.08 48.50
CA ALA B 70 18.41 -0.81 47.85
C ALA B 70 18.57 0.26 46.81
N PHE B 71 18.48 -0.12 45.54
CA PHE B 71 18.93 0.74 44.45
C PHE B 71 17.81 0.91 43.43
N LEU B 72 17.70 2.13 42.90
CA LEU B 72 16.67 2.40 41.89
C LEU B 72 17.00 1.74 40.56
N ASP B 73 16.05 0.96 40.08
CA ASP B 73 16.11 0.44 38.71
C ASP B 73 16.15 1.60 37.72
N GLY B 74 17.11 1.58 36.81
CA GLY B 74 17.22 2.61 35.79
C GLY B 74 17.31 4.03 36.33
N ALA B 75 18.23 4.26 37.26
CA ALA B 75 18.38 5.60 37.84
C ALA B 75 19.09 6.53 36.89
N ALA B 76 19.91 5.97 35.99
CA ALA B 76 20.51 6.70 34.89
C ALA B 76 19.58 6.88 33.69
N ASP B 77 18.38 6.28 33.72
CA ASP B 77 17.41 6.40 32.63
C ASP B 77 16.72 7.75 32.69
N PHE B 78 16.77 8.49 31.57
CA PHE B 78 16.13 9.80 31.48
C PHE B 78 15.57 9.99 30.08
N ASP B 79 14.43 10.71 30.02
CA ASP B 79 13.79 11.07 28.74
C ASP B 79 14.11 12.54 28.46
N ALA B 80 15.28 12.74 27.82
CA ALA B 80 15.81 14.08 27.62
C ALA B 80 14.92 14.88 26.70
N ALA B 81 14.52 14.28 25.58
CA ALA B 81 13.63 14.93 24.62
C ALA B 81 12.39 15.50 25.31
N PHE B 82 11.68 14.66 26.08
CA PHE B 82 10.40 15.06 26.65
C PHE B 82 10.44 16.43 27.30
N PHE B 83 11.57 16.78 27.93
CA PHE B 83 11.68 18.05 28.62
C PHE B 83 12.44 19.09 27.80
N GLY B 84 13.03 18.69 26.68
CA GLY B 84 13.72 19.62 25.82
C GLY B 84 15.18 19.75 26.18
N ILE B 85 15.80 18.61 26.52
CA ILE B 85 17.17 18.58 27.00
C ILE B 85 18.00 17.79 26.00
N SER B 86 19.19 18.31 25.66
CA SER B 86 20.09 17.65 24.71
C SER B 86 20.76 16.45 25.36
N PRO B 87 21.10 15.43 24.57
CA PRO B 87 21.89 14.33 25.12
C PRO B 87 23.18 14.79 25.78
N ARG B 88 23.80 15.85 25.25
CA ARG B 88 25.03 16.38 25.83
C ARG B 88 24.78 16.94 27.23
N GLU B 89 23.62 17.57 27.44
CA GLU B 89 23.31 18.21 28.70
C GLU B 89 22.74 17.24 29.71
N ALA B 90 22.35 16.04 29.29
CA ALA B 90 21.62 15.21 30.22
C ALA B 90 22.51 14.25 30.97
N LEU B 91 23.68 13.92 30.43
CA LEU B 91 24.68 13.25 31.26
C LEU B 91 25.57 14.22 32.02
N ALA B 92 25.61 15.50 31.60
CA ALA B 92 26.06 16.65 32.39
C ALA B 92 25.06 17.05 33.56
N MET B 93 24.12 16.14 33.82
CA MET B 93 22.95 16.39 34.68
C MET B 93 22.93 15.34 35.78
N ASP B 94 22.98 15.80 37.03
CA ASP B 94 22.93 14.92 38.18
C ASP B 94 21.67 14.07 38.12
N PRO B 95 21.78 12.73 38.05
CA PRO B 95 20.58 11.87 38.05
C PRO B 95 19.51 12.27 39.06
N GLN B 96 19.91 13.02 40.08
CA GLN B 96 18.92 13.51 41.04
C GLN B 96 18.03 14.55 40.40
N GLN B 97 18.61 15.44 39.62
CA GLN B 97 17.82 16.37 38.83
C GLN B 97 16.85 15.61 37.93
N ARG B 98 17.41 14.80 37.04
CA ARG B 98 16.63 14.03 36.08
C ARG B 98 15.46 13.30 36.73
N GLN B 99 15.71 12.60 37.84
CA GLN B 99 14.66 11.79 38.40
C GLN B 99 13.60 12.64 39.07
N VAL B 100 13.98 13.72 39.73
CA VAL B 100 12.98 14.67 40.22
C VAL B 100 12.14 15.16 39.05
N LEU B 101 12.82 15.55 37.96
CA LEU B 101 12.17 16.09 36.76
C LEU B 101 11.01 15.22 36.32
N GLU B 102 11.26 13.94 36.07
CA GLU B 102 10.17 13.05 35.70
C GLU B 102 9.11 12.97 36.79
N THR B 103 9.50 12.61 38.01
CA THR B 103 8.49 12.39 39.04
C THR B 103 7.80 13.66 39.47
N THR B 104 8.33 14.82 39.09
CA THR B 104 7.56 16.03 39.31
C THR B 104 6.52 16.22 38.23
N TRP B 105 6.83 15.78 37.02
CA TRP B 105 5.76 15.62 36.06
C TRP B 105 4.71 14.68 36.61
N GLU B 106 5.12 13.47 37.00
CA GLU B 106 4.21 12.51 37.60
C GLU B 106 3.32 13.17 38.66
N LEU B 107 3.94 13.84 39.65
CA LEU B 107 3.18 14.64 40.61
C LEU B 107 2.07 15.43 39.95
N PHE B 108 2.37 16.12 38.84
CA PHE B 108 1.37 16.99 38.22
C PHE B 108 0.29 16.20 37.50
N GLU B 109 0.67 15.15 36.78
CA GLU B 109 -0.36 14.26 36.25
C GLU B 109 -1.28 13.84 37.37
N ASN B 110 -0.70 13.47 38.51
CA ASN B 110 -1.47 12.91 39.62
C ASN B 110 -2.34 13.95 40.30
N ALA B 111 -1.93 15.20 40.33
CA ALA B 111 -2.83 16.20 40.88
C ALA B 111 -3.88 16.67 39.88
N GLY B 112 -3.85 16.15 38.66
CA GLY B 112 -4.67 16.68 37.57
C GLY B 112 -4.34 18.11 37.18
N ILE B 113 -3.07 18.44 37.01
CA ILE B 113 -2.68 19.79 36.64
C ILE B 113 -1.89 19.68 35.34
N ASP B 114 -2.34 20.42 34.33
CA ASP B 114 -1.58 20.62 33.12
C ASP B 114 -0.27 21.33 33.48
N PRO B 115 0.88 20.65 33.41
CA PRO B 115 2.15 21.36 33.61
C PRO B 115 2.29 22.61 32.75
N HIS B 116 1.87 22.57 31.46
CA HIS B 116 1.99 23.75 30.61
C HIS B 116 1.26 24.92 31.24
N SER B 117 0.15 24.66 31.92
CA SER B 117 -0.56 25.77 32.53
C SER B 117 0.25 26.46 33.61
N LEU B 118 1.32 25.84 34.09
CA LEU B 118 2.03 26.38 35.24
C LEU B 118 3.24 27.23 34.87
N ARG B 119 3.69 27.17 33.61
CA ARG B 119 4.72 28.04 33.05
C ARG B 119 4.47 29.49 33.41
N GLY B 120 5.34 30.06 34.24
CA GLY B 120 5.22 31.44 34.60
C GLY B 120 4.34 31.74 35.78
N SER B 121 3.79 30.71 36.44
CA SER B 121 3.14 30.85 37.73
C SER B 121 4.17 31.06 38.83
N ASP B 122 3.68 31.56 39.98
CA ASP B 122 4.54 31.68 41.18
C ASP B 122 4.50 30.35 41.91
N THR B 123 5.33 29.42 41.46
CA THR B 123 5.23 28.05 41.94
C THR B 123 6.54 27.67 42.60
N GLY B 124 6.50 27.53 43.94
CA GLY B 124 7.69 27.16 44.69
C GLY B 124 8.17 25.76 44.35
N VAL B 125 9.47 25.54 44.47
CA VAL B 125 10.06 24.19 44.42
C VAL B 125 11.03 24.05 45.57
N PHE B 126 10.68 23.17 46.53
CA PHE B 126 11.43 22.95 47.75
C PHE B 126 11.85 21.49 47.84
N LEU B 127 13.13 21.21 47.60
CA LEU B 127 13.64 19.84 47.55
C LEU B 127 14.81 19.68 48.53
N GLY B 128 15.28 18.44 48.66
CA GLY B 128 16.46 18.23 49.47
C GLY B 128 17.42 17.26 48.82
N ALA B 129 18.71 17.58 48.80
CA ALA B 129 19.68 16.66 48.20
C ALA B 129 21.09 16.98 48.66
N ALA B 130 21.98 16.04 48.39
CA ALA B 130 23.37 16.14 48.80
C ALA B 130 24.24 15.44 47.78
N TYR B 131 25.45 15.99 47.55
CA TYR B 131 26.38 15.44 46.56
C TYR B 131 26.51 13.93 46.69
N GLN B 132 26.56 13.25 45.54
CA GLN B 132 26.93 11.83 45.51
C GLN B 132 27.63 11.43 44.21
N GLY B 133 28.13 12.38 43.40
CA GLY B 133 28.87 12.04 42.19
C GLY B 133 28.39 12.71 40.91
N VAL B 157 19.66 22.41 42.21
CA VAL B 157 18.81 21.25 41.89
C VAL B 157 17.32 21.57 41.81
N SER B 158 16.78 22.25 42.81
CA SER B 158 15.51 22.94 42.60
C SER B 158 15.64 24.06 41.60
N GLY B 159 16.86 24.48 41.30
CA GLY B 159 17.02 25.59 40.37
C GLY B 159 16.70 25.18 38.95
N ARG B 160 17.13 23.99 38.53
CA ARG B 160 16.83 23.59 37.18
C ARG B 160 15.42 23.05 37.05
N VAL B 161 14.94 22.33 38.06
CA VAL B 161 13.54 21.90 38.01
C VAL B 161 12.64 23.10 37.80
N ALA B 162 12.80 24.14 38.61
CA ALA B 162 11.92 25.28 38.39
C ALA B 162 12.20 25.98 37.06
N TYR B 163 13.38 25.77 36.47
CA TYR B 163 13.67 26.41 35.19
C TYR B 163 13.06 25.61 34.06
N VAL B 164 13.53 24.39 33.87
CA VAL B 164 13.05 23.45 32.86
C VAL B 164 11.53 23.54 32.74
N LEU B 165 10.85 23.65 33.87
CA LEU B 165 9.39 23.67 33.92
C LEU B 165 8.78 25.06 33.91
N GLY B 166 9.57 26.10 33.64
CA GLY B 166 9.01 27.44 33.53
C GLY B 166 8.28 27.94 34.75
N LEU B 167 8.65 27.49 35.95
CA LEU B 167 8.03 27.93 37.19
C LEU B 167 8.77 29.12 37.77
N GLU B 168 8.03 30.19 38.09
CA GLU B 168 8.60 31.44 38.58
C GLU B 168 8.37 31.66 40.08
N GLY B 169 8.30 30.57 40.87
CA GLY B 169 8.18 30.68 42.30
C GLY B 169 9.54 30.49 42.93
N PRO B 170 9.61 30.47 44.26
CA PRO B 170 10.90 30.23 44.90
C PRO B 170 11.36 28.80 44.68
N ALA B 171 12.63 28.63 44.35
CA ALA B 171 13.22 27.30 44.30
C ALA B 171 14.34 27.24 45.32
N VAL B 172 14.25 26.29 46.25
CA VAL B 172 15.27 26.09 47.27
C VAL B 172 15.76 24.66 47.15
N THR B 173 17.03 24.43 47.49
CA THR B 173 17.52 23.06 47.64
C THR B 173 18.18 22.96 49.02
N VAL B 174 17.42 22.48 50.03
CA VAL B 174 17.98 22.27 51.37
C VAL B 174 18.97 21.12 51.33
N ASP B 175 20.17 21.37 51.88
CA ASP B 175 21.22 20.33 51.95
C ASP B 175 20.80 19.28 52.97
N THR B 176 20.60 18.05 52.51
CA THR B 176 20.12 16.99 53.40
C THR B 176 21.25 16.30 54.14
N ALA B 177 22.48 16.37 53.64
CA ALA B 177 23.61 16.03 54.49
C ALA B 177 23.48 16.75 55.82
N CYS B 178 22.94 17.97 55.79
CA CYS B 178 22.61 18.74 57.00
C CYS B 178 21.18 18.42 57.47
N SER B 179 20.15 18.88 56.73
CA SER B 179 18.76 18.70 57.16
C SER B 179 18.12 17.37 56.80
N SER B 180 16.80 17.39 56.54
CA SER B 180 16.05 16.24 56.00
C SER B 180 14.79 16.69 55.30
N SER B 181 14.21 15.77 54.49
CA SER B 181 13.15 16.13 53.54
C SER B 181 12.02 16.91 54.17
N LEU B 182 11.81 16.72 55.47
CA LEU B 182 10.74 17.40 56.18
C LEU B 182 11.04 18.89 56.34
N VAL B 183 12.32 19.29 56.30
CA VAL B 183 12.62 20.71 56.34
C VAL B 183 12.09 21.40 55.09
N ALA B 184 12.29 20.79 53.93
CA ALA B 184 11.77 21.33 52.67
C ALA B 184 10.26 21.53 52.72
N LEU B 185 9.54 20.52 53.21
CA LEU B 185 8.11 20.67 53.43
C LEU B 185 7.81 21.80 54.44
N HIS B 186 8.59 21.86 55.53
CA HIS B 186 8.40 22.94 56.50
C HIS B 186 8.52 24.31 55.84
N SER B 187 9.46 24.47 54.90
CA SER B 187 9.64 25.73 54.20
C SER B 187 8.57 25.93 53.14
N ALA B 188 8.31 24.88 52.37
CA ALA B 188 7.20 24.88 51.43
C ALA B 188 5.95 25.45 52.10
N CYS B 189 5.57 24.88 53.25
CA CYS B 189 4.35 25.34 53.89
C CYS B 189 4.46 26.81 54.34
N GLY B 190 5.68 27.33 54.52
CA GLY B 190 5.85 28.71 54.97
C GLY B 190 5.66 29.72 53.86
N SER B 191 6.24 29.44 52.69
CA SER B 191 5.94 30.21 51.47
C SER B 191 4.45 30.43 51.35
N LEU B 192 3.68 29.33 51.43
CA LEU B 192 2.28 29.36 51.07
C LEU B 192 1.50 30.26 52.01
N ARG B 193 1.60 29.99 53.32
CA ARG B 193 0.83 30.79 54.27
C ARG B 193 1.31 32.23 54.31
N ASP B 194 2.55 32.49 53.88
CA ASP B 194 3.02 33.86 53.71
C ASP B 194 2.60 34.49 52.39
N GLY B 195 2.08 33.71 51.44
CA GLY B 195 1.79 34.26 50.14
C GLY B 195 2.98 34.33 49.21
N ASP B 196 4.14 33.84 49.65
CA ASP B 196 5.29 33.82 48.77
C ASP B 196 5.10 32.89 47.58
N CYS B 197 3.96 32.21 47.47
CA CYS B 197 3.58 31.48 46.25
C CYS B 197 2.14 30.99 46.38
N GLY B 198 1.69 30.23 45.39
CA GLY B 198 0.34 29.71 45.32
C GLY B 198 0.29 28.22 45.04
N LEU B 199 1.45 27.58 45.10
CA LEU B 199 1.55 26.14 44.86
C LEU B 199 3.01 25.73 44.92
N ALA B 200 3.40 24.91 45.90
CA ALA B 200 4.79 24.52 46.07
C ALA B 200 4.95 23.01 45.89
N VAL B 201 6.01 22.60 45.23
CA VAL B 201 6.44 21.21 45.21
C VAL B 201 7.39 21.00 46.37
N ALA B 202 7.31 19.85 47.03
CA ALA B 202 8.05 19.59 48.27
C ALA B 202 8.44 18.13 48.32
N GLY B 203 9.73 17.86 48.43
CA GLY B 203 10.22 16.49 48.46
C GLY B 203 11.73 16.31 48.54
N GLY B 204 12.23 15.18 48.04
CA GLY B 204 13.65 14.93 48.00
C GLY B 204 13.98 13.74 47.12
N VAL B 205 15.26 13.65 46.76
CA VAL B 205 15.78 12.68 45.79
C VAL B 205 17.15 12.21 46.26
N SER B 206 17.48 10.96 45.96
CA SER B 206 18.79 10.43 46.34
C SER B 206 19.27 9.44 45.29
N VAL B 207 20.44 9.71 44.70
CA VAL B 207 21.14 8.73 43.83
C VAL B 207 22.34 8.07 44.52
N LEU B 223 26.67 1.75 59.69
CA LEU B 223 26.09 1.05 58.54
C LEU B 223 25.89 -0.44 58.83
N ALA B 224 24.65 -0.92 58.71
CA ALA B 224 24.43 -2.36 58.79
C ALA B 224 25.13 -3.05 57.62
N VAL B 225 25.63 -4.26 57.87
CA VAL B 225 26.34 -5.01 56.84
C VAL B 225 25.41 -5.88 56.00
N ASP B 226 24.23 -6.22 56.53
CA ASP B 226 23.21 -6.88 55.71
C ASP B 226 22.49 -5.91 54.77
N GLY B 227 22.77 -4.62 54.87
CA GLY B 227 22.16 -3.61 54.04
C GLY B 227 20.82 -3.09 54.51
N ARG B 228 20.31 -3.56 55.64
CA ARG B 228 18.93 -3.30 56.03
C ARG B 228 18.85 -2.48 57.32
N CYS B 229 17.89 -1.56 57.35
CA CYS B 229 17.53 -0.80 58.55
C CYS B 229 16.55 -1.62 59.40
N LYS B 230 17.06 -2.19 60.50
CA LYS B 230 16.27 -2.98 61.45
C LYS B 230 15.69 -2.05 62.50
N ALA B 231 14.53 -1.45 62.18
CA ALA B 231 13.99 -0.34 62.96
C ALA B 231 13.34 -0.83 64.24
N PHE B 232 13.81 -0.28 65.37
CA PHE B 232 13.31 -0.60 66.71
C PHE B 232 13.40 -2.11 67.01
N SER B 233 14.41 -2.76 66.43
CA SER B 233 14.63 -4.19 66.59
C SER B 233 15.95 -4.47 67.28
N ALA B 234 15.97 -5.59 68.03
CA ALA B 234 17.14 -5.94 68.81
C ALA B 234 18.41 -6.05 67.95
N GLU B 235 18.28 -6.41 66.67
CA GLU B 235 19.46 -6.58 65.83
C GLU B 235 19.71 -5.38 64.92
N ALA B 236 19.17 -4.22 65.27
CA ALA B 236 19.54 -2.95 64.68
C ALA B 236 21.04 -2.67 64.84
N ASP B 237 21.79 -2.73 63.75
CA ASP B 237 23.23 -2.58 63.86
C ASP B 237 23.77 -1.65 62.79
N GLY B 238 23.05 -0.56 62.52
CA GLY B 238 23.39 0.32 61.43
C GLY B 238 22.29 0.37 60.39
N PHE B 239 22.31 1.42 59.57
CA PHE B 239 21.29 1.64 58.55
C PHE B 239 21.69 1.02 57.21
N GLY B 240 20.70 0.82 56.35
CA GLY B 240 20.93 0.57 54.93
C GLY B 240 20.46 1.77 54.13
N PHE B 241 21.33 2.27 53.26
CA PHE B 241 21.05 3.50 52.53
C PHE B 241 20.50 3.20 51.13
N ALA B 242 19.40 3.86 50.79
CA ALA B 242 18.63 3.58 49.59
C ALA B 242 18.51 4.84 48.73
N GLU B 243 18.32 4.64 47.43
CA GLU B 243 18.01 5.70 46.48
C GLU B 243 16.49 5.89 46.37
N GLY B 244 16.09 7.10 45.99
CA GLY B 244 14.66 7.33 45.87
C GLY B 244 14.24 8.77 45.68
N VAL B 245 13.05 8.94 45.10
CA VAL B 245 12.44 10.24 44.89
C VAL B 245 11.13 10.21 45.64
N ALA B 246 10.75 11.31 46.27
CA ALA B 246 9.42 11.38 46.86
C ALA B 246 9.03 12.84 46.99
N VAL B 247 7.92 13.22 46.36
CA VAL B 247 7.47 14.60 46.33
C VAL B 247 5.97 14.64 46.55
N VAL B 248 5.50 15.80 46.98
CA VAL B 248 4.06 16.05 47.13
C VAL B 248 3.81 17.48 46.67
N LEU B 249 2.55 17.79 46.38
CA LEU B 249 2.21 19.11 45.86
C LEU B 249 1.31 19.81 46.86
N LEU B 250 1.54 21.10 47.09
CA LEU B 250 0.89 21.76 48.22
C LEU B 250 0.22 23.06 47.78
N GLN B 251 -0.73 23.51 48.60
CA GLN B 251 -1.56 24.64 48.24
C GLN B 251 -2.50 25.03 49.36
N ARG B 252 -2.56 26.33 49.70
CA ARG B 252 -3.56 26.84 50.63
C ARG B 252 -4.93 26.28 50.27
N LEU B 253 -5.63 25.79 51.29
CA LEU B 253 -6.84 25.01 51.08
C LEU B 253 -7.87 25.79 50.27
N SER B 254 -8.22 27.00 50.72
CA SER B 254 -9.27 27.74 50.02
C SER B 254 -8.92 27.97 48.55
N ASP B 255 -7.65 28.02 48.22
CA ASP B 255 -7.29 27.98 46.81
C ASP B 255 -7.47 26.58 46.20
N ALA B 256 -7.29 25.52 46.98
CA ALA B 256 -7.33 24.16 46.41
C ALA B 256 -8.71 23.81 45.92
N ARG B 257 -9.73 24.14 46.71
CA ARG B 257 -11.08 23.78 46.29
C ARG B 257 -11.62 24.80 45.31
N ARG B 258 -11.18 26.06 45.42
CA ARG B 258 -11.54 27.04 44.40
C ARG B 258 -11.01 26.64 43.03
N ALA B 259 -9.93 25.88 42.97
CA ALA B 259 -9.50 25.24 41.74
C ALA B 259 -10.01 23.81 41.61
N GLY B 260 -10.99 23.41 42.45
CA GLY B 260 -11.56 22.07 42.48
C GLY B 260 -10.54 20.95 42.57
N ARG B 261 -9.64 21.00 43.55
CA ARG B 261 -8.55 20.04 43.59
C ARG B 261 -8.86 18.91 44.57
N GLN B 262 -8.23 17.77 44.29
CA GLN B 262 -8.25 16.64 45.21
C GLN B 262 -7.45 17.01 46.43
N VAL B 263 -8.11 17.19 47.56
CA VAL B 263 -7.39 17.38 48.81
C VAL B 263 -7.13 16.00 49.42
N LEU B 264 -5.88 15.57 49.37
CA LEU B 264 -5.50 14.29 49.96
C LEU B 264 -5.23 14.36 51.47
N GLY B 265 -5.32 15.54 52.09
CA GLY B 265 -4.95 15.70 53.48
C GLY B 265 -4.40 17.09 53.71
N VAL B 266 -4.09 17.37 54.98
CA VAL B 266 -3.65 18.70 55.39
C VAL B 266 -2.34 18.57 56.16
N VAL B 267 -1.45 19.55 55.96
CA VAL B 267 -0.28 19.72 56.81
C VAL B 267 -0.72 20.60 57.97
N ALA B 268 -1.08 19.94 59.08
CA ALA B 268 -1.66 20.63 60.22
C ALA B 268 -0.62 21.43 60.99
N GLY B 269 0.55 20.84 61.21
CA GLY B 269 1.57 21.48 62.01
C GLY B 269 2.96 21.00 61.66
N SER B 270 3.93 21.92 61.77
CA SER B 270 5.30 21.65 61.35
C SER B 270 6.27 22.39 62.26
N ALA B 271 7.38 21.75 62.63
CA ALA B 271 8.39 22.45 63.42
C ALA B 271 9.76 21.77 63.29
N ILE B 272 10.80 22.60 63.44
CA ILE B 272 12.19 22.20 63.27
C ILE B 272 13.02 22.79 64.41
N ASN B 273 14.11 22.10 64.75
CA ASN B 273 15.10 22.61 65.70
C ASN B 273 16.41 21.85 65.50
N GLN B 274 17.21 21.74 66.57
CA GLN B 274 18.61 21.30 66.49
C GLN B 274 19.11 20.64 67.80
N SER B 285 19.67 14.12 70.29
CA SER B 285 19.40 14.23 71.72
C SER B 285 17.93 14.11 72.06
N GLY B 286 17.64 13.32 73.09
CA GLY B 286 16.28 12.98 73.42
C GLY B 286 15.43 14.15 73.91
N VAL B 287 16.05 15.13 74.57
CA VAL B 287 15.27 16.30 74.96
C VAL B 287 14.80 17.03 73.72
N ALA B 288 15.73 17.30 72.79
CA ALA B 288 15.39 18.07 71.60
C ALA B 288 14.26 17.42 70.82
N GLN B 289 14.39 16.11 70.61
CA GLN B 289 13.33 15.36 69.96
C GLN B 289 11.99 15.60 70.64
N GLN B 290 11.96 15.58 71.97
CA GLN B 290 10.71 15.87 72.65
C GLN B 290 10.26 17.30 72.39
N ARG B 291 11.19 18.26 72.35
CA ARG B 291 10.75 19.65 72.23
C ARG B 291 10.18 19.95 70.85
N VAL B 292 10.85 19.45 69.81
CA VAL B 292 10.29 19.64 68.47
C VAL B 292 8.96 18.93 68.35
N ILE B 293 8.79 17.82 69.08
CA ILE B 293 7.53 17.09 68.99
C ILE B 293 6.42 17.86 69.67
N ARG B 294 6.67 18.39 70.84
CA ARG B 294 5.60 19.17 71.44
C ARG B 294 5.49 20.52 70.77
N LYS B 295 6.48 20.85 69.92
CA LYS B 295 6.49 22.10 69.18
C LYS B 295 5.52 22.05 68.02
N ALA B 296 5.66 21.00 67.18
CA ALA B 296 4.66 20.58 66.18
C ALA B 296 3.25 20.71 66.71
N TRP B 297 2.92 19.88 67.72
CA TRP B 297 1.60 19.91 68.34
C TRP B 297 1.17 21.32 68.71
N ALA B 298 2.10 22.18 69.08
CA ALA B 298 1.68 23.50 69.51
C ALA B 298 1.10 24.28 68.37
N ARG B 299 1.63 24.07 67.15
CA ARG B 299 1.22 24.80 65.95
C ARG B 299 0.01 24.14 65.28
N ALA B 300 -0.07 22.82 65.32
CA ALA B 300 -1.30 22.15 64.93
C ALA B 300 -2.45 22.40 65.90
N GLY B 301 -2.17 22.80 67.15
CA GLY B 301 -3.21 22.94 68.16
C GLY B 301 -3.61 21.65 68.85
N ILE B 302 -3.03 20.52 68.48
CA ILE B 302 -3.47 19.23 68.93
C ILE B 302 -2.67 18.78 70.14
N THR B 303 -3.04 17.62 70.70
CA THR B 303 -2.23 16.86 71.64
C THR B 303 -1.86 15.50 71.05
N GLY B 304 -1.11 14.72 71.83
CA GLY B 304 -0.56 13.47 71.33
C GLY B 304 -1.52 12.33 71.36
N ALA B 305 -2.62 12.45 72.10
CA ALA B 305 -3.73 11.52 71.97
C ALA B 305 -4.58 11.82 70.74
N ASP B 306 -4.44 13.01 70.16
CA ASP B 306 -5.12 13.33 68.93
C ASP B 306 -4.48 12.67 67.72
N VAL B 307 -3.34 12.07 67.89
CA VAL B 307 -2.68 11.30 66.83
C VAL B 307 -2.85 9.83 67.16
N ALA B 308 -2.90 8.98 66.14
CA ALA B 308 -2.98 7.54 66.32
C ALA B 308 -1.74 6.80 65.86
N VAL B 309 -0.99 7.38 64.91
CA VAL B 309 0.16 6.76 64.28
C VAL B 309 1.33 7.74 64.32
N VAL B 310 2.53 7.20 64.27
CA VAL B 310 3.75 8.00 64.15
C VAL B 310 4.66 7.35 63.11
N GLU B 311 4.97 8.09 62.06
CA GLU B 311 6.00 7.68 61.13
C GLU B 311 7.32 8.18 61.71
N ALA B 312 8.10 7.27 62.30
CA ALA B 312 9.33 7.60 62.99
C ALA B 312 10.51 7.63 62.03
N HIS B 313 11.55 8.36 62.44
CA HIS B 313 12.76 8.37 61.63
C HIS B 313 13.47 7.02 61.58
N GLY B 314 13.10 6.07 62.44
CA GLY B 314 13.64 4.72 62.56
C GLY B 314 14.75 4.22 61.65
N THR B 315 15.97 4.64 61.91
CA THR B 315 17.08 4.38 61.00
C THR B 315 17.77 3.05 61.28
N GLY B 316 17.51 2.42 62.44
CA GLY B 316 18.03 1.09 62.72
C GLY B 316 19.43 1.04 63.30
N THR B 317 19.91 2.10 63.93
CA THR B 317 21.23 2.15 64.54
C THR B 317 21.14 1.82 66.03
N ARG B 318 22.29 1.45 66.61
CA ARG B 318 22.37 0.84 67.94
C ARG B 318 21.79 1.76 69.02
N LEU B 319 22.24 3.01 69.08
CA LEU B 319 21.70 3.96 70.03
C LEU B 319 20.70 4.93 69.44
N GLY B 320 20.56 4.98 68.10
CA GLY B 320 19.58 5.88 67.50
C GLY B 320 18.15 5.54 67.93
N ASP B 321 17.75 4.30 67.71
CA ASP B 321 16.37 3.90 67.96
C ASP B 321 15.97 4.00 69.43
N PRO B 322 16.83 3.67 70.41
CA PRO B 322 16.51 4.02 71.82
C PRO B 322 16.13 5.48 72.06
N VAL B 323 16.89 6.45 71.51
CA VAL B 323 16.64 7.87 71.75
C VAL B 323 15.24 8.26 71.30
N GLU B 324 14.90 7.99 70.03
CA GLU B 324 13.62 8.41 69.50
C GLU B 324 12.47 7.69 70.21
N ALA B 325 12.69 6.42 70.56
CA ALA B 325 11.66 5.67 71.26
C ALA B 325 11.35 6.31 72.60
N SER B 326 12.40 6.52 73.42
CA SER B 326 12.32 7.26 74.68
C SER B 326 11.48 8.52 74.53
N ALA B 327 11.76 9.28 73.46
CA ALA B 327 11.19 10.61 73.31
C ALA B 327 9.76 10.56 72.77
N LEU B 328 9.40 9.54 71.98
CA LEU B 328 7.99 9.29 71.72
C LEU B 328 7.28 8.83 72.99
N LEU B 329 7.96 7.98 73.77
CA LEU B 329 7.41 7.46 75.02
C LEU B 329 7.11 8.59 75.99
N ALA B 330 8.09 9.47 76.19
CA ALA B 330 7.89 10.67 76.99
C ALA B 330 6.70 11.48 76.50
N THR B 331 6.40 11.41 75.21
CA THR B 331 5.53 12.38 74.55
C THR B 331 4.21 11.75 74.10
N TYR B 332 4.24 11.00 73.00
CA TYR B 332 3.00 10.39 72.54
C TYR B 332 2.46 9.41 73.57
N GLY B 333 3.33 8.51 74.05
CA GLY B 333 2.97 7.47 74.98
C GLY B 333 2.48 7.88 76.35
N LYS B 334 2.10 9.15 76.52
CA LYS B 334 1.43 9.62 77.72
C LYS B 334 0.28 10.54 77.32
N SER B 335 -0.60 10.83 78.28
CA SER B 335 -1.81 11.65 78.08
C SER B 335 -2.63 11.19 76.86
N ARG B 336 -3.00 9.91 76.88
CA ARG B 336 -3.85 9.27 75.88
C ARG B 336 -5.14 8.73 76.46
N GLY B 337 -5.07 8.01 77.57
CA GLY B 337 -6.25 7.54 78.28
C GLY B 337 -7.24 6.80 77.40
N SER B 338 -8.42 7.37 77.24
CA SER B 338 -9.49 6.70 76.51
C SER B 338 -9.11 6.37 75.06
N SER B 339 -7.85 6.66 74.67
CA SER B 339 -7.46 6.72 73.26
C SER B 339 -6.45 5.65 72.82
N GLY B 340 -6.02 4.75 73.70
CA GLY B 340 -5.22 3.64 73.25
C GLY B 340 -3.84 4.05 72.81
N PRO B 341 -2.95 3.08 72.64
CA PRO B 341 -1.52 3.40 72.47
C PRO B 341 -1.14 3.69 71.03
N VAL B 342 -0.22 4.64 70.85
CA VAL B 342 0.16 5.04 69.50
C VAL B 342 0.90 3.90 68.82
N LEU B 343 0.78 3.84 67.50
CA LEU B 343 1.38 2.79 66.70
C LEU B 343 2.60 3.34 65.98
N LEU B 344 3.69 2.59 66.00
CA LEU B 344 4.99 3.11 65.63
C LEU B 344 5.53 2.41 64.38
N GLY B 345 6.06 3.21 63.46
CA GLY B 345 6.50 2.67 62.18
C GLY B 345 7.64 3.48 61.59
N SER B 346 8.48 2.79 60.81
CA SER B 346 9.49 3.46 60.00
C SER B 346 9.57 2.72 58.68
N VAL B 347 9.11 3.39 57.61
CA VAL B 347 9.07 2.86 56.25
C VAL B 347 10.44 2.40 55.78
N LYS B 348 11.52 2.95 56.37
CA LYS B 348 12.87 2.54 56.02
C LYS B 348 13.10 1.05 56.26
N SER B 349 12.35 0.44 57.20
CA SER B 349 12.36 -1.00 57.34
C SER B 349 12.05 -1.69 56.01
N ASN B 350 11.16 -1.10 55.20
CA ASN B 350 10.70 -1.58 53.90
C ASN B 350 11.60 -1.15 52.74
N ILE B 351 11.77 0.15 52.56
CA ILE B 351 12.46 0.64 51.37
C ILE B 351 13.92 0.93 51.62
N GLY B 352 14.33 1.20 52.85
CA GLY B 352 15.66 1.68 53.13
C GLY B 352 15.68 3.15 53.51
N HIS B 353 16.86 3.62 53.90
CA HIS B 353 16.98 4.98 54.42
C HIS B 353 17.24 5.89 53.23
N ALA B 354 16.14 6.39 52.65
CA ALA B 354 16.16 7.16 51.41
C ALA B 354 16.86 8.50 51.56
N GLN B 355 17.70 8.65 52.60
CA GLN B 355 18.46 9.87 52.84
C GLN B 355 17.58 11.07 52.58
N ALA B 356 17.74 11.73 51.43
CA ALA B 356 17.05 12.98 51.19
C ALA B 356 15.60 12.78 50.80
N ALA B 357 15.17 11.54 50.57
CA ALA B 357 13.79 11.29 50.18
C ALA B 357 12.97 10.68 51.31
N ALA B 358 13.61 10.20 52.38
CA ALA B 358 12.91 9.37 53.35
C ALA B 358 11.92 10.17 54.19
N GLY B 359 12.12 11.47 54.34
CA GLY B 359 11.21 12.27 55.13
C GLY B 359 9.83 12.40 54.52
N VAL B 360 9.78 12.91 53.29
CA VAL B 360 8.51 13.09 52.58
C VAL B 360 7.90 11.74 52.22
N ALA B 361 8.73 10.80 51.77
CA ALA B 361 8.34 9.39 51.71
C ALA B 361 7.54 9.02 52.96
N GLY B 362 8.18 9.20 54.13
CA GLY B 362 7.49 9.00 55.39
C GLY B 362 6.15 9.70 55.43
N VAL B 363 6.08 10.92 54.90
CA VAL B 363 4.79 11.58 54.80
C VAL B 363 3.87 10.87 53.82
N ILE B 364 4.36 10.58 52.61
CA ILE B 364 3.54 9.87 51.62
C ILE B 364 2.94 8.62 52.24
N LYS B 365 3.74 7.86 53.01
CA LYS B 365 3.27 6.63 53.66
C LYS B 365 2.08 6.90 54.58
N VAL B 366 2.22 7.94 55.38
CA VAL B 366 1.14 8.35 56.27
C VAL B 366 -0.11 8.71 55.49
N VAL B 367 0.04 9.51 54.43
CA VAL B 367 -1.13 10.06 53.72
C VAL B 367 -1.96 8.97 53.08
N LEU B 368 -1.30 8.05 52.40
CA LEU B 368 -1.96 6.86 51.88
C LEU B 368 -2.84 6.27 52.97
N GLY B 369 -2.29 6.19 54.20
CA GLY B 369 -3.02 5.58 55.30
C GLY B 369 -4.25 6.37 55.71
N LEU B 370 -4.15 7.70 55.75
CA LEU B 370 -5.27 8.47 56.26
C LEU B 370 -6.49 8.33 55.38
N ASN B 371 -6.29 8.15 54.09
CA ASN B 371 -7.42 8.11 53.19
C ASN B 371 -8.08 6.74 53.21
N ARG B 372 -7.28 5.68 53.26
CA ARG B 372 -7.80 4.33 53.45
C ARG B 372 -8.33 4.10 54.88
N GLY B 373 -8.16 5.05 55.80
CA GLY B 373 -8.52 4.86 57.20
C GLY B 373 -7.81 3.69 57.84
N LEU B 374 -6.62 3.37 57.36
CA LEU B 374 -5.85 2.22 57.81
C LEU B 374 -4.47 2.64 58.29
N VAL B 375 -3.98 1.96 59.33
CA VAL B 375 -2.61 2.15 59.80
C VAL B 375 -1.68 1.37 58.88
N PRO B 376 -0.76 2.04 58.18
CA PRO B 376 0.27 1.31 57.44
C PRO B 376 1.14 0.51 58.38
N PRO B 377 1.53 -0.70 57.99
CA PRO B 377 2.35 -1.55 58.86
C PRO B 377 3.84 -1.33 58.63
N MET B 378 4.62 -1.90 59.53
CA MET B 378 6.07 -1.87 59.42
C MET B 378 6.58 -3.30 59.24
N LEU B 379 7.76 -3.42 58.61
CA LEU B 379 8.47 -4.70 58.52
C LEU B 379 9.32 -4.90 59.78
N CYS B 380 8.79 -5.65 60.76
CA CYS B 380 9.48 -5.95 62.02
C CYS B 380 10.34 -7.19 61.89
N ARG B 381 11.51 -7.15 62.52
CA ARG B 381 12.47 -8.26 62.51
C ARG B 381 12.98 -8.49 63.92
N GLY B 382 13.18 -9.77 64.27
CA GLY B 382 13.50 -10.07 65.66
C GLY B 382 12.47 -9.50 66.62
N GLU B 383 12.87 -9.45 67.88
CA GLU B 383 11.98 -8.90 68.88
C GLU B 383 12.26 -7.42 69.06
N ARG B 384 11.43 -6.81 69.91
CA ARG B 384 11.64 -5.42 70.27
C ARG B 384 13.07 -5.23 70.77
N SER B 385 13.60 -4.05 70.57
CA SER B 385 14.90 -3.76 71.14
C SER B 385 14.77 -3.69 72.66
N PRO B 386 15.59 -4.45 73.41
CA PRO B 386 15.48 -4.42 74.87
C PRO B 386 15.98 -3.13 75.47
N LEU B 387 16.79 -2.37 74.73
CA LEU B 387 17.38 -1.12 75.21
C LEU B 387 16.30 -0.04 75.35
N ILE B 388 15.02 -0.42 75.20
CA ILE B 388 13.92 0.52 75.15
C ILE B 388 12.86 0.12 76.18
N GLU B 389 12.21 1.14 76.75
CA GLU B 389 11.39 1.01 77.95
C GLU B 389 9.91 0.99 77.61
N TRP B 390 9.51 -0.05 76.84
CA TRP B 390 8.14 -0.15 76.32
C TRP B 390 7.08 -0.02 77.43
N SER B 391 7.40 -0.47 78.64
CA SER B 391 6.46 -0.39 79.75
C SER B 391 6.07 1.04 80.07
N SER B 392 6.87 2.04 79.61
CA SER B 392 6.71 3.39 80.15
C SER B 392 5.46 4.08 79.69
N GLY B 393 4.57 3.37 79.01
CA GLY B 393 3.35 3.98 78.50
C GLY B 393 3.05 3.40 77.15
N GLY B 394 2.03 3.96 76.51
CA GLY B 394 1.48 3.39 75.29
C GLY B 394 2.10 3.81 73.96
N VAL B 395 3.10 3.05 73.50
CA VAL B 395 3.71 3.17 72.18
C VAL B 395 4.25 1.82 71.74
N GLU B 396 3.53 1.10 70.88
CA GLU B 396 4.04 -0.19 70.40
C GLU B 396 4.05 -0.21 68.88
N LEU B 397 4.93 -1.06 68.36
CA LEU B 397 5.16 -1.11 66.93
C LEU B 397 3.88 -1.46 66.19
N ALA B 398 3.81 -1.04 64.92
CA ALA B 398 2.72 -1.40 64.03
C ALA B 398 3.26 -2.43 63.05
N GLU B 399 3.00 -3.71 63.32
CA GLU B 399 3.48 -4.81 62.49
C GLU B 399 2.48 -5.18 61.41
N ALA B 400 1.19 -5.23 61.73
CA ALA B 400 0.15 -5.54 60.77
C ALA B 400 -0.81 -4.37 60.66
N VAL B 401 -1.42 -4.24 59.48
CA VAL B 401 -2.48 -3.27 59.19
C VAL B 401 -3.52 -3.29 60.30
N SER B 402 -4.15 -2.13 60.56
CA SER B 402 -5.15 -1.99 61.60
C SER B 402 -5.99 -0.78 61.23
N PRO B 403 -7.21 -0.68 61.76
CA PRO B 403 -7.98 0.57 61.56
C PRO B 403 -7.35 1.79 62.24
N TRP B 404 -7.46 2.94 61.57
CA TRP B 404 -6.95 4.21 62.07
C TRP B 404 -8.03 4.93 62.88
N PRO B 405 -7.91 4.99 64.21
CA PRO B 405 -8.95 5.67 65.01
C PRO B 405 -8.85 7.18 64.86
N PRO B 406 -9.97 7.86 64.66
CA PRO B 406 -9.93 9.33 64.72
C PRO B 406 -9.57 9.83 66.11
N ALA B 407 -9.18 11.10 66.16
CA ALA B 407 -9.05 11.81 67.42
C ALA B 407 -10.42 12.13 67.97
N ALA B 408 -10.45 12.57 69.23
CA ALA B 408 -11.72 12.90 69.86
C ALA B 408 -12.56 13.87 69.01
N ASP B 409 -11.92 14.67 68.16
CA ASP B 409 -12.68 15.57 67.30
C ASP B 409 -12.99 14.96 65.93
N GLY B 410 -12.75 13.66 65.76
CA GLY B 410 -13.12 12.98 64.54
C GLY B 410 -12.23 13.26 63.35
N VAL B 411 -11.01 13.70 63.60
CA VAL B 411 -10.02 13.94 62.57
C VAL B 411 -8.94 12.92 62.76
N ARG B 412 -8.76 12.03 61.80
CA ARG B 412 -7.63 11.11 61.91
C ARG B 412 -6.35 11.87 61.66
N ARG B 413 -5.31 11.57 62.45
CA ARG B 413 -4.09 12.33 62.38
C ARG B 413 -2.88 11.43 62.51
N ALA B 414 -1.75 11.95 62.09
CA ALA B 414 -0.47 11.26 62.27
C ALA B 414 0.63 12.29 62.52
N GLY B 415 1.78 11.76 62.91
CA GLY B 415 2.98 12.56 63.08
C GLY B 415 4.12 11.91 62.34
N VAL B 416 4.95 12.76 61.73
CA VAL B 416 6.11 12.30 60.98
C VAL B 416 7.32 13.07 61.47
N SER B 417 8.42 12.33 61.73
CA SER B 417 9.67 12.81 62.33
C SER B 417 10.83 12.46 61.41
N ALA B 418 11.86 13.32 61.39
CA ALA B 418 13.07 13.06 60.60
C ALA B 418 14.18 13.90 61.17
N PHE B 419 15.37 13.31 61.31
CA PHE B 419 16.50 13.92 62.00
C PHE B 419 17.75 13.82 61.15
N GLY B 420 18.34 14.96 60.82
CA GLY B 420 19.60 14.97 60.12
C GLY B 420 20.75 14.66 61.06
N VAL B 421 21.81 14.09 60.48
CA VAL B 421 23.02 13.85 61.25
C VAL B 421 23.58 15.17 61.76
N SER B 422 23.33 16.26 61.02
CA SER B 422 23.81 17.57 61.44
C SER B 422 23.43 17.89 62.87
N GLY B 423 22.28 17.39 63.30
CA GLY B 423 21.57 17.90 64.46
C GLY B 423 20.22 18.49 64.12
N THR B 424 19.92 18.73 62.84
CA THR B 424 18.59 19.19 62.44
C THR B 424 17.53 18.14 62.74
N ASN B 425 16.45 18.55 63.42
CA ASN B 425 15.32 17.69 63.73
C ASN B 425 14.04 18.38 63.29
N ALA B 426 13.08 17.59 62.85
CA ALA B 426 11.78 18.09 62.41
C ALA B 426 10.70 17.04 62.64
N HIS B 427 9.53 17.52 63.09
CA HIS B 427 8.36 16.69 63.33
C HIS B 427 7.13 17.37 62.74
N VAL B 428 6.37 16.66 61.89
CA VAL B 428 5.23 17.28 61.23
C VAL B 428 3.97 16.43 61.42
N ILE B 429 2.81 17.12 61.47
CA ILE B 429 1.51 16.53 61.84
C ILE B 429 0.58 16.55 60.63
N ILE B 430 0.32 15.36 60.08
CA ILE B 430 -0.50 15.21 58.88
C ILE B 430 -1.92 14.83 59.30
N ALA B 431 -2.85 15.78 59.17
CA ALA B 431 -4.25 15.56 59.50
C ALA B 431 -5.07 15.24 58.25
N GLU B 432 -6.06 14.34 58.41
CA GLU B 432 -6.90 13.93 57.29
C GLU B 432 -7.68 15.13 56.74
N PRO B 433 -8.06 15.07 55.47
CA PRO B 433 -8.68 16.21 54.84
C PRO B 433 -10.15 16.30 55.19
N PRO B 434 -10.65 17.50 55.52
CA PRO B 434 -12.05 17.75 55.90
C PRO B 434 -13.07 17.30 54.85
N GLY B 446 -21.26 23.40 29.46
CA GLY B 446 -21.15 23.12 28.04
C GLY B 446 -22.38 22.44 27.45
N VAL B 447 -22.17 21.27 26.80
CA VAL B 447 -23.20 20.30 26.36
C VAL B 447 -22.68 19.04 25.66
N LEU B 448 -21.76 18.32 26.31
CA LEU B 448 -21.72 16.89 26.03
C LEU B 448 -23.04 16.22 26.37
N ALA B 449 -23.98 16.98 26.95
CA ALA B 449 -25.37 16.55 27.08
C ALA B 449 -25.87 16.04 25.75
N ALA B 450 -25.82 16.92 24.74
CA ALA B 450 -26.58 16.74 23.51
C ALA B 450 -26.19 15.47 22.77
N ALA B 451 -24.97 14.98 22.94
CA ALA B 451 -24.50 13.75 22.32
C ALA B 451 -24.41 12.63 23.37
N ASN B 452 -24.03 11.44 22.91
CA ASN B 452 -23.98 10.25 23.74
C ASN B 452 -22.61 9.62 23.83
N SER B 453 -21.66 10.07 23.03
CA SER B 453 -20.28 9.63 23.19
C SER B 453 -19.54 10.64 24.06
N VAL B 454 -18.28 10.34 24.36
CA VAL B 454 -17.47 11.29 25.12
C VAL B 454 -16.06 11.25 24.57
N PRO B 455 -15.43 12.37 24.35
CA PRO B 455 -14.06 12.35 23.83
C PRO B 455 -13.03 12.14 24.94
N VAL B 456 -12.41 10.96 24.96
CA VAL B 456 -11.30 10.70 25.86
C VAL B 456 -10.01 10.92 25.09
N LEU B 457 -9.16 11.78 25.64
CA LEU B 457 -8.04 12.33 24.90
C LEU B 457 -6.72 11.81 25.44
N LEU B 458 -5.84 11.43 24.52
CA LEU B 458 -4.46 11.17 24.88
C LEU B 458 -3.52 12.00 24.00
N SER B 459 -2.29 12.12 24.47
CA SER B 459 -1.27 12.98 23.89
C SER B 459 0.07 12.61 24.50
N ALA B 460 1.06 12.40 23.64
CA ALA B 460 2.41 12.08 24.03
C ALA B 460 3.33 12.99 23.26
N ARG B 461 4.63 12.83 23.44
CA ARG B 461 5.53 13.54 22.55
C ARG B 461 6.01 12.67 21.41
N THR B 462 5.87 11.35 21.51
CA THR B 462 6.21 10.48 20.40
C THR B 462 5.15 9.39 20.24
N GLU B 463 4.92 9.01 18.98
CA GLU B 463 3.93 7.98 18.63
C GLU B 463 4.17 6.68 19.38
N THR B 464 5.44 6.36 19.66
CA THR B 464 5.80 5.25 20.53
C THR B 464 5.06 5.34 21.86
N ALA B 465 5.11 6.52 22.47
CA ALA B 465 4.55 6.72 23.79
C ALA B 465 3.04 6.85 23.75
N LEU B 466 2.48 7.37 22.65
CA LEU B 466 1.02 7.34 22.49
C LEU B 466 0.51 5.92 22.44
N ALA B 467 1.23 5.03 21.75
CA ALA B 467 0.81 3.65 21.71
C ALA B 467 0.94 3.00 23.10
N ALA B 468 1.91 3.47 23.89
CA ALA B 468 2.13 2.94 25.24
C ALA B 468 1.11 3.50 26.23
N GLN B 469 0.88 4.82 26.17
CA GLN B 469 -0.25 5.42 26.87
C GLN B 469 -1.55 4.68 26.55
N ALA B 470 -1.69 4.23 25.29
CA ALA B 470 -2.94 3.64 24.82
C ALA B 470 -3.19 2.28 25.46
N ARG B 471 -2.14 1.49 25.70
CA ARG B 471 -2.30 0.24 26.43
C ARG B 471 -2.52 0.52 27.91
N LEU B 472 -1.83 1.52 28.44
CA LEU B 472 -1.90 1.76 29.88
C LEU B 472 -3.26 2.16 30.33
N LEU B 473 -4.27 2.11 29.48
CA LEU B 473 -5.57 2.69 29.79
C LEU B 473 -6.72 1.69 29.69
N GLU B 474 -6.47 0.42 29.43
CA GLU B 474 -7.52 -0.57 29.71
C GLU B 474 -7.67 -0.74 31.19
N SER B 475 -6.57 -1.10 31.85
CA SER B 475 -6.27 -0.70 33.21
C SER B 475 -7.51 -0.36 34.02
N ALA B 476 -7.94 0.91 33.99
CA ALA B 476 -8.87 1.45 34.98
C ALA B 476 -10.20 1.91 34.38
N VAL B 477 -10.78 1.06 33.55
CA VAL B 477 -12.10 1.29 32.99
C VAL B 477 -13.07 0.37 33.72
N ASP B 478 -14.16 0.95 34.27
CA ASP B 478 -15.50 0.33 34.30
C ASP B 478 -16.40 0.71 35.47
N ASP B 479 -16.05 0.34 36.68
CA ASP B 479 -17.09 0.55 37.67
C ASP B 479 -17.00 1.96 38.25
N SER B 480 -16.25 2.11 39.33
CA SER B 480 -16.19 3.33 40.14
C SER B 480 -16.05 4.59 39.29
N VAL B 481 -15.67 4.40 38.02
CA VAL B 481 -15.29 5.40 37.04
C VAL B 481 -16.31 5.36 35.90
N PRO B 482 -17.25 6.33 35.82
CA PRO B 482 -17.97 6.58 34.57
C PRO B 482 -17.03 7.04 33.45
N LEU B 483 -17.57 7.49 32.32
CA LEU B 483 -16.71 7.92 31.23
C LEU B 483 -16.53 9.41 31.16
N THR B 484 -17.57 10.18 31.51
CA THR B 484 -17.39 11.62 31.69
C THR B 484 -16.29 11.91 32.68
N ALA B 485 -16.46 11.40 33.90
CA ALA B 485 -15.45 11.52 34.94
C ALA B 485 -14.07 11.17 34.42
N LEU B 486 -13.93 10.00 33.81
CA LEU B 486 -12.65 9.61 33.23
C LEU B 486 -12.18 10.60 32.16
N ALA B 487 -13.07 10.95 31.23
CA ALA B 487 -12.68 11.80 30.10
C ALA B 487 -12.37 13.22 30.55
N SER B 488 -13.18 13.77 31.48
CA SER B 488 -12.95 15.10 32.04
C SER B 488 -11.59 15.15 32.72
N ALA B 489 -11.16 14.05 33.34
CA ALA B 489 -9.85 13.97 33.95
C ALA B 489 -8.74 14.12 32.92
N LEU B 490 -8.87 13.45 31.77
CA LEU B 490 -7.87 13.39 30.70
C LEU B 490 -7.81 14.63 29.82
N ALA B 491 -8.88 15.43 29.77
CA ALA B 491 -8.88 16.68 29.03
C ALA B 491 -8.62 17.87 29.92
N THR B 492 -9.15 17.87 31.14
CA THR B 492 -8.89 18.98 32.04
C THR B 492 -7.58 18.85 32.80
N GLY B 493 -7.12 17.62 33.06
CA GLY B 493 -5.93 17.46 33.87
C GLY B 493 -4.64 17.29 33.13
N ARG B 494 -4.69 16.80 31.90
CA ARG B 494 -3.47 16.53 31.19
C ARG B 494 -3.03 17.71 30.33
N ALA B 495 -1.71 17.88 30.24
CA ALA B 495 -1.14 18.75 29.24
C ALA B 495 -1.31 18.12 27.86
N HIS B 496 -1.51 18.98 26.87
CA HIS B 496 -1.81 18.53 25.52
C HIS B 496 -0.54 18.61 24.69
N LEU B 497 -0.05 17.44 24.27
CA LEU B 497 1.27 17.36 23.63
C LEU B 497 1.14 17.29 22.09
N PRO B 498 2.26 17.25 21.37
CA PRO B 498 2.22 17.10 19.93
C PRO B 498 1.28 16.02 19.41
N ARG B 499 1.73 14.78 19.34
CA ARG B 499 0.94 13.67 18.79
C ARG B 499 -0.25 13.37 19.70
N ARG B 500 -1.48 13.58 19.20
CA ARG B 500 -2.67 13.44 20.02
C ARG B 500 -3.55 12.33 19.46
N ALA B 501 -4.57 11.97 20.25
CA ALA B 501 -5.45 10.84 19.96
C ALA B 501 -6.77 11.03 20.69
N ALA B 502 -7.88 10.93 19.97
CA ALA B 502 -9.20 11.12 20.56
C ALA B 502 -10.06 9.89 20.26
N LEU B 503 -10.39 9.16 21.31
CA LEU B 503 -11.30 8.02 21.22
C LEU B 503 -12.67 8.49 21.70
N LEU B 504 -13.68 8.38 20.85
CA LEU B 504 -15.04 8.76 21.19
C LEU B 504 -15.84 7.51 21.49
N ALA B 505 -16.28 7.39 22.74
CA ALA B 505 -16.95 6.21 23.26
C ALA B 505 -18.17 6.62 24.07
N GLY B 506 -19.07 5.68 24.22
CA GLY B 506 -20.28 5.86 25.01
C GLY B 506 -20.56 4.66 25.88
N ASP B 507 -19.58 3.75 25.94
CA ASP B 507 -19.55 2.65 26.89
C ASP B 507 -18.09 2.21 27.03
N HIS B 508 -17.81 1.59 28.18
CA HIS B 508 -16.44 1.23 28.52
C HIS B 508 -15.88 0.19 27.56
N GLU B 509 -16.66 -0.85 27.27
CA GLU B 509 -16.12 -1.95 26.48
C GLU B 509 -15.68 -1.49 25.10
N GLN B 510 -16.52 -0.69 24.44
CA GLN B 510 -16.17 -0.10 23.14
C GLN B 510 -14.84 0.63 23.20
N LEU B 511 -14.56 1.26 24.35
CA LEU B 511 -13.37 2.09 24.53
C LEU B 511 -12.13 1.25 24.78
N ARG B 512 -12.25 0.05 25.37
CA ARG B 512 -11.06 -0.79 25.45
C ARG B 512 -10.55 -1.12 24.06
N GLY B 513 -11.48 -1.32 23.11
CA GLY B 513 -11.09 -1.68 21.76
C GLY B 513 -10.41 -0.53 21.04
N GLN B 514 -10.95 0.68 21.21
CA GLN B 514 -10.33 1.83 20.58
C GLN B 514 -8.89 2.02 21.07
N LEU B 515 -8.67 1.91 22.38
CA LEU B 515 -7.33 2.10 22.92
C LEU B 515 -6.41 0.98 22.50
N ARG B 516 -6.96 -0.24 22.46
CA ARG B 516 -6.21 -1.36 21.92
C ARG B 516 -5.79 -1.08 20.50
N ALA B 517 -6.67 -0.46 19.70
CA ALA B 517 -6.32 -0.15 18.33
C ALA B 517 -5.10 0.77 18.28
N VAL B 518 -5.20 1.93 18.96
CA VAL B 518 -4.09 2.87 19.01
C VAL B 518 -2.85 2.24 19.62
N ALA B 519 -3.02 1.22 20.46
CA ALA B 519 -1.87 0.47 20.95
C ALA B 519 -1.02 -0.10 19.83
N GLU B 520 -1.54 -0.22 18.60
CA GLU B 520 -0.74 -0.74 17.50
C GLU B 520 -0.80 0.12 16.23
N GLY B 521 -1.24 1.38 16.33
CA GLY B 521 -1.36 2.21 15.12
C GLY B 521 -2.40 1.73 14.14
N VAL B 522 -3.36 0.92 14.60
CA VAL B 522 -4.44 0.34 13.82
C VAL B 522 -5.69 1.21 13.96
N ALA B 523 -6.50 1.29 12.90
CA ALA B 523 -7.71 2.09 12.93
C ALA B 523 -8.85 1.38 13.67
N ALA B 524 -9.90 2.15 13.95
CA ALA B 524 -11.11 1.68 14.61
C ALA B 524 -12.15 2.80 14.60
N PRO B 525 -13.44 2.46 14.70
CA PRO B 525 -14.47 3.51 14.74
C PRO B 525 -14.31 4.40 15.96
N GLY B 526 -14.60 5.70 15.78
CA GLY B 526 -14.56 6.69 16.84
C GLY B 526 -13.15 7.06 17.28
N ALA B 527 -12.18 6.43 16.65
CA ALA B 527 -10.79 6.52 17.02
C ALA B 527 -10.05 7.37 16.00
N THR B 528 -9.78 8.63 16.34
CA THR B 528 -8.97 9.49 15.51
C THR B 528 -7.63 9.78 16.18
N THR B 529 -6.55 9.54 15.45
CA THR B 529 -5.21 9.94 15.83
C THR B 529 -4.74 11.11 14.98
N GLY B 530 -3.75 11.84 15.45
CA GLY B 530 -3.39 13.06 14.78
C GLY B 530 -2.07 13.60 15.24
N THR B 531 -1.89 14.91 15.01
CA THR B 531 -0.63 15.57 15.26
C THR B 531 -0.89 17.07 15.31
N ALA B 532 -0.54 17.68 16.43
CA ALA B 532 -1.01 19.01 16.75
C ALA B 532 -0.35 20.04 15.84
N SER B 533 -1.16 20.98 15.35
CA SER B 533 -0.68 22.03 14.44
C SER B 533 -1.31 23.35 14.84
N ALA B 534 -0.49 24.27 15.36
CA ALA B 534 -0.96 25.53 15.91
C ALA B 534 -1.59 26.41 14.84
N GLY B 535 -1.73 27.69 15.12
CA GLY B 535 -2.31 28.61 14.16
C GLY B 535 -3.81 28.76 14.37
N GLY B 536 -4.35 29.77 13.70
CA GLY B 536 -5.76 30.09 13.80
C GLY B 536 -6.64 29.10 13.04
N VAL B 537 -7.91 29.49 12.93
CA VAL B 537 -8.94 28.67 12.31
C VAL B 537 -9.86 29.57 11.49
N VAL B 538 -10.23 29.09 10.29
CA VAL B 538 -11.11 29.85 9.41
C VAL B 538 -12.48 29.20 9.44
N PHE B 539 -13.50 30.01 9.71
CA PHE B 539 -14.87 29.52 9.80
C PHE B 539 -15.53 29.69 8.44
N VAL B 540 -16.06 28.56 7.90
CA VAL B 540 -16.75 28.43 6.61
C VAL B 540 -18.26 28.42 6.82
N PHE B 541 -18.98 29.19 6.02
CA PHE B 541 -20.43 29.29 6.19
C PHE B 541 -21.12 28.93 4.88
N PRO B 542 -21.33 27.61 4.61
CA PRO B 542 -21.97 27.21 3.34
C PRO B 542 -23.37 27.76 3.14
N GLY B 543 -24.02 27.45 2.03
CA GLY B 543 -25.29 28.09 1.79
C GLY B 543 -26.40 27.07 1.85
N GLN B 544 -27.30 27.14 0.87
CA GLN B 544 -28.31 26.11 0.69
C GLN B 544 -27.67 24.79 0.28
N GLY B 545 -28.39 23.70 0.52
CA GLY B 545 -27.90 22.37 0.24
C GLY B 545 -27.48 21.63 1.49
N ALA B 546 -27.20 22.35 2.57
CA ALA B 546 -26.88 21.72 3.85
C ALA B 546 -28.15 21.24 4.58
N GLN B 547 -29.25 22.01 4.48
CA GLN B 547 -30.36 21.96 5.43
C GLN B 547 -31.01 20.58 5.48
N TRP B 548 -31.69 20.32 6.61
CA TRP B 548 -32.59 19.19 6.81
C TRP B 548 -33.62 19.50 7.90
N GLU B 549 -34.80 18.87 7.76
CA GLU B 549 -35.87 19.00 8.77
C GLU B 549 -35.40 18.49 10.12
N GLY B 550 -35.42 19.38 11.11
CA GLY B 550 -34.96 19.08 12.45
C GLY B 550 -33.48 19.24 12.69
N MET B 551 -32.75 19.97 11.84
CA MET B 551 -31.36 20.26 12.16
C MET B 551 -31.25 20.99 13.49
N ALA B 552 -30.24 20.60 14.26
CA ALA B 552 -29.87 21.32 15.46
C ALA B 552 -31.07 21.47 16.40
N ARG B 553 -31.94 20.45 16.46
CA ARG B 553 -33.01 20.52 17.45
C ARG B 553 -32.45 20.20 18.83
N GLY B 554 -31.46 19.29 18.87
CA GLY B 554 -30.78 18.98 20.13
C GLY B 554 -30.13 20.19 20.78
N LEU B 555 -29.52 21.07 19.98
CA LEU B 555 -28.85 22.24 20.51
C LEU B 555 -29.78 23.25 21.14
N LEU B 556 -31.11 23.12 20.97
CA LEU B 556 -31.97 24.19 21.46
C LEU B 556 -32.11 24.20 22.96
N SER B 557 -31.53 23.19 23.62
CA SER B 557 -31.45 23.08 25.07
C SER B 557 -30.11 23.57 25.63
N VAL B 558 -29.10 23.74 24.77
CA VAL B 558 -27.76 24.26 25.06
C VAL B 558 -27.77 25.76 25.28
N PRO B 559 -27.54 26.26 26.48
CA PRO B 559 -27.88 27.67 26.75
C PRO B 559 -27.25 28.68 25.79
N VAL B 560 -26.01 28.47 25.31
CA VAL B 560 -25.39 29.47 24.43
C VAL B 560 -25.99 29.43 23.02
N PHE B 561 -26.34 28.24 22.54
CA PHE B 561 -26.98 28.10 21.23
C PHE B 561 -28.40 28.65 21.24
N ALA B 562 -29.14 28.39 22.31
CA ALA B 562 -30.49 28.90 22.39
C ALA B 562 -30.49 30.41 22.53
N GLU B 563 -29.46 30.95 23.19
CA GLU B 563 -29.49 32.37 23.51
C GLU B 563 -29.44 33.21 22.25
N SER B 564 -28.61 32.79 21.28
CA SER B 564 -28.53 33.50 20.01
C SER B 564 -29.74 33.16 19.13
N ILE B 565 -30.14 31.87 19.08
CA ILE B 565 -31.36 31.51 18.37
C ILE B 565 -32.51 32.36 18.87
N ALA B 566 -32.42 32.81 20.12
CA ALA B 566 -33.40 33.76 20.61
C ALA B 566 -33.23 35.15 20.00
N GLU B 567 -31.98 35.57 19.76
CA GLU B 567 -31.74 36.94 19.29
C GLU B 567 -32.15 37.09 17.82
N CYS B 568 -31.78 36.11 16.99
CA CYS B 568 -32.38 36.04 15.67
C CYS B 568 -33.88 36.16 15.80
N ASP B 569 -34.48 35.23 16.56
CA ASP B 569 -35.93 35.15 16.72
C ASP B 569 -36.55 36.54 16.81
N ALA B 570 -35.95 37.41 17.61
CA ALA B 570 -36.58 38.69 17.86
C ALA B 570 -36.69 39.51 16.57
N VAL B 571 -35.69 39.42 15.70
CA VAL B 571 -35.73 40.20 14.47
C VAL B 571 -36.35 39.40 13.33
N LEU B 572 -36.10 38.09 13.27
CA LEU B 572 -36.70 37.30 12.19
C LEU B 572 -38.23 37.29 12.29
N SER B 573 -38.77 37.32 13.49
CA SER B 573 -40.19 37.58 13.59
C SER B 573 -40.51 39.01 13.16
N GLU B 574 -39.57 39.93 13.32
CA GLU B 574 -39.87 41.32 13.02
C GLU B 574 -40.00 41.59 11.52
N VAL B 575 -39.25 40.87 10.70
CA VAL B 575 -39.22 41.14 9.28
C VAL B 575 -40.19 40.20 8.60
N ALA B 576 -40.41 39.03 9.21
CA ALA B 576 -41.06 37.91 8.56
C ALA B 576 -42.21 37.30 9.35
N GLY B 577 -42.59 37.88 10.49
CA GLY B 577 -43.63 37.32 11.34
C GLY B 577 -43.52 35.84 11.60
N PHE B 578 -42.29 35.33 11.73
CA PHE B 578 -42.12 34.03 12.37
C PHE B 578 -40.74 33.93 13.03
N SER B 579 -40.63 33.00 13.95
CA SER B 579 -39.39 32.77 14.67
C SER B 579 -38.62 31.64 14.03
N ALA B 580 -37.32 31.59 14.31
CA ALA B 580 -36.55 30.47 13.82
C ALA B 580 -36.70 29.25 14.70
N SER B 581 -37.25 29.41 15.89
CA SER B 581 -37.35 28.29 16.83
C SER B 581 -38.55 27.41 16.49
N GLU B 582 -39.68 28.04 16.09
CA GLU B 582 -40.83 27.40 15.47
C GLU B 582 -40.37 26.29 14.55
N VAL B 583 -39.89 26.70 13.38
CA VAL B 583 -39.36 25.79 12.36
C VAL B 583 -38.44 24.74 12.96
N LEU B 584 -37.69 25.09 14.01
CA LEU B 584 -36.59 24.27 14.52
C LEU B 584 -36.97 23.36 15.66
N GLU B 585 -37.91 23.78 16.50
CA GLU B 585 -38.72 22.88 17.32
C GLU B 585 -39.69 22.04 16.50
N GLN B 586 -39.88 22.36 15.22
CA GLN B 586 -40.83 21.68 14.35
C GLN B 586 -42.27 21.80 14.86
N ARG B 587 -42.57 22.90 15.55
CA ARG B 587 -43.94 23.24 15.87
C ARG B 587 -44.86 22.91 14.69
N PRO B 588 -46.09 22.42 14.96
CA PRO B 588 -46.94 21.90 13.86
C PRO B 588 -47.36 22.94 12.82
N ASP B 589 -47.54 24.21 13.23
CA ASP B 589 -48.04 25.29 12.38
C ASP B 589 -46.91 26.16 11.81
N ALA B 590 -45.65 25.77 12.06
CA ALA B 590 -44.49 26.52 11.61
C ALA B 590 -44.40 26.55 10.08
N PRO B 591 -43.89 27.63 9.50
CA PRO B 591 -43.76 27.70 8.05
C PRO B 591 -42.81 26.64 7.54
N SER B 592 -42.98 26.24 6.28
CA SER B 592 -42.21 25.12 5.75
C SER B 592 -40.80 25.49 5.31
N LEU B 593 -39.86 24.57 5.58
CA LEU B 593 -38.52 24.64 5.03
C LEU B 593 -38.50 24.43 3.53
N GLU B 594 -39.64 24.08 2.93
CA GLU B 594 -39.69 24.04 1.47
C GLU B 594 -39.65 25.43 0.89
N ARG B 595 -40.09 26.44 1.64
CA ARG B 595 -40.04 27.82 1.16
C ARG B 595 -38.64 28.40 1.28
N VAL B 596 -38.17 29.02 0.20
CA VAL B 596 -36.86 29.69 0.21
C VAL B 596 -36.83 30.79 1.25
N ASP B 597 -37.94 31.53 1.41
CA ASP B 597 -37.89 32.68 2.31
C ASP B 597 -38.04 32.26 3.77
N VAL B 598 -38.21 30.96 4.03
CA VAL B 598 -38.12 30.38 5.37
C VAL B 598 -36.77 29.69 5.55
N VAL B 599 -36.46 28.72 4.70
CA VAL B 599 -35.30 27.88 4.98
C VAL B 599 -34.08 28.76 5.19
N GLN B 600 -33.96 29.83 4.41
CA GLN B 600 -32.71 30.58 4.38
C GLN B 600 -32.47 31.31 5.69
N PRO B 601 -33.42 32.09 6.22
CA PRO B 601 -33.20 32.67 7.58
C PRO B 601 -33.04 31.61 8.68
N VAL B 602 -33.80 30.51 8.62
CA VAL B 602 -33.57 29.40 9.53
C VAL B 602 -32.11 28.95 9.47
N LEU B 603 -31.56 28.80 8.26
CA LEU B 603 -30.16 28.40 8.12
C LEU B 603 -29.21 29.41 8.75
N PHE B 604 -29.47 30.70 8.55
CA PHE B 604 -28.63 31.74 9.12
C PHE B 604 -28.49 31.54 10.63
N SER B 605 -29.62 31.57 11.34
CA SER B 605 -29.62 31.50 12.81
C SER B 605 -28.92 30.24 13.29
N VAL B 606 -29.20 29.10 12.66
CA VAL B 606 -28.43 27.91 12.95
C VAL B 606 -26.94 28.19 12.76
N MET B 607 -26.62 28.98 11.73
CA MET B 607 -25.23 29.10 11.32
C MET B 607 -24.43 30.05 12.24
N VAL B 608 -25.02 31.18 12.65
CA VAL B 608 -24.31 32.10 13.51
C VAL B 608 -24.31 31.62 14.96
N SER B 609 -25.24 30.73 15.30
CA SER B 609 -25.31 30.19 16.65
C SER B 609 -24.33 29.04 16.82
N LEU B 610 -24.15 28.23 15.78
CA LEU B 610 -23.04 27.28 15.83
C LEU B 610 -21.71 28.00 16.00
N ALA B 611 -21.58 29.20 15.41
CA ALA B 611 -20.38 29.99 15.64
C ALA B 611 -20.26 30.35 17.11
N ARG B 612 -21.31 30.96 17.65
CA ARG B 612 -21.35 31.22 19.09
C ARG B 612 -21.16 29.95 19.88
N LEU B 613 -21.80 28.86 19.47
CA LEU B 613 -21.57 27.63 20.20
C LEU B 613 -20.08 27.29 20.22
N TRP B 614 -19.39 27.34 19.08
CA TRP B 614 -17.98 26.95 19.10
C TRP B 614 -17.17 27.93 19.94
N GLY B 615 -17.63 29.17 20.04
CA GLY B 615 -16.98 30.17 20.85
C GLY B 615 -16.90 29.65 22.27
N ALA B 616 -18.08 29.42 22.84
CA ALA B 616 -18.24 28.66 24.08
C ALA B 616 -17.16 27.58 24.26
N CYS B 617 -17.01 26.65 23.31
CA CYS B 617 -16.06 25.57 23.52
C CYS B 617 -14.64 26.02 23.25
N GLY B 618 -14.44 27.34 23.29
CA GLY B 618 -13.13 27.95 23.25
C GLY B 618 -12.56 28.27 21.88
N VAL B 619 -13.36 28.22 20.80
CA VAL B 619 -12.81 28.33 19.45
C VAL B 619 -13.44 29.53 18.75
N SER B 620 -12.67 30.63 18.65
CA SER B 620 -13.14 31.78 17.90
C SER B 620 -12.37 31.92 16.60
N PRO B 621 -13.05 32.27 15.50
CA PRO B 621 -12.39 32.20 14.19
C PRO B 621 -11.42 33.35 13.98
N SER B 622 -10.40 33.10 13.15
CA SER B 622 -9.52 34.17 12.72
C SER B 622 -9.82 34.67 11.31
N ALA B 623 -10.62 33.95 10.53
CA ALA B 623 -11.09 34.48 9.26
C ALA B 623 -12.35 33.73 8.83
N VAL B 624 -13.21 34.43 8.10
CA VAL B 624 -14.47 33.88 7.65
C VAL B 624 -14.53 33.92 6.13
N ILE B 625 -15.06 32.84 5.57
CA ILE B 625 -15.33 32.65 4.17
C ILE B 625 -16.82 32.34 4.06
N GLY B 626 -17.56 33.20 3.35
CA GLY B 626 -18.97 32.96 3.10
C GLY B 626 -19.28 32.31 1.74
N HIS B 627 -20.49 31.77 1.59
CA HIS B 627 -20.87 31.10 0.34
C HIS B 627 -22.30 31.46 0.01
N SER B 628 -22.49 32.30 -0.98
CA SER B 628 -23.84 32.69 -1.34
C SER B 628 -24.47 33.31 -0.08
N GLN B 629 -25.62 32.81 0.36
CA GLN B 629 -26.26 33.34 1.56
C GLN B 629 -25.35 33.23 2.76
N GLY B 630 -24.56 32.16 2.80
CA GLY B 630 -23.54 31.97 3.82
C GLY B 630 -22.85 33.26 4.20
N GLU B 631 -22.47 34.05 3.19
CA GLU B 631 -21.76 35.29 3.43
C GLU B 631 -22.51 36.23 4.37
N ILE B 632 -23.84 36.12 4.47
CA ILE B 632 -24.49 37.03 5.41
C ILE B 632 -24.20 36.56 6.82
N ALA B 633 -24.05 35.25 7.01
CA ALA B 633 -23.62 34.77 8.32
C ALA B 633 -22.20 35.21 8.58
N ALA B 634 -21.29 34.97 7.63
CA ALA B 634 -19.93 35.51 7.69
C ALA B 634 -19.93 37.00 8.03
N ALA B 635 -20.60 37.81 7.20
CA ALA B 635 -20.74 39.23 7.51
C ALA B 635 -21.10 39.56 8.97
N VAL B 636 -21.72 38.66 9.74
CA VAL B 636 -22.09 39.01 11.10
C VAL B 636 -21.04 38.51 12.10
N VAL B 637 -20.62 37.24 11.95
CA VAL B 637 -19.52 36.70 12.73
C VAL B 637 -18.31 37.61 12.63
N ALA B 638 -18.07 38.15 11.45
CA ALA B 638 -16.93 39.01 11.21
C ALA B 638 -17.18 40.47 11.57
N GLY B 639 -18.34 40.82 12.11
CA GLY B 639 -18.56 42.17 12.57
C GLY B 639 -19.11 43.13 11.54
N VAL B 640 -19.16 42.71 10.26
CA VAL B 640 -19.51 43.60 9.14
C VAL B 640 -20.94 44.12 9.29
N LEU B 641 -21.87 43.28 9.76
CA LEU B 641 -23.23 43.73 10.00
C LEU B 641 -23.67 43.33 11.41
N SER B 642 -24.46 44.20 12.04
CA SER B 642 -25.17 43.79 13.23
C SER B 642 -26.02 42.57 12.90
N LEU B 643 -26.42 41.81 13.92
CA LEU B 643 -27.28 40.67 13.63
C LEU B 643 -28.68 41.12 13.28
N GLU B 644 -29.10 42.28 13.78
CA GLU B 644 -30.35 42.88 13.30
C GLU B 644 -30.30 43.12 11.78
N ASP B 645 -29.16 43.58 11.29
CA ASP B 645 -29.03 43.88 9.87
C ASP B 645 -28.85 42.60 9.07
N GLY B 646 -27.94 41.73 9.52
CA GLY B 646 -27.75 40.43 8.91
C GLY B 646 -29.01 39.61 8.80
N VAL B 647 -29.99 39.84 9.67
CA VAL B 647 -31.27 39.14 9.52
C VAL B 647 -32.08 39.76 8.38
N ARG B 648 -32.33 41.09 8.47
CA ARG B 648 -32.93 41.88 7.39
C ARG B 648 -32.44 41.45 6.02
N VAL B 649 -31.25 40.91 5.91
CA VAL B 649 -30.70 40.67 4.58
C VAL B 649 -31.15 39.29 4.13
N VAL B 650 -30.67 38.23 4.77
CA VAL B 650 -31.08 36.88 4.38
C VAL B 650 -32.61 36.72 4.37
N ALA B 651 -33.32 37.52 5.16
CA ALA B 651 -34.77 37.51 5.09
C ALA B 651 -35.21 38.13 3.79
N LEU B 652 -35.33 39.47 3.81
CA LEU B 652 -35.79 40.26 2.67
C LEU B 652 -35.16 39.82 1.34
N ARG B 653 -33.93 39.36 1.35
CA ARG B 653 -33.41 38.86 0.09
C ARG B 653 -33.96 37.49 -0.21
N ALA B 654 -34.25 36.66 0.78
CA ALA B 654 -34.82 35.37 0.37
C ALA B 654 -36.31 35.50 0.07
N LYS B 655 -37.00 36.45 0.72
CA LYS B 655 -38.39 36.72 0.38
C LYS B 655 -38.52 37.27 -1.04
N ALA B 656 -37.72 38.29 -1.40
CA ALA B 656 -37.63 38.72 -2.80
C ALA B 656 -37.17 37.58 -3.70
N LEU B 657 -36.50 36.57 -3.15
CA LEU B 657 -36.10 35.45 -3.98
C LEU B 657 -37.27 34.57 -4.40
N ARG B 658 -38.44 34.61 -3.71
CA ARG B 658 -39.56 33.71 -4.04
C ARG B 658 -39.96 33.82 -5.52
N ALA B 659 -39.85 35.02 -6.08
CA ALA B 659 -40.22 35.28 -7.46
C ALA B 659 -39.46 34.44 -8.46
N LEU B 660 -38.35 33.83 -8.09
CA LEU B 660 -37.68 33.03 -9.10
C LEU B 660 -38.01 31.57 -8.95
N ALA B 661 -38.90 31.23 -8.01
CA ALA B 661 -39.23 29.84 -7.75
C ALA B 661 -40.14 29.27 -8.82
N GLY B 662 -39.86 28.04 -9.24
CA GLY B 662 -40.62 27.40 -10.28
C GLY B 662 -40.23 27.78 -11.69
N LYS B 663 -39.31 28.74 -11.85
CA LYS B 663 -38.82 29.11 -13.16
C LYS B 663 -37.41 28.62 -13.44
N GLY B 664 -36.69 28.16 -12.41
CA GLY B 664 -35.25 27.93 -12.52
C GLY B 664 -34.77 26.61 -11.96
N GLY B 665 -33.44 26.42 -11.93
CA GLY B 665 -32.85 25.23 -11.33
C GLY B 665 -31.34 25.40 -11.22
N MET B 666 -30.68 24.35 -10.78
CA MET B 666 -29.23 24.30 -10.68
C MET B 666 -28.83 22.86 -10.96
N VAL B 667 -27.54 22.65 -11.21
CA VAL B 667 -27.01 21.33 -11.59
C VAL B 667 -25.57 21.24 -11.11
N SER B 668 -25.26 20.19 -10.38
CA SER B 668 -23.91 19.94 -9.87
C SER B 668 -23.09 19.19 -10.92
N LEU B 669 -21.84 19.61 -11.11
CA LEU B 669 -20.92 18.97 -12.04
C LEU B 669 -19.58 18.68 -11.39
N ALA B 670 -19.09 17.45 -11.57
CA ALA B 670 -17.71 17.11 -11.21
C ALA B 670 -16.83 17.36 -12.41
N ALA B 671 -16.50 18.63 -12.64
CA ALA B 671 -15.49 18.99 -13.61
C ALA B 671 -15.00 20.39 -13.30
N PRO B 672 -13.78 20.75 -13.69
CA PRO B 672 -13.26 22.08 -13.39
C PRO B 672 -14.12 23.15 -14.03
N GLY B 673 -13.94 24.38 -13.57
CA GLY B 673 -14.70 25.47 -14.16
C GLY B 673 -14.38 25.73 -15.62
N GLU B 674 -13.22 25.26 -16.12
CA GLU B 674 -12.93 25.40 -17.54
C GLU B 674 -13.86 24.51 -18.33
N ARG B 675 -13.77 23.20 -18.10
CA ARG B 675 -14.67 22.25 -18.75
C ARG B 675 -16.12 22.61 -18.50
N ALA B 676 -16.42 23.21 -17.35
CA ALA B 676 -17.78 23.68 -17.11
C ALA B 676 -18.26 24.64 -18.21
N ARG B 677 -17.50 25.71 -18.50
CA ARG B 677 -17.99 26.68 -19.48
C ARG B 677 -17.87 26.20 -20.92
N ALA B 678 -16.97 25.24 -21.17
CA ALA B 678 -17.07 24.48 -22.40
C ALA B 678 -18.45 23.87 -22.52
N LEU B 679 -18.89 23.17 -21.50
CA LEU B 679 -20.04 22.28 -21.63
C LEU B 679 -21.36 23.03 -21.63
N ILE B 680 -21.45 24.20 -21.00
CA ILE B 680 -22.69 24.97 -21.13
C ILE B 680 -22.64 25.93 -22.30
N ALA B 681 -21.54 25.98 -23.05
CA ALA B 681 -21.43 26.89 -24.19
C ALA B 681 -22.61 26.78 -25.14
N PRO B 682 -23.06 25.58 -25.56
CA PRO B 682 -24.28 25.48 -26.36
C PRO B 682 -25.48 26.19 -25.80
N TRP B 683 -25.61 26.31 -24.51
CA TRP B 683 -26.70 27.08 -23.93
C TRP B 683 -26.16 28.25 -23.16
N GLU B 684 -25.17 28.95 -23.75
CA GLU B 684 -24.46 30.03 -23.08
C GLU B 684 -25.41 31.05 -22.45
N ASP B 685 -26.53 31.33 -23.10
CA ASP B 685 -27.64 32.04 -22.50
C ASP B 685 -28.52 31.04 -21.78
N ARG B 686 -29.44 31.55 -20.96
CA ARG B 686 -30.26 30.67 -20.09
C ARG B 686 -29.47 29.98 -18.97
N ILE B 687 -28.21 29.61 -19.18
CA ILE B 687 -27.40 28.89 -18.19
C ILE B 687 -26.16 29.72 -17.84
N SER B 688 -25.98 29.96 -16.53
CA SER B 688 -24.87 30.69 -15.93
C SER B 688 -23.96 29.66 -15.25
N VAL B 689 -22.70 30.04 -14.94
CA VAL B 689 -21.91 29.29 -13.96
C VAL B 689 -22.09 29.95 -12.61
N ALA B 690 -22.77 29.24 -11.69
CA ALA B 690 -23.24 29.82 -10.45
C ALA B 690 -22.21 29.80 -9.33
N ALA B 691 -21.24 28.87 -9.39
CA ALA B 691 -20.19 28.77 -8.40
C ALA B 691 -19.12 27.79 -8.86
N VAL B 692 -17.85 28.17 -8.59
CA VAL B 692 -16.69 27.29 -8.70
C VAL B 692 -16.24 26.98 -7.29
N ASN B 693 -16.41 25.71 -6.87
CA ASN B 693 -16.20 25.28 -5.49
C ASN B 693 -14.81 24.69 -5.28
N SER B 694 -14.27 24.00 -6.29
CA SER B 694 -12.96 23.37 -6.29
C SER B 694 -12.63 22.81 -7.66
N PRO B 695 -11.34 22.54 -7.94
CA PRO B 695 -10.96 21.83 -9.18
C PRO B 695 -11.78 20.62 -9.57
N SER B 696 -12.83 20.33 -8.83
CA SER B 696 -13.63 19.19 -9.19
C SER B 696 -15.11 19.42 -8.91
N SER B 697 -15.53 20.67 -8.69
CA SER B 697 -16.91 20.90 -8.30
C SER B 697 -17.38 22.24 -8.81
N VAL B 698 -18.45 22.23 -9.60
CA VAL B 698 -19.03 23.43 -10.20
C VAL B 698 -20.54 23.33 -10.13
N VAL B 699 -21.19 24.46 -9.89
CA VAL B 699 -22.65 24.51 -9.90
C VAL B 699 -23.08 25.48 -10.99
N VAL B 700 -23.84 24.95 -11.96
CA VAL B 700 -24.47 25.79 -12.97
C VAL B 700 -25.90 26.00 -12.51
N SER B 701 -26.49 27.08 -12.98
CA SER B 701 -27.81 27.53 -12.58
C SER B 701 -28.41 28.23 -13.81
N GLY B 702 -29.75 28.13 -13.95
CA GLY B 702 -30.35 28.68 -15.16
C GLY B 702 -31.77 28.24 -15.48
N ASP B 703 -32.02 27.86 -16.74
CA ASP B 703 -33.35 27.44 -17.20
C ASP B 703 -33.50 25.92 -17.13
N PRO B 704 -34.67 25.46 -16.68
CA PRO B 704 -34.84 24.01 -16.43
C PRO B 704 -34.62 23.10 -17.65
N GLU B 705 -35.31 23.36 -18.77
CA GLU B 705 -35.12 22.58 -19.99
C GLU B 705 -33.67 22.59 -20.46
N ALA B 706 -33.04 23.78 -20.49
CA ALA B 706 -31.62 23.90 -20.83
C ALA B 706 -30.73 23.08 -19.91
N LEU B 707 -31.05 23.06 -18.62
CA LEU B 707 -30.29 22.18 -17.73
C LEU B 707 -30.49 20.71 -18.08
N ALA B 708 -31.70 20.33 -18.52
CA ALA B 708 -31.96 18.94 -18.92
C ALA B 708 -31.16 18.57 -20.17
N GLU B 709 -31.11 19.44 -21.16
CA GLU B 709 -30.24 19.15 -22.30
C GLU B 709 -28.76 19.16 -21.89
N LEU B 710 -28.37 20.01 -20.93
CA LEU B 710 -26.98 20.02 -20.46
C LEU B 710 -26.58 18.69 -19.84
N VAL B 711 -27.38 18.19 -18.87
CA VAL B 711 -27.00 16.94 -18.21
C VAL B 711 -26.95 15.80 -19.21
N ALA B 712 -27.90 15.81 -20.17
CA ALA B 712 -27.93 14.83 -21.24
C ALA B 712 -26.59 14.81 -21.97
N ARG B 713 -26.10 16.00 -22.31
CA ARG B 713 -24.75 16.10 -22.83
C ARG B 713 -23.75 15.50 -21.85
N CYS B 714 -23.82 15.88 -20.58
CA CYS B 714 -22.79 15.47 -19.64
C CYS B 714 -22.65 13.96 -19.62
N GLU B 715 -23.78 13.24 -19.62
CA GLU B 715 -23.72 11.79 -19.51
C GLU B 715 -23.17 11.19 -20.79
N ASP B 716 -23.60 11.70 -21.94
CA ASP B 716 -22.92 11.38 -23.19
C ASP B 716 -21.41 11.52 -23.05
N GLU B 717 -20.96 12.72 -22.66
CA GLU B 717 -19.52 12.91 -22.57
C GLU B 717 -18.93 12.30 -21.31
N GLY B 718 -19.75 11.58 -20.55
CA GLY B 718 -19.30 10.83 -19.39
C GLY B 718 -18.66 11.68 -18.32
N VAL B 719 -19.40 12.66 -17.80
CA VAL B 719 -18.98 13.44 -16.65
C VAL B 719 -20.13 13.43 -15.65
N ARG B 720 -19.81 13.12 -14.40
CA ARG B 720 -20.84 13.01 -13.38
C ARG B 720 -21.56 14.35 -13.19
N ALA B 721 -22.89 14.31 -13.18
CA ALA B 721 -23.68 15.51 -12.99
C ALA B 721 -24.92 15.16 -12.16
N LYS B 722 -25.62 16.18 -11.67
CA LYS B 722 -26.70 15.93 -10.73
C LYS B 722 -27.59 17.17 -10.65
N THR B 723 -28.84 17.06 -11.07
CA THR B 723 -29.79 18.15 -10.92
C THR B 723 -30.03 18.38 -9.44
N LEU B 724 -30.01 19.64 -9.01
CA LEU B 724 -30.15 19.88 -7.58
C LEU B 724 -31.61 20.06 -7.21
N PRO B 725 -31.98 19.80 -5.96
CA PRO B 725 -33.39 19.94 -5.53
C PRO B 725 -33.79 21.38 -5.24
N VAL B 726 -33.62 22.25 -6.23
CA VAL B 726 -34.11 23.63 -6.18
C VAL B 726 -34.95 23.90 -7.42
N ASP B 727 -35.85 24.88 -7.29
CA ASP B 727 -36.68 25.41 -8.36
C ASP B 727 -36.52 26.92 -8.47
N TYR B 728 -35.28 27.38 -8.37
CA TYR B 728 -34.90 28.77 -8.66
C TYR B 728 -33.43 28.74 -9.05
N ALA B 729 -33.08 29.55 -10.05
CA ALA B 729 -31.72 29.55 -10.58
C ALA B 729 -30.94 30.67 -9.90
N SER B 730 -30.25 30.31 -8.83
CA SER B 730 -29.53 31.31 -8.08
C SER B 730 -28.20 31.56 -8.76
N HIS B 731 -27.81 32.84 -8.84
CA HIS B 731 -26.55 33.28 -9.45
C HIS B 731 -26.63 33.15 -10.97
N SER B 732 -27.55 33.90 -11.58
CA SER B 732 -27.91 33.67 -12.97
C SER B 732 -28.56 34.94 -13.48
N ARG B 733 -28.80 34.98 -14.80
CA ARG B 733 -29.57 36.08 -15.37
C ARG B 733 -30.94 36.23 -14.74
N HIS B 734 -31.46 35.17 -14.09
CA HIS B 734 -32.80 35.21 -13.49
C HIS B 734 -32.89 36.24 -12.38
N VAL B 735 -31.81 36.34 -11.58
CA VAL B 735 -31.73 37.25 -10.43
C VAL B 735 -31.85 38.71 -10.82
N GLU B 736 -31.48 39.06 -12.08
CA GLU B 736 -31.55 40.45 -12.52
C GLU B 736 -32.97 41.01 -12.31
N GLU B 737 -33.96 40.10 -12.23
CA GLU B 737 -35.36 40.48 -12.14
C GLU B 737 -35.64 41.22 -10.83
N ILE B 738 -35.03 40.76 -9.74
CA ILE B 738 -35.31 41.27 -8.41
C ILE B 738 -34.25 42.26 -7.92
N ARG B 739 -33.38 42.73 -8.82
CA ARG B 739 -32.33 43.68 -8.44
C ARG B 739 -32.92 44.97 -7.91
N GLU B 740 -33.91 45.52 -8.61
CA GLU B 740 -34.51 46.76 -8.14
C GLU B 740 -35.06 46.62 -6.72
N THR B 741 -35.78 45.52 -6.43
CA THR B 741 -36.44 45.38 -5.13
C THR B 741 -35.45 45.05 -4.03
N ILE B 742 -34.61 44.04 -4.25
CA ILE B 742 -33.50 43.74 -3.34
C ILE B 742 -32.85 45.04 -2.86
N LEU B 743 -32.36 45.87 -3.77
CA LEU B 743 -31.72 47.12 -3.38
C LEU B 743 -32.64 48.04 -2.60
N ALA B 744 -33.95 47.92 -2.78
CA ALA B 744 -34.86 48.78 -2.05
C ALA B 744 -35.19 48.21 -0.67
N ASP B 745 -35.22 46.88 -0.53
CA ASP B 745 -35.55 46.33 0.76
C ASP B 745 -34.34 46.44 1.69
N LEU B 746 -33.15 46.19 1.19
CA LEU B 746 -31.94 46.29 2.01
C LEU B 746 -31.48 47.71 2.27
N ASP B 747 -32.09 48.71 1.66
CA ASP B 747 -31.74 50.09 1.95
C ASP B 747 -31.81 50.35 3.43
N GLY B 748 -30.74 50.92 3.99
CA GLY B 748 -30.70 51.32 5.39
C GLY B 748 -29.79 50.48 6.26
N ILE B 749 -29.42 49.29 5.81
CA ILE B 749 -28.34 48.47 6.33
C ILE B 749 -27.10 49.32 6.60
N SER B 750 -26.21 48.86 7.48
CA SER B 750 -24.98 49.57 7.84
C SER B 750 -23.82 48.60 7.75
N ALA B 751 -23.11 48.61 6.64
CA ALA B 751 -21.91 47.82 6.60
C ALA B 751 -20.73 48.61 7.19
N ARG B 752 -19.77 47.87 7.74
CA ARG B 752 -18.79 48.47 8.61
C ARG B 752 -17.62 47.50 8.63
N ARG B 753 -16.44 48.04 8.99
CA ARG B 753 -15.17 47.39 8.72
C ARG B 753 -15.06 46.06 9.46
N ALA B 754 -14.56 45.05 8.76
CA ALA B 754 -14.57 43.69 9.29
C ALA B 754 -13.66 43.59 10.49
N ALA B 755 -14.23 43.24 11.64
CA ALA B 755 -13.47 42.91 12.84
C ALA B 755 -12.50 41.75 12.62
N ILE B 756 -12.79 40.86 11.68
CA ILE B 756 -12.01 39.67 11.41
C ILE B 756 -11.81 39.62 9.89
N PRO B 757 -10.61 39.18 9.37
CA PRO B 757 -10.48 38.99 7.92
C PRO B 757 -11.63 38.15 7.36
N LEU B 758 -12.32 38.73 6.39
CA LEU B 758 -13.36 38.08 5.61
C LEU B 758 -12.88 37.96 4.19
N TYR B 759 -12.85 36.76 3.66
CA TYR B 759 -12.52 36.59 2.24
C TYR B 759 -13.83 36.54 1.44
N SER B 760 -14.09 37.60 0.67
CA SER B 760 -15.33 37.66 -0.08
C SER B 760 -15.35 36.66 -1.23
N THR B 761 -16.45 35.89 -1.35
CA THR B 761 -16.58 34.91 -2.43
C THR B 761 -17.19 35.49 -3.70
N LEU B 762 -17.85 36.64 -3.60
CA LEU B 762 -17.97 37.54 -4.73
C LEU B 762 -16.65 37.75 -5.48
N HIS B 763 -15.54 37.97 -4.75
CA HIS B 763 -14.29 38.46 -5.35
C HIS B 763 -13.10 37.52 -5.26
N GLY B 764 -13.24 36.32 -4.69
CA GLY B 764 -12.10 35.46 -4.44
C GLY B 764 -10.98 36.19 -3.68
N GLU B 765 -11.37 37.17 -2.89
CA GLU B 765 -10.39 38.08 -2.35
C GLU B 765 -10.92 38.70 -1.07
N ARG B 766 -9.99 38.95 -0.15
CA ARG B 766 -10.29 39.73 1.04
C ARG B 766 -10.80 41.11 0.69
N ARG B 767 -11.97 41.45 1.21
CA ARG B 767 -12.57 42.77 1.05
C ARG B 767 -12.77 43.36 2.43
N ASP B 768 -12.60 44.69 2.52
CA ASP B 768 -12.47 45.36 3.82
C ASP B 768 -13.68 45.16 4.70
N GLY B 769 -14.89 45.31 4.14
CA GLY B 769 -16.13 45.11 4.86
C GLY B 769 -17.05 46.33 4.86
N ALA B 770 -16.47 47.53 4.80
CA ALA B 770 -17.29 48.75 4.88
C ALA B 770 -18.13 48.98 3.62
N ASP B 771 -17.92 48.22 2.54
CA ASP B 771 -18.72 48.37 1.35
C ASP B 771 -19.80 47.30 1.22
N MET B 772 -19.84 46.30 2.08
CA MET B 772 -20.77 45.18 2.00
C MET B 772 -22.21 45.60 2.30
N GLY B 773 -22.71 46.63 1.61
CA GLY B 773 -24.06 47.13 1.83
C GLY B 773 -24.98 46.66 0.72
N PRO B 774 -26.19 47.25 0.62
CA PRO B 774 -27.28 46.66 -0.20
C PRO B 774 -26.86 46.06 -1.54
N ARG B 775 -26.19 46.87 -2.35
CA ARG B 775 -25.72 46.43 -3.65
C ARG B 775 -24.80 45.19 -3.54
N TYR B 776 -24.08 45.03 -2.43
CA TYR B 776 -23.25 43.83 -2.25
C TYR B 776 -24.12 42.57 -2.18
N TRP B 777 -25.29 42.67 -1.56
CA TRP B 777 -26.12 41.49 -1.40
C TRP B 777 -26.91 41.23 -2.67
N TYR B 778 -27.21 42.28 -3.44
CA TYR B 778 -27.57 42.00 -4.81
C TYR B 778 -26.44 41.29 -5.52
N ASP B 779 -25.30 41.99 -5.67
CA ASP B 779 -24.22 41.51 -6.52
C ASP B 779 -23.65 40.18 -6.06
N ASN B 780 -23.85 39.77 -4.81
CA ASN B 780 -23.41 38.44 -4.37
C ASN B 780 -24.35 37.36 -4.91
N LEU B 781 -25.66 37.65 -4.93
CA LEU B 781 -26.65 36.70 -5.43
C LEU B 781 -26.59 36.60 -6.95
N ARG B 782 -26.47 37.73 -7.67
CA ARG B 782 -26.47 37.68 -9.13
C ARG B 782 -25.21 37.02 -9.69
N SER B 783 -24.08 37.12 -9.00
CA SER B 783 -22.81 36.76 -9.61
C SER B 783 -22.32 35.42 -9.08
N GLN B 784 -21.17 34.98 -9.56
CA GLN B 784 -20.63 33.68 -9.23
C GLN B 784 -19.99 33.62 -7.83
N VAL B 785 -20.17 32.48 -7.17
CA VAL B 785 -19.52 32.24 -5.90
C VAL B 785 -18.14 31.68 -6.22
N ARG B 786 -17.11 32.51 -6.04
CA ARG B 786 -15.72 32.10 -6.25
C ARG B 786 -15.16 31.50 -4.95
N PHE B 787 -15.74 30.36 -4.56
CA PHE B 787 -15.32 29.71 -3.33
C PHE B 787 -13.84 29.40 -3.35
N ASP B 788 -13.41 28.53 -4.27
CA ASP B 788 -12.03 28.09 -4.18
C ASP B 788 -11.05 29.16 -4.62
N GLU B 789 -11.54 30.38 -4.83
CA GLU B 789 -10.64 31.50 -4.99
C GLU B 789 -10.26 32.05 -3.63
N ALA B 790 -11.26 32.30 -2.78
CA ALA B 790 -11.00 32.73 -1.42
C ALA B 790 -10.32 31.64 -0.59
N VAL B 791 -10.72 30.38 -0.73
CA VAL B 791 -10.00 29.34 -0.01
C VAL B 791 -8.57 29.29 -0.49
N SER B 792 -8.34 29.56 -1.76
CA SER B 792 -6.95 29.71 -2.21
C SER B 792 -6.30 31.00 -1.68
N ALA B 793 -7.05 32.08 -1.53
CA ALA B 793 -6.42 33.29 -1.02
C ALA B 793 -6.00 33.10 0.42
N ALA B 794 -6.91 32.57 1.26
CA ALA B 794 -6.60 32.25 2.65
C ALA B 794 -5.46 31.26 2.76
N VAL B 795 -5.57 30.09 2.13
CA VAL B 795 -4.44 29.16 2.09
C VAL B 795 -3.17 29.85 1.64
N ALA B 796 -3.26 30.76 0.66
CA ALA B 796 -2.08 31.50 0.24
C ALA B 796 -1.46 32.29 1.40
N ASP B 797 -2.16 32.39 2.50
CA ASP B 797 -1.75 33.25 3.59
C ASP B 797 -1.59 32.43 4.86
N GLY B 798 -1.23 31.14 4.70
CA GLY B 798 -0.86 30.32 5.81
C GLY B 798 -1.99 29.59 6.51
N HIS B 799 -3.20 30.16 6.53
CA HIS B 799 -4.37 29.44 7.04
C HIS B 799 -4.41 28.00 6.55
N ALA B 800 -4.51 27.08 7.49
CA ALA B 800 -4.57 25.68 7.09
C ALA B 800 -5.51 24.90 8.00
N THR B 801 -6.40 25.56 8.73
CA THR B 801 -7.40 24.85 9.51
C THR B 801 -8.72 25.56 9.30
N PHE B 802 -9.69 24.81 8.80
CA PHE B 802 -11.01 25.31 8.48
C PHE B 802 -12.04 24.55 9.31
N VAL B 803 -13.00 25.28 9.85
CA VAL B 803 -14.07 24.70 10.63
C VAL B 803 -15.35 25.31 10.13
N GLU B 804 -16.30 24.44 9.77
CA GLU B 804 -17.50 24.73 8.98
C GLU B 804 -18.76 24.75 9.84
N MET B 805 -19.42 25.92 9.92
CA MET B 805 -20.64 26.06 10.74
C MET B 805 -21.89 25.64 9.94
N SER B 806 -22.02 24.32 9.68
CA SER B 806 -23.08 23.81 8.81
C SER B 806 -23.83 22.62 9.41
N PRO B 807 -25.21 22.61 9.42
CA PRO B 807 -25.94 21.42 9.88
C PRO B 807 -25.51 20.16 9.20
N HIS B 808 -24.87 20.25 8.03
CA HIS B 808 -24.29 19.11 7.37
C HIS B 808 -22.96 19.48 6.69
N PRO B 809 -21.98 18.59 6.69
CA PRO B 809 -20.72 18.92 6.01
C PRO B 809 -20.90 18.91 4.49
N VAL B 810 -20.77 20.09 3.87
CA VAL B 810 -20.88 20.19 2.42
C VAL B 810 -19.64 20.77 1.73
N LEU B 811 -18.81 21.56 2.41
CA LEU B 811 -17.61 22.08 1.76
C LEU B 811 -16.31 21.59 2.41
N THR B 812 -16.38 20.60 3.31
CA THR B 812 -15.15 20.01 3.83
C THR B 812 -14.41 19.26 2.73
N ALA B 813 -15.16 18.59 1.83
CA ALA B 813 -14.53 17.93 0.69
C ALA B 813 -13.89 18.94 -0.25
N ALA B 814 -14.56 20.07 -0.49
CA ALA B 814 -14.04 21.13 -1.36
C ALA B 814 -12.72 21.69 -0.86
N VAL B 815 -12.63 21.98 0.44
CA VAL B 815 -11.44 22.61 1.00
C VAL B 815 -10.25 21.68 0.87
N GLN B 816 -10.48 20.39 1.08
CA GLN B 816 -9.40 19.43 0.94
C GLN B 816 -8.93 19.37 -0.50
N GLU B 817 -9.84 19.60 -1.45
CA GLU B 817 -9.54 19.52 -2.88
C GLU B 817 -8.80 20.77 -3.38
N ILE B 818 -9.07 21.92 -2.80
CA ILE B 818 -8.21 23.08 -2.96
C ILE B 818 -6.85 22.84 -2.29
N ALA B 819 -6.87 22.67 -0.97
CA ALA B 819 -5.64 22.53 -0.18
C ALA B 819 -5.50 21.09 0.29
N ALA B 820 -4.56 20.37 -0.32
CA ALA B 820 -4.34 18.98 0.04
C ALA B 820 -4.02 18.84 1.51
N ASP B 821 -3.01 19.60 1.96
CA ASP B 821 -2.48 19.57 3.32
C ASP B 821 -3.35 20.32 4.31
N ALA B 822 -4.53 20.83 3.93
CA ALA B 822 -5.37 21.51 4.89
C ALA B 822 -6.15 20.49 5.73
N VAL B 823 -6.87 21.00 6.72
CA VAL B 823 -7.70 20.18 7.58
C VAL B 823 -9.05 20.87 7.75
N ALA B 824 -10.12 20.16 7.38
CA ALA B 824 -11.48 20.70 7.34
C ALA B 824 -12.34 19.97 8.37
N ILE B 825 -13.04 20.75 9.17
CA ILE B 825 -13.93 20.24 10.20
C ILE B 825 -15.30 20.85 9.95
N GLY B 826 -16.35 20.03 10.08
CA GLY B 826 -17.71 20.52 10.12
C GLY B 826 -18.30 20.42 11.52
N SER B 827 -19.56 20.82 11.61
CA SER B 827 -20.27 20.71 12.87
C SER B 827 -21.30 19.58 12.89
N LEU B 828 -22.57 19.93 12.77
CA LEU B 828 -23.59 18.88 12.68
C LEU B 828 -23.45 18.02 11.44
N HIS B 829 -24.44 17.17 11.24
CA HIS B 829 -24.45 16.16 10.19
C HIS B 829 -25.76 15.42 10.25
N ARG B 830 -26.59 15.56 9.20
CA ARG B 830 -27.81 14.75 9.09
C ARG B 830 -27.44 13.27 9.20
N ASP B 831 -28.08 12.57 10.15
CA ASP B 831 -27.78 11.18 10.60
C ASP B 831 -27.17 11.10 12.00
N THR B 832 -26.12 11.86 12.29
CA THR B 832 -25.40 11.77 13.56
C THR B 832 -25.61 13.00 14.42
N ALA B 833 -26.69 13.77 14.21
CA ALA B 833 -26.75 15.21 14.51
C ALA B 833 -25.67 15.68 15.48
N GLU B 834 -26.00 15.73 16.78
CA GLU B 834 -25.04 16.23 17.74
C GLU B 834 -23.90 15.27 18.03
N GLU B 835 -24.03 13.99 17.70
CA GLU B 835 -22.87 13.14 17.95
C GLU B 835 -21.73 13.49 17.00
N HIS B 836 -22.03 13.81 15.75
CA HIS B 836 -20.97 14.27 14.87
C HIS B 836 -20.24 15.49 15.45
N LEU B 837 -20.97 16.35 16.15
CA LEU B 837 -20.42 17.62 16.61
C LEU B 837 -19.34 17.44 17.67
N ILE B 838 -19.63 16.69 18.73
CA ILE B 838 -18.60 16.50 19.74
C ILE B 838 -17.44 15.71 19.14
N ALA B 839 -17.71 14.83 18.19
CA ALA B 839 -16.64 14.14 17.48
C ALA B 839 -15.76 15.11 16.71
N GLU B 840 -16.38 16.10 16.05
CA GLU B 840 -15.60 17.08 15.31
C GLU B 840 -14.85 17.99 16.25
N LEU B 841 -15.45 18.29 17.41
CA LEU B 841 -14.74 19.00 18.47
C LEU B 841 -13.47 18.26 18.89
N ALA B 842 -13.60 16.99 19.25
CA ALA B 842 -12.44 16.14 19.47
C ALA B 842 -11.45 16.28 18.34
N ARG B 843 -11.93 16.17 17.07
CA ARG B 843 -11.01 16.12 15.94
C ARG B 843 -10.30 17.45 15.71
N ALA B 844 -10.97 18.57 15.99
CA ALA B 844 -10.25 19.83 15.91
C ALA B 844 -9.13 19.90 16.92
N HIS B 845 -9.42 19.52 18.18
CA HIS B 845 -8.37 19.41 19.18
C HIS B 845 -7.19 18.61 18.65
N VAL B 846 -7.46 17.38 18.22
CA VAL B 846 -6.40 16.45 17.80
C VAL B 846 -5.44 17.10 16.84
N HIS B 847 -5.92 18.07 16.06
CA HIS B 847 -5.10 18.73 15.06
C HIS B 847 -4.56 20.04 15.55
N GLY B 848 -4.93 20.45 16.76
CA GLY B 848 -4.29 21.57 17.42
C GLY B 848 -5.17 22.76 17.66
N VAL B 849 -6.48 22.65 17.43
CA VAL B 849 -7.36 23.75 17.77
C VAL B 849 -7.47 23.82 19.29
N ALA B 850 -7.54 25.02 19.84
CA ALA B 850 -7.51 25.15 21.29
C ALA B 850 -8.94 25.12 21.80
N VAL B 851 -9.34 23.96 22.39
CA VAL B 851 -10.70 23.77 22.90
C VAL B 851 -10.71 24.01 24.40
N ASP B 852 -11.69 24.76 24.89
CA ASP B 852 -11.80 25.01 26.31
C ASP B 852 -12.54 23.85 26.99
N TRP B 853 -11.84 22.71 27.04
CA TRP B 853 -12.42 21.54 27.68
C TRP B 853 -12.90 21.81 29.11
N ARG B 854 -12.36 22.84 29.77
CA ARG B 854 -12.75 23.16 31.14
C ARG B 854 -14.22 23.58 31.22
N ASN B 855 -14.79 24.06 30.13
CA ASN B 855 -16.22 24.34 30.10
C ASN B 855 -17.02 23.35 29.30
N VAL B 856 -16.37 22.46 28.56
CA VAL B 856 -17.10 21.46 27.78
C VAL B 856 -17.79 20.50 28.71
N PHE B 857 -17.04 19.98 29.69
CA PHE B 857 -17.19 18.98 30.73
C PHE B 857 -17.71 19.61 32.01
N PRO B 858 -18.59 18.89 32.68
CA PRO B 858 -19.04 19.30 34.00
C PRO B 858 -17.99 18.86 35.01
N ALA B 859 -18.29 19.19 36.28
CA ALA B 859 -17.40 18.85 37.38
C ALA B 859 -17.46 17.36 37.68
N ALA B 860 -16.31 16.72 37.80
CA ALA B 860 -16.23 15.29 38.03
C ALA B 860 -15.61 14.94 39.38
N PRO B 861 -15.79 13.71 39.83
CA PRO B 861 -14.93 13.16 40.87
C PRO B 861 -13.57 12.79 40.33
N PRO B 862 -12.55 12.71 41.19
CA PRO B 862 -11.22 12.33 40.72
C PRO B 862 -11.21 10.89 40.24
N VAL B 863 -10.21 10.57 39.40
CA VAL B 863 -10.04 9.22 38.89
C VAL B 863 -8.54 9.01 38.69
N ALA B 864 -8.11 7.75 38.73
CA ALA B 864 -6.69 7.41 38.71
C ALA B 864 -6.23 7.05 37.29
N LEU B 865 -5.42 7.97 36.65
CA LEU B 865 -4.85 7.79 35.32
C LEU B 865 -3.35 7.52 35.42
N PRO B 866 -2.83 6.57 34.64
CA PRO B 866 -1.41 6.24 34.72
C PRO B 866 -0.55 7.44 34.37
N ASN B 867 0.75 7.25 34.52
CA ASN B 867 1.69 8.32 34.27
C ASN B 867 2.33 8.17 32.91
N TYR B 868 2.94 9.25 32.45
CA TYR B 868 3.53 9.25 31.13
C TYR B 868 4.55 8.12 31.01
N PRO B 869 4.51 7.34 29.96
CA PRO B 869 5.56 6.33 29.74
C PRO B 869 6.82 6.97 29.19
N PHE B 870 7.76 7.31 30.07
CA PHE B 870 8.96 7.98 29.60
C PHE B 870 9.81 7.02 28.78
N GLU B 871 10.34 7.54 27.69
CA GLU B 871 11.23 6.82 26.80
C GLU B 871 12.62 6.94 27.41
N PRO B 872 13.21 5.85 27.89
CA PRO B 872 14.38 5.98 28.77
C PRO B 872 15.72 5.73 28.08
N GLN B 873 16.54 6.77 27.96
CA GLN B 873 17.89 6.65 27.43
C GLN B 873 18.86 6.88 28.57
N ARG B 874 19.79 5.95 28.74
CA ARG B 874 20.62 5.88 29.95
C ARG B 874 21.83 6.80 29.86
N TYR B 875 21.98 7.70 30.83
CA TYR B 875 23.09 8.65 30.91
C TYR B 875 23.83 8.48 32.24
N TRP B 876 25.12 8.15 32.15
CA TRP B 876 25.94 7.74 33.28
C TRP B 876 27.41 7.96 32.93
N LEU B 877 28.19 8.40 33.91
CA LEU B 877 29.59 8.73 33.65
C LEU B 877 30.53 7.97 34.60
N PRO C 8 73.83 0.68 9.96
CA PRO C 8 73.43 2.08 9.77
C PRO C 8 72.04 2.23 10.28
N ILE C 9 71.57 3.42 10.62
CA ILE C 9 70.23 3.58 11.19
C ILE C 9 69.38 4.39 10.24
N ALA C 10 68.22 3.82 9.86
CA ALA C 10 67.42 4.27 8.73
C ALA C 10 66.22 5.07 9.21
N ILE C 11 65.91 6.13 8.46
CA ILE C 11 64.69 6.90 8.62
C ILE C 11 63.65 6.25 7.72
N VAL C 12 62.55 5.80 8.32
CA VAL C 12 61.52 5.09 7.57
C VAL C 12 60.14 5.73 7.71
N GLY C 13 60.06 6.91 8.31
CA GLY C 13 58.81 7.65 8.39
C GLY C 13 58.98 9.00 9.04
N MET C 14 58.19 9.98 8.60
CA MET C 14 58.27 11.35 9.09
C MET C 14 56.87 11.86 9.37
N ALA C 15 56.77 12.81 10.30
CA ALA C 15 55.51 13.51 10.47
C ALA C 15 55.79 14.86 11.11
N CYS C 16 54.91 15.83 10.85
CA CYS C 16 55.08 17.16 11.41
C CYS C 16 53.76 17.89 11.41
N ARG C 17 53.73 19.01 12.14
CA ARG C 17 52.55 19.86 12.27
C ARG C 17 53.00 21.23 12.71
N PHE C 18 52.89 22.21 11.85
CA PHE C 18 53.42 23.54 12.11
C PHE C 18 52.32 24.57 11.93
N PRO C 19 52.53 25.80 12.41
CA PRO C 19 51.68 26.91 12.00
C PRO C 19 51.96 27.28 10.54
N GLY C 20 51.15 28.19 10.03
CA GLY C 20 51.14 28.34 8.59
C GLY C 20 50.54 27.15 7.87
N GLY C 21 49.75 26.34 8.59
CA GLY C 21 48.95 25.29 8.00
C GLY C 21 49.67 24.26 7.17
N VAL C 22 50.78 23.75 7.67
CA VAL C 22 51.39 22.55 7.10
C VAL C 22 51.17 21.42 8.09
N HIS C 23 50.50 20.37 7.63
CA HIS C 23 50.16 19.23 8.48
C HIS C 23 50.91 17.96 8.10
N ASN C 24 51.80 18.01 7.10
CA ASN C 24 52.58 16.85 6.70
C ASN C 24 53.94 17.32 6.21
N PRO C 25 54.90 16.41 6.07
CA PRO C 25 56.19 16.79 5.44
C PRO C 25 56.04 17.32 4.03
N GLY C 26 55.26 16.64 3.19
CA GLY C 26 55.05 17.14 1.84
C GLY C 26 54.57 18.57 1.84
N GLU C 27 53.61 18.89 2.70
CA GLU C 27 53.19 20.28 2.84
C GLU C 27 54.30 21.15 3.43
N LEU C 28 55.25 20.56 4.15
CA LEU C 28 56.35 21.37 4.67
C LEU C 28 57.26 21.83 3.55
N TRP C 29 57.58 20.92 2.62
CA TRP C 29 58.48 21.24 1.52
C TRP C 29 57.92 22.34 0.63
N GLU C 30 56.64 22.24 0.27
CA GLU C 30 56.06 23.28 -0.56
C GLU C 30 55.73 24.55 0.23
N PHE C 31 55.76 24.50 1.57
CA PHE C 31 55.67 25.72 2.36
C PHE C 31 56.97 26.50 2.38
N ILE C 32 58.11 25.86 2.10
CA ILE C 32 59.41 26.52 2.13
C ILE C 32 59.86 26.97 0.75
N VAL C 33 59.67 26.12 -0.27
CA VAL C 33 60.03 26.52 -1.63
C VAL C 33 59.21 27.72 -2.06
N GLY C 34 57.95 27.77 -1.63
CA GLY C 34 57.15 28.97 -1.83
C GLY C 34 57.62 30.16 -1.03
N GLY C 35 58.43 29.94 0.01
CA GLY C 35 58.92 31.01 0.86
C GLY C 35 57.93 31.49 1.91
N GLY C 36 57.35 30.58 2.67
CA GLY C 36 56.27 30.93 3.55
C GLY C 36 56.75 31.53 4.85
N ASP C 37 55.82 32.15 5.57
CA ASP C 37 56.13 32.77 6.85
C ASP C 37 54.92 32.68 7.76
N ALA C 38 55.09 32.05 8.93
CA ALA C 38 54.14 32.11 10.02
C ALA C 38 54.34 33.38 10.85
N ALA C 75 44.46 23.98 17.58
CA ALA C 75 45.60 23.38 18.24
C ALA C 75 45.23 22.63 19.51
N ALA C 76 44.38 23.23 20.38
CA ALA C 76 43.89 22.51 21.56
C ALA C 76 42.91 21.39 21.20
N ASP C 77 42.47 21.36 19.95
CA ASP C 77 41.69 20.26 19.39
C ASP C 77 42.34 18.93 19.70
N PHE C 78 41.52 17.87 19.69
CA PHE C 78 41.96 16.52 20.02
C PHE C 78 40.78 15.57 19.88
N ASP C 79 41.06 14.33 19.49
CA ASP C 79 40.05 13.32 19.15
C ASP C 79 40.18 12.17 20.16
N ALA C 80 39.65 12.41 21.36
CA ALA C 80 39.90 11.52 22.50
C ALA C 80 39.24 10.16 22.33
N ALA C 81 38.03 10.13 21.75
CA ALA C 81 37.36 8.87 21.47
C ALA C 81 38.14 8.01 20.48
N PHE C 82 38.98 8.64 19.65
CA PHE C 82 39.83 7.85 18.77
C PHE C 82 40.90 7.11 19.56
N PHE C 83 41.43 7.73 20.61
CA PHE C 83 42.48 7.12 21.40
C PHE C 83 41.96 6.40 22.65
N GLY C 84 40.65 6.41 22.87
CA GLY C 84 40.13 5.80 24.09
C GLY C 84 40.49 6.64 25.30
N ILE C 85 40.14 7.92 25.23
CA ILE C 85 40.49 8.93 26.22
C ILE C 85 39.20 9.59 26.67
N SER C 86 39.02 9.75 27.98
CA SER C 86 37.85 10.45 28.49
C SER C 86 37.95 11.93 28.14
N PRO C 87 36.81 12.60 27.86
CA PRO C 87 36.88 14.06 27.71
C PRO C 87 37.30 14.76 28.99
N ARG C 88 37.09 14.11 30.16
CA ARG C 88 37.62 14.62 31.41
C ARG C 88 39.15 14.58 31.42
N GLU C 89 39.72 13.47 30.99
CA GLU C 89 41.17 13.35 30.86
C GLU C 89 41.71 14.21 29.72
N ALA C 90 40.87 14.56 28.73
CA ALA C 90 41.35 15.14 27.47
C ALA C 90 41.87 16.56 27.62
N LEU C 91 41.34 17.33 28.58
CA LEU C 91 41.86 18.66 28.86
C LEU C 91 42.54 18.72 30.23
N ALA C 92 42.73 17.56 30.88
CA ALA C 92 43.78 17.35 31.88
C ALA C 92 45.01 16.69 31.26
N MET C 93 44.97 16.47 29.95
CA MET C 93 46.15 16.21 29.15
C MET C 93 46.62 17.53 28.58
N ASP C 94 47.87 17.85 28.80
CA ASP C 94 48.38 19.09 28.26
C ASP C 94 48.69 18.88 26.78
N PRO C 95 48.26 19.79 25.91
CA PRO C 95 47.96 19.43 24.51
C PRO C 95 49.17 19.02 23.69
N GLN C 96 50.40 19.30 24.15
CA GLN C 96 51.53 18.78 23.41
C GLN C 96 51.57 17.26 23.47
N GLN C 97 51.16 16.66 24.60
CA GLN C 97 50.90 15.23 24.60
C GLN C 97 49.88 14.86 23.53
N ARG C 98 48.77 15.61 23.45
CA ARG C 98 47.72 15.31 22.49
C ARG C 98 48.22 15.42 21.05
N GLN C 99 48.86 16.55 20.73
CA GLN C 99 49.22 16.86 19.34
C GLN C 99 50.22 15.87 18.76
N VAL C 100 51.12 15.33 19.59
CA VAL C 100 52.07 14.35 19.09
C VAL C 100 51.40 12.98 18.99
N LEU C 101 50.52 12.66 19.93
CA LEU C 101 49.72 11.44 19.85
C LEU C 101 49.10 11.30 18.47
N GLU C 102 48.46 12.35 17.98
CA GLU C 102 47.87 12.32 16.66
C GLU C 102 48.93 12.30 15.56
N THR C 103 50.07 12.95 15.78
CA THR C 103 51.10 13.04 14.75
C THR C 103 52.01 11.82 14.74
N THR C 104 52.06 11.05 15.83
CA THR C 104 52.78 9.78 15.77
C THR C 104 51.92 8.70 15.14
N TRP C 105 50.61 8.75 15.36
CA TRP C 105 49.71 7.98 14.52
C TRP C 105 49.93 8.31 13.05
N GLU C 106 49.91 9.60 12.72
CA GLU C 106 50.20 10.00 11.36
C GLU C 106 51.53 9.42 10.92
N LEU C 107 52.49 9.38 11.84
CA LEU C 107 53.81 8.85 11.50
C LEU C 107 53.72 7.40 11.09
N PHE C 108 53.04 6.58 11.90
CA PHE C 108 52.78 5.21 11.52
C PHE C 108 52.00 5.13 10.22
N GLU C 109 50.99 6.00 10.06
CA GLU C 109 50.28 6.04 8.80
C GLU C 109 51.23 6.30 7.65
N ASN C 110 52.02 7.37 7.75
CA ASN C 110 52.98 7.67 6.70
C ASN C 110 54.03 6.58 6.58
N ALA C 111 54.40 5.96 7.71
CA ALA C 111 55.36 4.87 7.67
C ALA C 111 54.81 3.59 7.07
N GLY C 112 53.51 3.54 6.76
CA GLY C 112 52.88 2.36 6.18
C GLY C 112 52.60 1.25 7.16
N ILE C 113 52.56 1.59 8.45
CA ILE C 113 52.59 0.63 9.55
C ILE C 113 51.25 0.71 10.31
N ASP C 114 50.57 -0.42 10.40
CA ASP C 114 49.33 -0.51 11.17
C ASP C 114 49.68 -0.35 12.65
N PRO C 115 49.29 0.74 13.30
CA PRO C 115 49.73 0.95 14.70
C PRO C 115 49.36 -0.22 15.59
N HIS C 116 48.18 -0.81 15.35
CA HIS C 116 47.76 -1.99 16.09
C HIS C 116 48.90 -3.00 16.14
N SER C 117 49.52 -3.24 14.98
CA SER C 117 50.53 -4.28 14.89
C SER C 117 51.68 -4.08 15.85
N LEU C 118 51.86 -2.89 16.40
CA LEU C 118 52.96 -2.66 17.31
C LEU C 118 52.54 -2.63 18.76
N ARG C 119 51.31 -3.04 19.06
CA ARG C 119 51.00 -3.30 20.45
C ARG C 119 51.84 -4.45 20.96
N GLY C 120 52.41 -4.28 22.15
CA GLY C 120 53.26 -5.27 22.78
C GLY C 120 54.66 -5.39 22.19
N SER C 121 55.04 -4.51 21.27
CA SER C 121 56.35 -4.57 20.63
C SER C 121 57.37 -3.79 21.45
N ASP C 122 58.65 -4.06 21.17
CA ASP C 122 59.78 -3.35 21.79
C ASP C 122 60.17 -2.15 20.95
N THR C 123 59.20 -1.30 20.68
CA THR C 123 59.43 -0.04 20.02
C THR C 123 59.38 1.05 21.07
N GLY C 124 60.37 1.97 21.05
CA GLY C 124 60.48 3.00 22.07
C GLY C 124 60.04 4.39 21.61
N VAL C 125 59.93 5.31 22.57
CA VAL C 125 59.56 6.69 22.29
C VAL C 125 60.52 7.63 22.97
N PHE C 126 61.12 8.53 22.18
CA PHE C 126 62.16 9.44 22.64
C PHE C 126 61.78 10.84 22.19
N LEU C 127 61.43 11.70 23.14
CA LEU C 127 60.87 13.01 22.87
C LEU C 127 61.28 14.00 23.95
N GLY C 128 61.43 15.27 23.55
CA GLY C 128 61.75 16.35 24.48
C GLY C 128 60.72 17.45 24.44
N ALA C 129 60.34 17.95 25.62
CA ALA C 129 59.28 18.96 25.70
C ALA C 129 59.49 19.82 26.95
N ALA C 130 58.60 20.79 27.11
CA ALA C 130 58.61 21.71 28.24
C ALA C 130 57.26 22.44 28.32
N VAL C 157 55.87 12.71 29.59
CA VAL C 157 55.17 13.15 28.38
C VAL C 157 55.30 12.09 27.29
N SER C 158 56.41 11.35 27.28
CA SER C 158 56.51 10.24 26.35
C SER C 158 56.03 8.94 26.95
N GLY C 159 55.88 8.86 28.28
CA GLY C 159 55.36 7.64 28.87
C GLY C 159 53.91 7.40 28.50
N ARG C 160 53.14 8.49 28.39
CA ARG C 160 51.72 8.38 28.08
C ARG C 160 51.51 7.81 26.68
N VAL C 161 52.31 8.25 25.69
CA VAL C 161 52.09 7.80 24.31
C VAL C 161 52.59 6.39 24.11
N ALA C 162 53.59 5.96 24.87
CA ALA C 162 53.95 4.54 24.86
C ALA C 162 52.82 3.70 25.43
N TYR C 163 52.21 4.19 26.51
CA TYR C 163 51.09 3.48 27.12
C TYR C 163 49.92 3.35 26.16
N VAL C 164 49.43 4.49 25.63
CA VAL C 164 48.20 4.44 24.82
C VAL C 164 48.39 3.64 23.54
N LEU C 165 49.59 3.63 22.98
CA LEU C 165 49.82 2.85 21.79
C LEU C 165 50.26 1.43 22.10
N GLY C 166 50.50 1.14 23.36
CA GLY C 166 50.83 -0.21 23.75
C GLY C 166 52.21 -0.62 23.30
N LEU C 167 53.19 0.27 23.47
CA LEU C 167 54.55 0.00 23.06
C LEU C 167 55.40 -0.07 24.31
N GLU C 168 56.12 -1.18 24.48
CA GLU C 168 56.95 -1.37 25.66
C GLU C 168 58.42 -1.48 25.28
N GLY C 169 58.87 -0.62 24.37
CA GLY C 169 60.26 -0.31 24.25
C GLY C 169 60.63 0.70 25.31
N PRO C 170 61.64 1.54 25.07
CA PRO C 170 61.96 2.59 26.04
C PRO C 170 61.19 3.88 25.79
N ALA C 171 60.75 4.49 26.88
CA ALA C 171 60.03 5.77 26.82
C ALA C 171 60.81 6.77 27.66
N VAL C 172 61.55 7.64 26.97
CA VAL C 172 62.50 8.51 27.63
C VAL C 172 62.10 9.95 27.37
N THR C 173 62.19 10.76 28.42
CA THR C 173 62.08 12.20 28.29
C THR C 173 62.72 12.87 29.50
N SER C 179 68.02 21.93 25.33
CA SER C 179 68.82 20.73 25.19
C SER C 179 68.11 19.66 24.35
N SER C 180 67.32 20.03 23.33
CA SER C 180 66.20 19.17 22.90
C SER C 180 66.23 18.78 21.41
N SER C 181 65.37 17.79 21.10
CA SER C 181 65.01 17.29 19.78
C SER C 181 66.07 16.42 19.12
N LEU C 182 67.24 16.99 18.77
CA LEU C 182 68.32 16.14 18.24
C LEU C 182 69.07 15.39 19.34
N VAL C 183 68.80 15.70 20.61
CA VAL C 183 69.24 14.82 21.69
C VAL C 183 68.49 13.50 21.61
N ALA C 184 67.15 13.58 21.62
CA ALA C 184 66.29 12.41 21.58
C ALA C 184 66.60 11.55 20.37
N LEU C 185 66.84 12.18 19.23
CA LEU C 185 67.27 11.45 18.05
C LEU C 185 68.62 10.80 18.29
N HIS C 186 69.52 11.51 18.97
CA HIS C 186 70.83 10.94 19.28
C HIS C 186 70.70 9.77 20.23
N SER C 187 69.66 9.79 21.07
CA SER C 187 69.40 8.73 22.03
C SER C 187 68.53 7.60 21.46
N ALA C 188 67.60 7.91 20.55
CA ALA C 188 66.88 6.84 19.87
C ALA C 188 67.83 5.93 19.10
N CYS C 189 68.65 6.52 18.22
CA CYS C 189 69.53 5.72 17.37
C CYS C 189 70.52 4.89 18.18
N GLY C 190 70.93 5.38 19.35
CA GLY C 190 71.75 4.55 20.23
C GLY C 190 71.05 3.24 20.56
N SER C 191 69.76 3.31 20.88
CA SER C 191 68.99 2.12 21.28
C SER C 191 69.01 1.07 20.20
N LEU C 192 68.60 1.44 18.99
CA LEU C 192 68.68 0.54 17.86
C LEU C 192 70.08 -0.07 17.77
N ARG C 193 71.11 0.78 17.83
CA ARG C 193 72.50 0.29 17.84
C ARG C 193 72.73 -0.67 19.00
N ASP C 194 72.21 -0.35 20.18
CA ASP C 194 72.30 -1.23 21.33
C ASP C 194 71.32 -2.40 21.25
N GLY C 195 70.49 -2.47 20.22
CA GLY C 195 69.47 -3.49 20.20
C GLY C 195 68.52 -3.42 21.37
N ASP C 196 68.37 -2.24 21.98
CA ASP C 196 67.43 -2.03 23.07
C ASP C 196 66.01 -1.77 22.59
N CYS C 197 65.77 -1.87 21.29
CA CYS C 197 64.47 -1.81 20.66
C CYS C 197 64.69 -1.97 19.16
N GLY C 198 63.60 -2.29 18.46
CA GLY C 198 63.70 -2.57 17.04
C GLY C 198 63.12 -1.48 16.18
N LEU C 199 62.40 -0.57 16.82
CA LEU C 199 61.79 0.57 16.15
C LEU C 199 61.78 1.70 17.18
N ALA C 200 61.89 2.94 16.70
CA ALA C 200 61.99 4.08 17.61
C ALA C 200 61.29 5.30 17.02
N VAL C 201 60.48 5.92 17.82
CA VAL C 201 60.03 7.27 17.49
C VAL C 201 61.06 8.23 18.08
N ALA C 202 61.23 9.38 17.43
CA ALA C 202 62.16 10.39 17.93
C ALA C 202 61.71 11.76 17.45
N GLY C 203 61.69 12.72 18.37
CA GLY C 203 61.25 14.07 18.03
C GLY C 203 60.94 14.93 19.24
N GLY C 204 59.95 15.80 19.11
CA GLY C 204 59.54 16.65 20.21
C GLY C 204 58.32 17.46 19.83
N VAL C 205 57.81 18.21 20.81
CA VAL C 205 56.59 18.97 20.63
C VAL C 205 56.59 20.16 21.59
N SER C 206 56.04 21.27 21.13
CA SER C 206 55.90 22.50 21.90
C SER C 206 54.62 23.19 21.46
N VAL C 207 53.95 23.84 22.41
CA VAL C 207 52.73 24.59 22.11
C VAL C 207 52.60 25.83 23.01
N ARG C 228 60.14 37.28 14.76
CA ARG C 228 60.60 36.60 13.56
C ARG C 228 62.08 36.24 13.64
N CYS C 229 62.42 35.07 13.11
CA CYS C 229 63.81 34.59 13.08
C CYS C 229 64.43 34.92 11.73
N LYS C 230 65.13 36.04 11.67
CA LYS C 230 66.00 36.37 10.54
C LYS C 230 67.36 35.75 10.86
N ALA C 231 67.66 34.61 10.26
CA ALA C 231 68.90 33.92 10.56
C ALA C 231 69.98 34.34 9.59
N PHE C 232 71.17 34.67 10.12
CA PHE C 232 72.36 35.03 9.33
C PHE C 232 72.13 36.24 8.43
N SER C 233 71.34 37.22 8.89
CA SER C 233 71.08 38.45 8.15
C SER C 233 71.35 39.65 9.05
N ALA C 234 71.75 40.76 8.44
CA ALA C 234 72.11 41.95 9.20
C ALA C 234 70.98 42.45 10.10
N GLU C 235 69.74 41.97 9.89
CA GLU C 235 68.58 42.41 10.65
C GLU C 235 68.21 41.47 11.79
N ALA C 236 68.99 40.42 12.01
CA ALA C 236 68.78 39.55 13.15
C ALA C 236 68.89 40.35 14.45
N ASP C 237 67.89 40.23 15.33
CA ASP C 237 67.83 41.05 16.53
C ASP C 237 67.11 40.33 17.67
N GLY C 238 67.37 39.03 17.81
CA GLY C 238 66.57 38.17 18.66
C GLY C 238 65.69 37.24 17.83
N PHE C 239 65.25 36.16 18.47
CA PHE C 239 64.50 35.09 17.81
C PHE C 239 63.00 35.24 18.07
N GLY C 240 62.20 34.60 17.21
CA GLY C 240 60.78 34.45 17.47
C GLY C 240 60.36 33.02 17.69
N PHE C 241 59.73 32.73 18.83
CA PHE C 241 59.34 31.36 19.19
C PHE C 241 58.14 30.88 18.37
N ALA C 242 58.08 29.57 18.11
CA ALA C 242 56.99 29.02 17.34
C ALA C 242 56.45 27.75 18.00
N GLU C 243 55.31 27.30 17.49
CA GLU C 243 54.71 26.04 17.88
C GLU C 243 54.94 25.02 16.78
N GLY C 244 55.01 23.75 17.17
CA GLY C 244 55.23 22.69 16.21
C GLY C 244 55.33 21.35 16.92
N VAL C 245 55.42 20.31 16.10
CA VAL C 245 55.66 18.94 16.57
C VAL C 245 56.28 18.18 15.42
N ALA C 246 57.36 17.45 15.71
CA ALA C 246 58.07 16.79 14.63
C ALA C 246 58.66 15.49 15.15
N VAL C 247 58.39 14.40 14.43
CA VAL C 247 58.92 13.08 14.79
C VAL C 247 59.27 12.33 13.52
N VAL C 248 60.16 11.34 13.69
CA VAL C 248 60.50 10.40 12.63
C VAL C 248 60.57 9.00 13.24
N LEU C 249 60.43 8.01 12.37
CA LEU C 249 60.49 6.62 12.75
C LEU C 249 61.81 6.04 12.26
N LEU C 250 62.58 5.48 13.19
CA LEU C 250 63.94 4.99 12.91
C LEU C 250 64.02 3.48 13.13
N GLN C 251 64.93 2.86 12.37
CA GLN C 251 65.04 1.41 12.44
C GLN C 251 66.33 0.99 11.77
N ARG C 252 66.94 -0.06 12.32
CA ARG C 252 68.19 -0.54 11.78
C ARG C 252 67.95 -1.02 10.37
N LEU C 253 68.72 -0.46 9.42
CA LEU C 253 68.45 -0.67 8.00
C LEU C 253 68.24 -2.14 7.65
N SER C 254 69.02 -3.03 8.27
CA SER C 254 68.83 -4.47 8.15
C SER C 254 67.36 -4.86 8.23
N ASP C 255 66.73 -4.54 9.36
CA ASP C 255 65.32 -4.86 9.55
C ASP C 255 64.39 -3.95 8.76
N ALA C 256 64.81 -2.72 8.47
CA ALA C 256 63.98 -1.83 7.67
C ALA C 256 63.60 -2.49 6.35
N ARG C 257 64.59 -3.00 5.61
CA ARG C 257 64.25 -3.66 4.36
C ARG C 257 63.73 -5.08 4.61
N ARG C 258 64.15 -5.72 5.72
CA ARG C 258 63.64 -7.05 6.06
C ARG C 258 62.12 -7.08 6.17
N ALA C 259 61.53 -6.01 6.71
CA ALA C 259 60.08 -5.85 6.69
C ALA C 259 59.63 -4.95 5.55
N GLY C 260 60.51 -4.67 4.59
CA GLY C 260 60.16 -3.89 3.43
C GLY C 260 59.56 -2.53 3.74
N ARG C 261 60.32 -1.62 4.33
CA ARG C 261 59.86 -0.26 4.60
C ARG C 261 60.39 0.67 3.53
N GLN C 262 59.85 1.89 3.52
CA GLN C 262 60.38 2.96 2.70
C GLN C 262 61.53 3.60 3.46
N VAL C 263 62.75 3.49 2.93
CA VAL C 263 63.90 4.09 3.58
C VAL C 263 64.04 5.51 3.07
N LEU C 264 63.70 6.48 3.91
CA LEU C 264 63.77 7.87 3.50
C LEU C 264 65.17 8.44 3.65
N GLY C 265 65.95 7.92 4.58
CA GLY C 265 67.30 8.43 4.79
C GLY C 265 67.96 7.66 5.91
N VAL C 266 69.26 7.87 6.03
CA VAL C 266 70.04 7.19 7.05
C VAL C 266 70.68 8.23 7.94
N VAL C 267 70.63 7.99 9.25
CA VAL C 267 71.37 8.78 10.24
C VAL C 267 72.78 8.20 10.25
N ALA C 268 73.72 8.90 9.60
CA ALA C 268 75.08 8.39 9.48
C ALA C 268 75.77 8.39 10.84
N GLY C 269 75.68 9.52 11.54
CA GLY C 269 76.21 9.67 12.89
C GLY C 269 75.58 10.84 13.60
N SER C 270 75.83 10.87 14.91
CA SER C 270 75.31 11.92 15.79
C SER C 270 76.39 12.26 16.80
N ALA C 271 76.29 13.44 17.41
CA ALA C 271 77.27 13.84 18.42
C ALA C 271 76.66 14.88 19.35
N ILE C 272 77.02 14.79 20.63
CA ILE C 272 76.52 15.68 21.68
C ILE C 272 77.68 16.09 22.57
N ASN C 273 77.69 17.34 23.01
CA ASN C 273 78.67 17.79 24.01
C ASN C 273 78.09 19.01 24.73
N GLN C 274 78.98 19.82 25.32
CA GLN C 274 78.57 20.98 26.13
C GLN C 274 79.47 22.21 25.91
N SER C 285 79.37 28.20 22.74
CA SER C 285 80.76 28.48 22.40
C SER C 285 81.25 27.84 21.10
N GLY C 286 82.05 28.60 20.35
CA GLY C 286 82.45 28.18 19.02
C GLY C 286 83.39 26.99 18.99
N VAL C 287 84.29 26.90 19.97
CA VAL C 287 85.10 25.69 20.08
C VAL C 287 84.20 24.50 20.35
N ALA C 288 83.20 24.69 21.22
CA ALA C 288 82.27 23.63 21.53
C ALA C 288 81.50 23.19 20.29
N GLN C 289 81.07 24.15 19.46
CA GLN C 289 80.32 23.78 18.27
C GLN C 289 81.21 23.20 17.17
N GLN C 290 82.46 23.64 17.06
CA GLN C 290 83.39 22.97 16.15
C GLN C 290 83.65 21.54 16.62
N ARG C 291 83.70 21.33 17.94
CA ARG C 291 84.01 20.01 18.49
C ARG C 291 82.91 18.98 18.16
N VAL C 292 81.63 19.39 18.29
CA VAL C 292 80.54 18.46 18.04
C VAL C 292 80.44 18.13 16.55
N ILE C 293 80.81 19.07 15.67
CA ILE C 293 80.71 18.85 14.23
C ILE C 293 81.78 17.87 13.78
N ARG C 294 83.03 18.08 14.19
CA ARG C 294 84.08 17.15 13.82
C ARG C 294 83.88 15.80 14.47
N LYS C 295 83.38 15.78 15.71
CA LYS C 295 83.03 14.53 16.40
C LYS C 295 81.95 13.76 15.66
N ALA C 296 81.02 14.48 15.03
CA ALA C 296 79.95 13.86 14.27
C ALA C 296 80.47 13.26 12.96
N TRP C 297 81.33 13.98 12.24
CA TRP C 297 81.94 13.39 11.05
C TRP C 297 82.72 12.12 11.42
N ALA C 298 83.14 11.98 12.67
CA ALA C 298 83.96 10.86 13.09
C ALA C 298 83.22 9.54 12.98
N ARG C 299 82.05 9.44 13.61
CA ARG C 299 81.28 8.20 13.54
C ARG C 299 80.62 8.02 12.18
N ALA C 300 80.15 9.10 11.58
CA ALA C 300 79.69 9.02 10.20
C ALA C 300 80.81 8.64 9.25
N GLY C 301 82.07 8.73 9.68
CA GLY C 301 83.20 8.33 8.84
C GLY C 301 83.41 9.22 7.64
N ILE C 302 82.99 10.48 7.71
CA ILE C 302 83.00 11.38 6.58
C ILE C 302 83.76 12.64 6.96
N THR C 303 84.09 13.40 5.95
CA THR C 303 84.58 14.75 6.14
C THR C 303 83.45 15.72 5.84
N GLY C 304 83.74 17.00 5.90
CA GLY C 304 82.78 18.05 5.60
C GLY C 304 82.72 18.50 4.17
N ALA C 305 83.35 17.76 3.24
CA ALA C 305 83.08 17.90 1.81
C ALA C 305 82.12 16.85 1.30
N ASP C 306 82.09 15.69 1.98
CA ASP C 306 81.02 14.71 1.90
C ASP C 306 79.65 15.32 2.22
N VAL C 307 79.62 16.54 2.78
CA VAL C 307 78.39 17.22 3.15
C VAL C 307 78.19 18.42 2.23
N ALA C 308 76.98 18.56 1.70
CA ALA C 308 76.63 19.58 0.73
C ALA C 308 75.72 20.66 1.29
N VAL C 309 74.94 20.35 2.31
CA VAL C 309 73.98 21.28 2.89
C VAL C 309 74.15 21.23 4.40
N VAL C 310 73.89 22.35 5.05
CA VAL C 310 73.86 22.41 6.50
C VAL C 310 72.55 23.07 6.92
N GLU C 311 71.81 22.39 7.79
CA GLU C 311 70.63 22.95 8.44
C GLU C 311 71.06 23.43 9.82
N ALA C 312 71.36 24.72 9.95
CA ALA C 312 71.93 25.21 11.19
C ALA C 312 70.85 25.46 12.24
N HIS C 313 71.29 25.51 13.51
CA HIS C 313 70.41 25.93 14.60
C HIS C 313 69.86 27.34 14.39
N GLY C 314 70.40 28.07 13.41
CA GLY C 314 70.12 29.47 13.15
C GLY C 314 68.85 30.09 13.72
N THR C 315 68.88 30.47 15.00
CA THR C 315 67.84 31.30 15.55
C THR C 315 67.88 32.66 14.86
N GLY C 316 68.32 33.70 15.58
CA GLY C 316 68.38 35.02 15.02
C GLY C 316 69.01 35.99 15.98
N THR C 317 69.57 35.47 17.07
CA THR C 317 70.35 36.29 17.98
C THR C 317 71.70 36.63 17.33
N ARG C 318 72.04 37.93 17.30
CA ARG C 318 73.14 38.42 16.46
C ARG C 318 74.52 38.25 17.09
N LEU C 319 74.62 37.79 18.33
CA LEU C 319 75.89 37.15 18.60
C LEU C 319 75.84 35.67 18.25
N GLY C 320 74.66 35.05 18.36
CA GLY C 320 74.55 33.63 18.05
C GLY C 320 74.88 33.32 16.61
N ASP C 321 74.25 34.02 15.67
CA ASP C 321 74.48 33.71 14.26
C ASP C 321 75.94 33.88 13.83
N PRO C 322 76.72 34.82 14.38
CA PRO C 322 78.18 34.73 14.22
C PRO C 322 78.76 33.43 14.75
N VAL C 323 78.62 33.15 16.06
CA VAL C 323 79.33 32.02 16.68
C VAL C 323 79.16 30.75 15.86
N GLU C 324 77.96 30.54 15.32
CA GLU C 324 77.74 29.31 14.58
C GLU C 324 78.41 29.36 13.22
N ALA C 325 78.07 30.39 12.41
CA ALA C 325 78.61 30.47 11.05
C ALA C 325 80.14 30.44 11.06
N SER C 326 80.75 31.04 12.08
CA SER C 326 82.20 30.96 12.23
C SER C 326 82.63 29.51 12.36
N ALA C 327 82.05 28.81 13.33
CA ALA C 327 82.30 27.38 13.52
C ALA C 327 81.94 26.58 12.27
N LEU C 328 81.08 27.12 11.40
CA LEU C 328 80.82 26.49 10.11
C LEU C 328 81.88 26.87 9.08
N LEU C 329 82.44 28.06 9.19
CA LEU C 329 83.58 28.40 8.35
C LEU C 329 84.85 27.78 8.90
N ALA C 330 84.88 27.52 10.20
CA ALA C 330 86.00 26.78 10.79
C ALA C 330 86.03 25.32 10.36
N THR C 331 84.87 24.73 10.02
CA THR C 331 84.72 23.27 9.88
C THR C 331 84.29 22.83 8.49
N TYR C 332 83.15 23.31 7.98
CA TYR C 332 82.76 22.93 6.63
C TYR C 332 83.43 23.79 5.59
N GLY C 333 83.62 25.08 5.87
CA GLY C 333 84.18 25.99 4.88
C GLY C 333 85.50 25.54 4.30
N LYS C 334 86.27 24.75 5.05
CA LYS C 334 87.63 24.40 4.69
C LYS C 334 87.67 23.13 3.86
N SER C 335 88.74 22.99 3.09
CA SER C 335 89.19 21.71 2.54
C SER C 335 88.07 20.95 1.81
N ARG C 336 87.39 21.63 0.87
CA ARG C 336 86.44 21.01 -0.06
C ARG C 336 87.05 20.76 -1.44
N GLY C 337 87.57 21.81 -2.08
CA GLY C 337 88.29 21.67 -3.33
C GLY C 337 87.40 21.79 -4.55
N SER C 338 87.11 20.66 -5.18
CA SER C 338 86.23 20.61 -6.36
C SER C 338 84.80 20.21 -6.00
N SER C 339 84.37 20.49 -4.74
CA SER C 339 83.02 20.18 -4.27
C SER C 339 82.15 21.40 -4.04
N GLY C 340 82.71 22.61 -4.08
CA GLY C 340 81.92 23.82 -3.99
C GLY C 340 81.64 24.23 -2.56
N PRO C 341 80.97 25.37 -2.38
CA PRO C 341 80.63 25.82 -1.01
C PRO C 341 79.43 25.06 -0.43
N VAL C 342 79.49 24.83 0.89
CA VAL C 342 78.35 24.25 1.60
C VAL C 342 77.20 25.24 1.54
N LEU C 343 75.97 24.72 1.46
CA LEU C 343 74.78 25.55 1.42
C LEU C 343 74.12 25.55 2.80
N LEU C 344 73.75 26.75 3.24
CA LEU C 344 73.42 27.04 4.64
C LEU C 344 71.99 27.54 4.75
N GLY C 345 71.32 27.12 5.81
CA GLY C 345 69.97 27.61 6.06
C GLY C 345 69.50 27.15 7.41
N SER C 346 68.36 27.68 7.81
CA SER C 346 67.77 27.31 9.08
C SER C 346 66.25 27.38 8.94
N VAL C 347 65.60 26.23 9.12
CA VAL C 347 64.14 26.10 8.98
C VAL C 347 63.40 27.21 9.73
N LYS C 348 63.97 27.71 10.84
CA LYS C 348 63.37 28.81 11.60
C LYS C 348 63.20 30.06 10.76
N SER C 349 64.04 30.23 9.73
CA SER C 349 63.84 31.28 8.72
C SER C 349 62.43 31.26 8.14
N ASN C 350 61.80 30.09 8.05
CA ASN C 350 60.46 29.95 7.47
C ASN C 350 59.37 29.77 8.52
N ILE C 351 59.64 29.08 9.63
CA ILE C 351 58.61 28.69 10.61
C ILE C 351 58.97 29.10 12.03
N GLY C 352 60.08 29.83 12.23
CA GLY C 352 60.44 30.27 13.57
C GLY C 352 60.88 29.16 14.51
N HIS C 353 61.39 29.54 15.68
CA HIS C 353 62.03 28.61 16.62
C HIS C 353 60.98 27.69 17.23
N ALA C 354 60.77 26.53 16.64
CA ALA C 354 59.84 25.54 17.19
C ALA C 354 60.29 24.96 18.52
N GLN C 355 61.41 25.44 19.05
CA GLN C 355 61.93 25.00 20.35
C GLN C 355 62.08 23.49 20.39
N ALA C 356 61.38 22.85 21.33
CA ALA C 356 61.52 21.41 21.56
C ALA C 356 61.36 20.58 20.28
N ALA C 357 60.80 21.18 19.23
CA ALA C 357 60.67 20.53 17.93
C ALA C 357 61.59 21.10 16.87
N ALA C 358 62.31 22.19 17.17
CA ALA C 358 63.14 22.84 16.16
C ALA C 358 64.19 21.88 15.60
N GLY C 359 64.66 20.96 16.42
CA GLY C 359 65.72 20.07 16.01
C GLY C 359 65.31 19.09 14.93
N VAL C 360 64.35 18.23 15.27
CA VAL C 360 63.89 17.25 14.29
C VAL C 360 63.22 17.93 13.12
N ALA C 361 62.63 19.11 13.35
CA ALA C 361 62.08 19.87 12.24
C ALA C 361 63.12 20.05 11.15
N GLY C 362 64.29 20.57 11.54
CA GLY C 362 65.38 20.74 10.58
C GLY C 362 65.79 19.45 9.93
N VAL C 363 65.82 18.36 10.71
CA VAL C 363 66.08 17.06 10.11
C VAL C 363 64.97 16.68 9.14
N ILE C 364 63.71 16.97 9.47
CA ILE C 364 62.65 16.68 8.51
C ILE C 364 62.83 17.55 7.28
N LYS C 365 63.20 18.82 7.47
CA LYS C 365 63.44 19.72 6.34
C LYS C 365 64.52 19.17 5.40
N VAL C 366 65.57 18.57 5.94
CA VAL C 366 66.64 18.12 5.06
C VAL C 366 66.24 16.84 4.32
N VAL C 367 65.59 15.89 5.02
CA VAL C 367 65.24 14.61 4.39
C VAL C 367 64.36 14.83 3.18
N LEU C 368 63.46 15.81 3.26
CA LEU C 368 62.71 16.23 2.07
C LEU C 368 63.63 16.60 0.93
N GLY C 369 64.73 17.30 1.24
CA GLY C 369 65.67 17.69 0.21
C GLY C 369 66.33 16.50 -0.45
N LEU C 370 66.90 15.60 0.36
CA LEU C 370 67.69 14.50 -0.18
C LEU C 370 66.88 13.65 -1.15
N ASN C 371 65.65 13.29 -0.76
CA ASN C 371 64.88 12.38 -1.60
C ASN C 371 64.46 13.04 -2.92
N ARG C 372 64.33 14.37 -2.93
CA ARG C 372 64.07 15.14 -4.15
C ARG C 372 65.34 15.42 -4.95
N GLY C 373 66.51 15.20 -4.36
CA GLY C 373 67.75 15.60 -4.99
C GLY C 373 67.92 17.10 -5.09
N LEU C 374 67.15 17.87 -4.35
CA LEU C 374 67.17 19.32 -4.48
C LEU C 374 67.43 19.99 -3.14
N VAL C 375 68.31 20.97 -3.16
CA VAL C 375 68.69 21.70 -1.93
C VAL C 375 67.49 22.49 -1.44
N PRO C 376 67.18 22.48 -0.14
CA PRO C 376 66.03 23.24 0.37
C PRO C 376 66.41 24.69 0.67
N PRO C 377 65.53 25.64 0.33
CA PRO C 377 65.90 27.06 0.45
C PRO C 377 65.64 27.68 1.82
N MET C 378 66.24 28.85 1.97
CA MET C 378 66.11 29.72 3.12
C MET C 378 65.28 30.94 2.74
N LEU C 379 64.45 31.40 3.67
CA LEU C 379 63.91 32.76 3.60
C LEU C 379 64.91 33.67 4.29
N CYS C 380 65.83 34.26 3.51
CA CYS C 380 66.71 35.29 4.03
C CYS C 380 66.05 36.66 3.88
N ARG C 381 66.42 37.59 4.75
CA ARG C 381 65.85 38.93 4.74
C ARG C 381 66.98 39.96 4.71
N GLY C 382 66.97 40.83 3.70
CA GLY C 382 68.02 41.81 3.54
C GLY C 382 69.34 41.23 3.07
N GLU C 383 70.44 41.65 3.68
CA GLU C 383 71.78 41.18 3.32
C GLU C 383 72.37 40.30 4.41
N ARG C 384 73.49 39.67 4.06
CA ARG C 384 74.21 38.81 5.00
C ARG C 384 74.76 39.65 6.15
N SER C 385 74.62 39.14 7.36
CA SER C 385 75.18 39.83 8.52
C SER C 385 76.66 40.10 8.28
N PRO C 386 77.10 41.35 8.41
CA PRO C 386 78.53 41.66 8.32
C PRO C 386 79.32 41.32 9.58
N LEU C 387 78.69 40.71 10.60
CA LEU C 387 79.40 40.10 11.71
C LEU C 387 79.84 38.69 11.39
N ILE C 388 79.67 38.29 10.13
CA ILE C 388 80.14 37.02 9.61
C ILE C 388 81.17 37.32 8.54
N GLU C 389 82.37 36.76 8.70
CA GLU C 389 83.41 36.89 7.70
C GLU C 389 83.20 35.76 6.70
N TRP C 390 82.42 36.05 5.66
CA TRP C 390 82.08 35.08 4.62
C TRP C 390 83.25 34.73 3.73
N SER C 391 84.41 35.37 3.92
CA SER C 391 85.64 35.12 3.19
C SER C 391 86.39 33.87 3.67
N SER C 392 86.01 33.31 4.81
CA SER C 392 86.82 32.34 5.55
C SER C 392 86.80 30.93 4.97
N GLY C 393 85.98 30.67 3.97
CA GLY C 393 85.78 29.33 3.46
C GLY C 393 84.44 29.20 2.78
N GLY C 394 84.23 28.04 2.15
CA GLY C 394 83.07 27.83 1.31
C GLY C 394 81.75 27.57 2.03
N VAL C 395 81.03 28.63 2.40
CA VAL C 395 79.78 28.55 3.13
C VAL C 395 78.87 29.66 2.63
N GLU C 396 78.16 29.40 1.51
CA GLU C 396 77.26 30.37 0.90
C GLU C 396 75.80 30.03 1.20
N LEU C 397 75.02 31.04 1.58
CA LEU C 397 73.63 30.81 1.99
C LEU C 397 72.85 30.14 0.88
N ALA C 398 71.83 29.36 1.27
CA ALA C 398 70.98 28.61 0.34
C ALA C 398 69.70 29.42 0.08
N GLU C 399 69.72 30.20 -1.02
CA GLU C 399 68.69 31.23 -1.26
C GLU C 399 67.41 30.66 -1.86
N ALA C 400 67.51 29.77 -2.85
CA ALA C 400 66.31 29.12 -3.37
C ALA C 400 66.69 27.69 -3.79
N VAL C 401 65.87 27.10 -4.65
CA VAL C 401 66.16 25.87 -5.39
C VAL C 401 67.65 25.69 -5.66
N SER C 402 68.10 24.44 -5.79
CA SER C 402 69.47 24.13 -6.21
C SER C 402 69.68 22.62 -6.18
N PRO C 403 70.36 22.04 -7.16
CA PRO C 403 70.61 20.59 -7.11
C PRO C 403 71.52 20.23 -5.97
N TRP C 404 71.38 19.00 -5.51
CA TRP C 404 72.16 18.54 -4.37
C TRP C 404 73.31 17.65 -4.84
N PRO C 405 74.56 18.12 -4.78
CA PRO C 405 75.70 17.34 -5.25
C PRO C 405 75.99 16.15 -4.36
N PRO C 406 76.22 14.97 -4.96
CA PRO C 406 76.71 13.84 -4.16
C PRO C 406 78.13 14.09 -3.66
N ALA C 407 78.50 13.31 -2.65
CA ALA C 407 79.87 13.23 -2.16
C ALA C 407 80.71 12.36 -3.09
N ALA C 408 82.00 12.23 -2.75
CA ALA C 408 82.92 11.42 -3.53
C ALA C 408 82.37 10.01 -3.77
N ASP C 409 81.89 9.38 -2.71
CA ASP C 409 81.31 8.05 -2.81
C ASP C 409 79.90 8.05 -3.36
N GLY C 410 79.45 9.18 -3.95
CA GLY C 410 78.15 9.25 -4.59
C GLY C 410 76.96 9.43 -3.68
N VAL C 411 77.18 9.80 -2.43
CA VAL C 411 76.11 9.95 -1.46
C VAL C 411 75.98 11.42 -1.12
N ARG C 412 74.90 12.04 -1.58
CA ARG C 412 74.50 13.30 -0.98
C ARG C 412 74.37 13.13 0.53
N ARG C 413 74.83 14.14 1.28
CA ARG C 413 74.74 14.14 2.72
C ARG C 413 74.39 15.54 3.17
N ALA C 414 74.30 15.71 4.47
CA ALA C 414 73.95 16.99 5.08
C ALA C 414 74.21 16.89 6.57
N GLY C 415 74.37 18.04 7.18
CA GLY C 415 74.42 18.14 8.63
C GLY C 415 73.38 19.11 9.14
N VAL C 416 72.80 18.79 10.30
CA VAL C 416 71.86 19.68 10.95
C VAL C 416 72.24 19.81 12.42
N SER C 417 72.24 21.05 12.91
CA SER C 417 72.67 21.37 14.26
C SER C 417 71.49 21.84 15.08
N ALA C 418 71.64 21.71 16.40
CA ALA C 418 70.80 22.42 17.35
C ALA C 418 71.56 22.52 18.65
N PHE C 419 71.37 23.65 19.33
CA PHE C 419 72.01 23.91 20.60
C PHE C 419 70.97 24.39 21.59
N GLY C 420 71.14 23.99 22.84
CA GLY C 420 70.24 24.43 23.87
C GLY C 420 70.76 25.65 24.57
N VAL C 421 69.84 26.35 25.24
CA VAL C 421 70.24 27.30 26.27
C VAL C 421 70.99 26.57 27.38
N SER C 422 70.75 25.26 27.51
CA SER C 422 71.48 24.39 28.43
C SER C 422 72.98 24.61 28.40
N GLY C 423 73.54 24.71 27.20
CA GLY C 423 74.95 24.51 26.94
C GLY C 423 75.26 23.17 26.30
N THR C 424 74.31 22.22 26.36
CA THR C 424 74.44 20.90 25.73
C THR C 424 74.14 20.99 24.23
N ASN C 425 75.13 20.67 23.41
CA ASN C 425 75.14 20.89 21.96
C ASN C 425 74.97 19.56 21.24
N ALA C 426 74.60 19.64 19.95
CA ALA C 426 74.31 18.45 19.17
C ALA C 426 74.29 18.73 17.68
N HIS C 427 74.92 17.81 16.91
CA HIS C 427 75.11 17.92 15.47
C HIS C 427 74.97 16.53 14.85
N VAL C 428 74.11 16.39 13.84
CA VAL C 428 73.74 15.09 13.29
C VAL C 428 73.83 15.12 11.76
N ILE C 429 74.35 14.03 11.19
CA ILE C 429 74.50 13.83 9.74
C ILE C 429 73.43 12.87 9.26
N ILE C 430 72.71 13.24 8.21
CA ILE C 430 71.71 12.37 7.62
C ILE C 430 72.04 12.19 6.15
N ALA C 431 72.40 10.97 5.78
CA ALA C 431 72.81 10.65 4.42
C ALA C 431 71.69 10.00 3.63
N GLU C 432 71.68 10.27 2.34
CA GLU C 432 70.64 9.74 1.46
C GLU C 432 70.65 8.22 1.46
N PRO C 433 69.50 7.60 1.22
CA PRO C 433 69.38 6.15 1.41
C PRO C 433 70.04 5.37 0.30
N PRO C 434 70.62 4.20 0.60
CA PRO C 434 71.05 3.26 -0.43
C PRO C 434 69.87 2.52 -1.05
N GLY C 446 47.91 -16.00 -5.77
CA GLY C 446 47.46 -15.52 -7.08
C GLY C 446 46.39 -14.45 -7.02
N VAL C 447 45.14 -14.89 -7.17
CA VAL C 447 43.91 -14.14 -6.88
C VAL C 447 43.75 -12.89 -7.77
N LEU C 448 44.20 -11.71 -7.29
CA LEU C 448 44.03 -10.45 -8.01
C LEU C 448 44.42 -10.54 -9.47
N ALA C 449 45.24 -11.54 -9.83
CA ALA C 449 45.54 -11.80 -11.24
C ALA C 449 44.29 -12.14 -12.02
N ALA C 450 43.49 -13.08 -11.51
CA ALA C 450 42.36 -13.60 -12.27
C ALA C 450 41.14 -12.68 -12.23
N ALA C 451 41.05 -11.80 -11.24
CA ALA C 451 40.02 -10.77 -11.26
C ALA C 451 40.60 -9.49 -11.87
N ASN C 452 39.70 -8.63 -12.33
CA ASN C 452 40.12 -7.41 -13.00
C ASN C 452 39.88 -6.16 -12.15
N SER C 453 39.29 -6.31 -10.98
CA SER C 453 39.21 -5.19 -10.06
C SER C 453 40.05 -5.49 -8.82
N VAL C 454 40.38 -4.43 -8.10
CA VAL C 454 41.16 -4.57 -6.87
C VAL C 454 40.34 -3.95 -5.75
N PRO C 455 40.58 -4.39 -4.50
CA PRO C 455 39.82 -3.82 -3.38
C PRO C 455 40.58 -2.72 -2.67
N VAL C 456 39.97 -1.55 -2.57
CA VAL C 456 40.61 -0.40 -1.92
C VAL C 456 39.84 -0.15 -0.62
N LEU C 457 40.54 -0.22 0.49
CA LEU C 457 39.91 -0.40 1.79
C LEU C 457 40.07 0.86 2.62
N LEU C 458 39.01 1.20 3.37
CA LEU C 458 39.01 2.39 4.21
C LEU C 458 38.32 2.08 5.52
N SER C 459 38.91 2.52 6.62
CA SER C 459 38.41 2.23 7.96
C SER C 459 38.53 3.48 8.81
N ALA C 460 37.62 3.60 9.79
CA ALA C 460 37.68 4.70 10.74
C ALA C 460 36.86 4.30 11.95
N ARG C 461 37.25 4.86 13.10
CA ARG C 461 36.48 4.71 14.34
C ARG C 461 35.11 5.38 14.26
N THR C 462 34.86 6.25 13.27
CA THR C 462 33.55 6.87 13.09
C THR C 462 33.09 6.74 11.63
N GLU C 463 31.79 6.95 11.43
CA GLU C 463 31.22 6.97 10.08
C GLU C 463 31.43 8.33 9.44
N THR C 464 31.44 9.39 10.26
CA THR C 464 31.72 10.72 9.74
C THR C 464 33.18 10.85 9.29
N ALA C 465 34.12 10.26 10.05
CA ALA C 465 35.49 10.22 9.60
C ALA C 465 35.63 9.45 8.27
N LEU C 466 34.81 8.41 8.07
CA LEU C 466 34.95 7.59 6.85
C LEU C 466 34.50 8.36 5.61
N ALA C 467 33.39 9.08 5.71
CA ALA C 467 33.02 10.04 4.67
C ALA C 467 34.19 10.96 4.36
N ALA C 468 34.83 11.49 5.42
CA ALA C 468 35.96 12.40 5.27
C ALA C 468 37.12 11.74 4.53
N GLN C 469 37.57 10.59 5.04
CA GLN C 469 38.61 9.85 4.34
C GLN C 469 38.24 9.69 2.87
N ALA C 470 37.01 9.25 2.61
CA ALA C 470 36.54 9.07 1.25
C ALA C 470 36.83 10.31 0.41
N ARG C 471 36.39 11.47 0.89
CA ARG C 471 36.72 12.72 0.20
C ARG C 471 38.22 12.86 0.08
N LEU C 472 38.92 12.82 1.22
CA LEU C 472 40.36 13.06 1.25
C LEU C 472 41.13 12.09 0.38
N LEU C 473 40.57 10.90 0.13
CA LEU C 473 41.20 9.94 -0.79
C LEU C 473 41.24 10.44 -2.23
N GLU C 474 40.61 11.55 -2.54
CA GLU C 474 40.63 12.02 -3.91
C GLU C 474 41.91 12.76 -4.32
N PRO C 482 48.84 3.94 -10.14
CA PRO C 482 48.19 2.63 -10.28
C PRO C 482 47.32 2.35 -9.06
N LEU C 483 46.32 1.46 -9.15
CA LEU C 483 45.41 1.24 -8.04
C LEU C 483 45.83 0.09 -7.14
N THR C 484 46.34 -1.00 -7.72
CA THR C 484 46.94 -2.05 -6.91
C THR C 484 47.94 -1.49 -5.93
N ALA C 485 48.79 -0.55 -6.39
CA ALA C 485 49.72 0.09 -5.47
C ALA C 485 48.96 0.94 -4.45
N LEU C 486 47.95 1.69 -4.89
CA LEU C 486 47.11 2.44 -3.96
C LEU C 486 46.32 1.50 -3.05
N ALA C 487 45.61 0.53 -3.63
CA ALA C 487 44.82 -0.41 -2.84
C ALA C 487 45.69 -1.20 -1.85
N SER C 488 46.91 -1.57 -2.27
CA SER C 488 47.82 -2.33 -1.39
C SER C 488 48.37 -1.43 -0.29
N ALA C 489 48.90 -0.27 -0.65
CA ALA C 489 49.27 0.69 0.38
C ALA C 489 48.11 0.98 1.30
N LEU C 490 46.87 0.91 0.78
CA LEU C 490 45.71 1.13 1.62
C LEU C 490 45.37 -0.10 2.43
N ALA C 491 45.64 -1.28 1.87
CA ALA C 491 45.27 -2.53 2.49
C ALA C 491 46.34 -3.04 3.45
N THR C 492 47.59 -3.03 3.02
CA THR C 492 48.62 -3.60 3.88
C THR C 492 49.15 -2.59 4.90
N GLY C 493 48.55 -1.40 5.00
CA GLY C 493 49.28 -0.33 5.67
C GLY C 493 48.59 0.52 6.71
N ARG C 494 47.29 0.37 6.87
CA ARG C 494 46.60 1.12 7.92
C ARG C 494 46.15 0.18 9.02
N ALA C 495 45.64 0.76 10.08
CA ALA C 495 44.91 0.00 11.08
C ALA C 495 43.49 -0.18 10.60
N HIS C 496 43.08 -1.43 10.40
CA HIS C 496 41.68 -1.72 10.12
C HIS C 496 40.86 -1.43 11.36
N LEU C 497 39.92 -0.49 11.25
CA LEU C 497 39.14 -0.01 12.38
C LEU C 497 37.66 -0.34 12.23
N PRO C 498 36.88 -0.40 13.35
CA PRO C 498 35.46 -0.74 13.30
C PRO C 498 34.69 -0.41 12.03
N ARG C 499 34.25 0.84 11.83
CA ARG C 499 33.43 1.17 10.65
C ARG C 499 34.27 1.12 9.38
N ARG C 500 34.22 0.00 8.69
CA ARG C 500 35.01 -0.23 7.50
C ARG C 500 34.21 0.14 6.24
N ALA C 501 34.75 -0.24 5.08
CA ALA C 501 34.23 0.13 3.76
C ALA C 501 35.16 -0.41 2.68
N ALA C 502 34.62 -0.99 1.61
CA ALA C 502 35.48 -1.48 0.54
C ALA C 502 34.88 -1.15 -0.82
N LEU C 503 35.70 -0.58 -1.70
CA LEU C 503 35.26 -0.16 -3.02
C LEU C 503 36.11 -0.86 -4.06
N LEU C 504 35.46 -1.49 -5.02
CA LEU C 504 36.11 -2.38 -5.98
C LEU C 504 36.02 -1.73 -7.35
N ALA C 505 37.14 -1.17 -7.79
CA ALA C 505 37.23 -0.56 -9.10
C ALA C 505 38.17 -1.34 -10.00
N GLY C 506 37.99 -1.16 -11.31
CA GLY C 506 38.90 -1.67 -12.32
C GLY C 506 39.52 -0.55 -13.15
N ASP C 507 39.28 0.69 -12.74
CA ASP C 507 39.80 1.91 -13.38
C ASP C 507 39.78 3.03 -12.34
N HIS C 508 40.05 4.27 -12.80
CA HIS C 508 40.33 5.35 -11.87
C HIS C 508 39.11 6.19 -11.49
N GLU C 509 38.44 6.83 -12.45
CA GLU C 509 37.27 7.62 -12.05
C GLU C 509 36.15 6.75 -11.50
N GLN C 510 36.11 5.47 -11.87
CA GLN C 510 35.29 4.50 -11.16
C GLN C 510 35.50 4.61 -9.66
N LEU C 511 36.75 4.39 -9.23
CA LEU C 511 37.10 4.59 -7.84
C LEU C 511 36.60 5.94 -7.35
N ARG C 512 36.88 7.00 -8.11
CA ARG C 512 36.40 8.33 -7.76
C ARG C 512 34.88 8.31 -7.57
N GLY C 513 34.15 7.78 -8.56
CA GLY C 513 32.71 7.65 -8.40
C GLY C 513 32.34 6.96 -7.10
N GLN C 514 33.00 5.83 -6.82
CA GLN C 514 32.77 5.11 -5.57
C GLN C 514 33.04 5.99 -4.34
N LEU C 515 34.23 6.63 -4.28
CA LEU C 515 34.64 7.37 -3.08
C LEU C 515 33.81 8.63 -2.87
N ARG C 516 33.39 9.30 -3.94
CA ARG C 516 32.37 10.33 -3.78
C ARG C 516 31.14 9.74 -3.12
N ALA C 517 30.67 8.59 -3.63
CA ALA C 517 29.47 7.98 -3.11
C ALA C 517 29.58 7.74 -1.61
N VAL C 518 30.74 7.24 -1.16
CA VAL C 518 30.88 6.97 0.26
C VAL C 518 31.01 8.26 1.05
N ALA C 519 31.44 9.34 0.39
CA ALA C 519 31.79 10.57 1.09
C ALA C 519 30.61 11.21 1.83
N GLU C 520 29.38 10.75 1.63
CA GLU C 520 28.26 11.24 2.44
C GLU C 520 27.24 10.16 2.76
N GLY C 521 27.52 8.89 2.47
CA GLY C 521 26.61 7.81 2.81
C GLY C 521 25.61 7.39 1.76
N VAL C 522 25.95 7.52 0.48
CA VAL C 522 25.07 7.17 -0.64
C VAL C 522 25.60 5.89 -1.30
N ALA C 523 24.70 5.11 -1.90
CA ALA C 523 25.07 3.86 -2.55
C ALA C 523 25.75 4.10 -3.90
N ALA C 524 26.37 3.04 -4.43
CA ALA C 524 27.02 3.01 -5.73
C ALA C 524 27.56 1.61 -6.01
N PRO C 525 27.76 1.24 -7.28
CA PRO C 525 28.34 -0.08 -7.56
C PRO C 525 29.70 -0.22 -6.89
N GLY C 526 30.09 -1.48 -6.61
CA GLY C 526 31.34 -1.79 -5.94
C GLY C 526 31.46 -1.32 -4.51
N ALA C 527 30.67 -0.34 -4.09
CA ALA C 527 30.88 0.36 -2.84
C ALA C 527 30.06 -0.32 -1.74
N THR C 528 30.74 -1.08 -0.90
CA THR C 528 30.13 -1.80 0.20
C THR C 528 30.70 -1.27 1.51
N THR C 529 29.83 -0.97 2.47
CA THR C 529 30.26 -0.46 3.76
C THR C 529 29.72 -1.34 4.87
N GLY C 530 30.32 -1.26 6.03
CA GLY C 530 29.82 -2.04 7.15
C GLY C 530 30.39 -1.65 8.49
N THR C 531 30.55 -2.65 9.36
CA THR C 531 31.08 -2.48 10.70
C THR C 531 31.64 -3.82 11.14
N ALA C 532 32.88 -3.82 11.59
CA ALA C 532 33.49 -5.06 12.06
C ALA C 532 32.63 -5.71 13.11
N SER C 533 32.69 -7.04 13.16
CA SER C 533 32.31 -7.75 14.37
C SER C 533 33.28 -8.83 14.78
N ALA C 534 34.11 -9.32 13.86
CA ALA C 534 35.10 -10.33 14.19
C ALA C 534 34.44 -11.59 14.75
N GLY C 535 35.24 -12.51 15.24
CA GLY C 535 34.76 -13.79 15.72
C GLY C 535 35.09 -14.93 14.77
N GLY C 536 34.40 -16.03 14.97
CA GLY C 536 34.61 -17.20 14.14
C GLY C 536 34.06 -17.02 12.75
N VAL C 537 34.45 -17.93 11.87
CA VAL C 537 33.92 -18.03 10.53
C VAL C 537 33.56 -19.48 10.26
N VAL C 538 32.28 -19.74 9.93
CA VAL C 538 31.81 -21.05 9.49
C VAL C 538 31.95 -21.17 7.99
N PHE C 539 32.29 -22.38 7.51
CA PHE C 539 32.47 -22.66 6.09
C PHE C 539 31.33 -23.55 5.61
N VAL C 540 30.50 -23.02 4.69
CA VAL C 540 29.33 -23.70 4.17
C VAL C 540 29.70 -24.37 2.86
N PHE C 541 29.10 -25.54 2.59
CA PHE C 541 29.49 -26.38 1.46
C PHE C 541 28.25 -26.97 0.79
N PRO C 542 27.57 -26.20 -0.06
CA PRO C 542 26.28 -26.71 -0.61
C PRO C 542 26.48 -27.87 -1.57
N GLY C 543 25.43 -28.31 -2.28
CA GLY C 543 25.55 -29.46 -3.14
C GLY C 543 25.03 -29.15 -4.54
N GLN C 544 24.48 -30.18 -5.19
CA GLN C 544 23.76 -30.11 -6.46
C GLN C 544 23.09 -28.76 -6.69
N GLY C 545 23.02 -28.31 -7.94
CA GLY C 545 22.33 -27.10 -8.33
C GLY C 545 23.22 -25.88 -8.49
N ALA C 546 24.37 -25.84 -7.83
CA ALA C 546 25.23 -24.68 -7.89
C ALA C 546 26.13 -24.65 -9.14
N GLN C 547 26.29 -25.78 -9.83
CA GLN C 547 27.22 -25.87 -10.95
C GLN C 547 26.80 -24.99 -12.12
N TRP C 548 27.79 -24.62 -12.94
CA TRP C 548 27.55 -23.98 -14.22
C TRP C 548 28.78 -24.21 -15.10
N GLU C 549 28.54 -24.24 -16.41
CA GLU C 549 29.60 -24.59 -17.36
C GLU C 549 30.73 -23.56 -17.34
N GLY C 550 31.95 -24.04 -17.15
CA GLY C 550 33.11 -23.18 -17.15
C GLY C 550 33.38 -22.54 -15.82
N MET C 551 32.75 -23.04 -14.75
CA MET C 551 32.97 -22.47 -13.44
C MET C 551 34.45 -22.54 -13.06
N ALA C 552 34.96 -21.44 -12.50
CA ALA C 552 36.29 -21.36 -11.91
C ALA C 552 37.40 -21.81 -12.88
N ARG C 553 37.16 -21.68 -14.18
CA ARG C 553 38.26 -21.78 -15.14
C ARG C 553 39.37 -20.81 -14.77
N GLY C 554 39.00 -19.59 -14.37
CA GLY C 554 39.97 -18.56 -14.06
C GLY C 554 40.91 -18.94 -12.94
N LEU C 555 40.43 -19.68 -11.95
CA LEU C 555 41.29 -19.97 -10.81
C LEU C 555 42.37 -21.00 -11.16
N LEU C 556 42.15 -21.84 -12.17
CA LEU C 556 43.16 -22.83 -12.56
C LEU C 556 44.52 -22.18 -12.70
N SER C 557 44.53 -20.88 -13.03
CA SER C 557 45.78 -20.16 -13.18
C SER C 557 46.53 -20.11 -11.86
N VAL C 558 45.87 -19.65 -10.81
CA VAL C 558 46.56 -19.28 -9.58
C VAL C 558 47.01 -20.54 -8.85
N PRO C 559 48.21 -20.54 -8.27
CA PRO C 559 48.89 -21.79 -7.94
C PRO C 559 48.25 -22.63 -6.84
N VAL C 560 47.84 -22.03 -5.73
CA VAL C 560 47.22 -22.85 -4.69
C VAL C 560 46.00 -23.56 -5.24
N PHE C 561 45.11 -22.83 -5.92
CA PHE C 561 43.91 -23.43 -6.48
C PHE C 561 44.30 -24.52 -7.49
N ALA C 562 45.36 -24.29 -8.26
CA ALA C 562 45.80 -25.34 -9.15
C ALA C 562 46.46 -26.48 -8.36
N GLU C 563 46.99 -26.17 -7.18
CA GLU C 563 47.74 -27.17 -6.42
C GLU C 563 46.82 -28.29 -5.91
N SER C 564 45.62 -27.94 -5.46
CA SER C 564 44.75 -28.99 -4.94
C SER C 564 43.84 -29.60 -6.02
N ILE C 565 43.40 -28.83 -7.02
CA ILE C 565 42.74 -29.49 -8.16
C ILE C 565 43.67 -30.54 -8.73
N ALA C 566 44.97 -30.29 -8.67
CA ALA C 566 45.93 -31.33 -9.04
C ALA C 566 45.72 -32.58 -8.20
N GLU C 567 45.74 -32.44 -6.88
CA GLU C 567 45.62 -33.60 -6.00
C GLU C 567 44.32 -34.34 -6.27
N CYS C 568 43.22 -33.60 -6.42
CA CYS C 568 41.96 -34.21 -6.79
C CYS C 568 42.10 -35.02 -8.08
N ASP C 569 42.63 -34.40 -9.15
CA ASP C 569 42.85 -35.11 -10.41
C ASP C 569 43.52 -36.46 -10.15
N ALA C 570 44.69 -36.44 -9.51
CA ALA C 570 45.51 -37.62 -9.31
C ALA C 570 44.69 -38.83 -8.86
N VAL C 571 43.93 -38.66 -7.78
CA VAL C 571 43.08 -39.74 -7.27
C VAL C 571 41.80 -39.86 -8.10
N LEU C 572 41.13 -38.73 -8.38
CA LEU C 572 39.94 -38.79 -9.24
C LEU C 572 40.26 -39.43 -10.57
N SER C 573 41.38 -39.03 -11.18
CA SER C 573 41.89 -39.78 -12.33
C SER C 573 41.88 -41.25 -12.02
N GLU C 574 42.12 -41.64 -10.78
CA GLU C 574 42.34 -43.06 -10.53
C GLU C 574 41.11 -43.76 -10.01
N VAL C 575 40.11 -43.06 -9.47
CA VAL C 575 38.86 -43.74 -9.13
C VAL C 575 37.68 -43.42 -10.07
N ALA C 576 37.74 -42.39 -10.92
CA ALA C 576 36.62 -42.05 -11.80
C ALA C 576 36.95 -42.09 -13.30
N GLY C 577 38.23 -42.09 -13.62
CA GLY C 577 38.69 -42.12 -14.99
C GLY C 577 38.63 -40.82 -15.71
N PHE C 578 38.74 -39.70 -15.00
CA PHE C 578 38.90 -38.41 -15.64
C PHE C 578 39.51 -37.45 -14.63
N SER C 579 39.99 -36.33 -15.15
CA SER C 579 40.47 -35.23 -14.35
C SER C 579 39.29 -34.37 -13.95
N ALA C 580 39.42 -33.68 -12.82
CA ALA C 580 38.61 -32.50 -12.61
C ALA C 580 39.01 -31.40 -13.57
N SER C 581 40.28 -31.42 -14.00
CA SER C 581 40.82 -30.37 -14.87
C SER C 581 40.24 -30.48 -16.28
N GLU C 582 40.16 -31.69 -16.85
CA GLU C 582 39.46 -31.90 -18.11
C GLU C 582 38.20 -31.06 -18.15
N VAL C 583 37.35 -31.30 -17.15
CA VAL C 583 36.00 -30.78 -17.15
C VAL C 583 35.99 -29.27 -16.94
N LEU C 584 36.95 -28.73 -16.21
CA LEU C 584 36.92 -27.31 -15.91
C LEU C 584 37.56 -26.49 -16.99
N GLU C 585 38.56 -27.07 -17.65
CA GLU C 585 39.16 -26.49 -18.85
C GLU C 585 38.24 -26.53 -20.05
N GLN C 586 37.06 -27.17 -19.92
CA GLN C 586 36.15 -27.46 -21.04
C GLN C 586 36.92 -28.06 -22.22
N ARG C 587 37.62 -29.16 -21.93
CA ARG C 587 38.31 -29.90 -22.99
C ARG C 587 37.27 -30.54 -23.89
N PRO C 588 37.52 -30.65 -25.24
CA PRO C 588 36.42 -31.04 -26.12
C PRO C 588 35.99 -32.40 -25.76
N ASP C 589 37.02 -33.12 -25.37
CA ASP C 589 36.93 -34.47 -24.91
C ASP C 589 36.10 -34.65 -23.63
N ALA C 590 36.68 -34.29 -22.47
CA ALA C 590 36.10 -34.19 -21.12
C ALA C 590 34.65 -34.62 -20.97
N PRO C 591 34.33 -35.57 -20.10
CA PRO C 591 32.92 -35.98 -19.92
C PRO C 591 32.07 -34.82 -19.41
N SER C 592 30.74 -35.04 -19.45
CA SER C 592 29.75 -33.97 -19.32
C SER C 592 29.35 -33.66 -17.88
N LEU C 593 29.28 -32.37 -17.54
CA LEU C 593 28.66 -31.94 -16.29
C LEU C 593 27.19 -32.28 -16.20
N GLU C 594 26.59 -32.81 -17.25
CA GLU C 594 25.20 -33.20 -17.12
C GLU C 594 25.05 -34.49 -16.32
N ARG C 595 26.00 -35.41 -16.45
CA ARG C 595 25.97 -36.64 -15.68
C ARG C 595 26.08 -36.37 -14.18
N VAL C 596 25.40 -37.20 -13.39
CA VAL C 596 25.54 -37.11 -11.94
C VAL C 596 26.94 -37.52 -11.52
N ASP C 597 27.45 -38.61 -12.08
CA ASP C 597 28.69 -39.10 -11.51
C ASP C 597 29.90 -38.30 -11.97
N VAL C 598 29.70 -37.25 -12.75
CA VAL C 598 30.77 -36.31 -13.08
C VAL C 598 30.61 -35.02 -12.30
N VAL C 599 29.45 -34.37 -12.40
CA VAL C 599 29.30 -33.07 -11.78
C VAL C 599 29.68 -33.14 -10.30
N GLN C 600 29.31 -34.23 -9.62
CA GLN C 600 29.50 -34.29 -8.17
C GLN C 600 30.96 -34.46 -7.75
N PRO C 601 31.73 -35.35 -8.40
CA PRO C 601 33.19 -35.27 -8.19
C PRO C 601 33.77 -33.91 -8.58
N VAL C 602 33.47 -33.41 -9.78
CA VAL C 602 33.98 -32.11 -10.19
C VAL C 602 33.59 -31.04 -9.18
N LEU C 603 32.31 -31.00 -8.78
CA LEU C 603 31.87 -29.96 -7.86
C LEU C 603 32.63 -29.98 -6.55
N PHE C 604 33.20 -31.14 -6.20
CA PHE C 604 33.88 -31.30 -4.92
C PHE C 604 35.22 -30.59 -4.96
N SER C 605 36.00 -30.84 -6.03
CA SER C 605 37.32 -30.25 -6.15
C SER C 605 37.24 -28.74 -6.19
N VAL C 606 36.20 -28.19 -6.83
CA VAL C 606 35.99 -26.74 -6.85
C VAL C 606 35.77 -26.22 -5.44
N MET C 607 35.25 -27.07 -4.55
CA MET C 607 34.79 -26.68 -3.22
C MET C 607 35.92 -26.74 -2.21
N VAL C 608 36.64 -27.86 -2.17
CA VAL C 608 37.79 -27.94 -1.28
C VAL C 608 38.90 -27.00 -1.74
N SER C 609 39.08 -26.85 -3.05
CA SER C 609 40.10 -25.94 -3.56
C SER C 609 39.74 -24.50 -3.23
N LEU C 610 38.49 -24.13 -3.43
CA LEU C 610 38.03 -22.82 -2.98
C LEU C 610 38.37 -22.58 -1.52
N ALA C 611 38.30 -23.63 -0.69
CA ALA C 611 38.61 -23.47 0.72
C ALA C 611 40.11 -23.30 0.93
N ARG C 612 40.92 -24.16 0.31
CA ARG C 612 42.37 -23.96 0.36
C ARG C 612 42.74 -22.55 -0.07
N LEU C 613 42.09 -22.04 -1.11
CA LEU C 613 42.29 -20.66 -1.51
C LEU C 613 42.03 -19.72 -0.34
N TRP C 614 40.83 -19.75 0.23
CA TRP C 614 40.50 -18.82 1.31
C TRP C 614 41.47 -18.94 2.49
N GLY C 615 42.04 -20.12 2.71
CA GLY C 615 43.11 -20.22 3.68
C GLY C 615 44.39 -19.54 3.19
N ALA C 616 44.61 -19.58 1.88
CA ALA C 616 45.78 -18.90 1.32
C ALA C 616 45.65 -17.38 1.44
N CYS C 617 44.43 -16.87 1.58
CA CYS C 617 44.21 -15.47 1.90
C CYS C 617 44.02 -15.23 3.38
N GLY C 618 44.49 -16.16 4.22
CA GLY C 618 44.40 -15.99 5.65
C GLY C 618 43.13 -16.50 6.32
N VAL C 619 42.06 -16.73 5.56
CA VAL C 619 40.77 -17.10 6.16
C VAL C 619 40.68 -18.61 6.26
N SER C 620 40.79 -19.12 7.48
CA SER C 620 40.60 -20.53 7.71
C SER C 620 39.37 -20.78 8.59
N PRO C 621 38.59 -21.80 8.28
CA PRO C 621 37.26 -21.91 8.90
C PRO C 621 37.41 -22.24 10.36
N SER C 622 36.48 -21.73 11.14
CA SER C 622 36.34 -22.17 12.52
C SER C 622 35.36 -23.33 12.70
N ALA C 623 34.50 -23.59 11.71
CA ALA C 623 33.47 -24.62 11.75
C ALA C 623 32.97 -24.90 10.34
N VAL C 624 32.59 -26.15 10.08
CA VAL C 624 32.13 -26.52 8.75
C VAL C 624 30.72 -27.07 8.82
N ILE C 625 29.97 -26.87 7.72
CA ILE C 625 28.60 -27.33 7.54
C ILE C 625 28.40 -27.70 6.07
N GLY C 626 28.35 -28.99 5.75
CA GLY C 626 28.04 -29.43 4.41
C GLY C 626 26.57 -29.79 4.24
N HIS C 627 26.10 -29.80 3.00
CA HIS C 627 24.70 -30.07 2.68
C HIS C 627 24.69 -31.13 1.59
N SER C 628 24.01 -32.24 1.83
CA SER C 628 24.02 -33.41 0.92
C SER C 628 25.48 -33.72 0.60
N GLN C 629 25.86 -33.84 -0.69
CA GLN C 629 27.22 -34.18 -1.06
C GLN C 629 28.24 -33.22 -0.48
N GLY C 630 27.83 -31.99 -0.19
CA GLY C 630 28.75 -31.00 0.38
C GLY C 630 29.37 -31.43 1.70
N GLU C 631 28.76 -32.39 2.38
CA GLU C 631 29.38 -32.85 3.61
C GLU C 631 30.67 -33.60 3.32
N ILE C 632 30.74 -34.30 2.19
CA ILE C 632 32.01 -34.88 1.77
C ILE C 632 33.07 -33.79 1.73
N ALA C 633 32.70 -32.64 1.17
CA ALA C 633 33.63 -31.53 1.10
C ALA C 633 34.02 -31.08 2.48
N ALA C 634 33.03 -30.76 3.32
CA ALA C 634 33.36 -30.36 4.68
C ALA C 634 34.21 -31.42 5.38
N ALA C 635 33.99 -32.70 5.07
CA ALA C 635 34.73 -33.78 5.73
C ALA C 635 36.23 -33.68 5.52
N VAL C 636 36.67 -33.22 4.34
CA VAL C 636 38.11 -33.15 4.16
C VAL C 636 38.66 -31.86 4.76
N VAL C 637 37.96 -30.74 4.51
CA VAL C 637 38.30 -29.46 5.09
C VAL C 637 38.36 -29.56 6.60
N ALA C 638 37.52 -30.40 7.20
CA ALA C 638 37.49 -30.55 8.65
C ALA C 638 38.41 -31.63 9.17
N GLY C 639 39.07 -32.38 8.30
CA GLY C 639 40.02 -33.36 8.78
C GLY C 639 39.46 -34.75 8.95
N VAL C 640 38.15 -34.94 8.70
CA VAL C 640 37.50 -36.24 8.91
C VAL C 640 38.01 -37.28 7.91
N LEU C 641 38.27 -36.86 6.66
CA LEU C 641 38.75 -37.77 5.64
C LEU C 641 39.96 -37.22 4.92
N SER C 642 40.88 -38.11 4.55
CA SER C 642 41.94 -37.73 3.66
C SER C 642 41.35 -37.38 2.30
N LEU C 643 41.87 -36.33 1.67
CA LEU C 643 41.36 -35.96 0.35
C LEU C 643 41.24 -37.20 -0.52
N GLU C 644 42.24 -38.08 -0.48
CA GLU C 644 42.18 -39.31 -1.29
C GLU C 644 40.88 -40.04 -1.03
N ASP C 645 40.55 -40.18 0.25
CA ASP C 645 39.37 -40.93 0.58
C ASP C 645 38.13 -40.10 0.36
N GLY C 646 38.23 -38.80 0.57
CA GLY C 646 37.11 -37.93 0.22
C GLY C 646 36.72 -38.07 -1.24
N VAL C 647 37.72 -38.18 -2.12
CA VAL C 647 37.45 -38.34 -3.53
C VAL C 647 36.76 -39.67 -3.80
N ARG C 648 37.32 -40.77 -3.29
CA ARG C 648 36.69 -42.07 -3.42
C ARG C 648 35.21 -41.99 -3.10
N VAL C 649 34.84 -41.23 -2.07
CA VAL C 649 33.47 -41.28 -1.61
C VAL C 649 32.54 -40.53 -2.55
N VAL C 650 32.90 -39.30 -2.94
CA VAL C 650 32.09 -38.58 -3.93
C VAL C 650 32.10 -39.31 -5.26
N ALA C 651 33.24 -39.89 -5.64
CA ALA C 651 33.28 -40.70 -6.85
C ALA C 651 32.25 -41.82 -6.80
N LEU C 652 32.41 -42.74 -5.86
CA LEU C 652 31.66 -43.99 -5.93
C LEU C 652 30.18 -43.82 -5.56
N ARG C 653 29.83 -42.80 -4.77
CA ARG C 653 28.43 -42.53 -4.51
C ARG C 653 27.74 -42.01 -5.76
N ALA C 654 28.31 -40.96 -6.37
CA ALA C 654 27.78 -40.41 -7.62
C ALA C 654 27.70 -41.47 -8.71
N LYS C 655 28.70 -42.34 -8.81
CA LYS C 655 28.61 -43.43 -9.78
C LYS C 655 27.47 -44.38 -9.42
N ALA C 656 27.27 -44.64 -8.13
CA ALA C 656 26.16 -45.50 -7.72
C ALA C 656 24.82 -44.83 -8.02
N LEU C 657 24.76 -43.51 -7.84
CA LEU C 657 23.55 -42.74 -8.03
C LEU C 657 22.97 -42.89 -9.43
N ARG C 658 23.77 -43.34 -10.41
CA ARG C 658 23.32 -43.51 -11.79
C ARG C 658 22.09 -44.40 -11.87
N ALA C 659 21.94 -45.34 -10.93
CA ALA C 659 20.83 -46.29 -10.93
C ALA C 659 19.48 -45.63 -10.70
N LEU C 660 19.44 -44.52 -9.97
CA LEU C 660 18.21 -43.75 -9.82
C LEU C 660 18.00 -42.73 -10.93
N ALA C 661 19.01 -42.49 -11.75
CA ALA C 661 18.96 -41.41 -12.74
C ALA C 661 17.91 -41.71 -13.80
N GLY C 662 17.06 -40.72 -14.06
CA GLY C 662 15.96 -40.89 -15.00
C GLY C 662 14.70 -41.48 -14.41
N LYS C 663 14.64 -41.62 -13.08
CA LYS C 663 13.47 -42.17 -12.42
C LYS C 663 12.81 -41.22 -11.42
N GLY C 664 13.46 -40.12 -11.05
CA GLY C 664 12.89 -39.32 -9.99
C GLY C 664 12.95 -37.85 -10.29
N GLY C 665 12.57 -37.03 -9.32
CA GLY C 665 12.70 -35.59 -9.39
C GLY C 665 12.65 -35.04 -7.98
N MET C 666 12.99 -33.76 -7.83
CA MET C 666 12.73 -33.06 -6.58
C MET C 666 12.09 -31.71 -6.88
N VAL C 667 11.60 -31.05 -5.84
CA VAL C 667 10.75 -29.87 -6.00
C VAL C 667 10.97 -28.91 -4.83
N SER C 668 11.20 -27.65 -5.15
CA SER C 668 11.33 -26.60 -4.16
C SER C 668 9.96 -26.15 -3.73
N LEU C 669 9.77 -25.92 -2.44
CA LEU C 669 8.52 -25.38 -1.92
C LEU C 669 8.82 -24.20 -1.02
N ALA C 670 8.32 -23.04 -1.39
CA ALA C 670 8.50 -21.87 -0.52
C ALA C 670 7.49 -21.96 0.61
N ALA C 671 7.91 -22.58 1.75
CA ALA C 671 7.07 -22.80 2.93
C ALA C 671 7.84 -23.58 3.97
N PRO C 672 7.51 -23.48 5.26
CA PRO C 672 8.21 -24.26 6.29
C PRO C 672 7.92 -25.74 6.19
N GLY C 673 8.64 -26.51 7.00
CA GLY C 673 8.59 -27.95 6.90
C GLY C 673 7.30 -28.58 7.38
N GLU C 674 6.69 -27.99 8.42
CA GLU C 674 5.40 -28.49 8.87
C GLU C 674 4.41 -28.48 7.72
N ARG C 675 4.28 -27.33 7.06
CA ARG C 675 3.36 -27.19 5.94
C ARG C 675 3.67 -28.19 4.83
N ALA C 676 4.93 -28.27 4.42
CA ALA C 676 5.27 -29.17 3.32
C ALA C 676 5.09 -30.64 3.67
N ARG C 677 5.04 -30.99 4.96
CA ARG C 677 4.69 -32.36 5.30
C ARG C 677 3.19 -32.59 5.19
N ALA C 678 2.39 -31.56 5.46
CA ALA C 678 0.97 -31.65 5.16
C ALA C 678 0.76 -31.74 3.66
N LEU C 679 1.37 -30.83 2.89
CA LEU C 679 1.04 -30.74 1.48
C LEU C 679 1.46 -31.98 0.70
N ILE C 680 2.47 -32.73 1.16
CA ILE C 680 2.78 -33.98 0.47
C ILE C 680 2.03 -35.17 1.03
N ALA C 681 1.32 -35.01 2.16
CA ALA C 681 0.66 -36.12 2.85
C ALA C 681 -0.09 -37.06 1.92
N PRO C 682 -0.95 -36.58 1.01
CA PRO C 682 -1.66 -37.51 0.12
C PRO C 682 -0.74 -38.42 -0.65
N TRP C 683 0.49 -38.00 -0.89
CA TRP C 683 1.48 -38.84 -1.54
C TRP C 683 2.56 -39.17 -0.53
N GLU C 684 2.12 -39.67 0.64
CA GLU C 684 3.05 -39.94 1.74
C GLU C 684 4.16 -40.90 1.30
N ASP C 685 3.82 -41.93 0.55
CA ASP C 685 4.83 -42.62 -0.21
C ASP C 685 4.94 -41.99 -1.60
N ARG C 686 6.00 -42.37 -2.33
CA ARG C 686 6.46 -41.73 -3.57
C ARG C 686 7.27 -40.45 -3.29
N ILE C 687 6.94 -39.70 -2.24
CA ILE C 687 7.57 -38.40 -1.99
C ILE C 687 8.05 -38.33 -0.55
N SER C 688 9.36 -38.11 -0.37
CA SER C 688 9.97 -37.87 0.92
C SER C 688 10.35 -36.41 1.05
N VAL C 689 10.54 -35.93 2.27
CA VAL C 689 11.11 -34.59 2.49
C VAL C 689 12.63 -34.71 2.51
N ALA C 690 13.27 -34.01 1.58
CA ALA C 690 14.68 -34.25 1.28
C ALA C 690 15.60 -33.18 1.85
N ALA C 691 15.09 -31.97 2.09
CA ALA C 691 15.85 -30.97 2.79
C ALA C 691 14.90 -29.93 3.34
N VAL C 692 15.18 -29.46 4.53
CA VAL C 692 14.53 -28.29 5.11
C VAL C 692 15.62 -27.25 5.33
N ASN C 693 15.73 -26.31 4.39
CA ASN C 693 16.87 -25.40 4.36
C ASN C 693 16.68 -24.21 5.27
N SER C 694 15.46 -23.74 5.41
CA SER C 694 15.18 -22.53 6.16
C SER C 694 13.68 -22.47 6.40
N PRO C 695 13.25 -21.68 7.40
CA PRO C 695 11.81 -21.53 7.69
C PRO C 695 10.93 -21.20 6.49
N SER C 696 11.53 -21.00 5.31
CA SER C 696 10.77 -20.68 4.11
C SER C 696 11.43 -21.26 2.87
N SER C 697 12.01 -22.44 2.96
CA SER C 697 12.27 -23.23 1.77
C SER C 697 12.56 -24.65 2.20
N VAL C 698 11.90 -25.59 1.53
CA VAL C 698 12.07 -27.02 1.73
C VAL C 698 12.31 -27.64 0.36
N VAL C 699 12.64 -28.94 0.35
CA VAL C 699 12.86 -29.66 -0.90
C VAL C 699 12.38 -31.09 -0.71
N VAL C 700 11.37 -31.48 -1.48
CA VAL C 700 10.82 -32.83 -1.44
C VAL C 700 11.33 -33.56 -2.65
N SER C 701 11.48 -34.87 -2.53
CA SER C 701 12.06 -35.66 -3.60
C SER C 701 11.26 -36.94 -3.76
N GLY C 702 11.42 -37.60 -4.92
CA GLY C 702 10.64 -38.79 -5.22
C GLY C 702 10.12 -38.94 -6.64
N ASP C 703 8.88 -39.45 -6.79
CA ASP C 703 8.38 -39.86 -8.11
C ASP C 703 7.82 -38.68 -8.90
N PRO C 704 8.24 -38.50 -10.15
CA PRO C 704 7.80 -37.32 -10.91
C PRO C 704 6.30 -37.16 -10.98
N GLU C 705 5.56 -38.21 -11.34
CA GLU C 705 4.11 -38.11 -11.42
C GLU C 705 3.53 -37.64 -10.09
N ALA C 706 4.00 -38.22 -8.97
CA ALA C 706 3.53 -37.78 -7.67
C ALA C 706 3.88 -36.32 -7.43
N LEU C 707 5.07 -35.92 -7.86
CA LEU C 707 5.49 -34.53 -7.67
C LEU C 707 4.57 -33.58 -8.44
N ALA C 708 4.26 -33.92 -9.69
CA ALA C 708 3.38 -33.09 -10.51
C ALA C 708 2.06 -32.84 -9.77
N GLU C 709 1.38 -33.92 -9.36
CA GLU C 709 0.15 -33.76 -8.59
C GLU C 709 0.39 -32.86 -7.38
N LEU C 710 1.57 -32.98 -6.76
CA LEU C 710 1.87 -32.15 -5.59
C LEU C 710 2.04 -30.69 -5.98
N VAL C 711 2.79 -30.41 -7.05
CA VAL C 711 2.96 -29.02 -7.47
C VAL C 711 1.60 -28.43 -7.83
N ALA C 712 0.77 -29.19 -8.56
CA ALA C 712 -0.57 -28.73 -8.90
C ALA C 712 -1.34 -28.33 -7.66
N ARG C 713 -1.18 -29.09 -6.57
CA ARG C 713 -1.83 -28.74 -5.31
C ARG C 713 -1.31 -27.42 -4.77
N CYS C 714 0.00 -27.17 -4.87
CA CYS C 714 0.55 -25.93 -4.33
C CYS C 714 0.13 -24.72 -5.16
N GLU C 715 0.05 -24.88 -6.49
CA GLU C 715 -0.54 -23.82 -7.30
C GLU C 715 -1.93 -23.46 -6.78
N ASP C 716 -2.77 -24.47 -6.60
CA ASP C 716 -4.10 -24.26 -6.05
C ASP C 716 -4.03 -23.57 -4.69
N GLU C 717 -3.17 -24.05 -3.80
CA GLU C 717 -3.14 -23.58 -2.41
C GLU C 717 -2.28 -22.33 -2.22
N GLY C 718 -1.75 -21.76 -3.31
CA GLY C 718 -1.01 -20.51 -3.26
C GLY C 718 0.34 -20.63 -2.60
N VAL C 719 1.11 -21.65 -2.99
CA VAL C 719 2.40 -21.98 -2.40
C VAL C 719 3.41 -22.07 -3.55
N ARG C 720 4.40 -21.19 -3.57
CA ARG C 720 5.34 -21.19 -4.68
C ARG C 720 6.14 -22.49 -4.72
N ALA C 721 6.35 -23.02 -5.92
CA ALA C 721 7.08 -24.27 -6.11
C ALA C 721 7.89 -24.21 -7.41
N LYS C 722 8.76 -25.21 -7.63
CA LYS C 722 9.73 -25.22 -8.73
C LYS C 722 10.25 -26.64 -8.93
N THR C 723 10.11 -27.20 -10.13
CA THR C 723 10.62 -28.54 -10.40
C THR C 723 12.08 -28.47 -10.84
N LEU C 724 12.98 -28.95 -9.98
CA LEU C 724 14.42 -28.76 -10.12
C LEU C 724 15.00 -29.56 -11.30
N PRO C 725 16.11 -29.14 -11.85
CA PRO C 725 16.63 -29.77 -13.06
C PRO C 725 17.36 -31.08 -12.78
N VAL C 726 16.61 -32.13 -12.46
CA VAL C 726 17.22 -33.36 -11.96
C VAL C 726 16.25 -34.51 -12.18
N ASP C 727 16.79 -35.64 -12.66
CA ASP C 727 15.99 -36.82 -12.99
C ASP C 727 16.25 -38.00 -12.05
N TYR C 728 16.85 -37.73 -10.88
CA TYR C 728 17.07 -38.73 -9.84
C TYR C 728 16.71 -38.11 -8.50
N ALA C 729 16.14 -38.91 -7.60
CA ALA C 729 15.39 -38.39 -6.45
C ALA C 729 16.16 -38.67 -5.15
N SER C 730 17.18 -37.86 -4.89
CA SER C 730 18.03 -38.03 -3.73
C SER C 730 17.25 -37.85 -2.44
N HIS C 731 17.77 -38.42 -1.34
CA HIS C 731 17.18 -38.23 -0.01
C HIS C 731 15.72 -38.66 0.03
N SER C 732 15.45 -39.82 -0.56
CA SER C 732 14.11 -40.39 -0.63
C SER C 732 14.23 -41.89 -0.58
N ARG C 733 13.07 -42.57 -0.57
CA ARG C 733 13.10 -44.02 -0.60
C ARG C 733 13.91 -44.54 -1.77
N HIS C 734 13.96 -43.78 -2.88
CA HIS C 734 14.65 -44.25 -4.08
C HIS C 734 16.07 -44.71 -3.76
N VAL C 735 16.73 -43.97 -2.87
CA VAL C 735 18.11 -44.25 -2.47
C VAL C 735 18.26 -45.70 -2.00
N GLU C 736 17.29 -46.22 -1.24
CA GLU C 736 17.41 -47.52 -0.57
C GLU C 736 17.74 -48.64 -1.55
N GLU C 737 17.67 -48.34 -2.85
CA GLU C 737 17.95 -49.32 -3.89
C GLU C 737 19.44 -49.62 -4.01
N ILE C 738 20.30 -48.65 -3.72
CA ILE C 738 21.74 -48.76 -3.90
C ILE C 738 22.48 -48.81 -2.57
N ARG C 739 21.74 -48.92 -1.45
CA ARG C 739 22.35 -48.91 -0.13
C ARG C 739 23.54 -49.87 -0.08
N GLU C 740 23.28 -51.16 -0.29
CA GLU C 740 24.33 -52.15 -0.13
C GLU C 740 25.48 -51.91 -1.09
N THR C 741 25.19 -51.40 -2.29
CA THR C 741 26.26 -51.12 -3.26
C THR C 741 27.16 -49.99 -2.80
N ILE C 742 26.57 -48.91 -2.26
CA ILE C 742 27.39 -47.86 -1.69
C ILE C 742 28.24 -48.44 -0.57
N LEU C 743 27.64 -49.28 0.27
CA LEU C 743 28.31 -49.72 1.49
C LEU C 743 29.53 -50.56 1.18
N ALA C 744 29.40 -51.51 0.26
CA ALA C 744 30.56 -52.30 -0.10
C ALA C 744 31.56 -51.47 -0.91
N ASP C 745 31.06 -50.51 -1.70
CA ASP C 745 31.95 -49.66 -2.50
C ASP C 745 32.91 -48.87 -1.60
N LEU C 746 32.38 -48.21 -0.56
CA LEU C 746 33.21 -47.31 0.23
C LEU C 746 33.94 -47.97 1.39
N ASP C 747 33.83 -49.29 1.56
CA ASP C 747 34.54 -49.93 2.64
C ASP C 747 36.03 -49.79 2.40
N GLY C 748 36.76 -49.44 3.45
CA GLY C 748 38.17 -49.06 3.35
C GLY C 748 38.42 -47.59 3.58
N ILE C 749 37.39 -46.75 3.39
CA ILE C 749 37.42 -45.39 3.89
C ILE C 749 37.90 -45.37 5.33
N SER C 750 38.80 -44.42 5.63
CA SER C 750 39.32 -44.21 6.98
C SER C 750 38.81 -42.87 7.49
N ALA C 751 37.98 -42.91 8.53
CA ALA C 751 37.42 -41.70 9.14
C ALA C 751 38.16 -41.38 10.44
N ARG C 752 38.42 -40.10 10.64
CA ARG C 752 39.23 -39.63 11.74
C ARG C 752 38.49 -38.50 12.44
N ARG C 753 38.77 -38.33 13.72
CA ARG C 753 38.13 -37.27 14.49
C ARG C 753 38.48 -35.91 13.88
N ALA C 754 37.50 -35.02 13.87
CA ALA C 754 37.63 -33.76 13.16
C ALA C 754 38.65 -32.83 13.82
N ALA C 755 39.56 -32.28 13.02
CA ALA C 755 40.41 -31.17 13.45
C ALA C 755 39.70 -29.83 13.41
N ILE C 756 38.47 -29.79 12.90
CA ILE C 756 37.62 -28.60 12.90
C ILE C 756 36.24 -29.01 13.37
N PRO C 757 35.52 -28.12 14.06
CA PRO C 757 34.15 -28.46 14.46
C PRO C 757 33.23 -28.63 13.26
N LEU C 758 32.55 -29.77 13.19
CA LEU C 758 31.67 -30.10 12.07
C LEU C 758 30.25 -30.21 12.57
N TYR C 759 29.36 -29.43 11.98
CA TYR C 759 27.94 -29.58 12.19
C TYR C 759 27.41 -30.48 11.08
N SER C 760 27.09 -31.72 11.44
CA SER C 760 26.48 -32.61 10.48
C SER C 760 25.09 -32.14 10.11
N THR C 761 24.70 -32.38 8.85
CA THR C 761 23.35 -32.07 8.40
C THR C 761 22.44 -33.28 8.38
N LEU C 762 23.01 -34.49 8.42
CA LEU C 762 22.19 -35.66 8.73
C LEU C 762 21.51 -35.48 10.08
N HIS C 763 22.25 -34.95 11.05
CA HIS C 763 21.84 -34.98 12.43
C HIS C 763 21.51 -33.62 13.00
N GLY C 764 21.69 -32.54 12.25
CA GLY C 764 21.43 -31.20 12.77
C GLY C 764 22.20 -30.88 14.02
N GLU C 765 23.21 -31.67 14.35
CA GLU C 765 24.03 -31.49 15.53
C GLU C 765 25.48 -31.68 15.16
N ARG C 766 26.35 -31.04 15.94
CA ARG C 766 27.77 -31.30 15.82
C ARG C 766 28.02 -32.80 16.02
N ARG C 767 29.01 -33.34 15.30
CA ARG C 767 29.42 -34.72 15.52
C ARG C 767 30.94 -34.82 15.54
N ASP C 768 31.40 -35.95 16.10
CA ASP C 768 32.82 -36.21 16.35
C ASP C 768 33.61 -36.34 15.06
N GLY C 769 33.07 -37.07 14.09
CA GLY C 769 33.74 -37.39 12.85
C GLY C 769 34.30 -38.81 12.77
N ALA C 770 34.73 -39.38 13.90
CA ALA C 770 35.25 -40.74 13.90
C ALA C 770 34.30 -41.72 13.25
N ASP C 771 33.00 -41.40 13.21
CA ASP C 771 31.98 -42.33 12.76
C ASP C 771 31.54 -42.10 11.33
N MET C 772 31.89 -40.96 10.72
CA MET C 772 31.49 -40.69 9.35
C MET C 772 32.21 -41.59 8.36
N GLY C 773 32.05 -42.90 8.52
CA GLY C 773 32.51 -43.87 7.55
C GLY C 773 31.43 -44.28 6.55
N PRO C 774 31.66 -45.43 5.86
CA PRO C 774 30.71 -45.90 4.84
C PRO C 774 29.25 -45.59 5.15
N ARG C 775 28.71 -46.28 6.15
CA ARG C 775 27.29 -46.16 6.45
C ARG C 775 26.85 -44.71 6.60
N TYR C 776 27.77 -43.84 7.00
CA TYR C 776 27.38 -42.46 7.16
C TYR C 776 27.08 -41.84 5.82
N TRP C 777 27.86 -42.19 4.81
CA TRP C 777 27.68 -41.53 3.54
C TRP C 777 26.42 -42.04 2.86
N TYR C 778 26.03 -43.31 3.14
CA TYR C 778 24.72 -43.81 2.74
C TYR C 778 23.64 -42.97 3.41
N ASP C 779 23.56 -43.09 4.72
CA ASP C 779 22.47 -42.45 5.46
C ASP C 779 22.35 -40.98 5.13
N ASN C 780 23.45 -40.37 4.68
CA ASN C 780 23.41 -38.97 4.28
C ASN C 780 22.63 -38.83 2.98
N LEU C 781 22.87 -39.74 2.04
CA LEU C 781 22.19 -39.69 0.76
C LEU C 781 20.72 -40.08 0.89
N ARG C 782 20.38 -40.97 1.84
CA ARG C 782 19.03 -41.49 1.98
C ARG C 782 18.13 -40.58 2.83
N SER C 783 18.70 -39.80 3.72
CA SER C 783 17.90 -39.15 4.74
C SER C 783 17.90 -37.63 4.57
N GLN C 784 17.05 -36.97 5.36
CA GLN C 784 16.79 -35.53 5.21
C GLN C 784 18.01 -34.67 5.52
N VAL C 785 18.16 -33.55 4.80
CA VAL C 785 19.24 -32.57 5.07
C VAL C 785 18.67 -31.48 5.98
N ARG C 786 18.98 -31.56 7.27
CA ARG C 786 18.42 -30.62 8.24
C ARG C 786 19.33 -29.40 8.35
N PHE C 787 19.37 -28.64 7.25
CA PHE C 787 20.28 -27.50 7.15
C PHE C 787 20.02 -26.51 8.27
N ASP C 788 18.83 -25.92 8.29
CA ASP C 788 18.54 -24.90 9.27
C ASP C 788 18.50 -25.42 10.71
N GLU C 789 18.69 -26.72 10.93
CA GLU C 789 18.98 -27.20 12.27
C GLU C 789 20.43 -26.94 12.61
N ALA C 790 21.33 -27.33 11.70
CA ALA C 790 22.76 -27.19 11.94
C ALA C 790 23.16 -25.73 12.04
N VAL C 791 22.56 -24.87 11.21
CA VAL C 791 22.90 -23.46 11.25
C VAL C 791 22.47 -22.84 12.57
N SER C 792 21.28 -23.20 13.06
CA SER C 792 20.82 -22.70 14.35
C SER C 792 21.56 -23.35 15.51
N ALA C 793 21.98 -24.61 15.34
CA ALA C 793 22.88 -25.23 16.28
C ALA C 793 24.12 -24.37 16.45
N ALA C 794 24.73 -23.98 15.33
CA ALA C 794 25.91 -23.12 15.39
C ALA C 794 25.56 -21.71 15.83
N VAL C 795 24.45 -21.15 15.33
CA VAL C 795 24.07 -19.83 15.83
C VAL C 795 23.90 -19.86 17.34
N ALA C 796 23.33 -20.95 17.86
CA ALA C 796 23.24 -21.11 19.32
C ALA C 796 24.62 -21.07 19.96
N ASP C 797 25.63 -21.56 19.24
CA ASP C 797 27.00 -21.52 19.67
C ASP C 797 27.67 -20.21 19.34
N GLY C 798 26.91 -19.18 18.97
CA GLY C 798 27.41 -17.83 18.78
C GLY C 798 28.07 -17.53 17.46
N HIS C 799 27.99 -18.42 16.48
CA HIS C 799 28.55 -18.13 15.16
C HIS C 799 27.63 -17.19 14.42
N ALA C 800 28.21 -16.15 13.82
CA ALA C 800 27.39 -15.20 13.07
C ALA C 800 27.94 -14.87 11.70
N THR C 801 29.08 -15.44 11.30
CA THR C 801 29.63 -15.14 9.99
C THR C 801 29.88 -16.43 9.24
N PHE C 802 29.25 -16.55 8.08
CA PHE C 802 29.35 -17.74 7.26
C PHE C 802 29.91 -17.36 5.89
N VAL C 803 30.75 -18.22 5.35
CA VAL C 803 31.31 -18.09 4.00
C VAL C 803 31.14 -19.43 3.28
N GLU C 804 30.75 -19.38 2.01
CA GLU C 804 30.19 -20.55 1.36
C GLU C 804 31.02 -20.99 0.15
N MET C 805 31.87 -22.00 0.37
CA MET C 805 32.79 -22.44 -0.67
C MET C 805 32.06 -22.98 -1.90
N SER C 806 31.20 -22.20 -2.57
CA SER C 806 30.47 -22.67 -3.75
C SER C 806 30.83 -21.92 -5.01
N PRO C 807 30.59 -22.50 -6.21
CA PRO C 807 30.68 -21.72 -7.46
C PRO C 807 29.55 -20.71 -7.67
N HIS C 808 28.48 -20.75 -6.88
CA HIS C 808 27.38 -19.82 -7.08
C HIS C 808 26.61 -19.72 -5.77
N PRO C 809 26.25 -18.53 -5.30
CA PRO C 809 25.57 -18.43 -4.01
C PRO C 809 24.20 -19.10 -4.04
N VAL C 810 23.96 -19.95 -3.03
CA VAL C 810 22.83 -20.88 -2.98
C VAL C 810 22.17 -20.87 -1.60
N LEU C 811 22.98 -20.96 -0.55
CA LEU C 811 22.45 -21.02 0.80
C LEU C 811 22.68 -19.75 1.61
N THR C 812 23.44 -18.79 1.06
CA THR C 812 23.57 -17.43 1.59
C THR C 812 22.21 -16.88 2.01
N ALA C 813 21.20 -17.14 1.17
CA ALA C 813 19.83 -16.68 1.42
C ALA C 813 19.21 -17.40 2.62
N ALA C 814 19.22 -18.74 2.57
CA ALA C 814 18.82 -19.55 3.72
C ALA C 814 19.48 -19.06 5.01
N VAL C 815 20.80 -18.84 4.96
CA VAL C 815 21.53 -18.53 6.17
C VAL C 815 20.99 -17.26 6.81
N GLN C 816 20.64 -16.26 6.00
CA GLN C 816 20.08 -15.05 6.57
C GLN C 816 18.62 -15.22 6.95
N GLU C 817 17.92 -16.17 6.33
CA GLU C 817 16.53 -16.46 6.69
C GLU C 817 16.45 -17.11 8.05
N ILE C 818 17.37 -18.02 8.35
CA ILE C 818 17.45 -18.62 9.68
C ILE C 818 17.80 -17.57 10.72
N ALA C 819 19.02 -17.01 10.63
CA ALA C 819 19.51 -16.01 11.57
C ALA C 819 19.41 -14.63 10.92
N ALA C 820 18.49 -13.81 11.42
CA ALA C 820 18.25 -12.49 10.82
C ALA C 820 19.38 -11.52 11.12
N ASP C 821 20.34 -11.91 11.96
CA ASP C 821 21.48 -11.07 12.26
C ASP C 821 22.76 -11.56 11.63
N ALA C 822 22.87 -12.84 11.28
CA ALA C 822 24.12 -13.37 10.78
C ALA C 822 24.47 -12.77 9.42
N VAL C 823 25.71 -12.99 9.00
CA VAL C 823 26.18 -12.50 7.72
C VAL C 823 26.73 -13.67 6.94
N ALA C 824 26.16 -13.90 5.76
CA ALA C 824 26.56 -14.98 4.86
C ALA C 824 27.31 -14.38 3.69
N ILE C 825 28.44 -15.00 3.36
CA ILE C 825 29.31 -14.58 2.27
C ILE C 825 29.42 -15.71 1.26
N GLY C 826 29.53 -15.35 -0.02
CA GLY C 826 29.78 -16.30 -1.09
C GLY C 826 31.22 -16.23 -1.60
N SER C 827 31.48 -17.05 -2.63
CA SER C 827 32.74 -16.97 -3.36
C SER C 827 32.42 -16.63 -4.80
N LEU C 828 32.47 -17.59 -5.72
CA LEU C 828 32.22 -17.32 -7.12
C LEU C 828 30.77 -16.87 -7.34
N HIS C 829 30.39 -16.79 -8.60
CA HIS C 829 29.05 -16.40 -9.02
C HIS C 829 29.01 -16.48 -10.53
N ARG C 830 28.23 -17.41 -11.08
CA ARG C 830 27.81 -17.33 -12.47
C ARG C 830 27.47 -15.88 -12.78
N ASP C 831 27.88 -15.41 -13.98
CA ASP C 831 27.82 -14.02 -14.43
C ASP C 831 29.12 -13.28 -14.14
N THR C 832 29.50 -13.17 -12.87
CA THR C 832 30.65 -12.36 -12.47
C THR C 832 31.74 -13.21 -11.83
N ALA C 833 32.15 -14.28 -12.51
CA ALA C 833 32.96 -15.39 -11.96
C ALA C 833 33.98 -14.95 -10.92
N GLU C 834 35.24 -14.82 -11.33
CA GLU C 834 36.29 -14.46 -10.39
C GLU C 834 35.97 -13.13 -9.70
N GLU C 835 35.35 -12.22 -10.43
CA GLU C 835 35.18 -10.88 -9.89
C GLU C 835 34.22 -10.86 -8.70
N HIS C 836 33.34 -11.85 -8.60
CA HIS C 836 32.54 -11.94 -7.39
C HIS C 836 33.41 -12.28 -6.18
N LEU C 837 34.46 -13.07 -6.40
CA LEU C 837 35.25 -13.58 -5.29
C LEU C 837 36.01 -12.46 -4.59
N ILE C 838 36.72 -11.63 -5.38
CA ILE C 838 37.49 -10.55 -4.76
C ILE C 838 36.55 -9.58 -4.09
N ALA C 839 35.36 -9.40 -4.65
CA ALA C 839 34.37 -8.57 -3.98
C ALA C 839 34.04 -9.14 -2.61
N GLU C 840 33.66 -10.42 -2.58
CA GLU C 840 33.25 -11.04 -1.33
C GLU C 840 34.38 -11.01 -0.30
N LEU C 841 35.62 -11.18 -0.75
CA LEU C 841 36.77 -11.13 0.16
C LEU C 841 36.78 -9.83 0.93
N ALA C 842 36.82 -8.70 0.20
CA ALA C 842 36.65 -7.41 0.85
C ALA C 842 35.40 -7.39 1.73
N ARG C 843 34.35 -8.13 1.33
CA ARG C 843 33.11 -8.09 2.13
C ARG C 843 33.26 -8.89 3.43
N ALA C 844 33.99 -10.02 3.39
CA ALA C 844 34.38 -10.65 4.65
C ALA C 844 35.14 -9.66 5.51
N HIS C 845 36.14 -9.00 4.90
CA HIS C 845 36.98 -8.07 5.65
C HIS C 845 36.14 -6.95 6.29
N VAL C 846 35.19 -6.38 5.54
CA VAL C 846 34.42 -5.27 6.08
C VAL C 846 33.74 -5.68 7.38
N HIS C 847 33.27 -6.93 7.46
CA HIS C 847 32.45 -7.39 8.58
C HIS C 847 33.27 -7.94 9.75
N GLY C 848 34.58 -8.07 9.59
CA GLY C 848 35.39 -8.41 10.73
C GLY C 848 36.41 -9.49 10.44
N VAL C 849 36.31 -10.13 9.26
CA VAL C 849 37.12 -11.31 9.01
C VAL C 849 38.55 -10.91 8.71
N ALA C 850 39.49 -11.56 9.41
CA ALA C 850 40.91 -11.26 9.29
C ALA C 850 41.45 -11.86 8.00
N VAL C 851 41.61 -11.02 6.98
CA VAL C 851 42.22 -11.42 5.71
C VAL C 851 43.70 -11.07 5.75
N ASP C 852 44.53 -11.98 5.24
CA ASP C 852 45.97 -11.77 5.09
C ASP C 852 46.22 -11.04 3.77
N TRP C 853 45.95 -9.73 3.78
CA TRP C 853 46.11 -8.93 2.57
C TRP C 853 47.54 -9.00 2.03
N ARG C 854 48.54 -8.98 2.93
CA ARG C 854 49.96 -9.04 2.53
C ARG C 854 50.26 -10.17 1.55
N ASN C 855 49.49 -11.25 1.56
CA ASN C 855 49.70 -12.23 0.52
C ASN C 855 48.80 -12.00 -0.70
N VAL C 856 47.69 -11.26 -0.53
CA VAL C 856 46.77 -11.02 -1.64
C VAL C 856 47.41 -10.14 -2.69
N PHE C 857 47.89 -8.96 -2.25
CA PHE C 857 48.49 -7.98 -3.14
C PHE C 857 49.94 -8.36 -3.42
N PRO C 858 50.37 -8.27 -4.68
CA PRO C 858 51.81 -8.33 -4.97
C PRO C 858 52.53 -7.11 -4.36
N ALA C 859 53.85 -7.13 -4.48
CA ALA C 859 54.63 -6.02 -3.96
C ALA C 859 54.48 -4.79 -4.86
N ALA C 860 54.28 -3.63 -4.24
CA ALA C 860 54.00 -2.38 -4.92
C ALA C 860 54.69 -1.23 -4.21
N PRO C 861 55.14 -0.22 -4.95
CA PRO C 861 56.01 0.80 -4.37
C PRO C 861 55.24 1.66 -3.38
N PRO C 862 55.96 2.48 -2.60
CA PRO C 862 55.29 3.38 -1.68
C PRO C 862 54.29 4.28 -2.39
N VAL C 863 53.26 4.64 -1.64
CA VAL C 863 52.23 5.57 -2.09
C VAL C 863 51.91 6.51 -0.94
N ALA C 864 51.62 7.76 -1.27
CA ALA C 864 51.30 8.76 -0.26
C ALA C 864 49.79 8.75 -0.02
N LEU C 865 49.38 8.42 1.21
CA LEU C 865 47.98 8.29 1.56
C LEU C 865 47.61 9.27 2.68
N PRO C 866 46.57 10.09 2.49
CA PRO C 866 46.31 11.18 3.43
C PRO C 866 46.11 10.67 4.84
N ASN C 867 46.42 11.53 5.79
CA ASN C 867 46.32 11.10 7.17
C ASN C 867 44.86 11.11 7.60
N TYR C 868 44.61 10.34 8.67
CA TYR C 868 43.28 10.18 9.26
C TYR C 868 42.69 11.54 9.62
N PRO C 869 41.50 11.96 9.03
CA PRO C 869 40.86 13.15 9.48
C PRO C 869 40.30 12.97 10.87
N PHE C 870 41.12 13.07 11.95
CA PHE C 870 40.62 13.06 13.30
C PHE C 870 39.53 14.08 13.47
N GLU C 871 38.64 13.86 14.45
CA GLU C 871 37.60 14.87 14.71
C GLU C 871 37.83 15.54 16.05
N PRO C 872 37.93 16.88 16.07
CA PRO C 872 38.17 17.72 17.27
C PRO C 872 37.00 17.70 18.24
N ASP D 7 -36.89 -78.52 13.57
CA ASP D 7 -36.19 -77.45 14.29
C ASP D 7 -37.10 -76.33 14.81
N PRO D 8 -37.09 -76.11 16.12
CA PRO D 8 -38.12 -75.25 16.74
C PRO D 8 -37.90 -73.78 16.45
N ILE D 9 -39.01 -73.08 16.22
CA ILE D 9 -38.99 -71.64 15.98
C ILE D 9 -39.13 -70.97 17.33
N ALA D 10 -38.15 -70.18 17.70
CA ALA D 10 -38.10 -69.58 19.01
C ALA D 10 -38.59 -68.14 18.96
N ILE D 11 -39.33 -67.76 19.98
CA ILE D 11 -39.59 -66.34 20.24
C ILE D 11 -38.39 -65.82 21.03
N VAL D 12 -37.74 -64.78 20.51
CA VAL D 12 -36.53 -64.30 21.15
C VAL D 12 -36.64 -62.79 21.36
N GLY D 13 -37.83 -62.25 21.18
CA GLY D 13 -38.06 -60.86 21.52
C GLY D 13 -39.50 -60.45 21.34
N MET D 14 -39.96 -59.49 22.12
CA MET D 14 -41.28 -58.88 21.98
C MET D 14 -41.12 -57.37 22.11
N ALA D 15 -42.07 -56.64 21.55
CA ALA D 15 -42.18 -55.20 21.78
C ALA D 15 -43.56 -54.75 21.29
N CYS D 16 -44.13 -53.78 22.00
CA CYS D 16 -45.50 -53.40 21.72
C CYS D 16 -45.80 -52.03 22.29
N ARG D 17 -46.79 -51.38 21.69
CA ARG D 17 -47.37 -50.13 22.17
C ARG D 17 -48.89 -50.23 22.07
N PHE D 18 -49.60 -49.83 23.12
CA PHE D 18 -51.06 -49.95 23.19
C PHE D 18 -51.63 -48.76 23.93
N PRO D 19 -52.91 -48.46 23.73
CA PRO D 19 -53.50 -47.30 24.42
C PRO D 19 -53.52 -47.52 25.91
N GLY D 20 -53.76 -46.44 26.65
CA GLY D 20 -53.66 -46.51 28.09
C GLY D 20 -52.24 -46.62 28.62
N GLY D 21 -51.25 -46.18 27.84
CA GLY D 21 -49.87 -46.15 28.29
C GLY D 21 -49.24 -47.50 28.53
N VAL D 22 -49.34 -48.40 27.56
CA VAL D 22 -48.56 -49.63 27.55
C VAL D 22 -47.44 -49.42 26.55
N HIS D 23 -46.22 -49.23 27.04
CA HIS D 23 -45.10 -48.96 26.15
C HIS D 23 -44.24 -50.19 25.90
N ASN D 24 -44.42 -51.24 26.69
CA ASN D 24 -43.61 -52.44 26.56
C ASN D 24 -44.43 -53.65 26.97
N PRO D 25 -44.00 -54.85 26.62
CA PRO D 25 -44.70 -56.06 27.09
C PRO D 25 -44.84 -56.15 28.60
N GLY D 26 -43.86 -55.67 29.36
CA GLY D 26 -44.01 -55.70 30.81
C GLY D 26 -45.16 -54.83 31.29
N GLU D 27 -45.24 -53.61 30.74
CA GLU D 27 -46.32 -52.68 31.09
C GLU D 27 -47.68 -53.21 30.64
N LEU D 28 -47.69 -54.09 29.63
CA LEU D 28 -48.93 -54.75 29.24
C LEU D 28 -49.45 -55.67 30.35
N TRP D 29 -48.58 -56.55 30.87
CA TRP D 29 -49.02 -57.51 31.88
C TRP D 29 -49.48 -56.81 33.15
N GLU D 30 -48.81 -55.74 33.55
CA GLU D 30 -49.36 -54.97 34.66
C GLU D 30 -50.68 -54.32 34.28
N PHE D 31 -50.90 -54.06 32.98
CA PHE D 31 -52.15 -53.42 32.58
C PHE D 31 -53.33 -54.38 32.69
N ILE D 32 -53.13 -55.63 32.30
CA ILE D 32 -54.24 -56.56 32.21
C ILE D 32 -54.55 -57.22 33.56
N VAL D 33 -53.53 -57.65 34.31
CA VAL D 33 -53.80 -58.15 35.65
C VAL D 33 -54.02 -56.99 36.61
N GLY D 34 -53.59 -55.79 36.24
CA GLY D 34 -54.12 -54.61 36.89
C GLY D 34 -55.60 -54.41 36.63
N GLY D 35 -56.14 -55.03 35.59
CA GLY D 35 -57.54 -54.88 35.23
C GLY D 35 -57.79 -53.64 34.39
N GLY D 36 -56.95 -53.42 33.39
CA GLY D 36 -57.04 -52.21 32.60
C GLY D 36 -58.16 -52.24 31.58
N ASP D 37 -58.72 -51.05 31.36
CA ASP D 37 -59.79 -50.78 30.40
C ASP D 37 -59.36 -49.50 29.67
N ALA D 38 -58.56 -49.67 28.62
CA ALA D 38 -57.92 -48.61 27.85
C ALA D 38 -58.90 -47.70 27.10
N VAL D 39 -60.21 -47.96 27.17
CA VAL D 39 -61.17 -47.27 26.31
C VAL D 39 -61.42 -45.86 26.85
N THR D 40 -61.25 -44.86 25.97
CA THR D 40 -61.38 -43.45 26.31
C THR D 40 -62.26 -42.70 25.31
N GLU D 41 -62.37 -41.37 25.47
CA GLU D 41 -63.03 -40.50 24.50
C GLU D 41 -62.24 -40.50 23.20
N MET D 42 -62.72 -39.74 22.18
CA MET D 42 -62.12 -39.84 20.86
C MET D 42 -61.20 -38.65 20.56
N PRO D 43 -60.13 -38.90 19.80
CA PRO D 43 -58.97 -37.99 19.83
C PRO D 43 -59.25 -36.57 19.36
N THR D 44 -58.83 -35.61 20.18
CA THR D 44 -59.06 -34.18 19.94
C THR D 44 -58.06 -33.58 18.95
N ASP D 45 -56.85 -34.14 18.87
CA ASP D 45 -55.74 -33.50 18.17
C ASP D 45 -55.60 -33.89 16.70
N ARG D 46 -56.39 -34.84 16.20
CA ARG D 46 -56.27 -35.29 14.82
C ARG D 46 -57.19 -34.55 13.86
N GLY D 47 -57.86 -33.49 14.33
CA GLY D 47 -58.69 -32.64 13.48
C GLY D 47 -59.78 -33.36 12.69
N TRP D 48 -60.68 -34.03 13.41
CA TRP D 48 -61.64 -34.91 12.76
C TRP D 48 -63.01 -34.24 12.56
N HIS D 68 -66.47 -43.48 21.36
CA HIS D 68 -65.48 -44.13 22.20
C HIS D 68 -64.62 -45.17 21.46
N GLY D 69 -63.56 -45.61 22.11
CA GLY D 69 -62.56 -46.45 21.49
C GLY D 69 -61.26 -46.42 22.29
N ALA D 70 -60.20 -46.95 21.67
CA ALA D 70 -58.88 -47.04 22.30
C ALA D 70 -57.81 -46.50 21.33
N PHE D 71 -57.18 -45.37 21.67
CA PHE D 71 -56.26 -44.71 20.77
C PHE D 71 -54.87 -44.55 21.40
N LEU D 72 -53.84 -44.63 20.54
CA LEU D 72 -52.45 -44.52 20.98
C LEU D 72 -52.08 -43.07 21.29
N ASP D 73 -51.47 -42.85 22.46
CA ASP D 73 -50.96 -41.51 22.77
C ASP D 73 -49.85 -41.14 21.78
N GLY D 74 -49.96 -39.95 21.20
CA GLY D 74 -48.94 -39.53 20.25
C GLY D 74 -48.73 -40.51 19.12
N ALA D 75 -49.82 -40.96 18.51
CA ALA D 75 -49.64 -41.74 17.29
C ALA D 75 -49.05 -40.88 16.19
N ALA D 76 -49.22 -39.56 16.28
CA ALA D 76 -48.62 -38.66 15.30
C ALA D 76 -47.10 -38.67 15.39
N ASP D 77 -46.56 -38.78 16.61
CA ASP D 77 -45.15 -38.52 16.90
C ASP D 77 -44.24 -39.50 16.18
N PHE D 78 -43.02 -39.04 15.89
CA PHE D 78 -42.00 -39.84 15.21
C PHE D 78 -40.64 -39.14 15.26
N ASP D 79 -39.65 -39.81 15.85
CA ASP D 79 -38.25 -39.37 15.83
C ASP D 79 -37.63 -39.77 14.49
N ALA D 80 -37.95 -38.97 13.46
CA ALA D 80 -37.49 -39.23 12.10
C ALA D 80 -35.99 -39.01 11.96
N ALA D 81 -35.44 -38.02 12.67
CA ALA D 81 -34.00 -37.83 12.77
C ALA D 81 -33.26 -39.15 12.93
N PHE D 82 -33.40 -39.75 14.12
CA PHE D 82 -32.80 -41.01 14.52
C PHE D 82 -32.62 -42.03 13.38
N PHE D 83 -33.65 -42.17 12.53
CA PHE D 83 -33.65 -43.14 11.44
C PHE D 83 -33.14 -42.58 10.13
N GLY D 84 -32.80 -41.30 10.07
CA GLY D 84 -32.37 -40.74 8.81
C GLY D 84 -33.51 -40.52 7.84
N ILE D 85 -34.47 -39.71 8.27
CA ILE D 85 -35.70 -39.44 7.54
C ILE D 85 -35.94 -37.94 7.58
N SER D 86 -35.99 -37.30 6.42
CA SER D 86 -36.26 -35.87 6.37
C SER D 86 -37.66 -35.58 6.90
N PRO D 87 -37.90 -34.38 7.45
CA PRO D 87 -39.24 -34.08 8.00
C PRO D 87 -40.36 -34.17 6.96
N ARG D 88 -40.07 -34.01 5.68
CA ARG D 88 -41.09 -34.10 4.65
C ARG D 88 -41.27 -35.53 4.15
N GLU D 89 -40.25 -36.37 4.34
CA GLU D 89 -40.44 -37.80 4.20
C GLU D 89 -41.37 -38.33 5.29
N ALA D 90 -41.13 -37.89 6.53
CA ALA D 90 -41.88 -38.42 7.67
C ALA D 90 -43.37 -38.11 7.54
N LEU D 91 -43.73 -36.94 7.01
CA LEU D 91 -45.15 -36.62 6.81
C LEU D 91 -45.79 -37.43 5.68
N ALA D 92 -45.01 -37.81 4.68
CA ALA D 92 -45.47 -38.67 3.61
C ALA D 92 -45.33 -40.16 3.96
N MET D 93 -45.27 -40.47 5.27
CA MET D 93 -45.13 -41.82 5.81
C MET D 93 -46.34 -42.13 6.66
N ASP D 94 -47.08 -43.17 6.28
CA ASP D 94 -48.20 -43.65 7.08
C ASP D 94 -47.75 -43.88 8.52
N PRO D 95 -48.45 -43.30 9.53
CA PRO D 95 -48.05 -43.50 10.94
C PRO D 95 -47.86 -44.95 11.33
N GLN D 96 -48.52 -45.87 10.62
CA GLN D 96 -48.26 -47.27 10.91
C GLN D 96 -46.86 -47.68 10.47
N GLN D 97 -46.35 -47.07 9.40
CA GLN D 97 -44.95 -47.25 9.05
C GLN D 97 -44.05 -46.77 10.18
N ARG D 98 -44.24 -45.50 10.57
CA ARG D 98 -43.46 -44.90 11.62
C ARG D 98 -43.54 -45.70 12.91
N GLN D 99 -44.77 -45.90 13.41
CA GLN D 99 -44.96 -46.54 14.70
C GLN D 99 -44.24 -47.88 14.77
N VAL D 100 -44.22 -48.63 13.67
CA VAL D 100 -43.58 -49.93 13.76
C VAL D 100 -42.07 -49.80 13.63
N LEU D 101 -41.59 -48.83 12.85
CA LEU D 101 -40.17 -48.50 12.82
C LEU D 101 -39.60 -48.38 14.23
N GLU D 102 -40.13 -47.43 15.00
CA GLU D 102 -39.68 -47.25 16.37
C GLU D 102 -39.87 -48.52 17.18
N THR D 103 -40.99 -49.19 17.01
CA THR D 103 -41.22 -50.37 17.82
C THR D 103 -40.38 -51.56 17.36
N THR D 104 -39.95 -51.58 16.09
CA THR D 104 -38.99 -52.60 15.68
C THR D 104 -37.63 -52.35 16.33
N TRP D 105 -37.27 -51.08 16.47
CA TRP D 105 -36.09 -50.74 17.25
C TRP D 105 -36.19 -51.30 18.66
N GLU D 106 -37.28 -50.99 19.36
CA GLU D 106 -37.45 -51.50 20.72
C GLU D 106 -37.40 -53.01 20.74
N LEU D 107 -37.85 -53.66 19.65
CA LEU D 107 -37.79 -55.13 19.57
C LEU D 107 -36.35 -55.62 19.60
N PHE D 108 -35.45 -54.91 18.90
CA PHE D 108 -34.06 -55.34 18.90
C PHE D 108 -33.40 -55.01 20.22
N GLU D 109 -33.72 -53.86 20.78
CA GLU D 109 -33.23 -53.52 22.10
C GLU D 109 -33.59 -54.62 23.10
N ASN D 110 -34.86 -55.05 23.09
CA ASN D 110 -35.33 -56.03 24.06
C ASN D 110 -34.67 -57.38 23.83
N ALA D 111 -34.43 -57.73 22.58
CA ALA D 111 -33.67 -58.95 22.30
C ALA D 111 -32.19 -58.80 22.62
N GLY D 112 -31.72 -57.59 22.91
CA GLY D 112 -30.29 -57.37 23.02
C GLY D 112 -29.60 -57.68 21.71
N ILE D 113 -30.10 -57.14 20.62
CA ILE D 113 -29.42 -57.24 19.33
C ILE D 113 -29.02 -55.83 18.90
N ASP D 114 -27.75 -55.68 18.54
CA ASP D 114 -27.26 -54.45 17.94
C ASP D 114 -27.93 -54.33 16.58
N PRO D 115 -28.85 -53.39 16.38
CA PRO D 115 -29.47 -53.25 15.05
C PRO D 115 -28.48 -53.07 13.90
N HIS D 116 -27.43 -52.24 14.08
CA HIS D 116 -26.40 -52.08 13.06
C HIS D 116 -25.83 -53.43 12.65
N SER D 117 -25.75 -54.37 13.59
CA SER D 117 -25.23 -55.68 13.26
C SER D 117 -26.08 -56.39 12.22
N LEU D 118 -27.34 -56.01 12.08
CA LEU D 118 -28.24 -56.76 11.22
C LEU D 118 -28.29 -56.25 9.80
N ARG D 119 -27.69 -55.09 9.54
CA ARG D 119 -27.66 -54.54 8.19
C ARG D 119 -26.93 -55.48 7.24
N GLY D 120 -27.59 -55.83 6.14
CA GLY D 120 -27.03 -56.77 5.20
C GLY D 120 -27.31 -58.22 5.49
N SER D 121 -28.19 -58.53 6.46
CA SER D 121 -28.51 -59.89 6.87
C SER D 121 -29.80 -60.36 6.22
N ASP D 122 -29.88 -61.66 5.97
CA ASP D 122 -31.14 -62.19 5.45
C ASP D 122 -32.17 -62.18 6.56
N THR D 123 -32.66 -61.01 6.91
CA THR D 123 -33.58 -60.88 8.04
C THR D 123 -34.92 -60.41 7.49
N GLY D 124 -35.96 -61.21 7.72
CA GLY D 124 -37.24 -60.96 7.12
C GLY D 124 -38.15 -60.07 7.94
N VAL D 125 -39.11 -59.44 7.26
CA VAL D 125 -40.11 -58.60 7.92
C VAL D 125 -41.50 -59.05 7.49
N PHE D 126 -42.30 -59.49 8.45
CA PHE D 126 -43.65 -59.97 8.17
C PHE D 126 -44.59 -59.17 9.05
N LEU D 127 -45.29 -58.22 8.45
CA LEU D 127 -46.23 -57.41 9.20
C LEU D 127 -47.60 -57.53 8.56
N GLY D 128 -48.60 -57.05 9.26
CA GLY D 128 -49.93 -56.94 8.71
C GLY D 128 -50.49 -55.56 8.93
N ALA D 129 -51.12 -55.02 7.88
CA ALA D 129 -51.82 -53.76 8.02
C ALA D 129 -52.86 -53.64 6.91
N ALA D 130 -53.67 -52.59 7.03
CA ALA D 130 -54.57 -52.18 5.96
C ALA D 130 -54.80 -50.69 6.12
N TYR D 131 -55.24 -50.05 5.03
CA TYR D 131 -55.30 -48.58 4.99
C TYR D 131 -56.24 -48.00 6.04
N GLN D 132 -55.83 -46.85 6.60
CA GLN D 132 -56.62 -46.14 7.61
C GLN D 132 -56.55 -44.62 7.47
N GLY D 133 -55.98 -44.08 6.39
CA GLY D 133 -55.89 -42.63 6.22
C GLY D 133 -54.50 -42.13 5.89
N GLY D 151 -44.11 -43.31 1.63
CA GLY D 151 -44.82 -44.58 1.64
C GLY D 151 -46.23 -44.42 2.17
N ASN D 152 -47.22 -44.57 1.30
CA ASN D 152 -48.62 -44.50 1.72
C ASN D 152 -49.31 -45.85 1.71
N SER D 153 -48.81 -46.78 0.89
CA SER D 153 -49.47 -48.03 0.57
C SER D 153 -49.09 -49.09 1.62
N SER D 154 -49.73 -50.26 1.52
CA SER D 154 -49.60 -51.29 2.54
C SER D 154 -48.30 -52.09 2.36
N ALA D 155 -48.14 -52.80 1.22
CA ALA D 155 -46.94 -53.61 1.06
C ALA D 155 -45.67 -52.80 1.29
N VAL D 156 -45.74 -51.48 1.05
CA VAL D 156 -44.69 -50.55 1.46
C VAL D 156 -44.35 -50.71 2.94
N VAL D 157 -45.31 -51.14 3.77
CA VAL D 157 -45.18 -51.03 5.22
C VAL D 157 -44.05 -51.90 5.73
N SER D 158 -44.01 -53.15 5.31
CA SER D 158 -42.90 -53.97 5.76
C SER D 158 -41.68 -53.77 4.86
N GLY D 159 -41.88 -53.34 3.61
CA GLY D 159 -40.77 -53.12 2.71
C GLY D 159 -39.91 -51.94 3.13
N ARG D 160 -40.52 -50.84 3.52
CA ARG D 160 -39.69 -49.69 3.85
C ARG D 160 -38.97 -49.87 5.18
N VAL D 161 -39.53 -50.61 6.14
CA VAL D 161 -38.76 -50.87 7.36
C VAL D 161 -37.58 -51.79 7.04
N ALA D 162 -37.77 -52.76 6.15
CA ALA D 162 -36.65 -53.59 5.73
C ALA D 162 -35.58 -52.73 5.05
N TYR D 163 -36.01 -51.72 4.31
CA TYR D 163 -35.10 -50.82 3.61
C TYR D 163 -34.42 -49.85 4.58
N VAL D 164 -35.21 -49.14 5.39
CA VAL D 164 -34.64 -48.23 6.38
C VAL D 164 -33.62 -48.94 7.25
N LEU D 165 -33.89 -50.17 7.63
CA LEU D 165 -32.97 -50.89 8.50
C LEU D 165 -31.95 -51.70 7.72
N GLY D 166 -31.97 -51.61 6.40
CA GLY D 166 -30.99 -52.31 5.59
C GLY D 166 -31.04 -53.82 5.75
N LEU D 167 -32.25 -54.37 5.80
CA LEU D 167 -32.47 -55.80 6.00
C LEU D 167 -32.73 -56.47 4.65
N GLU D 168 -32.11 -57.63 4.44
CA GLU D 168 -32.00 -58.18 3.08
C GLU D 168 -32.62 -59.57 2.92
N GLY D 169 -33.39 -60.04 3.89
CA GLY D 169 -34.18 -61.23 3.68
C GLY D 169 -35.48 -60.88 3.00
N PRO D 170 -36.54 -61.61 3.34
CA PRO D 170 -37.86 -61.31 2.76
C PRO D 170 -38.59 -60.22 3.52
N ALA D 171 -39.56 -59.61 2.85
CA ALA D 171 -40.36 -58.55 3.43
C ALA D 171 -41.78 -58.70 2.93
N VAL D 172 -42.73 -58.89 3.84
CA VAL D 172 -44.11 -59.17 3.49
C VAL D 172 -45.01 -58.22 4.25
N THR D 173 -46.07 -57.78 3.60
CA THR D 173 -47.19 -57.13 4.26
C THR D 173 -48.44 -57.94 3.92
N VAL D 174 -49.01 -58.60 4.91
CA VAL D 174 -50.31 -59.24 4.71
C VAL D 174 -51.39 -58.18 4.83
N ASP D 175 -52.37 -58.22 3.93
CA ASP D 175 -53.49 -57.28 4.00
C ASP D 175 -54.45 -57.76 5.07
N THR D 176 -54.40 -57.11 6.24
CA THR D 176 -55.17 -57.55 7.39
C THR D 176 -56.66 -57.27 7.23
N ALA D 177 -57.04 -56.39 6.30
CA ALA D 177 -58.46 -56.33 5.95
C ALA D 177 -58.93 -57.66 5.39
N CYS D 178 -58.01 -58.53 4.97
CA CYS D 178 -58.31 -59.91 4.59
C CYS D 178 -57.88 -60.97 5.61
N SER D 179 -57.11 -60.60 6.65
CA SER D 179 -56.60 -61.65 7.54
C SER D 179 -56.38 -61.15 8.97
N SER D 180 -55.20 -61.45 9.53
CA SER D 180 -54.82 -61.00 10.85
C SER D 180 -53.32 -61.20 11.00
N SER D 181 -52.68 -60.34 11.82
CA SER D 181 -51.23 -60.43 12.04
C SER D 181 -50.81 -61.84 12.39
N LEU D 182 -51.80 -62.71 12.60
CA LEU D 182 -51.50 -64.12 12.83
C LEU D 182 -51.06 -64.81 11.55
N VAL D 183 -51.56 -64.43 10.38
CA VAL D 183 -50.99 -65.09 9.21
C VAL D 183 -49.60 -64.51 8.89
N ALA D 184 -49.37 -63.24 9.23
CA ALA D 184 -48.01 -62.71 9.22
C ALA D 184 -47.05 -63.68 9.91
N LEU D 185 -47.36 -64.03 11.18
CA LEU D 185 -46.51 -64.94 11.95
C LEU D 185 -46.47 -66.35 11.38
N HIS D 186 -47.58 -66.85 10.81
CA HIS D 186 -47.56 -68.15 10.15
C HIS D 186 -46.61 -68.13 8.96
N SER D 187 -46.46 -66.96 8.33
CA SER D 187 -45.52 -66.76 7.23
C SER D 187 -44.08 -66.67 7.73
N ALA D 188 -43.84 -65.79 8.71
CA ALA D 188 -42.53 -65.67 9.31
C ALA D 188 -41.97 -67.04 9.67
N CYS D 189 -42.73 -67.80 10.49
CA CYS D 189 -42.31 -69.14 10.91
C CYS D 189 -42.07 -70.07 9.73
N GLY D 190 -42.69 -69.78 8.58
CA GLY D 190 -42.48 -70.61 7.40
C GLY D 190 -41.12 -70.40 6.77
N SER D 191 -40.70 -69.14 6.63
CA SER D 191 -39.38 -68.86 6.04
C SER D 191 -38.25 -69.36 6.92
N LEU D 192 -38.40 -69.24 8.24
CA LEU D 192 -37.41 -69.80 9.13
C LEU D 192 -37.30 -71.31 8.94
N ARG D 193 -38.45 -72.01 8.84
CA ARG D 193 -38.42 -73.45 8.62
C ARG D 193 -37.75 -73.79 7.30
N ASP D 194 -37.97 -72.98 6.28
CA ASP D 194 -37.37 -73.21 4.97
C ASP D 194 -35.96 -72.68 4.85
N GLY D 195 -35.45 -72.03 5.89
CA GLY D 195 -34.16 -71.37 5.76
C GLY D 195 -34.13 -70.20 4.81
N ASP D 196 -35.27 -69.56 4.54
CA ASP D 196 -35.30 -68.34 3.73
C ASP D 196 -34.87 -67.11 4.51
N CYS D 197 -34.69 -67.24 5.82
CA CYS D 197 -34.05 -66.21 6.64
C CYS D 197 -33.57 -66.88 7.93
N GLY D 198 -32.94 -66.09 8.78
CA GLY D 198 -32.41 -66.63 10.02
C GLY D 198 -32.88 -65.82 11.20
N LEU D 199 -33.65 -64.79 10.89
CA LEU D 199 -34.24 -63.94 11.91
C LEU D 199 -35.38 -63.21 11.23
N ALA D 200 -36.57 -63.23 11.84
CA ALA D 200 -37.72 -62.59 11.22
C ALA D 200 -38.50 -61.80 12.27
N VAL D 201 -38.74 -60.54 11.95
CA VAL D 201 -39.66 -59.71 12.70
C VAL D 201 -41.05 -59.95 12.14
N ALA D 202 -41.99 -60.25 13.04
CA ALA D 202 -43.37 -60.53 12.64
C ALA D 202 -44.32 -59.68 13.50
N GLY D 203 -45.45 -59.31 12.93
CA GLY D 203 -46.40 -58.57 13.74
C GLY D 203 -47.44 -57.83 12.92
N GLY D 204 -47.98 -56.78 13.53
CA GLY D 204 -48.98 -55.93 12.93
C GLY D 204 -49.00 -54.59 13.61
N VAL D 205 -49.53 -53.59 12.91
CA VAL D 205 -49.65 -52.21 13.41
C VAL D 205 -50.97 -51.65 12.91
N SER D 206 -51.58 -50.77 13.70
CA SER D 206 -52.85 -50.16 13.31
C SER D 206 -52.99 -48.80 13.96
N VAL D 207 -52.96 -47.73 13.17
CA VAL D 207 -53.32 -46.41 13.66
C VAL D 207 -54.48 -45.89 12.83
N MET D 208 -55.60 -45.57 13.50
CA MET D 208 -56.75 -44.98 12.80
C MET D 208 -56.42 -43.52 12.51
N ALA D 209 -55.99 -43.27 11.26
CA ALA D 209 -55.75 -41.90 10.83
C ALA D 209 -57.06 -41.15 10.58
N GLY D 210 -58.13 -41.87 10.24
CA GLY D 210 -59.44 -41.29 10.14
C GLY D 210 -60.47 -42.18 10.80
N PRO D 211 -61.71 -41.68 10.89
CA PRO D 211 -62.83 -42.49 11.38
C PRO D 211 -63.53 -43.35 10.33
N GLU D 212 -62.94 -43.49 9.14
CA GLU D 212 -63.51 -44.26 8.04
C GLU D 212 -63.93 -45.66 8.46
N VAL D 213 -63.32 -46.22 9.50
CA VAL D 213 -63.66 -47.58 9.90
C VAL D 213 -64.78 -47.58 10.93
N PHE D 214 -65.02 -46.44 11.59
CA PHE D 214 -66.19 -46.26 12.45
C PHE D 214 -67.45 -45.98 11.64
N THR D 215 -67.34 -45.17 10.57
CA THR D 215 -68.47 -44.95 9.67
C THR D 215 -69.05 -46.28 9.20
N GLU D 216 -68.18 -47.11 8.62
CA GLU D 216 -68.61 -48.32 7.95
C GLU D 216 -68.97 -49.43 8.93
N PHE D 217 -68.38 -49.48 10.11
CA PHE D 217 -68.78 -50.54 11.01
C PHE D 217 -69.90 -50.12 11.94
N SER D 218 -70.21 -48.83 11.99
CA SER D 218 -71.51 -48.43 12.52
C SER D 218 -72.62 -48.68 11.51
N ARG D 219 -72.33 -48.55 10.20
CA ARG D 219 -73.35 -48.85 9.19
C ARG D 219 -73.70 -50.33 9.16
N GLN D 220 -72.79 -51.22 9.57
CA GLN D 220 -73.09 -52.64 9.72
C GLN D 220 -73.53 -53.00 11.13
N GLY D 221 -73.66 -52.02 12.04
CA GLY D 221 -74.14 -52.28 13.38
C GLY D 221 -73.22 -53.11 14.25
N GLY D 222 -71.97 -53.33 13.82
CA GLY D 222 -71.03 -54.13 14.56
C GLY D 222 -70.30 -53.38 15.65
N LEU D 223 -70.68 -52.15 15.95
CA LEU D 223 -69.96 -51.30 16.89
C LEU D 223 -70.72 -51.26 18.22
N ALA D 224 -70.07 -51.74 19.28
CA ALA D 224 -70.64 -51.57 20.62
C ALA D 224 -70.67 -50.10 20.98
N VAL D 225 -71.76 -49.66 21.61
CA VAL D 225 -71.95 -48.22 21.82
C VAL D 225 -70.87 -47.66 22.73
N ASP D 226 -70.63 -48.33 23.85
CA ASP D 226 -69.62 -47.84 24.79
C ASP D 226 -68.21 -48.00 24.25
N GLY D 227 -68.05 -48.64 23.11
CA GLY D 227 -66.72 -48.77 22.53
C GLY D 227 -65.89 -49.87 23.10
N ARG D 228 -66.47 -50.74 23.93
CA ARG D 228 -65.74 -51.77 24.66
C ARG D 228 -66.05 -53.16 24.13
N CYS D 229 -65.00 -53.99 23.96
CA CYS D 229 -65.15 -55.39 23.56
C CYS D 229 -65.34 -56.24 24.82
N LYS D 230 -66.60 -56.50 25.19
CA LYS D 230 -66.92 -57.31 26.38
C LYS D 230 -67.00 -58.79 25.98
N ALA D 231 -65.86 -59.47 26.01
CA ALA D 231 -65.71 -60.78 25.39
C ALA D 231 -66.40 -61.86 26.20
N PHE D 232 -67.21 -62.67 25.52
CA PHE D 232 -67.90 -63.82 26.11
C PHE D 232 -68.84 -63.43 27.24
N SER D 233 -69.17 -62.15 27.31
CA SER D 233 -70.08 -61.64 28.33
C SER D 233 -71.47 -61.47 27.73
N ALA D 234 -72.49 -61.64 28.57
CA ALA D 234 -73.86 -61.37 28.14
C ALA D 234 -74.05 -59.91 27.78
N GLU D 235 -73.12 -59.03 28.17
CA GLU D 235 -73.11 -57.63 27.73
C GLU D 235 -72.69 -57.44 26.29
N ALA D 236 -72.19 -58.49 25.61
CA ALA D 236 -71.56 -58.33 24.31
C ALA D 236 -72.54 -57.76 23.29
N ASP D 237 -72.19 -56.61 22.69
CA ASP D 237 -73.07 -55.92 21.76
C ASP D 237 -72.31 -55.31 20.59
N GLY D 238 -71.18 -55.90 20.22
CA GLY D 238 -70.30 -55.38 19.20
C GLY D 238 -68.93 -55.05 19.75
N PHE D 239 -68.03 -54.67 18.85
CA PHE D 239 -66.64 -54.45 19.23
C PHE D 239 -66.26 -52.98 19.20
N GLY D 240 -65.26 -52.66 20.03
CA GLY D 240 -64.66 -51.34 20.07
C GLY D 240 -63.27 -51.43 19.46
N PHE D 241 -62.99 -50.47 18.56
CA PHE D 241 -61.77 -50.48 17.77
C PHE D 241 -60.60 -49.92 18.59
N ALA D 242 -59.41 -50.42 18.30
CA ALA D 242 -58.21 -50.06 19.05
C ALA D 242 -57.01 -49.94 18.14
N GLU D 243 -56.13 -49.00 18.49
CA GLU D 243 -54.82 -48.80 17.88
C GLU D 243 -53.75 -49.55 18.67
N GLY D 244 -52.62 -49.80 18.02
CA GLY D 244 -51.54 -50.49 18.70
C GLY D 244 -50.57 -51.13 17.72
N VAL D 245 -49.44 -51.55 18.28
CA VAL D 245 -48.34 -52.12 17.51
C VAL D 245 -47.89 -53.38 18.22
N ALA D 246 -47.63 -54.44 17.46
CA ALA D 246 -47.19 -55.66 18.12
C ALA D 246 -46.25 -56.41 17.18
N VAL D 247 -45.06 -56.72 17.68
CA VAL D 247 -44.01 -57.35 16.91
C VAL D 247 -43.26 -58.30 17.83
N VAL D 248 -42.79 -59.39 17.27
CA VAL D 248 -41.94 -60.32 18.01
C VAL D 248 -40.88 -60.85 17.08
N LEU D 249 -39.74 -61.22 17.67
CA LEU D 249 -38.55 -61.58 16.94
C LEU D 249 -38.48 -63.10 16.91
N LEU D 250 -38.34 -63.68 15.72
CA LEU D 250 -38.31 -65.13 15.62
C LEU D 250 -37.00 -65.62 15.00
N GLN D 251 -36.64 -66.86 15.33
CA GLN D 251 -35.39 -67.45 14.92
C GLN D 251 -35.37 -68.93 15.31
N ARG D 252 -34.88 -69.76 14.41
CA ARG D 252 -34.69 -71.18 14.71
C ARG D 252 -33.89 -71.33 15.99
N LEU D 253 -34.22 -72.35 16.79
CA LEU D 253 -33.78 -72.38 18.18
C LEU D 253 -32.29 -72.67 18.30
N SER D 254 -31.84 -73.76 17.66
CA SER D 254 -30.41 -74.06 17.53
C SER D 254 -29.64 -72.79 17.19
N ASP D 255 -30.22 -71.93 16.34
CA ASP D 255 -29.56 -70.64 16.05
C ASP D 255 -29.70 -69.68 17.23
N ALA D 256 -30.79 -69.76 17.99
CA ALA D 256 -31.02 -68.76 19.03
C ALA D 256 -30.13 -68.99 20.25
N ARG D 257 -29.93 -70.27 20.63
CA ARG D 257 -28.99 -70.56 21.69
C ARG D 257 -27.56 -70.34 21.22
N ARG D 258 -27.19 -70.96 20.08
CA ARG D 258 -25.83 -70.83 19.58
C ARG D 258 -25.44 -69.38 19.33
N ALA D 259 -26.42 -68.49 19.20
CA ALA D 259 -26.19 -67.06 19.25
C ALA D 259 -26.50 -66.47 20.62
N GLY D 260 -26.77 -67.33 21.60
CA GLY D 260 -26.86 -66.92 22.99
C GLY D 260 -27.99 -65.96 23.30
N ARG D 261 -29.20 -66.28 22.86
CA ARG D 261 -30.32 -65.37 22.98
C ARG D 261 -31.33 -65.81 24.03
N GLN D 262 -31.92 -64.81 24.69
CA GLN D 262 -33.06 -65.01 25.57
C GLN D 262 -34.22 -65.56 24.78
N VAL D 263 -34.49 -66.86 24.95
CA VAL D 263 -35.64 -67.49 24.30
C VAL D 263 -36.86 -67.24 25.18
N LEU D 264 -37.83 -66.50 24.64
CA LEU D 264 -39.07 -66.23 25.35
C LEU D 264 -40.07 -67.39 25.28
N GLY D 265 -40.17 -68.04 24.11
CA GLY D 265 -41.04 -69.18 23.98
C GLY D 265 -40.80 -69.89 22.67
N VAL D 266 -41.76 -70.74 22.30
CA VAL D 266 -41.64 -71.52 21.08
C VAL D 266 -43.00 -71.54 20.39
N VAL D 267 -43.08 -70.98 19.19
CA VAL D 267 -44.19 -71.30 18.29
C VAL D 267 -44.04 -72.77 18.00
N ALA D 268 -44.88 -73.56 18.68
CA ALA D 268 -44.94 -75.00 18.50
C ALA D 268 -45.66 -75.38 17.23
N GLY D 269 -46.66 -74.60 16.82
CA GLY D 269 -47.27 -74.76 15.52
C GLY D 269 -48.33 -73.72 15.23
N SER D 270 -48.89 -73.80 14.01
CA SER D 270 -49.97 -72.91 13.60
C SER D 270 -50.59 -73.41 12.30
N ALA D 271 -51.80 -72.92 12.00
CA ALA D 271 -52.46 -73.24 10.74
C ALA D 271 -53.37 -72.09 10.31
N ILE D 272 -53.65 -72.06 9.01
CA ILE D 272 -54.42 -71.00 8.35
C ILE D 272 -55.45 -71.67 7.46
N ASN D 273 -56.64 -71.10 7.37
CA ASN D 273 -57.66 -71.62 6.45
C ASN D 273 -58.76 -70.57 6.24
N GLN D 274 -59.87 -71.01 5.63
CA GLN D 274 -60.95 -70.13 5.15
C GLN D 274 -62.31 -70.76 5.39
N ASP D 275 -63.25 -69.99 5.97
CA ASP D 275 -64.61 -70.48 6.18
C ASP D 275 -65.39 -70.42 4.87
N SER D 285 -67.31 -69.10 10.94
CA SER D 285 -68.05 -70.33 10.77
C SER D 285 -67.42 -71.47 11.53
N GLY D 286 -68.17 -72.00 12.52
CA GLY D 286 -67.70 -72.92 13.53
C GLY D 286 -67.06 -74.21 13.07
N VAL D 287 -67.28 -74.61 11.82
CA VAL D 287 -66.58 -75.77 11.30
C VAL D 287 -65.15 -75.40 10.92
N ALA D 288 -64.96 -74.23 10.30
CA ALA D 288 -63.64 -73.80 9.85
C ALA D 288 -62.72 -73.52 11.05
N GLN D 289 -63.29 -72.95 12.11
CA GLN D 289 -62.52 -72.75 13.33
C GLN D 289 -62.12 -74.08 13.94
N GLN D 290 -63.04 -75.04 13.97
CA GLN D 290 -62.68 -76.34 14.51
C GLN D 290 -61.58 -77.00 13.70
N ARG D 291 -61.49 -76.72 12.40
CA ARG D 291 -60.40 -77.39 11.73
C ARG D 291 -59.07 -76.71 11.95
N VAL D 292 -59.07 -75.39 11.91
CA VAL D 292 -57.80 -74.72 12.05
C VAL D 292 -57.30 -74.84 13.49
N ILE D 293 -58.20 -74.92 14.48
CA ILE D 293 -57.80 -75.21 15.86
C ILE D 293 -57.10 -76.57 15.91
N ARG D 294 -57.52 -77.49 15.07
CA ARG D 294 -57.14 -78.88 15.21
C ARG D 294 -55.99 -79.28 14.30
N LYS D 295 -55.98 -78.83 13.04
CA LYS D 295 -54.76 -78.92 12.24
C LYS D 295 -53.59 -78.36 13.04
N ALA D 296 -53.77 -77.15 13.56
CA ALA D 296 -52.77 -76.53 14.43
C ALA D 296 -52.31 -77.47 15.54
N TRP D 297 -53.20 -78.32 16.09
CA TRP D 297 -52.74 -79.26 17.13
C TRP D 297 -51.91 -80.37 16.53
N ALA D 298 -52.29 -80.83 15.34
CA ALA D 298 -51.57 -81.93 14.71
C ALA D 298 -50.13 -81.55 14.43
N ARG D 299 -49.88 -80.28 14.11
CA ARG D 299 -48.53 -79.83 13.80
C ARG D 299 -47.73 -79.69 15.08
N ALA D 300 -48.33 -79.06 16.10
CA ALA D 300 -47.68 -78.92 17.40
C ALA D 300 -47.44 -80.28 18.06
N GLY D 301 -48.01 -81.35 17.53
CA GLY D 301 -47.83 -82.65 18.14
C GLY D 301 -48.47 -82.75 19.51
N ILE D 302 -49.53 -81.98 19.76
CA ILE D 302 -50.14 -81.94 21.08
C ILE D 302 -51.62 -82.32 20.98
N THR D 303 -52.25 -82.41 22.14
CA THR D 303 -53.69 -82.52 22.29
C THR D 303 -54.21 -81.21 22.88
N GLY D 304 -55.53 -81.07 22.90
CA GLY D 304 -56.12 -79.92 23.56
C GLY D 304 -55.97 -79.94 25.06
N ALA D 305 -55.56 -81.08 25.64
CA ALA D 305 -55.29 -81.17 27.07
C ALA D 305 -53.90 -80.64 27.42
N ASP D 306 -52.93 -80.77 26.51
CA ASP D 306 -51.60 -80.22 26.75
C ASP D 306 -51.64 -78.70 26.86
N VAL D 307 -52.69 -78.06 26.30
CA VAL D 307 -52.90 -76.62 26.42
C VAL D 307 -53.66 -76.34 27.69
N ALA D 308 -53.35 -75.22 28.36
CA ALA D 308 -54.08 -74.81 29.54
C ALA D 308 -54.75 -73.44 29.44
N VAL D 309 -54.29 -72.57 28.53
CA VAL D 309 -54.92 -71.28 28.27
C VAL D 309 -55.15 -71.21 26.77
N VAL D 310 -56.20 -70.52 26.35
CA VAL D 310 -56.34 -70.13 24.95
C VAL D 310 -56.74 -68.67 24.90
N GLU D 311 -55.92 -67.86 24.23
CA GLU D 311 -56.24 -66.46 23.96
C GLU D 311 -57.02 -66.41 22.65
N ALA D 312 -58.34 -66.26 22.77
CA ALA D 312 -59.32 -66.29 21.70
C ALA D 312 -59.41 -64.95 20.97
N HIS D 313 -59.98 -65.01 19.75
CA HIS D 313 -60.31 -63.79 19.01
C HIS D 313 -61.13 -62.84 19.85
N GLY D 314 -62.02 -63.38 20.68
CA GLY D 314 -62.87 -62.66 21.63
C GLY D 314 -63.27 -61.23 21.31
N THR D 315 -63.89 -61.01 20.14
CA THR D 315 -64.22 -59.66 19.68
C THR D 315 -65.39 -59.03 20.42
N GLY D 316 -66.16 -59.82 21.17
CA GLY D 316 -67.27 -59.24 21.90
C GLY D 316 -68.47 -58.92 21.05
N THR D 317 -68.70 -59.70 20.00
CA THR D 317 -69.86 -59.57 19.14
C THR D 317 -71.02 -60.43 19.62
N ARG D 318 -72.23 -59.95 19.34
CA ARG D 318 -73.44 -60.74 19.64
C ARG D 318 -73.36 -62.13 19.02
N LEU D 319 -72.90 -62.22 17.78
CA LEU D 319 -72.96 -63.47 17.03
C LEU D 319 -71.64 -64.23 16.98
N GLY D 320 -70.51 -63.54 17.10
CA GLY D 320 -69.21 -64.18 16.92
C GLY D 320 -68.62 -64.82 18.16
N ASP D 321 -68.91 -64.25 19.32
CA ASP D 321 -68.57 -64.95 20.56
C ASP D 321 -69.16 -66.35 20.62
N PRO D 322 -70.45 -66.57 20.34
CA PRO D 322 -70.98 -67.94 20.45
C PRO D 322 -70.36 -68.94 19.47
N VAL D 323 -70.04 -68.53 18.24
CA VAL D 323 -69.53 -69.48 17.25
C VAL D 323 -68.09 -69.88 17.54
N GLU D 324 -67.29 -68.96 18.08
CA GLU D 324 -65.96 -69.35 18.55
C GLU D 324 -66.05 -70.15 19.84
N ALA D 325 -66.86 -69.66 20.79
CA ALA D 325 -67.08 -70.43 22.02
C ALA D 325 -67.57 -71.84 21.71
N SER D 326 -68.43 -71.99 20.69
CA SER D 326 -68.87 -73.33 20.28
C SER D 326 -67.69 -74.18 19.81
N ALA D 327 -66.81 -73.58 18.99
CA ALA D 327 -65.69 -74.33 18.42
C ALA D 327 -64.69 -74.75 19.47
N LEU D 328 -64.48 -73.92 20.50
CA LEU D 328 -63.54 -74.25 21.56
C LEU D 328 -64.09 -75.33 22.49
N LEU D 329 -65.41 -75.34 22.68
CA LEU D 329 -66.05 -76.38 23.48
C LEU D 329 -66.13 -77.70 22.73
N ALA D 330 -66.13 -77.64 21.39
CA ALA D 330 -66.10 -78.81 20.54
C ALA D 330 -64.69 -79.35 20.33
N THR D 331 -63.69 -78.69 20.90
CA THR D 331 -62.30 -79.04 20.67
C THR D 331 -61.60 -79.15 22.01
N TYR D 332 -61.16 -77.99 22.53
CA TYR D 332 -60.45 -77.98 23.80
C TYR D 332 -61.30 -78.55 24.92
N GLY D 333 -62.61 -78.28 24.89
CA GLY D 333 -63.53 -78.62 25.98
C GLY D 333 -63.83 -80.09 26.14
N LYS D 334 -63.35 -80.92 25.22
CA LYS D 334 -63.46 -82.38 25.29
C LYS D 334 -62.07 -82.98 25.40
N SER D 335 -62.01 -84.26 25.77
CA SER D 335 -60.76 -85.00 25.88
C SER D 335 -59.74 -84.23 26.71
N ARG D 336 -60.17 -83.76 27.89
CA ARG D 336 -59.24 -83.26 28.89
C ARG D 336 -58.95 -84.31 29.96
N GLY D 337 -60.01 -84.89 30.56
CA GLY D 337 -59.91 -85.86 31.63
C GLY D 337 -59.07 -85.41 32.80
N SER D 338 -57.79 -85.77 32.78
CA SER D 338 -56.88 -85.53 33.88
C SER D 338 -56.62 -84.05 34.13
N SER D 339 -57.03 -83.18 33.20
CA SER D 339 -56.37 -81.90 33.05
C SER D 339 -57.15 -80.73 33.63
N GLY D 340 -58.45 -80.88 33.84
CA GLY D 340 -59.27 -79.76 34.22
C GLY D 340 -59.67 -78.94 33.01
N PRO D 341 -60.36 -77.82 33.24
CA PRO D 341 -60.93 -77.05 32.13
C PRO D 341 -59.93 -76.05 31.57
N VAL D 342 -59.94 -75.91 30.26
CA VAL D 342 -59.08 -74.93 29.62
C VAL D 342 -59.60 -73.52 29.91
N LEU D 343 -58.69 -72.58 30.11
CA LEU D 343 -59.05 -71.24 30.54
C LEU D 343 -59.00 -70.25 29.39
N LEU D 344 -59.91 -69.29 29.43
CA LEU D 344 -60.35 -68.58 28.24
C LEU D 344 -60.24 -67.08 28.43
N GLY D 345 -59.76 -66.41 27.40
CA GLY D 345 -59.42 -65.01 27.54
C GLY D 345 -59.46 -64.31 26.21
N SER D 346 -59.77 -63.03 26.26
CA SER D 346 -59.49 -62.12 25.16
C SER D 346 -58.85 -60.87 25.74
N VAL D 347 -57.63 -60.57 25.28
CA VAL D 347 -56.97 -59.31 25.62
C VAL D 347 -57.72 -58.12 25.05
N LYS D 348 -58.63 -58.33 24.08
CA LYS D 348 -59.47 -57.24 23.59
C LYS D 348 -60.40 -56.68 24.67
N SER D 349 -60.71 -57.48 25.70
CA SER D 349 -61.49 -56.98 26.83
C SER D 349 -60.71 -55.97 27.68
N ASN D 350 -59.37 -56.01 27.62
CA ASN D 350 -58.48 -55.04 28.27
C ASN D 350 -58.14 -53.85 27.37
N ILE D 351 -57.66 -54.09 26.14
CA ILE D 351 -57.17 -53.03 25.24
C ILE D 351 -58.00 -52.85 23.97
N GLY D 352 -59.01 -53.71 23.71
CA GLY D 352 -59.87 -53.52 22.56
C GLY D 352 -59.38 -54.24 21.31
N HIS D 353 -60.17 -54.10 20.26
CA HIS D 353 -59.84 -54.79 19.01
C HIS D 353 -58.71 -54.04 18.34
N ALA D 354 -57.50 -54.56 18.50
CA ALA D 354 -56.32 -53.89 17.94
C ALA D 354 -56.20 -54.03 16.43
N GLN D 355 -57.17 -54.66 15.76
CA GLN D 355 -57.14 -54.90 14.32
C GLN D 355 -55.80 -55.56 13.97
N ALA D 356 -55.06 -55.05 12.97
CA ALA D 356 -53.86 -55.73 12.49
C ALA D 356 -52.90 -56.11 13.60
N ALA D 357 -52.99 -55.48 14.75
CA ALA D 357 -52.08 -55.75 15.85
C ALA D 357 -52.61 -56.82 16.80
N ALA D 358 -53.93 -57.00 16.87
CA ALA D 358 -54.53 -57.82 17.92
C ALA D 358 -54.00 -59.25 17.91
N GLY D 359 -53.60 -59.75 16.74
CA GLY D 359 -53.18 -61.14 16.66
C GLY D 359 -51.90 -61.38 17.44
N VAL D 360 -50.89 -60.54 17.21
CA VAL D 360 -49.65 -60.73 17.93
C VAL D 360 -49.80 -60.26 19.36
N ALA D 361 -50.59 -59.21 19.58
CA ALA D 361 -50.91 -58.78 20.94
C ALA D 361 -51.42 -59.94 21.79
N GLY D 362 -52.27 -60.78 21.23
CA GLY D 362 -52.67 -61.98 21.94
C GLY D 362 -51.52 -62.91 22.19
N VAL D 363 -50.58 -62.99 21.25
CA VAL D 363 -49.43 -63.87 21.46
C VAL D 363 -48.56 -63.34 22.58
N ILE D 364 -48.35 -62.02 22.58
CA ILE D 364 -47.59 -61.39 23.65
C ILE D 364 -48.20 -61.70 25.01
N LYS D 365 -49.55 -61.75 25.07
CA LYS D 365 -50.23 -61.94 26.35
C LYS D 365 -49.98 -63.32 26.92
N VAL D 366 -49.93 -64.34 26.09
CA VAL D 366 -49.73 -65.69 26.61
C VAL D 366 -48.26 -66.03 26.84
N VAL D 367 -47.32 -65.24 26.31
CA VAL D 367 -45.90 -65.52 26.55
C VAL D 367 -45.41 -64.82 27.82
N LEU D 368 -45.80 -63.57 28.02
CA LEU D 368 -45.68 -62.99 29.35
C LEU D 368 -46.12 -64.04 30.37
N GLY D 369 -47.33 -64.57 30.18
CA GLY D 369 -47.87 -65.56 31.09
C GLY D 369 -46.98 -66.79 31.23
N LEU D 370 -46.64 -67.44 30.11
CA LEU D 370 -45.91 -68.70 30.19
C LEU D 370 -44.63 -68.57 31.02
N ASN D 371 -43.94 -67.41 30.91
CA ASN D 371 -42.66 -67.22 31.62
C ASN D 371 -42.83 -66.82 33.07
N ARG D 372 -43.87 -66.05 33.41
CA ARG D 372 -44.32 -65.88 34.80
C ARG D 372 -45.15 -67.05 35.28
N GLY D 373 -45.23 -68.14 34.52
CA GLY D 373 -46.02 -69.29 34.89
C GLY D 373 -47.42 -69.04 35.43
N LEU D 374 -48.00 -67.88 35.14
CA LEU D 374 -49.35 -67.52 35.58
C LEU D 374 -50.26 -67.28 34.37
N VAL D 375 -51.52 -67.65 34.52
CA VAL D 375 -52.50 -67.46 33.44
C VAL D 375 -52.97 -66.00 33.44
N PRO D 376 -52.71 -65.29 32.37
CA PRO D 376 -53.13 -63.89 32.29
C PRO D 376 -54.63 -63.78 32.37
N PRO D 377 -55.16 -62.88 33.18
CA PRO D 377 -56.61 -62.75 33.29
C PRO D 377 -57.23 -61.94 32.16
N MET D 378 -58.53 -62.14 32.01
CA MET D 378 -59.35 -61.28 31.17
C MET D 378 -60.21 -60.42 32.10
N LEU D 379 -60.66 -59.28 31.57
CA LEU D 379 -61.65 -58.45 32.28
C LEU D 379 -63.05 -58.86 31.82
N CYS D 380 -63.77 -59.57 32.69
CA CYS D 380 -65.10 -60.11 32.43
C CYS D 380 -66.20 -59.14 32.85
N ARG D 381 -67.19 -58.97 31.98
CA ARG D 381 -68.34 -58.14 32.29
C ARG D 381 -69.50 -59.03 32.69
N GLY D 382 -70.42 -58.48 33.47
CA GLY D 382 -71.63 -59.15 33.91
C GLY D 382 -71.50 -60.64 34.12
N GLU D 383 -72.42 -61.39 33.52
CA GLU D 383 -72.38 -62.84 33.56
C GLU D 383 -71.91 -63.38 32.22
N ARG D 384 -71.76 -64.70 32.15
CA ARG D 384 -71.39 -65.35 30.90
C ARG D 384 -72.48 -65.13 29.86
N SER D 385 -72.10 -65.23 28.58
CA SER D 385 -73.13 -65.12 27.55
C SER D 385 -73.99 -66.37 27.61
N PRO D 386 -75.31 -66.22 27.72
CA PRO D 386 -76.19 -67.39 27.80
C PRO D 386 -76.28 -68.12 26.48
N LEU D 387 -75.83 -67.49 25.40
CA LEU D 387 -75.82 -68.10 24.09
C LEU D 387 -74.71 -69.14 23.94
N ILE D 388 -73.94 -69.42 25.00
CA ILE D 388 -72.84 -70.38 24.97
C ILE D 388 -73.20 -71.58 25.83
N GLU D 389 -72.97 -72.78 25.29
CA GLU D 389 -73.39 -74.01 25.96
C GLU D 389 -72.29 -74.49 26.91
N TRP D 390 -72.02 -73.64 27.91
CA TRP D 390 -70.89 -73.84 28.82
C TRP D 390 -70.79 -75.29 29.27
N SER D 391 -71.94 -75.94 29.47
CA SER D 391 -71.98 -77.23 30.14
C SER D 391 -71.45 -78.36 29.26
N SER D 392 -71.20 -78.10 27.97
CA SER D 392 -70.79 -79.12 27.02
C SER D 392 -69.44 -79.75 27.32
N GLY D 393 -68.81 -79.39 28.44
CA GLY D 393 -67.44 -79.74 28.71
C GLY D 393 -66.66 -78.53 29.15
N GLY D 394 -65.34 -78.70 29.24
CA GLY D 394 -64.52 -77.81 30.04
C GLY D 394 -63.83 -76.65 29.35
N VAL D 395 -64.52 -75.50 29.34
CA VAL D 395 -63.97 -74.24 28.90
C VAL D 395 -64.54 -73.13 29.76
N GLU D 396 -63.75 -72.63 30.71
CA GLU D 396 -64.21 -71.54 31.56
C GLU D 396 -63.29 -70.32 31.47
N LEU D 397 -63.89 -69.15 31.69
CA LEU D 397 -63.20 -67.87 31.54
C LEU D 397 -62.18 -67.65 32.65
N ALA D 398 -61.01 -67.12 32.28
CA ALA D 398 -59.95 -66.81 33.24
C ALA D 398 -60.22 -65.42 33.82
N GLU D 399 -60.86 -65.38 35.00
CA GLU D 399 -61.33 -64.12 35.56
C GLU D 399 -60.28 -63.42 36.40
N ALA D 400 -59.46 -64.19 37.11
CA ALA D 400 -58.29 -63.67 37.82
C ALA D 400 -57.08 -64.52 37.49
N VAL D 401 -55.93 -64.07 37.96
CA VAL D 401 -54.69 -64.77 37.67
C VAL D 401 -54.61 -66.04 38.51
N SER D 402 -54.13 -67.12 37.90
CA SER D 402 -54.08 -68.41 38.56
C SER D 402 -52.85 -69.16 38.07
N PRO D 403 -52.47 -70.23 38.75
CA PRO D 403 -51.36 -71.07 38.26
C PRO D 403 -51.64 -71.67 36.90
N TRP D 404 -50.62 -71.65 36.04
CA TRP D 404 -50.60 -72.23 34.69
C TRP D 404 -50.11 -73.68 34.72
N PRO D 405 -51.00 -74.65 34.87
CA PRO D 405 -50.57 -76.05 34.94
C PRO D 405 -49.82 -76.44 33.68
N PRO D 406 -48.76 -77.19 33.79
CA PRO D 406 -48.07 -77.71 32.60
C PRO D 406 -48.87 -78.86 32.01
N ALA D 407 -48.38 -79.36 30.87
CA ALA D 407 -48.92 -80.56 30.29
C ALA D 407 -48.30 -81.78 30.95
N ALA D 408 -48.92 -82.94 30.72
CA ALA D 408 -48.36 -84.20 31.19
C ALA D 408 -46.91 -84.40 30.74
N ASP D 409 -46.45 -83.67 29.72
CA ASP D 409 -45.05 -83.69 29.35
C ASP D 409 -44.28 -82.49 29.92
N GLY D 410 -44.80 -81.87 30.99
CA GLY D 410 -44.11 -80.84 31.75
C GLY D 410 -44.12 -79.45 31.16
N VAL D 411 -44.75 -79.24 30.00
CA VAL D 411 -44.59 -78.04 29.17
C VAL D 411 -45.89 -77.25 29.16
N ARG D 412 -45.89 -76.07 29.77
CA ARG D 412 -47.05 -75.21 29.69
C ARG D 412 -47.23 -74.69 28.27
N ARG D 413 -48.44 -74.85 27.73
CA ARG D 413 -48.74 -74.37 26.39
C ARG D 413 -49.97 -73.49 26.43
N ALA D 414 -50.37 -73.04 25.23
CA ALA D 414 -51.50 -72.15 25.03
C ALA D 414 -51.79 -72.05 23.54
N GLY D 415 -53.02 -71.65 23.23
CA GLY D 415 -53.44 -71.41 21.87
C GLY D 415 -53.80 -69.96 21.67
N VAL D 416 -53.66 -69.49 20.42
CA VAL D 416 -54.09 -68.15 20.01
C VAL D 416 -54.87 -68.28 18.72
N SER D 417 -56.05 -67.63 18.66
CA SER D 417 -56.91 -67.55 17.49
C SER D 417 -57.04 -66.11 17.03
N ALA D 418 -56.99 -65.91 15.71
CA ALA D 418 -57.42 -64.66 15.08
C ALA D 418 -58.13 -64.99 13.77
N PHE D 419 -59.28 -64.35 13.57
CA PHE D 419 -60.11 -64.55 12.39
C PHE D 419 -60.42 -63.19 11.78
N GLY D 420 -60.02 -62.99 10.52
CA GLY D 420 -60.31 -61.76 9.84
C GLY D 420 -61.73 -61.71 9.37
N VAL D 421 -62.17 -60.52 8.96
CA VAL D 421 -63.52 -60.37 8.41
C VAL D 421 -63.64 -61.11 7.08
N SER D 422 -62.59 -61.07 6.27
CA SER D 422 -62.63 -61.67 4.95
C SER D 422 -63.00 -63.15 5.02
N GLY D 423 -62.49 -63.85 6.04
CA GLY D 423 -62.73 -65.28 6.15
C GLY D 423 -61.50 -66.08 6.47
N THR D 424 -60.32 -65.45 6.39
CA THR D 424 -59.07 -66.13 6.73
C THR D 424 -58.95 -66.37 8.24
N ASN D 425 -58.86 -67.63 8.63
CA ASN D 425 -58.82 -68.04 10.02
C ASN D 425 -57.47 -68.65 10.33
N ALA D 426 -57.02 -68.46 11.57
CA ALA D 426 -55.69 -68.87 11.98
C ALA D 426 -55.68 -69.24 13.45
N HIS D 427 -55.01 -70.34 13.77
CA HIS D 427 -54.84 -70.75 15.15
C HIS D 427 -53.39 -71.18 15.33
N VAL D 428 -52.79 -70.81 16.47
CA VAL D 428 -51.35 -70.99 16.70
C VAL D 428 -51.10 -71.35 18.16
N ILE D 429 -50.21 -72.32 18.37
CA ILE D 429 -49.91 -72.86 19.69
C ILE D 429 -48.53 -72.38 20.12
N ILE D 430 -48.49 -71.66 21.22
CA ILE D 430 -47.24 -71.19 21.83
C ILE D 430 -46.88 -72.05 23.02
N ALA D 431 -45.64 -72.52 23.08
CA ALA D 431 -45.18 -73.38 24.17
C ALA D 431 -44.14 -72.67 25.03
N GLU D 432 -43.90 -73.25 26.20
CA GLU D 432 -42.86 -72.77 27.10
C GLU D 432 -41.48 -73.10 26.52
N PRO D 433 -40.45 -72.32 26.88
CA PRO D 433 -39.08 -72.62 26.40
C PRO D 433 -38.38 -73.65 27.27
N PRO D 434 -37.62 -74.59 26.66
CA PRO D 434 -36.80 -75.57 27.39
C PRO D 434 -35.50 -74.99 27.97
N GLY D 446 -9.76 -62.59 29.27
CA GLY D 446 -9.68 -62.31 30.70
C GLY D 446 -10.02 -60.87 31.03
N VAL D 447 -9.06 -60.20 31.66
CA VAL D 447 -8.92 -58.74 31.78
C VAL D 447 -9.97 -58.09 32.65
N LEU D 448 -11.24 -58.26 32.36
CA LEU D 448 -12.21 -57.55 33.16
C LEU D 448 -12.21 -58.03 34.62
N ALA D 449 -11.79 -59.26 34.87
CA ALA D 449 -11.67 -59.77 36.23
C ALA D 449 -10.58 -59.03 36.99
N ALA D 450 -9.48 -58.70 36.31
CA ALA D 450 -8.34 -58.03 36.94
C ALA D 450 -8.69 -56.69 37.56
N ALA D 451 -9.77 -56.05 37.14
CA ALA D 451 -10.14 -54.77 37.71
C ALA D 451 -11.37 -54.95 38.59
N ASN D 452 -11.62 -53.96 39.42
CA ASN D 452 -12.73 -54.02 40.36
C ASN D 452 -13.95 -53.24 39.89
N SER D 453 -13.94 -52.70 38.69
CA SER D 453 -15.11 -52.02 38.15
C SER D 453 -15.31 -52.45 36.71
N VAL D 454 -16.47 -52.06 36.16
CA VAL D 454 -16.86 -52.43 34.82
C VAL D 454 -17.40 -51.17 34.15
N PRO D 455 -17.18 -51.03 32.84
CA PRO D 455 -17.76 -49.88 32.14
C PRO D 455 -19.18 -50.22 31.77
N VAL D 456 -20.12 -49.43 32.25
CA VAL D 456 -21.47 -49.47 31.73
C VAL D 456 -21.55 -48.42 30.64
N LEU D 457 -21.95 -48.84 29.45
CA LEU D 457 -21.93 -47.99 28.28
C LEU D 457 -23.33 -47.55 27.94
N LEU D 458 -23.48 -46.30 27.51
CA LEU D 458 -24.70 -45.78 26.92
C LEU D 458 -24.34 -44.89 25.75
N SER D 459 -25.20 -44.87 24.74
CA SER D 459 -24.98 -44.11 23.51
C SER D 459 -26.32 -43.59 23.02
N ALA D 460 -26.28 -42.67 22.07
CA ALA D 460 -27.53 -42.12 21.55
C ALA D 460 -27.24 -41.33 20.29
N ARG D 461 -28.30 -41.08 19.53
CA ARG D 461 -28.19 -40.20 18.38
C ARG D 461 -27.90 -38.77 18.81
N THR D 462 -28.25 -38.38 20.03
CA THR D 462 -28.17 -36.98 20.41
C THR D 462 -27.79 -36.80 21.89
N GLU D 463 -27.29 -35.59 22.16
CA GLU D 463 -26.88 -35.20 23.50
C GLU D 463 -28.03 -35.32 24.49
N THR D 464 -29.18 -34.72 24.17
CA THR D 464 -30.28 -34.77 25.12
C THR D 464 -30.71 -36.21 25.36
N ALA D 465 -30.81 -37.01 24.30
CA ALA D 465 -31.27 -38.39 24.47
C ALA D 465 -30.32 -39.17 25.35
N LEU D 466 -29.03 -38.84 25.28
CA LEU D 466 -28.08 -39.46 26.19
C LEU D 466 -28.38 -39.08 27.63
N ALA D 467 -28.76 -37.82 27.87
CA ALA D 467 -29.14 -37.43 29.22
C ALA D 467 -30.37 -38.19 29.67
N ALA D 468 -31.39 -38.19 28.83
CA ALA D 468 -32.60 -38.97 29.11
C ALA D 468 -32.23 -40.39 29.51
N GLN D 469 -31.48 -41.08 28.66
CA GLN D 469 -31.07 -42.45 28.96
C GLN D 469 -30.54 -42.58 30.38
N ALA D 470 -29.93 -41.52 30.92
CA ALA D 470 -29.36 -41.59 32.26
C ALA D 470 -30.44 -41.73 33.31
N ARG D 471 -31.46 -40.86 33.26
CA ARG D 471 -32.53 -40.97 34.27
C ARG D 471 -33.21 -42.32 34.17
N LEU D 472 -33.35 -42.85 32.95
CA LEU D 472 -33.92 -44.18 32.78
C LEU D 472 -33.07 -45.23 33.47
N LEU D 473 -31.79 -45.30 33.11
CA LEU D 473 -30.98 -46.39 33.62
C LEU D 473 -30.66 -46.19 35.09
N GLU D 474 -30.61 -44.95 35.53
CA GLU D 474 -30.42 -44.70 36.96
C GLU D 474 -31.47 -45.43 37.77
N SER D 475 -32.72 -45.43 37.29
CA SER D 475 -33.76 -46.26 37.88
C SER D 475 -33.45 -47.73 37.69
N ALA D 476 -33.31 -48.16 36.45
CA ALA D 476 -33.23 -49.58 36.14
C ALA D 476 -32.16 -50.31 36.95
N VAL D 477 -31.17 -49.56 37.46
CA VAL D 477 -30.04 -50.12 38.20
C VAL D 477 -30.49 -51.21 39.16
N ASP D 478 -31.11 -50.75 40.26
CA ASP D 478 -31.80 -51.54 41.28
C ASP D 478 -31.03 -52.78 41.76
N ASP D 479 -30.97 -52.93 43.09
CA ASP D 479 -29.79 -53.47 43.76
C ASP D 479 -29.53 -54.95 43.50
N SER D 480 -30.46 -55.70 42.97
CA SER D 480 -30.07 -57.03 42.51
C SER D 480 -29.35 -56.87 41.18
N VAL D 481 -29.10 -57.98 40.50
CA VAL D 481 -28.51 -58.07 39.16
C VAL D 481 -27.07 -57.57 39.18
N PRO D 482 -26.10 -58.46 38.94
CA PRO D 482 -24.69 -58.05 38.98
C PRO D 482 -24.38 -57.02 37.90
N LEU D 483 -23.38 -56.18 38.18
CA LEU D 483 -23.07 -55.10 37.24
C LEU D 483 -22.42 -55.64 35.99
N THR D 484 -21.73 -56.78 36.10
CA THR D 484 -21.23 -57.42 34.89
C THR D 484 -22.38 -57.85 33.97
N ALA D 485 -23.56 -58.10 34.53
CA ALA D 485 -24.67 -58.49 33.67
C ALA D 485 -25.39 -57.27 33.10
N LEU D 486 -25.61 -56.26 33.93
CA LEU D 486 -26.15 -55.00 33.42
C LEU D 486 -25.27 -54.44 32.32
N ALA D 487 -23.94 -54.49 32.52
CA ALA D 487 -23.04 -53.87 31.56
C ALA D 487 -22.97 -54.69 30.28
N SER D 488 -22.85 -56.02 30.40
CA SER D 488 -22.73 -56.87 29.22
C SER D 488 -23.98 -56.76 28.34
N ALA D 489 -25.13 -56.51 28.96
CA ALA D 489 -26.34 -56.27 28.17
C ALA D 489 -26.24 -54.94 27.41
N LEU D 490 -25.74 -53.89 28.06
CA LEU D 490 -25.58 -52.59 27.43
C LEU D 490 -24.36 -52.49 26.52
N ALA D 491 -23.40 -53.42 26.63
CA ALA D 491 -22.25 -53.41 25.73
C ALA D 491 -22.53 -54.22 24.46
N THR D 492 -22.83 -55.50 24.62
CA THR D 492 -23.01 -56.41 23.49
C THR D 492 -24.40 -56.34 22.88
N GLY D 493 -25.37 -55.80 23.59
CA GLY D 493 -26.73 -55.88 23.12
C GLY D 493 -27.21 -54.61 22.47
N ARG D 494 -26.42 -53.56 22.53
CA ARG D 494 -26.83 -52.32 21.89
C ARG D 494 -25.91 -51.97 20.75
N ALA D 495 -26.40 -51.01 19.94
CA ALA D 495 -25.68 -50.42 18.82
C ALA D 495 -25.05 -49.12 19.29
N HIS D 496 -23.74 -49.00 19.09
CA HIS D 496 -22.99 -47.88 19.64
C HIS D 496 -23.19 -46.66 18.76
N LEU D 497 -23.85 -45.63 19.29
CA LEU D 497 -24.25 -44.48 18.47
C LEU D 497 -23.24 -43.35 18.57
N PRO D 498 -23.40 -42.19 17.83
CA PRO D 498 -22.44 -41.08 17.97
C PRO D 498 -22.21 -40.61 19.41
N ARG D 499 -23.19 -39.90 19.99
CA ARG D 499 -23.06 -39.35 21.32
C ARG D 499 -23.00 -40.44 22.40
N ARG D 500 -21.80 -40.85 22.80
CA ARG D 500 -21.61 -41.96 23.71
C ARG D 500 -21.25 -41.49 25.12
N ALA D 501 -21.20 -42.46 26.04
CA ALA D 501 -20.92 -42.19 27.45
C ALA D 501 -20.61 -43.49 28.17
N ALA D 502 -19.51 -43.50 28.91
CA ALA D 502 -19.13 -44.65 29.71
C ALA D 502 -19.07 -44.25 31.18
N LEU D 503 -19.62 -45.12 32.05
CA LEU D 503 -19.58 -44.95 33.51
C LEU D 503 -18.88 -46.14 34.16
N LEU D 504 -17.89 -45.85 34.98
CA LEU D 504 -17.12 -46.89 35.63
C LEU D 504 -17.49 -46.91 37.09
N ALA D 505 -18.21 -47.96 37.48
CA ALA D 505 -18.71 -48.13 38.84
C ALA D 505 -18.31 -49.52 39.32
N GLY D 506 -17.91 -49.62 40.58
CA GLY D 506 -17.80 -50.89 41.27
C GLY D 506 -18.99 -51.23 42.16
N ASP D 507 -20.01 -50.36 42.22
CA ASP D 507 -21.17 -50.63 43.05
C ASP D 507 -22.39 -49.92 42.47
N HIS D 508 -23.57 -50.53 42.68
CA HIS D 508 -24.80 -49.96 42.14
C HIS D 508 -24.99 -48.52 42.62
N GLU D 509 -24.78 -48.27 43.91
CA GLU D 509 -25.06 -46.94 44.41
C GLU D 509 -24.15 -45.91 43.76
N GLN D 510 -22.88 -46.27 43.53
CA GLN D 510 -21.99 -45.40 42.76
C GLN D 510 -22.52 -45.23 41.34
N LEU D 511 -23.07 -46.31 40.77
CA LEU D 511 -23.59 -46.26 39.40
C LEU D 511 -24.76 -45.31 39.29
N ARG D 512 -25.75 -45.44 40.19
CA ARG D 512 -26.86 -44.50 40.20
C ARG D 512 -26.38 -43.08 40.42
N GLY D 513 -25.24 -42.93 41.11
CA GLY D 513 -24.64 -41.61 41.21
C GLY D 513 -24.19 -41.10 39.86
N GLN D 514 -23.38 -41.89 39.17
CA GLN D 514 -22.80 -41.43 37.90
C GLN D 514 -23.86 -41.29 36.83
N LEU D 515 -24.82 -42.21 36.79
CA LEU D 515 -25.99 -42.02 35.96
C LEU D 515 -26.62 -40.66 36.24
N ARG D 516 -26.90 -40.39 37.51
CA ARG D 516 -27.52 -39.13 37.89
C ARG D 516 -26.73 -37.96 37.34
N ALA D 517 -25.40 -38.10 37.22
CA ALA D 517 -24.54 -36.99 36.82
C ALA D 517 -24.78 -36.62 35.36
N VAL D 518 -24.54 -37.56 34.45
CA VAL D 518 -24.76 -37.28 33.04
C VAL D 518 -26.16 -36.76 32.77
N ALA D 519 -27.13 -37.04 33.64
CA ALA D 519 -28.50 -36.64 33.39
C ALA D 519 -28.67 -35.12 33.27
N GLU D 520 -27.74 -34.31 33.84
CA GLU D 520 -27.79 -32.86 33.63
C GLU D 520 -26.43 -32.29 33.22
N GLY D 521 -25.62 -33.10 32.54
CA GLY D 521 -24.42 -32.58 31.92
C GLY D 521 -23.35 -32.14 32.90
N VAL D 522 -23.42 -32.62 34.15
CA VAL D 522 -22.39 -32.35 35.13
C VAL D 522 -21.37 -33.47 35.10
N ALA D 523 -20.25 -33.27 35.78
CA ALA D 523 -19.20 -34.27 35.82
C ALA D 523 -19.44 -35.19 37.01
N ALA D 524 -18.54 -36.15 37.20
CA ALA D 524 -18.48 -37.08 38.33
C ALA D 524 -17.27 -38.01 38.17
N PRO D 525 -16.77 -38.61 39.24
CA PRO D 525 -15.68 -39.59 39.09
C PRO D 525 -16.11 -40.79 38.26
N GLY D 526 -15.21 -41.21 37.36
CA GLY D 526 -15.44 -42.38 36.53
C GLY D 526 -16.39 -42.19 35.37
N ALA D 527 -16.99 -41.01 35.24
CA ALA D 527 -17.93 -40.72 34.17
C ALA D 527 -17.23 -39.87 33.14
N THR D 528 -17.23 -40.34 31.88
CA THR D 528 -16.67 -39.59 30.77
C THR D 528 -17.69 -39.53 29.63
N THR D 529 -18.19 -38.34 29.33
CA THR D 529 -19.01 -38.13 28.13
C THR D 529 -18.08 -38.08 26.90
N GLY D 530 -18.58 -37.67 25.75
CA GLY D 530 -17.79 -37.69 24.53
C GLY D 530 -18.63 -38.02 23.32
N THR D 531 -17.96 -38.14 22.17
CA THR D 531 -18.60 -38.37 20.88
C THR D 531 -17.71 -39.27 20.04
N ALA D 532 -18.31 -40.20 19.33
CA ALA D 532 -17.51 -41.13 18.55
C ALA D 532 -16.89 -40.41 17.37
N SER D 533 -15.75 -40.94 16.91
CA SER D 533 -15.11 -40.50 15.69
C SER D 533 -14.40 -41.72 15.12
N ALA D 534 -14.87 -42.19 13.96
CA ALA D 534 -14.31 -43.38 13.32
C ALA D 534 -12.81 -43.25 13.05
N GLY D 535 -12.22 -44.27 12.45
CA GLY D 535 -10.84 -44.22 12.02
C GLY D 535 -9.94 -45.13 12.84
N GLY D 536 -8.76 -45.36 12.28
CA GLY D 536 -7.77 -46.20 12.92
C GLY D 536 -7.10 -45.51 14.11
N VAL D 537 -6.12 -46.21 14.68
CA VAL D 537 -5.52 -45.80 15.93
C VAL D 537 -4.02 -46.12 15.92
N VAL D 538 -3.21 -45.20 16.45
CA VAL D 538 -1.76 -45.36 16.48
C VAL D 538 -1.32 -45.82 17.87
N PHE D 539 -0.37 -46.75 17.90
CA PHE D 539 0.20 -47.27 19.13
C PHE D 539 1.55 -46.61 19.41
N VAL D 540 1.71 -46.09 20.63
CA VAL D 540 2.85 -45.30 21.07
C VAL D 540 3.60 -46.11 22.12
N PHE D 541 4.90 -46.24 21.97
CA PHE D 541 5.66 -47.14 22.83
C PHE D 541 6.77 -46.36 23.51
N PRO D 542 6.50 -45.75 24.67
CA PRO D 542 7.53 -44.96 25.35
C PRO D 542 8.67 -45.83 25.83
N GLY D 543 9.64 -45.23 26.53
CA GLY D 543 10.76 -45.97 27.07
C GLY D 543 11.02 -45.71 28.53
N GLN D 544 12.24 -45.31 28.86
CA GLN D 544 12.59 -45.00 30.24
C GLN D 544 11.64 -43.96 30.83
N GLY D 545 11.40 -44.07 32.13
CA GLY D 545 10.57 -43.15 32.85
C GLY D 545 9.27 -43.75 33.31
N ALA D 546 8.84 -44.85 32.71
CA ALA D 546 7.51 -45.37 33.00
C ALA D 546 7.48 -46.38 34.14
N GLN D 547 8.46 -47.30 34.16
CA GLN D 547 8.44 -48.48 35.02
C GLN D 547 8.07 -48.14 36.45
N TRP D 548 7.41 -49.11 37.09
CA TRP D 548 7.18 -49.09 38.53
C TRP D 548 7.14 -50.52 39.04
N GLU D 549 7.70 -50.74 40.23
CA GLU D 549 7.82 -52.08 40.76
C GLU D 549 6.45 -52.74 40.85
N GLY D 550 6.36 -53.99 40.39
CA GLY D 550 5.09 -54.66 40.35
C GLY D 550 4.14 -54.08 39.32
N MET D 551 4.64 -53.33 38.34
CA MET D 551 3.76 -52.95 37.25
C MET D 551 3.08 -54.19 36.74
N ALA D 552 1.82 -54.04 36.36
CA ALA D 552 1.16 -55.04 35.53
C ALA D 552 1.02 -56.38 36.23
N ARG D 553 1.10 -56.41 37.57
CA ARG D 553 1.00 -57.71 38.24
C ARG D 553 -0.42 -58.26 38.13
N GLY D 554 -1.40 -57.37 38.02
CA GLY D 554 -2.74 -57.82 37.77
C GLY D 554 -2.84 -58.68 36.53
N LEU D 555 -2.00 -58.40 35.54
CA LEU D 555 -2.25 -58.91 34.20
C LEU D 555 -1.75 -60.32 33.99
N LEU D 556 -0.86 -60.85 34.84
CA LEU D 556 -0.31 -62.17 34.56
C LEU D 556 -1.33 -63.30 34.69
N SER D 557 -2.50 -63.01 35.26
CA SER D 557 -3.58 -63.97 35.25
C SER D 557 -4.26 -64.07 33.88
N VAL D 558 -4.36 -62.96 33.15
CA VAL D 558 -5.09 -62.90 31.89
C VAL D 558 -4.38 -63.71 30.82
N PRO D 559 -5.04 -64.73 30.26
CA PRO D 559 -4.34 -65.71 29.40
C PRO D 559 -3.51 -65.10 28.28
N VAL D 560 -4.11 -64.22 27.47
CA VAL D 560 -3.41 -63.69 26.31
C VAL D 560 -2.17 -62.93 26.72
N PHE D 561 -2.28 -62.11 27.78
CA PHE D 561 -1.14 -61.35 28.27
C PHE D 561 -0.06 -62.29 28.78
N ALA D 562 -0.44 -63.25 29.61
CA ALA D 562 0.52 -64.22 30.12
C ALA D 562 1.15 -65.03 28.99
N GLU D 563 0.38 -65.30 27.94
CA GLU D 563 0.92 -66.12 26.87
C GLU D 563 2.14 -65.44 26.26
N SER D 564 2.13 -64.11 26.17
CA SER D 564 3.25 -63.46 25.48
C SER D 564 4.42 -63.18 26.43
N ILE D 565 4.14 -62.77 27.68
CA ILE D 565 5.19 -62.78 28.69
C ILE D 565 5.88 -64.14 28.68
N ALA D 566 5.15 -65.20 28.34
CA ALA D 566 5.77 -66.52 28.21
C ALA D 566 6.75 -66.56 27.06
N GLU D 567 6.43 -65.88 25.94
CA GLU D 567 7.30 -65.94 24.76
C GLU D 567 8.58 -65.17 24.98
N CYS D 568 8.46 -63.91 25.44
CA CYS D 568 9.63 -63.15 25.87
C CYS D 568 10.55 -63.99 26.75
N ASP D 569 9.97 -64.50 27.86
CA ASP D 569 10.68 -65.31 28.86
C ASP D 569 11.54 -66.37 28.19
N ALA D 570 10.92 -67.15 27.29
CA ALA D 570 11.63 -68.24 26.65
C ALA D 570 12.88 -67.77 25.94
N VAL D 571 12.91 -66.53 25.46
CA VAL D 571 14.11 -66.02 24.84
C VAL D 571 14.93 -65.19 25.81
N LEU D 572 14.28 -64.25 26.53
CA LEU D 572 15.00 -63.41 27.49
C LEU D 572 15.84 -64.25 28.44
N SER D 573 15.30 -65.38 28.87
CA SER D 573 16.10 -66.32 29.63
C SER D 573 17.26 -66.84 28.80
N GLU D 574 16.99 -67.38 27.60
CA GLU D 574 18.07 -67.94 26.79
C GLU D 574 19.13 -66.92 26.40
N VAL D 575 18.85 -65.63 26.53
CA VAL D 575 19.87 -64.63 26.18
C VAL D 575 20.45 -64.05 27.46
N ALA D 576 19.65 -63.97 28.53
CA ALA D 576 20.05 -63.11 29.65
C ALA D 576 19.96 -63.74 31.05
N GLY D 577 19.66 -65.02 31.17
CA GLY D 577 19.66 -65.68 32.47
C GLY D 577 18.52 -65.33 33.42
N PHE D 578 17.43 -64.75 32.93
CA PHE D 578 16.30 -64.50 33.81
C PHE D 578 15.02 -64.30 33.02
N SER D 579 13.90 -64.47 33.71
CA SER D 579 12.57 -64.30 33.14
C SER D 579 12.05 -62.90 33.42
N ALA D 580 11.30 -62.36 32.47
CA ALA D 580 10.55 -61.15 32.76
C ALA D 580 9.60 -61.39 33.92
N SER D 581 9.20 -62.65 34.11
CA SER D 581 8.19 -62.97 35.10
C SER D 581 8.76 -62.87 36.52
N GLU D 582 9.95 -63.45 36.73
CA GLU D 582 10.74 -63.18 37.93
C GLU D 582 10.57 -61.74 38.39
N VAL D 583 10.95 -60.81 37.51
CA VAL D 583 10.98 -59.40 37.89
C VAL D 583 9.57 -58.84 38.10
N LEU D 584 8.55 -59.41 37.46
CA LEU D 584 7.20 -58.84 37.56
C LEU D 584 6.38 -59.47 38.66
N GLU D 585 6.61 -60.75 38.95
CA GLU D 585 6.08 -61.42 40.14
C GLU D 585 6.71 -60.93 41.42
N GLN D 586 7.77 -60.13 41.33
CA GLN D 586 8.51 -59.65 42.49
C GLN D 586 8.95 -60.83 43.34
N ARG D 587 9.33 -61.90 42.66
CA ARG D 587 9.97 -63.02 43.33
C ARG D 587 11.12 -62.50 44.20
N PRO D 588 11.30 -63.03 45.40
CA PRO D 588 12.37 -62.49 46.27
C PRO D 588 13.75 -62.69 45.67
N ASP D 589 13.91 -63.63 44.74
CA ASP D 589 15.16 -63.83 44.00
C ASP D 589 15.42 -62.68 43.04
N ALA D 590 14.73 -62.76 41.89
CA ALA D 590 14.49 -61.78 40.84
C ALA D 590 15.51 -60.66 40.76
N PRO D 591 16.17 -60.53 39.62
CA PRO D 591 17.10 -59.42 39.42
C PRO D 591 16.41 -58.06 39.54
N SER D 592 17.21 -57.02 39.72
CA SER D 592 16.69 -55.73 40.15
C SER D 592 16.18 -54.90 39.00
N LEU D 593 15.10 -54.16 39.26
CA LEU D 593 14.58 -53.16 38.33
C LEU D 593 15.38 -51.86 38.34
N GLU D 594 16.30 -51.69 39.26
CA GLU D 594 17.19 -50.54 39.18
C GLU D 594 18.34 -50.78 38.23
N ARG D 595 18.47 -52.01 37.73
CA ARG D 595 19.48 -52.34 36.74
C ARG D 595 18.97 -52.01 35.35
N VAL D 596 19.76 -51.26 34.58
CA VAL D 596 19.31 -50.87 33.25
C VAL D 596 19.09 -52.08 32.36
N ASP D 597 19.92 -53.12 32.51
CA ASP D 597 19.75 -54.26 31.61
C ASP D 597 18.64 -55.20 32.04
N VAL D 598 17.95 -54.90 33.13
CA VAL D 598 16.80 -55.69 33.49
C VAL D 598 15.57 -54.90 33.10
N VAL D 599 15.47 -53.68 33.65
CA VAL D 599 14.25 -52.89 33.48
C VAL D 599 13.91 -52.73 31.99
N GLN D 600 14.93 -52.69 31.13
CA GLN D 600 14.61 -52.44 29.73
C GLN D 600 14.12 -53.72 29.07
N PRO D 601 14.78 -54.85 29.26
CA PRO D 601 14.15 -56.08 28.76
C PRO D 601 12.77 -56.30 29.35
N VAL D 602 12.53 -55.95 30.61
CA VAL D 602 11.20 -56.30 31.10
C VAL D 602 10.16 -55.27 30.66
N LEU D 603 10.55 -54.00 30.50
CA LEU D 603 9.61 -53.01 30.01
C LEU D 603 9.09 -53.37 28.63
N PHE D 604 9.99 -53.80 27.74
CA PHE D 604 9.61 -54.31 26.44
C PHE D 604 8.60 -55.44 26.59
N SER D 605 8.93 -56.46 27.41
CA SER D 605 8.00 -57.55 27.68
C SER D 605 6.62 -57.04 28.03
N VAL D 606 6.54 -56.00 28.86
CA VAL D 606 5.24 -55.45 29.23
C VAL D 606 4.56 -54.84 28.01
N MET D 607 5.24 -53.93 27.29
CA MET D 607 4.54 -53.17 26.25
C MET D 607 4.07 -54.09 25.12
N VAL D 608 4.89 -55.07 24.73
CA VAL D 608 4.47 -55.92 23.63
C VAL D 608 3.25 -56.74 24.01
N SER D 609 3.22 -57.23 25.26
CA SER D 609 2.07 -57.98 25.78
C SER D 609 0.83 -57.09 25.89
N LEU D 610 0.99 -55.91 26.50
CA LEU D 610 -0.09 -54.93 26.55
C LEU D 610 -0.71 -54.71 25.18
N ALA D 611 0.15 -54.62 24.15
CA ALA D 611 -0.31 -54.60 22.77
C ALA D 611 -1.17 -55.84 22.45
N ARG D 612 -0.65 -57.04 22.75
CA ARG D 612 -1.42 -58.25 22.44
C ARG D 612 -2.78 -58.23 23.12
N LEU D 613 -2.81 -57.93 24.42
CA LEU D 613 -4.06 -57.78 25.15
C LEU D 613 -5.02 -56.85 24.44
N TRP D 614 -4.60 -55.61 24.19
CA TRP D 614 -5.44 -54.68 23.45
C TRP D 614 -5.94 -55.31 22.17
N GLY D 615 -5.09 -56.11 21.53
CA GLY D 615 -5.51 -56.82 20.33
C GLY D 615 -6.71 -57.71 20.59
N ALA D 616 -6.68 -58.46 21.70
CA ALA D 616 -7.77 -59.36 22.03
C ALA D 616 -9.07 -58.61 22.29
N CYS D 617 -9.01 -57.44 22.94
CA CYS D 617 -10.24 -56.65 23.06
C CYS D 617 -10.67 -55.99 21.76
N GLY D 618 -9.98 -56.32 20.67
CA GLY D 618 -10.38 -55.87 19.35
C GLY D 618 -9.80 -54.54 18.93
N VAL D 619 -8.68 -54.13 19.50
CA VAL D 619 -8.00 -52.91 19.08
C VAL D 619 -6.68 -53.36 18.49
N SER D 620 -6.60 -53.32 17.19
CA SER D 620 -5.39 -53.56 16.42
C SER D 620 -4.85 -52.23 15.90
N PRO D 621 -3.54 -52.03 15.91
CA PRO D 621 -3.01 -50.71 15.54
C PRO D 621 -2.86 -50.58 14.04
N SER D 622 -3.24 -49.42 13.53
CA SER D 622 -2.95 -49.11 12.14
C SER D 622 -1.61 -48.39 11.93
N ALA D 623 -0.83 -48.17 13.00
CA ALA D 623 0.50 -47.55 12.93
C ALA D 623 1.11 -47.61 14.32
N VAL D 624 2.45 -47.55 14.37
CA VAL D 624 3.19 -47.55 15.63
C VAL D 624 4.18 -46.40 15.66
N ILE D 625 4.47 -45.93 16.87
CA ILE D 625 5.51 -44.94 17.11
C ILE D 625 6.33 -45.37 18.31
N GLY D 626 7.61 -45.67 18.11
CA GLY D 626 8.48 -46.00 19.23
C GLY D 626 9.13 -44.76 19.84
N HIS D 627 10.00 -44.98 20.83
CA HIS D 627 10.69 -43.89 21.53
C HIS D 627 11.88 -44.49 22.27
N SER D 628 13.10 -44.11 21.86
CA SER D 628 14.30 -44.84 22.21
C SER D 628 14.02 -46.33 22.19
N GLN D 629 14.32 -47.01 23.29
CA GLN D 629 14.12 -48.45 23.41
C GLN D 629 12.70 -48.89 23.03
N GLY D 630 11.71 -48.05 23.30
CA GLY D 630 10.35 -48.37 22.91
C GLY D 630 10.17 -48.67 21.43
N GLU D 631 11.12 -48.27 20.58
CA GLU D 631 11.04 -48.62 19.16
C GLU D 631 11.24 -50.10 18.96
N ILE D 632 11.98 -50.74 19.87
CA ILE D 632 12.13 -52.19 19.88
C ILE D 632 10.78 -52.87 19.81
N ALA D 633 9.84 -52.35 20.59
CA ALA D 633 8.52 -52.94 20.69
C ALA D 633 7.65 -52.50 19.52
N ALA D 634 7.76 -51.24 19.12
CA ALA D 634 7.14 -50.79 17.87
C ALA D 634 7.55 -51.68 16.70
N ALA D 635 8.79 -52.19 16.71
CA ALA D 635 9.24 -53.06 15.64
C ALA D 635 8.50 -54.41 15.61
N VAL D 636 8.35 -55.06 16.78
CA VAL D 636 7.74 -56.40 16.78
C VAL D 636 6.25 -56.31 16.52
N VAL D 637 5.56 -55.37 17.16
CA VAL D 637 4.15 -55.15 16.87
C VAL D 637 3.95 -54.90 15.39
N ALA D 638 4.91 -54.23 14.74
CA ALA D 638 4.73 -53.85 13.35
C ALA D 638 5.33 -54.84 12.36
N GLY D 639 5.97 -55.91 12.83
CA GLY D 639 6.34 -57.01 11.96
C GLY D 639 7.78 -57.01 11.49
N VAL D 640 8.54 -55.95 11.81
CA VAL D 640 9.89 -55.76 11.29
C VAL D 640 10.85 -56.82 11.82
N LEU D 641 10.82 -57.05 13.14
CA LEU D 641 11.69 -57.98 13.86
C LEU D 641 10.83 -59.05 14.51
N SER D 642 11.34 -60.28 14.55
CA SER D 642 10.61 -61.27 15.31
C SER D 642 10.66 -60.91 16.78
N LEU D 643 9.80 -61.55 17.57
CA LEU D 643 9.91 -61.40 19.01
C LEU D 643 11.27 -61.92 19.48
N GLU D 644 11.73 -63.03 18.89
CA GLU D 644 13.04 -63.54 19.26
C GLU D 644 14.12 -62.51 19.01
N ASP D 645 14.16 -61.97 17.79
CA ASP D 645 15.14 -60.94 17.44
C ASP D 645 14.96 -59.72 18.33
N GLY D 646 13.70 -59.42 18.67
CA GLY D 646 13.42 -58.21 19.43
C GLY D 646 13.97 -58.20 20.83
N VAL D 647 13.77 -59.29 21.59
CA VAL D 647 14.37 -59.38 22.93
C VAL D 647 15.88 -59.33 22.82
N ARG D 648 16.44 -60.07 21.86
CA ARG D 648 17.87 -60.02 21.62
C ARG D 648 18.36 -58.59 21.49
N VAL D 649 17.57 -57.70 20.91
CA VAL D 649 18.12 -56.36 20.73
C VAL D 649 17.99 -55.56 22.04
N VAL D 650 16.80 -55.58 22.64
CA VAL D 650 16.62 -54.86 23.91
C VAL D 650 17.51 -55.46 24.99
N ALA D 651 17.68 -56.78 25.00
CA ALA D 651 18.58 -57.36 25.98
C ALA D 651 20.00 -56.88 25.75
N LEU D 652 20.55 -57.17 24.57
CA LEU D 652 21.98 -56.97 24.34
C LEU D 652 22.37 -55.51 24.35
N ARG D 653 21.48 -54.63 23.89
CA ARG D 653 21.82 -53.23 23.83
C ARG D 653 21.73 -52.61 25.21
N ALA D 654 20.86 -53.10 26.08
CA ALA D 654 20.85 -52.60 27.44
C ALA D 654 21.99 -53.20 28.26
N LYS D 655 22.37 -54.44 27.97
CA LYS D 655 23.56 -55.02 28.60
C LYS D 655 24.80 -54.22 28.26
N ALA D 656 24.94 -53.80 27.00
CA ALA D 656 26.09 -52.97 26.65
C ALA D 656 26.02 -51.64 27.37
N LEU D 657 24.80 -51.13 27.56
CA LEU D 657 24.55 -49.87 28.24
C LEU D 657 24.96 -49.89 29.72
N ARG D 658 25.25 -51.07 30.28
CA ARG D 658 25.77 -51.12 31.64
C ARG D 658 27.05 -50.32 31.77
N ALA D 659 27.87 -50.28 30.71
CA ALA D 659 29.14 -49.55 30.74
C ALA D 659 28.98 -48.04 30.74
N LEU D 660 27.79 -47.52 30.46
CA LEU D 660 27.57 -46.08 30.53
C LEU D 660 27.10 -45.63 31.89
N ALA D 661 26.92 -46.56 32.82
CA ALA D 661 26.19 -46.32 34.07
C ALA D 661 27.06 -45.59 35.08
N GLY D 662 26.44 -44.70 35.82
CA GLY D 662 27.16 -43.89 36.77
C GLY D 662 28.13 -42.94 36.14
N LYS D 663 27.87 -42.50 34.91
CA LYS D 663 28.75 -41.54 34.25
C LYS D 663 27.93 -40.42 33.62
N GLY D 664 26.73 -40.73 33.14
CA GLY D 664 25.85 -39.76 32.56
C GLY D 664 24.64 -39.47 33.41
N GLY D 665 23.66 -38.83 32.79
CA GLY D 665 22.43 -38.45 33.45
C GLY D 665 21.70 -37.49 32.54
N MET D 666 20.39 -37.39 32.67
CA MET D 666 19.54 -36.68 31.74
C MET D 666 18.79 -35.62 32.54
N VAL D 667 18.25 -34.61 31.87
CA VAL D 667 17.31 -33.72 32.55
C VAL D 667 16.23 -33.30 31.58
N SER D 668 15.02 -33.15 32.11
CA SER D 668 13.90 -32.61 31.40
C SER D 668 13.85 -31.10 31.54
N LEU D 669 13.41 -30.42 30.48
CA LEU D 669 13.29 -28.97 30.46
C LEU D 669 11.99 -28.56 29.80
N ALA D 670 11.30 -27.61 30.43
CA ALA D 670 10.04 -27.10 29.90
C ALA D 670 10.32 -25.86 29.06
N ALA D 671 10.62 -26.11 27.78
CA ALA D 671 10.87 -25.09 26.77
C ALA D 671 11.07 -25.79 25.43
N PRO D 672 10.89 -25.11 24.30
CA PRO D 672 10.99 -25.79 23.00
C PRO D 672 12.42 -26.15 22.64
N GLY D 673 12.54 -26.87 21.52
CA GLY D 673 13.83 -27.42 21.11
C GLY D 673 14.89 -26.35 20.86
N GLU D 674 14.52 -25.27 20.18
CA GLU D 674 15.52 -24.22 19.96
C GLU D 674 16.02 -23.70 21.31
N ARG D 675 15.10 -23.24 22.17
CA ARG D 675 15.56 -22.59 23.40
C ARG D 675 16.41 -23.53 24.21
N ALA D 676 16.06 -24.81 24.23
CA ALA D 676 16.92 -25.78 24.89
C ALA D 676 18.31 -25.79 24.25
N ARG D 677 18.40 -25.74 22.92
CA ARG D 677 19.72 -25.83 22.28
C ARG D 677 20.58 -24.62 22.61
N ALA D 678 19.96 -23.43 22.68
CA ALA D 678 20.69 -22.27 23.16
C ALA D 678 21.06 -22.42 24.63
N LEU D 679 20.19 -23.06 25.42
CA LEU D 679 20.41 -23.18 26.85
C LEU D 679 21.60 -24.06 27.17
N ILE D 680 21.89 -25.05 26.31
CA ILE D 680 23.06 -25.88 26.57
C ILE D 680 24.28 -25.40 25.80
N ALA D 681 24.14 -24.40 24.92
CA ALA D 681 25.25 -23.88 24.12
C ALA D 681 26.55 -23.71 24.91
N PRO D 682 26.55 -23.13 26.12
CA PRO D 682 27.78 -23.10 26.92
C PRO D 682 28.32 -24.47 27.28
N TRP D 683 27.53 -25.53 27.14
CA TRP D 683 28.05 -26.87 27.33
C TRP D 683 27.74 -27.65 26.07
N GLU D 684 28.20 -27.12 24.93
CA GLU D 684 27.95 -27.74 23.62
C GLU D 684 28.46 -29.18 23.58
N ASP D 685 29.71 -29.40 23.97
CA ASP D 685 30.17 -30.76 24.26
C ASP D 685 29.53 -31.19 25.57
N ARG D 686 29.94 -32.35 26.10
CA ARG D 686 29.41 -32.82 27.37
C ARG D 686 27.88 -33.07 27.35
N ILE D 687 27.09 -32.12 26.84
CA ILE D 687 25.64 -32.19 26.82
C ILE D 687 25.14 -32.27 25.39
N SER D 688 24.31 -33.27 25.10
CA SER D 688 23.63 -33.32 23.80
C SER D 688 22.13 -33.30 24.04
N VAL D 689 21.39 -32.73 23.07
CA VAL D 689 19.93 -32.80 23.07
C VAL D 689 19.50 -34.24 22.80
N ALA D 690 18.74 -34.82 23.75
CA ALA D 690 18.47 -36.26 23.77
C ALA D 690 17.15 -36.63 23.11
N ALA D 691 16.11 -35.80 23.30
CA ALA D 691 14.83 -36.03 22.66
C ALA D 691 14.09 -34.71 22.63
N VAL D 692 13.36 -34.48 21.53
CA VAL D 692 12.35 -33.43 21.45
C VAL D 692 11.00 -34.13 21.40
N ASN D 693 10.21 -33.93 22.45
CA ASN D 693 8.94 -34.61 22.65
C ASN D 693 7.75 -33.75 22.21
N SER D 694 7.66 -32.54 22.71
CA SER D 694 6.57 -31.65 22.36
C SER D 694 7.10 -30.23 22.38
N PRO D 695 6.45 -29.30 21.66
CA PRO D 695 6.90 -27.90 21.66
C PRO D 695 7.25 -27.33 23.03
N SER D 696 7.00 -28.08 24.10
CA SER D 696 7.33 -27.64 25.45
C SER D 696 7.80 -28.81 26.32
N SER D 697 8.53 -29.76 25.71
CA SER D 697 9.18 -30.82 26.47
C SER D 697 10.40 -31.29 25.71
N VAL D 698 11.58 -31.09 26.30
CA VAL D 698 12.86 -31.53 25.76
C VAL D 698 13.61 -32.29 26.86
N VAL D 699 14.49 -33.20 26.45
CA VAL D 699 15.39 -33.90 27.35
C VAL D 699 16.80 -33.80 26.80
N VAL D 700 17.73 -33.28 27.61
CA VAL D 700 19.14 -33.20 27.29
C VAL D 700 19.86 -34.18 28.20
N SER D 701 21.03 -34.62 27.76
CA SER D 701 21.70 -35.63 28.55
C SER D 701 23.19 -35.53 28.34
N GLY D 702 23.94 -35.87 29.38
CA GLY D 702 25.38 -35.91 29.25
C GLY D 702 26.14 -36.01 30.56
N ASP D 703 27.13 -35.10 30.74
CA ASP D 703 27.96 -35.07 31.93
C ASP D 703 27.19 -34.48 33.11
N PRO D 704 27.24 -35.13 34.28
CA PRO D 704 26.39 -34.68 35.40
C PRO D 704 26.64 -33.26 35.82
N GLU D 705 27.91 -32.90 36.09
CA GLU D 705 28.21 -31.55 36.56
C GLU D 705 27.86 -30.52 35.50
N ALA D 706 28.11 -30.84 34.23
CA ALA D 706 27.62 -29.99 33.15
C ALA D 706 26.14 -29.71 33.34
N LEU D 707 25.37 -30.78 33.51
CA LEU D 707 23.93 -30.65 33.72
C LEU D 707 23.62 -29.82 34.97
N ALA D 708 24.40 -30.01 36.04
CA ALA D 708 24.20 -29.22 37.26
C ALA D 708 24.27 -27.73 36.96
N GLU D 709 25.31 -27.29 36.27
CA GLU D 709 25.38 -25.88 35.92
C GLU D 709 24.29 -25.50 34.94
N LEU D 710 23.80 -26.46 34.16
CA LEU D 710 22.72 -26.16 33.25
C LEU D 710 21.45 -25.80 34.02
N VAL D 711 20.95 -26.73 34.83
CA VAL D 711 19.76 -26.49 35.63
C VAL D 711 19.94 -25.26 36.52
N ALA D 712 21.17 -24.86 36.82
CA ALA D 712 21.36 -23.60 37.52
C ALA D 712 20.98 -22.43 36.62
N ARG D 713 21.26 -22.54 35.32
CA ARG D 713 20.91 -21.50 34.36
C ARG D 713 19.42 -21.48 34.05
N CYS D 714 18.80 -22.67 34.00
CA CYS D 714 17.36 -22.76 33.82
C CYS D 714 16.64 -22.02 34.95
N GLU D 715 17.08 -22.23 36.20
CA GLU D 715 16.51 -21.50 37.32
C GLU D 715 16.73 -20.01 37.18
N ASP D 716 17.91 -19.61 36.69
CA ASP D 716 18.21 -18.18 36.60
C ASP D 716 17.41 -17.50 35.48
N GLU D 717 17.00 -18.23 34.45
CA GLU D 717 16.20 -17.64 33.38
C GLU D 717 14.71 -17.97 33.48
N GLY D 718 14.30 -18.71 34.52
CA GLY D 718 12.90 -19.08 34.67
C GLY D 718 12.44 -20.09 33.64
N VAL D 719 13.01 -21.30 33.70
CA VAL D 719 12.69 -22.40 32.79
C VAL D 719 12.69 -23.67 33.63
N ARG D 720 11.51 -24.11 34.05
CA ARG D 720 11.40 -25.31 34.88
C ARG D 720 12.21 -26.44 34.26
N ALA D 721 13.15 -26.98 35.03
CA ALA D 721 13.90 -28.15 34.61
C ALA D 721 13.78 -29.21 35.70
N LYS D 722 14.28 -30.40 35.41
CA LYS D 722 13.99 -31.57 36.24
C LYS D 722 15.06 -32.63 35.96
N THR D 723 15.79 -33.02 37.00
CA THR D 723 16.91 -33.94 36.83
C THR D 723 16.42 -35.38 36.96
N LEU D 724 16.43 -36.09 35.84
CA LEU D 724 15.80 -37.40 35.77
C LEU D 724 16.56 -38.43 36.60
N PRO D 725 15.89 -39.50 37.01
CA PRO D 725 16.53 -40.54 37.83
C PRO D 725 17.19 -41.62 36.98
N VAL D 726 18.29 -41.25 36.32
CA VAL D 726 19.08 -42.18 35.51
C VAL D 726 20.55 -41.84 35.69
N ASP D 727 21.40 -42.88 35.80
CA ASP D 727 22.84 -42.63 35.88
C ASP D 727 23.56 -42.99 34.59
N TYR D 728 22.86 -42.97 33.45
CA TYR D 728 23.51 -43.08 32.15
C TYR D 728 22.93 -42.02 31.24
N ALA D 729 23.80 -41.39 30.44
CA ALA D 729 23.37 -40.38 29.46
C ALA D 729 23.10 -41.09 28.16
N SER D 730 21.85 -41.51 27.96
CA SER D 730 21.48 -42.08 26.68
C SER D 730 21.20 -40.97 25.68
N HIS D 731 21.45 -41.27 24.41
CA HIS D 731 21.26 -40.30 23.33
C HIS D 731 22.22 -39.12 23.47
N SER D 732 23.51 -39.43 23.63
CA SER D 732 24.55 -38.42 23.63
C SER D 732 25.87 -39.08 23.29
N ARG D 733 26.94 -38.27 23.31
CA ARG D 733 28.27 -38.74 22.93
C ARG D 733 28.70 -39.95 23.74
N HIS D 734 28.18 -40.12 24.94
CA HIS D 734 28.55 -41.27 25.76
C HIS D 734 28.35 -42.58 24.99
N VAL D 735 27.22 -42.70 24.29
CA VAL D 735 26.85 -43.95 23.63
C VAL D 735 27.91 -44.40 22.61
N GLU D 736 28.72 -43.46 22.09
CA GLU D 736 29.78 -43.82 21.16
C GLU D 736 30.76 -44.79 21.80
N GLU D 737 30.88 -44.72 23.12
CA GLU D 737 31.70 -45.66 23.87
C GLU D 737 31.44 -47.10 23.48
N ILE D 738 30.16 -47.45 23.32
CA ILE D 738 29.76 -48.84 23.11
C ILE D 738 29.22 -49.07 21.71
N ARG D 739 29.63 -48.24 20.74
CA ARG D 739 29.10 -48.43 19.38
C ARG D 739 29.57 -49.77 18.81
N GLU D 740 30.87 -50.06 18.94
CA GLU D 740 31.39 -51.27 18.31
C GLU D 740 30.82 -52.53 18.96
N THR D 741 30.65 -52.52 20.29
CA THR D 741 30.12 -53.70 20.95
C THR D 741 28.65 -53.94 20.61
N ILE D 742 27.86 -52.88 20.45
CA ILE D 742 26.46 -53.05 20.04
C ILE D 742 26.37 -53.64 18.63
N LEU D 743 27.15 -53.12 17.68
CA LEU D 743 27.06 -53.62 16.31
C LEU D 743 27.46 -55.09 16.24
N ALA D 744 28.29 -55.56 17.17
CA ALA D 744 28.71 -56.94 17.12
C ALA D 744 27.72 -57.87 17.84
N ASP D 745 27.09 -57.41 18.93
CA ASP D 745 26.22 -58.28 19.70
C ASP D 745 24.89 -58.51 18.97
N LEU D 746 24.44 -57.53 18.20
CA LEU D 746 23.18 -57.62 17.48
C LEU D 746 23.31 -58.23 16.09
N ASP D 747 24.53 -58.33 15.56
CA ASP D 747 24.75 -58.97 14.26
C ASP D 747 24.08 -60.34 14.18
N GLY D 748 23.27 -60.54 13.14
CA GLY D 748 22.45 -61.73 12.98
C GLY D 748 20.97 -61.43 12.90
N ILE D 749 20.54 -60.37 13.60
CA ILE D 749 19.19 -59.83 13.54
C ILE D 749 18.68 -59.86 12.10
N SER D 750 17.40 -60.19 11.90
CA SER D 750 16.76 -60.10 10.59
C SER D 750 15.65 -59.06 10.66
N ALA D 751 15.88 -57.91 10.02
CA ALA D 751 14.84 -56.90 9.84
C ALA D 751 14.19 -57.09 8.48
N ARG D 752 12.89 -56.82 8.42
CA ARG D 752 12.08 -57.04 7.25
C ARG D 752 11.03 -55.95 7.16
N ARG D 753 10.45 -55.78 5.98
CA ARG D 753 9.51 -54.68 5.78
C ARG D 753 8.39 -54.75 6.81
N ALA D 754 8.06 -53.59 7.38
CA ALA D 754 6.95 -53.53 8.34
C ALA D 754 5.64 -53.95 7.68
N ALA D 755 4.78 -54.58 8.50
CA ALA D 755 3.41 -54.87 8.09
C ALA D 755 2.41 -53.86 8.61
N ILE D 756 2.80 -53.05 9.59
CA ILE D 756 1.98 -51.93 10.07
C ILE D 756 2.86 -50.70 9.87
N PRO D 757 2.29 -49.57 9.45
CA PRO D 757 3.10 -48.36 9.25
C PRO D 757 3.80 -47.90 10.52
N LEU D 758 5.13 -47.81 10.45
CA LEU D 758 5.96 -47.41 11.57
C LEU D 758 6.55 -46.03 11.30
N TYR D 759 6.33 -45.12 12.23
CA TYR D 759 6.96 -43.80 12.19
C TYR D 759 8.21 -43.85 13.04
N SER D 760 9.37 -43.94 12.40
CA SER D 760 10.61 -43.93 13.16
C SER D 760 10.77 -42.60 13.90
N THR D 761 11.24 -42.68 15.15
CA THR D 761 11.65 -41.48 15.89
C THR D 761 13.15 -41.16 15.74
N LEU D 762 13.91 -42.01 15.04
CA LEU D 762 15.24 -41.62 14.60
C LEU D 762 15.13 -40.51 13.56
N HIS D 763 14.23 -40.68 12.61
CA HIS D 763 14.12 -39.80 11.47
C HIS D 763 12.90 -38.89 11.51
N GLY D 764 11.96 -39.11 12.43
CA GLY D 764 10.77 -38.28 12.47
C GLY D 764 9.87 -38.58 11.29
N GLU D 765 10.19 -39.64 10.56
CA GLU D 765 9.51 -39.98 9.34
C GLU D 765 9.21 -41.48 9.32
N ARG D 766 8.16 -41.86 8.60
CA ARG D 766 7.91 -43.26 8.34
C ARG D 766 9.12 -43.86 7.66
N ARG D 767 9.20 -45.19 7.72
CA ARG D 767 10.34 -45.91 7.18
C ARG D 767 9.88 -47.32 6.89
N ASP D 768 10.59 -47.96 5.96
CA ASP D 768 10.14 -49.26 5.48
C ASP D 768 10.34 -50.32 6.54
N GLY D 769 11.52 -50.37 7.14
CA GLY D 769 11.81 -51.31 8.20
C GLY D 769 12.85 -52.35 7.86
N ALA D 770 13.06 -52.64 6.58
CA ALA D 770 14.14 -53.56 6.21
C ALA D 770 15.51 -52.94 6.43
N ASP D 771 15.57 -51.67 6.84
CA ASP D 771 16.82 -51.05 7.21
C ASP D 771 17.11 -51.09 8.73
N MET D 772 16.12 -51.41 9.56
CA MET D 772 16.26 -51.38 11.01
C MET D 772 16.99 -52.62 11.52
N GLY D 773 18.16 -52.93 10.95
CA GLY D 773 19.03 -53.94 11.53
C GLY D 773 20.02 -53.35 12.53
N PRO D 774 21.07 -54.11 12.87
CA PRO D 774 21.94 -53.74 14.01
C PRO D 774 22.37 -52.28 14.01
N ARG D 775 22.76 -51.78 12.84
CA ARG D 775 23.18 -50.39 12.77
C ARG D 775 22.06 -49.46 13.16
N TYR D 776 20.81 -49.80 12.84
CA TYR D 776 19.71 -48.93 13.26
C TYR D 776 19.68 -48.74 14.76
N TRP D 777 19.90 -49.82 15.52
CA TRP D 777 19.66 -49.73 16.95
C TRP D 777 20.81 -49.04 17.67
N TYR D 778 22.05 -49.12 17.18
CA TYR D 778 23.04 -48.17 17.67
C TYR D 778 22.54 -46.75 17.44
N ASP D 779 22.33 -46.38 16.17
CA ASP D 779 22.04 -45.00 15.84
C ASP D 779 20.76 -44.52 16.52
N ASN D 780 19.88 -45.44 16.89
CA ASN D 780 18.66 -45.09 17.61
C ASN D 780 19.01 -44.55 18.99
N LEU D 781 20.05 -45.10 19.61
CA LEU D 781 20.46 -44.74 20.95
C LEU D 781 21.47 -43.59 20.97
N ARG D 782 22.31 -43.46 19.93
CA ARG D 782 23.27 -42.35 19.89
C ARG D 782 22.58 -41.01 19.62
N SER D 783 21.72 -40.99 18.63
CA SER D 783 21.18 -39.74 18.16
C SER D 783 19.80 -39.50 18.78
N GLN D 784 19.17 -38.41 18.40
CA GLN D 784 18.05 -37.81 19.12
C GLN D 784 16.69 -38.41 18.76
N VAL D 785 15.84 -38.54 19.78
CA VAL D 785 14.48 -39.08 19.69
C VAL D 785 13.58 -37.97 19.16
N ARG D 786 13.27 -38.01 17.87
CA ARG D 786 12.46 -36.96 17.26
C ARG D 786 10.97 -37.33 17.30
N PHE D 787 10.47 -37.48 18.53
CA PHE D 787 9.07 -37.80 18.77
C PHE D 787 8.16 -36.78 18.11
N ASP D 788 8.18 -35.53 18.60
CA ASP D 788 7.35 -34.45 18.06
C ASP D 788 7.38 -34.47 16.54
N GLU D 789 8.50 -34.87 15.96
CA GLU D 789 8.53 -34.98 14.51
C GLU D 789 7.67 -36.15 14.02
N ALA D 790 7.65 -37.25 14.77
CA ALA D 790 6.97 -38.44 14.27
C ALA D 790 5.49 -38.43 14.63
N VAL D 791 5.10 -37.74 15.69
CA VAL D 791 3.67 -37.56 15.90
C VAL D 791 3.12 -36.60 14.87
N SER D 792 3.84 -35.48 14.63
CA SER D 792 3.45 -34.51 13.60
C SER D 792 3.40 -35.15 12.22
N ALA D 793 4.29 -36.09 11.95
CA ALA D 793 4.19 -36.86 10.72
C ALA D 793 2.89 -37.63 10.70
N ALA D 794 2.56 -38.29 11.81
CA ALA D 794 1.36 -39.10 11.89
C ALA D 794 0.13 -38.22 11.73
N VAL D 795 0.06 -37.13 12.50
CA VAL D 795 -1.06 -36.22 12.40
C VAL D 795 -1.20 -35.71 10.98
N ALA D 796 -0.08 -35.43 10.32
CA ALA D 796 -0.15 -34.91 8.96
C ALA D 796 -0.80 -35.90 8.00
N ASP D 797 -0.84 -37.17 8.35
CA ASP D 797 -1.40 -38.19 7.50
C ASP D 797 -2.83 -38.52 7.86
N GLY D 798 -3.46 -37.71 8.71
CA GLY D 798 -4.84 -37.92 9.09
C GLY D 798 -5.05 -38.59 10.43
N HIS D 799 -4.00 -39.18 11.04
CA HIS D 799 -4.19 -39.84 12.33
C HIS D 799 -4.63 -38.84 13.37
N ALA D 800 -5.34 -39.32 14.35
CA ALA D 800 -5.86 -38.45 15.37
C ALA D 800 -6.10 -39.19 16.67
N THR D 801 -5.85 -40.49 16.71
CA THR D 801 -6.07 -41.27 17.92
C THR D 801 -4.82 -42.05 18.23
N PHE D 802 -4.30 -41.87 19.44
CA PHE D 802 -3.03 -42.43 19.86
C PHE D 802 -3.23 -43.19 21.16
N VAL D 803 -2.90 -44.48 21.16
CA VAL D 803 -3.00 -45.33 22.34
C VAL D 803 -1.59 -45.70 22.78
N GLU D 804 -1.30 -45.49 24.07
CA GLU D 804 0.02 -45.75 24.64
C GLU D 804 0.08 -47.13 25.27
N MET D 805 1.02 -47.95 24.79
CA MET D 805 1.22 -49.29 25.30
C MET D 805 2.15 -49.26 26.53
N SER D 806 1.81 -48.39 27.52
CA SER D 806 2.77 -48.13 28.62
C SER D 806 2.22 -48.45 30.01
N PRO D 807 3.11 -48.83 30.95
CA PRO D 807 2.68 -49.00 32.36
C PRO D 807 2.42 -47.71 33.05
N HIS D 808 2.69 -46.57 32.42
CA HIS D 808 2.21 -45.35 33.02
C HIS D 808 2.15 -44.29 31.95
N PRO D 809 1.13 -43.46 31.93
CA PRO D 809 1.02 -42.47 30.87
C PRO D 809 2.09 -41.40 30.97
N VAL D 810 3.09 -41.48 30.07
CA VAL D 810 4.16 -40.52 30.04
C VAL D 810 4.09 -39.58 28.85
N LEU D 811 3.62 -40.03 27.69
CA LEU D 811 3.63 -39.24 26.47
C LEU D 811 2.25 -38.76 26.05
N THR D 812 1.18 -39.26 26.68
CA THR D 812 -0.17 -38.79 26.36
C THR D 812 -0.25 -37.26 26.43
N ALA D 813 0.55 -36.65 27.30
CA ALA D 813 0.59 -35.20 27.37
C ALA D 813 1.33 -34.62 26.17
N ALA D 814 2.44 -35.23 25.78
CA ALA D 814 3.16 -34.78 24.60
C ALA D 814 2.24 -34.74 23.39
N VAL D 815 1.51 -35.84 23.16
CA VAL D 815 0.73 -35.97 21.93
C VAL D 815 -0.28 -34.84 21.82
N GLN D 816 -0.97 -34.54 22.92
CA GLN D 816 -1.95 -33.48 22.85
C GLN D 816 -1.31 -32.11 22.69
N GLU D 817 -0.09 -31.94 23.19
CA GLU D 817 0.62 -30.68 22.96
C GLU D 817 0.96 -30.49 21.50
N ILE D 818 1.23 -31.58 20.79
CA ILE D 818 1.57 -31.46 19.38
C ILE D 818 0.33 -31.16 18.56
N ALA D 819 -0.65 -32.07 18.60
CA ALA D 819 -1.91 -31.97 17.85
C ALA D 819 -3.03 -31.77 18.85
N ALA D 820 -3.48 -30.53 18.99
CA ALA D 820 -4.45 -30.18 20.04
C ALA D 820 -5.71 -31.02 19.93
N ASP D 821 -6.22 -31.17 18.70
CA ASP D 821 -7.38 -31.94 18.33
C ASP D 821 -7.14 -33.42 18.41
N ALA D 822 -6.03 -33.88 18.98
CA ALA D 822 -5.78 -35.30 19.08
C ALA D 822 -6.52 -35.86 20.27
N VAL D 823 -6.46 -37.17 20.40
CA VAL D 823 -7.03 -37.91 21.52
C VAL D 823 -6.03 -38.99 21.89
N ALA D 824 -5.37 -38.85 23.05
CA ALA D 824 -4.34 -39.78 23.46
C ALA D 824 -4.82 -40.59 24.65
N ILE D 825 -4.62 -41.90 24.60
CA ILE D 825 -5.16 -42.86 25.55
C ILE D 825 -4.00 -43.67 26.13
N GLY D 826 -4.19 -44.16 27.36
CA GLY D 826 -3.18 -44.94 28.03
C GLY D 826 -3.64 -46.34 28.42
N SER D 827 -2.68 -47.10 28.98
CA SER D 827 -2.96 -48.44 29.44
C SER D 827 -2.85 -48.42 30.96
N LEU D 828 -1.69 -48.75 31.53
CA LEU D 828 -1.62 -48.92 32.97
C LEU D 828 -1.44 -47.56 33.64
N HIS D 829 -1.18 -47.62 34.94
CA HIS D 829 -1.04 -46.46 35.80
C HIS D 829 -0.59 -46.92 37.18
N ARG D 830 0.65 -46.63 37.56
CA ARG D 830 0.99 -46.68 38.98
C ARG D 830 -0.07 -45.90 39.73
N ASP D 831 -0.54 -46.48 40.84
CA ASP D 831 -1.68 -46.05 41.66
C ASP D 831 -2.94 -46.84 41.31
N THR D 832 -3.43 -46.75 40.07
CA THR D 832 -4.71 -47.34 39.73
C THR D 832 -4.57 -48.47 38.72
N ALA D 833 -3.42 -49.17 38.78
CA ALA D 833 -2.99 -50.30 37.96
C ALA D 833 -3.97 -50.75 36.88
N GLU D 834 -4.56 -51.94 37.06
CA GLU D 834 -5.44 -52.51 36.05
C GLU D 834 -6.78 -51.80 35.98
N GLU D 835 -7.17 -51.09 37.05
CA GLU D 835 -8.39 -50.30 37.00
C GLU D 835 -8.32 -49.22 35.94
N HIS D 836 -7.16 -48.56 35.82
CA HIS D 836 -7.00 -47.53 34.79
C HIS D 836 -7.03 -48.12 33.39
N LEU D 837 -6.55 -49.35 33.21
CA LEU D 837 -6.60 -49.95 31.89
C LEU D 837 -8.02 -49.96 31.36
N ILE D 838 -8.95 -50.58 32.12
CA ILE D 838 -10.31 -50.77 31.62
C ILE D 838 -11.00 -49.44 31.42
N ALA D 839 -10.85 -48.52 32.36
CA ALA D 839 -11.36 -47.17 32.16
C ALA D 839 -10.86 -46.56 30.84
N GLU D 840 -9.63 -46.85 30.45
CA GLU D 840 -9.17 -46.31 29.18
C GLU D 840 -9.76 -47.06 28.00
N LEU D 841 -9.99 -48.37 28.15
CA LEU D 841 -10.71 -49.12 27.14
C LEU D 841 -12.06 -48.47 26.83
N ALA D 842 -12.83 -48.19 27.87
CA ALA D 842 -14.10 -47.51 27.66
C ALA D 842 -13.90 -46.14 27.03
N ARG D 843 -12.77 -45.50 27.29
CA ARG D 843 -12.57 -44.16 26.75
C ARG D 843 -12.21 -44.21 25.28
N ALA D 844 -11.41 -45.19 24.87
CA ALA D 844 -11.24 -45.43 23.45
C ALA D 844 -12.58 -45.66 22.78
N HIS D 845 -13.46 -46.43 23.43
CA HIS D 845 -14.78 -46.71 22.86
C HIS D 845 -15.60 -45.44 22.80
N VAL D 846 -15.66 -44.70 23.90
CA VAL D 846 -16.42 -43.45 23.90
C VAL D 846 -16.02 -42.58 22.73
N HIS D 847 -14.72 -42.48 22.45
CA HIS D 847 -14.26 -41.64 21.36
C HIS D 847 -14.36 -42.30 20.00
N GLY D 848 -14.78 -43.58 19.95
CA GLY D 848 -15.06 -44.22 18.68
C GLY D 848 -14.25 -45.45 18.38
N VAL D 849 -13.32 -45.88 19.22
CA VAL D 849 -12.53 -47.07 18.89
C VAL D 849 -13.40 -48.30 18.99
N ALA D 850 -13.31 -49.17 17.97
CA ALA D 850 -14.01 -50.46 18.00
C ALA D 850 -13.48 -51.32 19.14
N VAL D 851 -14.36 -51.75 20.03
CA VAL D 851 -13.99 -52.70 21.07
C VAL D 851 -14.86 -53.93 20.93
N ASP D 852 -14.21 -55.10 20.87
CA ASP D 852 -14.90 -56.36 20.74
C ASP D 852 -15.44 -56.80 22.11
N TRP D 853 -16.45 -56.05 22.55
CA TRP D 853 -17.02 -56.22 23.89
C TRP D 853 -17.59 -57.61 24.13
N ARG D 854 -17.98 -58.32 23.07
CA ARG D 854 -18.34 -59.73 23.18
C ARG D 854 -17.21 -60.55 23.77
N ASN D 855 -15.98 -60.05 23.77
CA ASN D 855 -14.89 -60.81 24.35
C ASN D 855 -14.44 -60.29 25.70
N VAL D 856 -14.67 -59.02 25.99
CA VAL D 856 -14.27 -58.48 27.27
C VAL D 856 -15.15 -59.06 28.37
N PHE D 857 -16.47 -58.97 28.19
CA PHE D 857 -17.46 -59.44 29.15
C PHE D 857 -17.63 -60.94 29.07
N PRO D 858 -17.70 -61.63 30.21
CA PRO D 858 -18.07 -63.03 30.21
C PRO D 858 -19.56 -63.15 29.93
N ALA D 859 -19.99 -64.39 29.65
CA ALA D 859 -21.40 -64.66 29.34
C ALA D 859 -22.26 -64.33 30.55
N ALA D 860 -23.39 -63.68 30.30
CA ALA D 860 -24.22 -63.18 31.38
C ALA D 860 -25.70 -63.39 31.09
N PRO D 861 -26.51 -63.55 32.13
CA PRO D 861 -27.93 -63.79 31.94
C PRO D 861 -28.61 -62.58 31.30
N PRO D 862 -29.83 -62.76 30.80
CA PRO D 862 -30.58 -61.63 30.25
C PRO D 862 -30.82 -60.56 31.30
N VAL D 863 -30.99 -59.33 30.84
CA VAL D 863 -31.27 -58.19 31.69
C VAL D 863 -32.30 -57.32 30.98
N ALA D 864 -33.18 -56.70 31.74
CA ALA D 864 -34.24 -55.87 31.19
C ALA D 864 -33.76 -54.43 31.23
N LEU D 865 -33.57 -53.84 30.05
CA LEU D 865 -33.01 -52.50 29.94
C LEU D 865 -33.99 -51.54 29.29
N PRO D 866 -34.12 -50.31 29.80
CA PRO D 866 -35.08 -49.39 29.20
C PRO D 866 -34.73 -49.05 27.77
N ASN D 867 -35.78 -48.81 26.98
CA ASN D 867 -35.68 -48.59 25.54
C ASN D 867 -35.14 -47.21 25.23
N TYR D 868 -34.87 -46.98 23.94
CA TYR D 868 -34.31 -45.72 23.53
C TYR D 868 -35.35 -44.62 23.73
N PRO D 869 -35.00 -43.50 24.32
CA PRO D 869 -35.93 -42.37 24.38
C PRO D 869 -36.00 -41.63 23.05
N PHE D 870 -36.96 -41.99 22.22
CA PHE D 870 -37.13 -41.27 20.96
C PHE D 870 -37.56 -39.84 21.24
N GLU D 871 -37.02 -38.91 20.46
CA GLU D 871 -37.42 -37.52 20.62
C GLU D 871 -38.51 -37.19 19.61
N PRO D 872 -39.76 -37.14 20.08
CA PRO D 872 -40.90 -37.07 19.17
C PRO D 872 -41.04 -35.70 18.51
N GLN D 873 -41.41 -35.74 17.24
CA GLN D 873 -41.97 -34.61 16.53
C GLN D 873 -43.32 -35.04 15.97
N ARG D 874 -44.27 -34.11 15.88
CA ARG D 874 -45.61 -34.45 15.41
C ARG D 874 -45.69 -34.36 13.89
N TYR D 875 -46.29 -35.38 13.28
CA TYR D 875 -46.39 -35.51 11.83
C TYR D 875 -47.79 -36.00 11.48
N TRP D 876 -48.62 -35.12 10.91
CA TRP D 876 -50.06 -35.41 10.75
C TRP D 876 -50.72 -34.45 9.76
N LEU D 877 -51.39 -34.98 8.73
CA LEU D 877 -52.05 -34.15 7.70
C LEU D 877 -53.56 -33.91 7.88
#